data_3RHW
#
_entry.id   3RHW
#
_cell.length_a   154.850
_cell.length_b   154.850
_cell.length_c   574.610
_cell.angle_alpha   90.00
_cell.angle_beta   90.00
_cell.angle_gamma   90.00
#
_symmetry.space_group_name_H-M   'P 43 21 2'
#
loop_
_entity.id
_entity.type
_entity.pdbx_description
1 polymer 'Avermectin-sensitive glutamate-gated chloride channel GluCl alpha'
2 polymer 'Mouse monoclonal Fab fragment, heavy chain'
3 polymer 'Mouse monoclonal Fab fragment, light chain'
4 non-polymer "(2aE,4E,5'S,6S,6'R,7S,8E,11R,13R,15S,17aR,20R,20aR,20bS)-6'-[(2S)-butan-2-yl]-20,20b-dihydroxy-5',6,8,19-tetramethyl-17 -oxo-3',4',5',6,6',10,11,14,15,17,17a,20,20a,20b-tetradecahydro-2H,7H-spiro[11,15-methanofuro[4,3,2-pq][2,6]benzodioxacy clooctadecine-13,2'-pyran]-7-yl 2,6-dideoxy-4-O-(2,6-dideoxy-3-O-methyl-alpha-L-arabino-hexopyranosyl)-3-O-methyl-alpha-L-arabino-hexopyranoside"
5 non-polymer DODECYL-BETA-D-MALTOSIDE
6 non-polymer 2-acetamido-2-deoxy-beta-D-glucopyranose
7 non-polymer N-OCTANE
8 non-polymer UNDECANE
9 non-polymer 'CHLORIDE ION'
#
loop_
_entity_poly.entity_id
_entity_poly.type
_entity_poly.pdbx_seq_one_letter_code
_entity_poly.pdbx_strand_id
1 'polypeptide(L)'
;SDSKILAHLFTSGYDFRVRPPTDNGGPVVVSVNMLLRTISKIDVVNMEYSAQLTLRESWIDKRLSYGVKGDGQPDFVILT
VGHQIWMPDTFFPNEKQAYKHTIDKPNVLIRIHNDGTVLYSVRISLVLSCPMYLQYYPMDVQQCSIDLASYAYTTKDIEY
LWKEHSPLQLKVGLSSSLPSFQLTNTSTTYCTSVTNTGIYSCLRTTIQLKREFSFYLLQLYIPSCMLVIVSWVSFWFDRT
AIPARVTLGVTTLLTMTAQSAGINSQLPPVSYIKAIDVWIGACMTFIFCALLEFALVNHIANAGTTEWNDISKRVDLISR
ALFPVLFFVFNILYWSRFGHHHHHHHH
;
A,B,C,D,E
2 'polypeptide(L)'
;EVQLQQSGPELVRPGASMKISCKASGYSFTGYTMNWVKQSHGKNLEWIGLINPYNGGTSYNQKFKGKATLTVDKSSSTAY
MELLSLTSEDSAVYYCARDGDYYRYGRYFDYWGQGTTLTVSSAKTTPPSVYPLAPGSAAQTNSMVTLGCLVKGYFPEPVT
VTWNSGSLSSGVHTFPAVLQSDLYTLSSSVTVPSSTWPSETVTCNVAHPASSTKVDKKIVP
;
F,G,H,I,J
3 'polypeptide(L)'
;QAVVTQESALTTSPGETVTLTCRSSTGAVTTINFANWVQEKPDHLFTGLIGGINNRAPGVPARFSGSLIGDKAALTITGA
QTEDEAIYFCALWYSNHWVFGGGTKLTVLGQPKSSPSVTLFPPSSEELETNKATLVCTITDFYPGVVTVDWKVDGTPVTQ
GMETTQPSKQSNNKYMASSYLTLTARAWERHSSYSCQVTHEGHTVEKSLS
;
K,L,M,N,O
#
# COMPACT_ATOMS: atom_id res chain seq x y z
N SER A 1 -11.58 20.52 -34.09
CA SER A 1 -10.47 19.99 -34.88
C SER A 1 -9.99 18.65 -34.33
N ASP A 2 -9.19 18.69 -33.27
CA ASP A 2 -8.69 17.47 -32.64
C ASP A 2 -9.84 16.59 -32.18
N SER A 3 -10.77 17.18 -31.44
CA SER A 3 -11.93 16.45 -30.94
C SER A 3 -12.73 15.84 -32.09
N LYS A 4 -12.73 16.52 -33.24
CA LYS A 4 -13.44 16.04 -34.42
C LYS A 4 -12.69 14.90 -35.08
N ILE A 5 -11.37 15.02 -35.15
CA ILE A 5 -10.52 13.98 -35.73
C ILE A 5 -10.64 12.69 -34.94
N LEU A 6 -10.62 12.81 -33.61
CA LEU A 6 -10.81 11.66 -32.73
C LEU A 6 -12.18 11.03 -32.97
N ALA A 7 -13.21 11.88 -33.00
CA ALA A 7 -14.57 11.41 -33.23
C ALA A 7 -14.66 10.59 -34.52
N HIS A 8 -14.01 11.08 -35.59
CA HIS A 8 -14.05 10.41 -36.88
C HIS A 8 -13.48 8.99 -36.80
N LEU A 9 -12.42 8.83 -36.01
CA LEU A 9 -11.71 7.55 -35.91
C LEU A 9 -12.53 6.48 -35.19
N PHE A 10 -13.33 6.90 -34.21
CA PHE A 10 -14.06 5.95 -33.38
C PHE A 10 -15.54 5.85 -33.72
N THR A 11 -16.03 6.74 -34.58
CA THR A 11 -17.42 6.69 -35.00
C THR A 11 -17.64 5.46 -35.88
N SER A 12 -16.62 5.12 -36.67
CA SER A 12 -16.64 3.89 -37.46
C SER A 12 -16.49 2.71 -36.53
N GLY A 13 -16.45 1.50 -37.10
CA GLY A 13 -16.30 0.30 -36.30
C GLY A 13 -14.85 0.07 -35.92
N TYR A 14 -14.50 0.38 -34.67
CA TYR A 14 -13.14 0.16 -34.19
C TYR A 14 -13.14 -0.64 -32.89
N ASP A 15 -12.31 -1.69 -32.86
CA ASP A 15 -12.28 -2.60 -31.72
C ASP A 15 -10.91 -2.61 -31.05
N PHE A 16 -10.82 -2.05 -29.85
CA PHE A 16 -9.56 -1.97 -29.13
C PHE A 16 -9.10 -3.35 -28.68
N ARG A 17 -9.96 -4.35 -28.88
CA ARG A 17 -9.64 -5.71 -28.49
C ARG A 17 -8.97 -6.44 -29.65
N VAL A 18 -9.17 -5.89 -30.85
CA VAL A 18 -8.59 -6.48 -32.05
C VAL A 18 -7.21 -5.90 -32.34
N ARG A 19 -6.24 -6.79 -32.48
CA ARG A 19 -4.89 -6.41 -32.84
C ARG A 19 -4.88 -5.61 -34.14
N PRO A 20 -3.98 -4.62 -34.26
CA PRO A 20 -3.86 -3.85 -35.50
C PRO A 20 -3.50 -4.74 -36.68
N PRO A 21 -4.13 -4.53 -37.83
CA PRO A 21 -3.86 -5.29 -39.06
C PRO A 21 -2.45 -5.04 -39.58
N THR A 22 -1.93 -5.96 -40.38
CA THR A 22 -0.62 -5.81 -40.98
C THR A 22 -0.70 -6.09 -42.47
N ASP A 23 0.28 -5.59 -43.23
CA ASP A 23 0.28 -5.75 -44.68
C ASP A 23 0.52 -7.19 -45.12
N ASN A 24 1.41 -7.88 -44.43
CA ASN A 24 1.73 -9.27 -44.78
C ASN A 24 1.25 -10.27 -43.73
N GLY A 25 0.41 -9.81 -42.81
CA GLY A 25 -0.08 -10.66 -41.74
C GLY A 25 0.95 -10.80 -40.64
N GLY A 26 2.07 -10.11 -40.81
CA GLY A 26 3.14 -10.15 -39.83
C GLY A 26 2.69 -9.68 -38.47
N PRO A 27 3.61 -9.71 -37.49
CA PRO A 27 3.28 -9.29 -36.13
C PRO A 27 3.37 -7.78 -35.99
N VAL A 28 2.59 -7.21 -35.07
CA VAL A 28 2.69 -5.79 -34.77
C VAL A 28 4.05 -5.53 -34.15
N VAL A 29 4.83 -4.65 -34.76
CA VAL A 29 6.16 -4.34 -34.24
C VAL A 29 6.11 -3.16 -33.28
N VAL A 30 6.46 -3.41 -32.03
CA VAL A 30 6.45 -2.37 -31.01
C VAL A 30 7.87 -1.90 -30.69
N SER A 31 8.18 -0.67 -31.05
CA SER A 31 9.48 -0.09 -30.72
C SER A 31 9.45 0.45 -29.30
N VAL A 32 10.51 0.19 -28.55
CA VAL A 32 10.52 0.55 -27.13
C VAL A 32 11.67 1.49 -26.75
N ASN A 33 11.31 2.56 -26.04
CA ASN A 33 12.28 3.44 -25.43
C ASN A 33 12.10 3.38 -23.93
N MET A 34 13.19 3.58 -23.19
CA MET A 34 13.13 3.47 -21.75
C MET A 34 14.00 4.53 -21.07
N LEU A 35 13.41 5.28 -20.15
CA LEU A 35 14.13 6.35 -19.46
C LEU A 35 14.14 6.13 -17.96
N LEU A 36 15.31 5.79 -17.43
CA LEU A 36 15.48 5.59 -15.99
C LEU A 36 15.57 6.93 -15.27
N ARG A 37 14.70 7.11 -14.29
CA ARG A 37 14.68 8.35 -13.52
C ARG A 37 15.50 8.21 -12.25
N THR A 38 15.25 7.14 -11.51
CA THR A 38 15.96 6.87 -10.26
C THR A 38 16.10 5.38 -10.00
N ILE A 39 17.28 4.97 -9.53
CA ILE A 39 17.52 3.59 -9.12
C ILE A 39 17.91 3.60 -7.66
N SER A 40 17.05 3.05 -6.80
CA SER A 40 17.22 3.20 -5.36
C SER A 40 16.97 1.90 -4.60
N LYS A 41 17.25 1.94 -3.30
CA LYS A 41 17.02 0.78 -2.42
C LYS A 41 17.53 -0.52 -3.02
N ILE A 42 18.84 -0.61 -3.19
CA ILE A 42 19.46 -1.82 -3.72
C ILE A 42 19.72 -2.85 -2.61
N ASP A 43 18.72 -3.69 -2.38
CA ASP A 43 18.73 -4.64 -1.27
C ASP A 43 19.59 -5.87 -1.57
N VAL A 44 20.65 -6.06 -0.78
CA VAL A 44 21.57 -7.18 -1.00
C VAL A 44 21.07 -8.45 -0.33
N VAL A 45 20.32 -8.29 0.76
CA VAL A 45 19.79 -9.42 1.50
C VAL A 45 18.72 -10.16 0.70
N ASN A 46 17.73 -9.41 0.21
CA ASN A 46 16.66 -9.99 -0.59
C ASN A 46 16.99 -9.98 -2.09
N MET A 47 18.17 -9.45 -2.41
CA MET A 47 18.63 -9.39 -3.79
C MET A 47 17.56 -8.86 -4.72
N GLU A 48 17.25 -7.58 -4.54
CA GLU A 48 16.35 -6.87 -5.43
C GLU A 48 16.71 -5.38 -5.36
N TYR A 49 16.16 -4.60 -6.28
CA TYR A 49 16.37 -3.16 -6.26
C TYR A 49 15.13 -2.47 -6.78
N SER A 50 14.93 -1.23 -6.37
CA SER A 50 13.81 -0.44 -6.87
C SER A 50 14.30 0.49 -7.97
N ALA A 51 13.37 0.95 -8.79
CA ALA A 51 13.72 1.84 -9.90
C ALA A 51 12.46 2.45 -10.50
N GLN A 52 12.48 3.75 -10.73
CA GLN A 52 11.37 4.41 -11.41
C GLN A 52 11.79 4.82 -12.81
N LEU A 53 10.98 4.43 -13.79
CA LEU A 53 11.32 4.69 -15.18
C LEU A 53 10.12 5.19 -15.95
N THR A 54 10.38 5.69 -17.16
CA THR A 54 9.32 6.05 -18.08
C THR A 54 9.35 5.10 -19.26
N LEU A 55 8.31 4.31 -19.41
CA LEU A 55 8.18 3.40 -20.54
C LEU A 55 7.62 4.15 -21.74
N ARG A 56 8.16 3.87 -22.92
CA ARG A 56 7.71 4.54 -24.14
C ARG A 56 7.54 3.55 -25.29
N GLU A 57 6.30 3.25 -25.63
CA GLU A 57 6.02 2.27 -26.67
C GLU A 57 5.48 2.95 -27.91
N SER A 58 5.82 2.39 -29.07
CA SER A 58 5.42 2.98 -30.35
C SER A 58 5.17 1.91 -31.40
N TRP A 59 3.94 1.84 -31.88
CA TRP A 59 3.57 0.88 -32.92
C TRP A 59 2.70 1.56 -33.97
N ILE A 60 2.39 0.83 -35.04
CA ILE A 60 1.54 1.37 -36.09
C ILE A 60 0.15 0.72 -36.09
N ASP A 61 -0.88 1.55 -36.15
CA ASP A 61 -2.25 1.07 -36.18
C ASP A 61 -2.97 1.82 -37.31
N LYS A 62 -2.91 1.26 -38.52
CA LYS A 62 -3.47 1.93 -39.69
C LYS A 62 -4.91 2.39 -39.47
N ARG A 63 -5.65 1.62 -38.68
CA ARG A 63 -7.04 1.97 -38.37
C ARG A 63 -7.16 3.36 -37.76
N LEU A 64 -6.08 3.83 -37.13
CA LEU A 64 -6.10 5.09 -36.41
C LEU A 64 -5.62 6.27 -37.24
N SER A 65 -5.14 5.99 -38.45
CA SER A 65 -4.65 7.06 -39.32
C SER A 65 -5.81 7.95 -39.77
N TYR A 66 -5.62 9.26 -39.61
CA TYR A 66 -6.65 10.23 -39.91
C TYR A 66 -6.12 11.22 -40.93
N GLY A 67 -4.89 11.66 -40.73
CA GLY A 67 -4.28 12.64 -41.61
C GLY A 67 -3.58 11.97 -42.78
N VAL A 68 -3.22 10.70 -42.60
CA VAL A 68 -2.48 9.98 -43.62
C VAL A 68 -1.27 10.82 -44.04
N LYS A 69 -1.25 11.26 -45.29
CA LYS A 69 -0.19 12.16 -45.74
C LYS A 69 -0.31 13.48 -44.99
N GLY A 70 -1.55 13.88 -44.73
CA GLY A 70 -1.84 15.07 -43.96
C GLY A 70 -1.33 16.33 -44.61
N ASP A 71 -0.38 16.98 -43.96
CA ASP A 71 0.24 18.19 -44.49
C ASP A 71 -0.78 19.32 -44.66
N GLY A 72 -2.03 19.02 -44.32
CA GLY A 72 -3.06 20.03 -44.16
C GLY A 72 -3.59 19.99 -42.73
N GLN A 73 -3.27 18.90 -42.03
CA GLN A 73 -3.80 18.64 -40.69
C GLN A 73 -2.70 18.58 -39.63
N PRO A 74 -3.09 18.52 -38.33
CA PRO A 74 -2.11 18.41 -37.26
C PRO A 74 -1.30 17.12 -37.36
N ASP A 75 0.00 17.19 -37.07
CA ASP A 75 0.86 16.03 -37.22
C ASP A 75 0.35 14.84 -36.40
N PHE A 76 0.01 15.09 -35.14
CA PHE A 76 -0.55 14.06 -34.27
C PHE A 76 -1.66 14.66 -33.43
N VAL A 77 -2.62 13.84 -33.05
CA VAL A 77 -3.69 14.28 -32.17
C VAL A 77 -3.56 13.57 -30.84
N ILE A 78 -3.58 14.31 -29.74
CA ILE A 78 -3.50 13.70 -28.42
C ILE A 78 -4.77 12.92 -28.10
N LEU A 79 -4.61 11.65 -27.73
CA LEU A 79 -5.74 10.82 -27.38
C LEU A 79 -6.33 11.27 -26.04
N THR A 80 -7.58 11.68 -26.05
CA THR A 80 -8.26 12.14 -24.84
C THR A 80 -8.93 10.98 -24.13
N VAL A 81 -9.35 11.21 -22.88
CA VAL A 81 -10.00 10.18 -22.08
C VAL A 81 -11.32 9.73 -22.70
N GLY A 82 -11.60 8.43 -22.64
CA GLY A 82 -12.86 7.91 -23.15
C GLY A 82 -12.75 7.31 -24.54
N HIS A 83 -11.53 7.19 -25.05
CA HIS A 83 -11.30 6.58 -26.35
C HIS A 83 -10.35 5.38 -26.20
N GLN A 84 -10.89 4.18 -26.37
CA GLN A 84 -10.09 2.97 -26.23
C GLN A 84 -9.23 2.73 -27.45
N ILE A 85 -8.04 2.18 -27.23
CA ILE A 85 -7.11 1.85 -28.30
C ILE A 85 -6.35 0.58 -27.97
N TRP A 86 -6.20 -0.29 -28.97
CA TRP A 86 -5.41 -1.50 -28.75
C TRP A 86 -4.00 -1.13 -28.31
N MET A 87 -3.55 -1.75 -27.23
CA MET A 87 -2.21 -1.52 -26.72
C MET A 87 -1.52 -2.83 -26.38
N PRO A 88 -0.20 -2.91 -26.63
CA PRO A 88 0.58 -4.09 -26.25
C PRO A 88 0.43 -4.36 -24.77
N ASP A 89 -0.01 -5.57 -24.41
CA ASP A 89 -0.19 -5.92 -23.01
C ASP A 89 1.14 -6.26 -22.34
N THR A 90 2.10 -5.36 -22.47
CA THR A 90 3.44 -5.56 -21.93
C THR A 90 3.45 -5.65 -20.42
N PHE A 91 4.32 -6.50 -19.89
CA PHE A 91 4.54 -6.61 -18.46
C PHE A 91 6.03 -6.80 -18.20
N PHE A 92 6.43 -6.68 -16.94
CA PHE A 92 7.84 -6.82 -16.59
C PHE A 92 8.09 -8.15 -15.88
N PRO A 93 8.56 -9.16 -16.63
CA PRO A 93 8.74 -10.53 -16.12
C PRO A 93 9.45 -10.62 -14.75
N ASN A 94 10.47 -9.80 -14.53
CA ASN A 94 11.20 -9.86 -13.26
C ASN A 94 10.77 -8.79 -12.25
N GLU A 95 9.59 -8.24 -12.45
CA GLU A 95 9.01 -7.28 -11.51
C GLU A 95 8.33 -8.01 -10.36
N LYS A 96 8.67 -7.63 -9.13
CA LYS A 96 8.05 -8.24 -7.96
C LYS A 96 6.94 -7.34 -7.43
N GLN A 97 7.08 -6.04 -7.69
CA GLN A 97 6.08 -5.05 -7.31
C GLN A 97 6.12 -3.92 -8.32
N ALA A 98 4.98 -3.32 -8.62
CA ALA A 98 4.91 -2.25 -9.61
C ALA A 98 3.74 -1.30 -9.40
N TYR A 99 3.98 0.00 -9.56
CA TYR A 99 2.93 0.99 -9.41
C TYR A 99 2.95 1.95 -10.58
N LYS A 100 1.77 2.38 -11.00
CA LYS A 100 1.66 3.49 -11.95
C LYS A 100 1.41 4.77 -11.15
N HIS A 101 1.88 5.89 -11.66
CA HIS A 101 1.67 7.17 -10.97
C HIS A 101 0.39 7.82 -11.44
N THR A 102 -0.49 8.17 -10.50
CA THR A 102 -1.81 8.68 -10.84
C THR A 102 -2.13 9.95 -10.06
N ILE A 103 -1.13 10.59 -9.48
CA ILE A 103 -1.36 11.84 -8.77
C ILE A 103 -2.02 12.86 -9.69
N ASP A 104 -3.11 13.45 -9.21
CA ASP A 104 -3.96 14.31 -10.04
C ASP A 104 -4.40 13.47 -11.24
N LYS A 105 -4.15 13.96 -12.44
CA LYS A 105 -4.40 13.17 -13.63
C LYS A 105 -3.32 12.09 -13.71
N PRO A 106 -3.71 10.88 -14.13
CA PRO A 106 -2.76 9.78 -14.35
C PRO A 106 -1.61 10.21 -15.24
N ASN A 107 -0.42 9.71 -14.93
CA ASN A 107 0.77 10.08 -15.69
C ASN A 107 0.95 9.26 -16.96
N VAL A 108 0.09 9.50 -17.94
CA VAL A 108 0.23 8.83 -19.22
C VAL A 108 0.08 9.81 -20.36
N LEU A 109 0.54 9.41 -21.54
CA LEU A 109 0.43 10.21 -22.74
C LEU A 109 0.26 9.28 -23.93
N ILE A 110 -0.76 9.53 -24.74
CA ILE A 110 -0.94 8.75 -25.95
C ILE A 110 -1.14 9.67 -27.13
N ARG A 111 -0.28 9.53 -28.14
CA ARG A 111 -0.40 10.32 -29.36
C ARG A 111 -0.74 9.43 -30.54
N ILE A 112 -1.65 9.91 -31.38
CA ILE A 112 -2.03 9.18 -32.57
C ILE A 112 -1.63 9.99 -33.80
N HIS A 113 -0.42 9.76 -34.31
CA HIS A 113 0.06 10.45 -35.49
C HIS A 113 -0.84 10.19 -36.69
N ASN A 114 -0.81 11.12 -37.66
CA ASN A 114 -1.68 11.05 -38.82
C ASN A 114 -1.57 9.74 -39.61
N ASP A 115 -0.36 9.19 -39.69
CA ASP A 115 -0.13 7.96 -40.45
C ASP A 115 -0.60 6.72 -39.70
N GLY A 116 -1.01 6.90 -38.45
CA GLY A 116 -1.49 5.79 -37.65
C GLY A 116 -0.48 5.32 -36.62
N THR A 117 0.67 6.01 -36.57
CA THR A 117 1.70 5.69 -35.58
C THR A 117 1.26 6.16 -34.20
N VAL A 118 1.32 5.26 -33.23
CA VAL A 118 0.91 5.58 -31.87
C VAL A 118 2.12 5.72 -30.95
N LEU A 119 2.12 6.75 -30.12
CA LEU A 119 3.12 6.90 -29.07
C LEU A 119 2.48 6.71 -27.70
N TYR A 120 3.14 5.93 -26.85
CA TYR A 120 2.62 5.65 -25.52
C TYR A 120 3.71 5.90 -24.49
N SER A 121 3.43 6.75 -23.52
CA SER A 121 4.40 7.11 -22.48
C SER A 121 3.75 7.03 -21.11
N VAL A 122 4.42 6.35 -20.18
CA VAL A 122 3.86 6.16 -18.86
C VAL A 122 4.95 6.05 -17.80
N ARG A 123 4.73 6.68 -16.66
CA ARG A 123 5.65 6.53 -15.53
C ARG A 123 5.31 5.26 -14.79
N ILE A 124 6.34 4.52 -14.39
CA ILE A 124 6.15 3.28 -13.66
C ILE A 124 7.23 3.13 -12.59
N SER A 125 6.81 2.85 -11.37
CA SER A 125 7.76 2.51 -10.31
C SER A 125 7.82 1.00 -10.19
N LEU A 126 9.02 0.45 -10.12
CA LEU A 126 9.18 -1.01 -10.07
C LEU A 126 10.05 -1.44 -8.90
N VAL A 127 9.82 -2.68 -8.47
CA VAL A 127 10.75 -3.37 -7.58
C VAL A 127 11.14 -4.67 -8.25
N LEU A 128 12.36 -4.71 -8.77
CA LEU A 128 12.80 -5.84 -9.58
C LEU A 128 13.73 -6.73 -8.78
N SER A 129 13.75 -8.02 -9.11
CA SER A 129 14.70 -8.94 -8.49
C SER A 129 16.00 -8.93 -9.26
N CYS A 130 17.11 -8.84 -8.53
CA CYS A 130 18.43 -8.77 -9.13
C CYS A 130 19.36 -9.70 -8.39
N PRO A 131 19.49 -10.95 -8.86
CA PRO A 131 20.40 -11.90 -8.20
C PRO A 131 21.81 -11.33 -8.16
N MET A 132 22.40 -11.28 -6.97
CA MET A 132 23.72 -10.69 -6.80
C MET A 132 24.74 -11.74 -6.38
N TYR A 133 26.00 -11.48 -6.68
CA TYR A 133 27.07 -12.43 -6.42
C TYR A 133 28.19 -11.74 -5.64
N LEU A 134 28.35 -12.13 -4.39
CA LEU A 134 29.19 -11.41 -3.44
C LEU A 134 30.59 -11.99 -3.25
N GLN A 135 31.07 -12.73 -4.23
CA GLN A 135 32.39 -13.37 -4.14
C GLN A 135 33.49 -12.37 -3.77
N TYR A 136 33.42 -11.17 -4.35
CA TYR A 136 34.37 -10.11 -4.03
C TYR A 136 33.68 -8.98 -3.31
N TYR A 137 32.75 -9.33 -2.40
CA TYR A 137 31.77 -8.39 -1.87
C TYR A 137 32.19 -6.94 -1.67
N PRO A 138 33.26 -6.72 -0.89
CA PRO A 138 33.66 -5.33 -0.65
C PRO A 138 33.87 -4.58 -1.97
N MET A 139 34.58 -5.23 -2.90
CA MET A 139 34.88 -4.65 -4.20
C MET A 139 34.21 -5.43 -5.34
N ASP A 140 32.89 -5.43 -5.39
CA ASP A 140 32.17 -6.20 -6.40
C ASP A 140 31.47 -5.31 -7.43
N VAL A 141 31.00 -5.92 -8.51
CA VAL A 141 30.10 -5.26 -9.43
C VAL A 141 28.90 -6.17 -9.70
N GLN A 142 27.71 -5.60 -9.57
CA GLN A 142 26.49 -6.34 -9.85
C GLN A 142 25.89 -5.86 -11.15
N GLN A 143 25.09 -6.70 -11.78
CA GLN A 143 24.38 -6.30 -12.98
C GLN A 143 22.90 -6.55 -12.82
N CYS A 144 22.13 -5.48 -12.77
CA CYS A 144 20.69 -5.57 -12.58
C CYS A 144 19.97 -5.28 -13.88
N SER A 145 18.84 -5.94 -14.10
CA SER A 145 18.15 -5.84 -15.36
C SER A 145 16.67 -5.55 -15.19
N ILE A 146 16.07 -5.04 -16.26
CA ILE A 146 14.63 -4.89 -16.34
C ILE A 146 14.18 -5.64 -17.58
N ASP A 147 13.27 -6.60 -17.41
CA ASP A 147 12.78 -7.36 -18.55
C ASP A 147 11.39 -6.89 -18.95
N LEU A 148 11.17 -6.77 -20.24
CA LEU A 148 9.91 -6.28 -20.77
C LEU A 148 9.44 -7.24 -21.86
N ALA A 149 8.19 -7.67 -21.78
CA ALA A 149 7.67 -8.62 -22.75
C ALA A 149 6.14 -8.68 -22.73
N SER A 150 5.56 -9.20 -23.81
CA SER A 150 4.11 -9.34 -23.90
C SER A 150 3.65 -10.55 -23.10
N TYR A 151 2.44 -10.51 -22.55
CA TYR A 151 1.97 -11.62 -21.73
C TYR A 151 1.10 -12.61 -22.50
N ALA A 152 0.16 -12.09 -23.28
CA ALA A 152 -0.80 -12.95 -23.96
C ALA A 152 -0.43 -13.16 -25.43
N TYR A 153 0.10 -12.11 -26.05
CA TYR A 153 0.44 -12.17 -27.47
C TYR A 153 1.78 -12.85 -27.71
N THR A 154 1.78 -13.80 -28.63
CA THR A 154 2.97 -14.58 -28.93
C THR A 154 3.81 -13.89 -30.00
N THR A 155 4.74 -14.63 -30.59
CA THR A 155 5.68 -14.07 -31.54
C THR A 155 5.06 -13.73 -32.90
N LYS A 156 3.84 -14.23 -33.13
CA LYS A 156 3.17 -14.05 -34.41
C LYS A 156 2.34 -12.78 -34.41
N ASP A 157 2.06 -12.25 -33.22
CA ASP A 157 1.16 -11.12 -33.07
C ASP A 157 1.88 -9.84 -32.67
N ILE A 158 2.95 -9.98 -31.90
CA ILE A 158 3.63 -8.82 -31.35
C ILE A 158 5.13 -9.08 -31.18
N GLU A 159 5.95 -8.15 -31.66
CA GLU A 159 7.40 -8.31 -31.60
C GLU A 159 8.03 -7.03 -31.08
N TYR A 160 8.84 -7.14 -30.03
CA TYR A 160 9.49 -5.97 -29.47
C TYR A 160 10.87 -5.74 -30.08
N LEU A 161 11.20 -4.47 -30.23
CA LEU A 161 12.50 -4.05 -30.73
C LEU A 161 12.88 -2.77 -30.03
N TRP A 162 14.12 -2.69 -29.59
CA TRP A 162 14.61 -1.46 -28.98
C TRP A 162 14.68 -0.35 -30.02
N LYS A 163 14.31 0.86 -29.61
CA LYS A 163 14.40 2.01 -30.49
C LYS A 163 15.79 2.01 -31.13
N GLU A 164 15.87 2.48 -32.37
CA GLU A 164 17.13 2.43 -33.09
C GLU A 164 18.18 3.34 -32.47
N HIS A 165 17.78 4.56 -32.11
CA HIS A 165 18.69 5.52 -31.51
C HIS A 165 18.40 5.75 -30.04
N SER A 166 19.44 5.65 -29.21
CA SER A 166 19.33 5.79 -27.76
C SER A 166 18.07 5.13 -27.19
N PRO A 167 18.08 3.78 -27.14
CA PRO A 167 16.94 3.01 -26.62
C PRO A 167 16.80 3.19 -25.11
N LEU A 168 17.93 3.28 -24.41
CA LEU A 168 17.91 3.52 -22.98
C LEU A 168 18.53 4.86 -22.68
N GLN A 169 17.81 5.68 -21.92
CA GLN A 169 18.31 6.99 -21.50
C GLN A 169 18.23 7.10 -19.98
N LEU A 170 19.15 7.89 -19.41
CA LEU A 170 19.15 8.13 -17.97
C LEU A 170 18.88 9.60 -17.69
N LYS A 171 18.10 9.87 -16.64
CA LYS A 171 17.88 11.25 -16.23
C LYS A 171 19.16 11.77 -15.61
N VAL A 172 19.37 13.09 -15.69
CA VAL A 172 20.62 13.68 -15.26
C VAL A 172 20.87 13.51 -13.76
N GLY A 173 19.81 13.58 -12.96
CA GLY A 173 19.93 13.43 -11.52
C GLY A 173 19.68 12.01 -11.05
N LEU A 174 20.36 11.04 -11.68
CA LEU A 174 20.21 9.64 -11.30
C LEU A 174 21.38 9.20 -10.43
N SER A 175 22.60 9.46 -10.89
CA SER A 175 23.79 9.08 -10.15
C SER A 175 23.90 9.81 -8.81
N SER A 176 23.27 10.98 -8.74
CA SER A 176 23.30 11.78 -7.51
C SER A 176 22.33 11.24 -6.47
N SER A 177 21.33 10.50 -6.93
CA SER A 177 20.36 9.88 -6.04
C SER A 177 20.78 8.44 -5.73
N LEU A 178 21.95 8.08 -6.24
CA LEU A 178 22.52 6.75 -6.02
C LEU A 178 23.92 6.92 -5.42
N PRO A 179 23.98 7.10 -4.08
CA PRO A 179 25.21 7.45 -3.38
C PRO A 179 26.14 6.27 -3.16
N SER A 180 25.58 5.08 -2.97
CA SER A 180 26.37 3.92 -2.58
C SER A 180 27.05 3.21 -3.74
N PHE A 181 26.53 3.42 -4.94
CA PHE A 181 27.10 2.78 -6.13
C PHE A 181 27.45 3.76 -7.22
N GLN A 182 28.08 3.25 -8.27
CA GLN A 182 28.42 4.04 -9.44
C GLN A 182 27.95 3.31 -10.69
N LEU A 183 26.96 3.87 -11.39
CA LEU A 183 26.37 3.22 -12.55
C LEU A 183 27.31 3.31 -13.75
N THR A 184 28.22 2.34 -13.86
CA THR A 184 29.31 2.40 -14.82
C THR A 184 28.90 2.14 -16.27
N ASN A 185 28.09 1.11 -16.50
CA ASN A 185 27.74 0.71 -17.85
C ASN A 185 26.27 0.30 -17.97
N THR A 186 25.69 0.51 -19.15
CA THR A 186 24.34 -0.01 -19.45
C THR A 186 24.29 -0.69 -20.80
N SER A 187 23.39 -1.65 -20.94
CA SER A 187 23.25 -2.39 -22.19
C SER A 187 21.78 -2.63 -22.54
N THR A 188 21.51 -2.77 -23.83
CA THR A 188 20.16 -3.00 -24.31
C THR A 188 20.11 -4.27 -25.17
N THR A 189 19.38 -5.28 -24.70
CA THR A 189 19.44 -6.62 -25.29
C THR A 189 18.08 -7.26 -25.46
N TYR A 190 18.05 -8.43 -26.10
CA TYR A 190 16.83 -9.21 -26.27
C TYR A 190 16.86 -10.51 -25.45
N CYS A 191 15.71 -10.88 -24.90
CA CYS A 191 15.62 -12.06 -24.05
C CYS A 191 14.44 -12.95 -24.44
N THR A 192 14.03 -12.85 -25.70
CA THR A 192 12.96 -13.70 -26.24
C THR A 192 13.21 -15.15 -25.86
N SER A 193 12.17 -15.84 -25.40
CA SER A 193 12.32 -17.21 -24.96
C SER A 193 11.19 -18.09 -25.46
N VAL A 194 11.43 -19.39 -25.51
CA VAL A 194 10.41 -20.35 -25.91
C VAL A 194 9.85 -21.08 -24.69
N THR A 195 8.57 -20.84 -24.42
CA THR A 195 7.90 -21.42 -23.26
C THR A 195 6.90 -22.50 -23.67
N ASN A 196 6.18 -23.03 -22.70
CA ASN A 196 5.21 -24.07 -22.98
C ASN A 196 3.94 -23.53 -23.63
N THR A 197 3.68 -22.24 -23.44
CA THR A 197 2.51 -21.62 -24.05
C THR A 197 2.85 -20.95 -25.38
N GLY A 198 4.13 -20.95 -25.74
CA GLY A 198 4.58 -20.40 -27.02
C GLY A 198 5.88 -19.64 -26.95
N ILE A 199 6.25 -18.99 -28.05
CA ILE A 199 7.48 -18.21 -28.11
C ILE A 199 7.19 -16.72 -27.95
N TYR A 200 7.67 -16.12 -26.87
CA TYR A 200 7.35 -14.72 -26.55
C TYR A 200 8.54 -13.77 -26.74
N SER A 201 8.29 -12.67 -27.45
CA SER A 201 9.32 -11.66 -27.67
C SER A 201 9.60 -10.89 -26.39
N CYS A 202 10.85 -10.53 -26.16
CA CYS A 202 11.24 -9.91 -24.89
C CYS A 202 12.51 -9.05 -24.97
N LEU A 203 12.44 -7.85 -24.41
CA LEU A 203 13.61 -6.96 -24.34
C LEU A 203 14.21 -7.03 -22.94
N ARG A 204 15.45 -6.59 -22.82
CA ARG A 204 16.10 -6.54 -21.51
C ARG A 204 17.15 -5.47 -21.44
N THR A 205 16.91 -4.47 -20.59
CA THR A 205 17.93 -3.46 -20.31
C THR A 205 18.73 -3.87 -19.08
N THR A 206 20.01 -3.54 -19.08
CA THR A 206 20.90 -3.94 -17.99
C THR A 206 21.80 -2.79 -17.54
N ILE A 207 21.79 -2.51 -16.24
CA ILE A 207 22.70 -1.51 -15.69
C ILE A 207 23.77 -2.23 -14.87
N GLN A 208 24.97 -1.67 -14.86
CA GLN A 208 26.07 -2.28 -14.13
C GLN A 208 26.48 -1.40 -12.96
N LEU A 209 26.34 -1.93 -11.75
CA LEU A 209 26.59 -1.15 -10.55
C LEU A 209 27.90 -1.53 -9.87
N LYS A 210 28.79 -0.56 -9.73
CA LYS A 210 30.07 -0.75 -9.07
C LYS A 210 29.97 -0.20 -7.65
N ARG A 211 30.28 -1.03 -6.66
CA ARG A 211 30.12 -0.62 -5.27
C ARG A 211 31.18 0.38 -4.85
N GLU A 212 30.76 1.48 -4.25
CA GLU A 212 31.68 2.52 -3.79
C GLU A 212 32.57 2.03 -2.67
N PHE A 213 33.86 2.32 -2.78
CA PHE A 213 34.87 1.74 -1.90
C PHE A 213 35.17 2.60 -0.67
N SER A 214 35.05 3.92 -0.81
CA SER A 214 35.40 4.85 0.28
C SER A 214 34.82 4.43 1.61
N PHE A 215 33.58 3.93 1.60
CA PHE A 215 32.94 3.50 2.83
C PHE A 215 33.67 2.31 3.46
N TYR A 216 33.98 1.31 2.64
CA TYR A 216 34.61 0.10 3.16
C TYR A 216 36.06 0.35 3.53
N LEU A 217 36.69 1.30 2.88
CA LEU A 217 38.04 1.72 3.27
C LEU A 217 38.01 2.27 4.69
N LEU A 218 37.07 3.17 4.98
CA LEU A 218 37.04 3.86 6.27
C LEU A 218 36.40 3.04 7.40
N GLN A 219 35.41 2.21 7.07
CA GLN A 219 34.67 1.50 8.12
C GLN A 219 35.13 0.07 8.33
N LEU A 220 35.99 -0.43 7.46
CA LEU A 220 36.43 -1.81 7.55
C LEU A 220 37.94 -2.00 7.50
N TYR A 221 38.57 -1.58 6.41
CA TYR A 221 40.00 -1.80 6.23
C TYR A 221 40.87 -0.95 7.15
N ILE A 222 40.73 0.37 7.08
CA ILE A 222 41.49 1.27 7.94
C ILE A 222 41.42 0.85 9.41
N PRO A 223 40.20 0.74 9.96
CA PRO A 223 40.07 0.43 11.39
C PRO A 223 40.65 -0.94 11.76
N SER A 224 40.68 -1.87 10.83
CA SER A 224 41.25 -3.19 11.11
C SER A 224 42.76 -3.15 11.16
N CYS A 225 43.37 -2.39 10.26
CA CYS A 225 44.81 -2.20 10.31
C CYS A 225 45.17 -1.49 11.60
N MET A 226 44.41 -0.46 11.93
CA MET A 226 44.62 0.29 13.15
C MET A 226 44.45 -0.63 14.35
N LEU A 227 43.69 -1.70 14.18
CA LEU A 227 43.44 -2.65 15.24
C LEU A 227 44.57 -3.69 15.34
N VAL A 228 45.05 -4.14 14.20
CA VAL A 228 46.16 -5.08 14.15
C VAL A 228 47.44 -4.42 14.63
N ILE A 229 47.64 -3.18 14.22
CA ILE A 229 48.83 -2.41 14.61
C ILE A 229 48.90 -2.22 16.12
N VAL A 230 47.74 -2.07 16.77
CA VAL A 230 47.70 -1.93 18.22
C VAL A 230 48.18 -3.22 18.90
N SER A 231 47.82 -4.36 18.33
CA SER A 231 48.22 -5.64 18.91
C SER A 231 49.74 -5.82 18.86
N TRP A 232 50.41 -4.98 18.08
CA TRP A 232 51.86 -5.06 17.95
C TRP A 232 52.60 -4.25 19.00
N VAL A 233 51.96 -3.19 19.51
CA VAL A 233 52.60 -2.31 20.48
C VAL A 233 52.83 -3.02 21.81
N SER A 234 52.38 -4.28 21.88
CA SER A 234 52.59 -5.07 23.08
C SER A 234 53.90 -5.87 22.97
N PHE A 235 54.53 -5.80 21.80
CA PHE A 235 55.84 -6.43 21.59
C PHE A 235 56.94 -5.56 22.20
N TRP A 236 56.56 -4.37 22.64
CA TRP A 236 57.53 -3.41 23.16
C TRP A 236 57.39 -3.24 24.67
N PHE A 237 56.42 -3.93 25.25
CA PHE A 237 56.29 -3.98 26.70
C PHE A 237 57.18 -5.09 27.26
N ASP A 238 57.79 -4.85 28.41
CA ASP A 238 58.64 -5.84 29.05
C ASP A 238 57.90 -7.17 29.23
N ARG A 239 58.61 -8.27 28.98
CA ARG A 239 58.02 -9.60 29.04
C ARG A 239 57.51 -9.96 30.45
N THR A 240 57.84 -9.11 31.42
CA THR A 240 57.44 -9.34 32.80
C THR A 240 56.02 -8.86 33.04
N ALA A 241 55.65 -7.76 32.38
CA ALA A 241 54.30 -7.21 32.48
C ALA A 241 53.38 -7.83 31.43
N ILE A 242 53.03 -9.11 31.63
CA ILE A 242 52.11 -9.80 30.73
C ILE A 242 50.68 -9.28 30.80
N PRO A 243 50.24 -8.80 31.98
CA PRO A 243 48.88 -8.26 32.05
C PRO A 243 48.61 -7.23 30.96
N ALA A 244 49.60 -6.39 30.67
CA ALA A 244 49.46 -5.37 29.64
C ALA A 244 49.31 -5.99 28.25
N ARG A 245 50.11 -7.02 27.97
CA ARG A 245 50.07 -7.69 26.66
C ARG A 245 48.75 -8.38 26.40
N VAL A 246 48.27 -9.15 27.38
CA VAL A 246 47.00 -9.85 27.25
C VAL A 246 45.86 -8.85 27.05
N THR A 247 45.85 -7.79 27.86
CA THR A 247 44.83 -6.77 27.75
C THR A 247 44.73 -6.23 26.32
N LEU A 248 45.89 -5.91 25.74
CA LEU A 248 45.93 -5.46 24.35
C LEU A 248 45.44 -6.54 23.39
N GLY A 249 46.19 -7.64 23.32
CA GLY A 249 45.87 -8.73 22.40
C GLY A 249 44.45 -9.22 22.43
N VAL A 250 43.84 -9.22 23.63
CA VAL A 250 42.47 -9.72 23.79
C VAL A 250 41.42 -8.68 23.41
N THR A 251 41.65 -7.43 23.80
CA THR A 251 40.72 -6.36 23.47
C THR A 251 40.66 -6.12 21.97
N THR A 252 41.80 -6.16 21.31
CA THR A 252 41.87 -5.97 19.86
C THR A 252 41.23 -7.15 19.13
N LEU A 253 41.34 -8.35 19.69
CA LEU A 253 40.73 -9.53 19.10
C LEU A 253 39.22 -9.49 19.23
N LEU A 254 38.75 -9.15 20.43
CA LEU A 254 37.32 -9.03 20.70
C LEU A 254 36.70 -7.97 19.80
N THR A 255 37.32 -6.79 19.78
CA THR A 255 36.85 -5.71 18.93
C THR A 255 36.79 -6.14 17.47
N MET A 256 37.81 -6.87 17.04
CA MET A 256 37.84 -7.40 15.68
C MET A 256 36.55 -8.17 15.40
N THR A 257 36.19 -9.06 16.33
CA THR A 257 34.96 -9.82 16.22
C THR A 257 33.75 -8.93 16.02
N ALA A 258 33.54 -8.01 16.96
CA ALA A 258 32.42 -7.09 16.90
C ALA A 258 32.34 -6.43 15.53
N GLN A 259 33.45 -5.86 15.08
CA GLN A 259 33.48 -5.16 13.81
C GLN A 259 32.97 -6.04 12.68
N SER A 260 33.47 -7.28 12.62
CA SER A 260 33.04 -8.20 11.58
C SER A 260 31.55 -8.52 11.68
N ALA A 261 31.07 -8.72 12.91
CA ALA A 261 29.67 -8.96 13.15
C ALA A 261 28.82 -7.85 12.54
N GLY A 262 29.31 -6.61 12.65
CA GLY A 262 28.66 -5.48 12.04
C GLY A 262 28.49 -5.65 10.54
N ILE A 263 29.60 -5.79 9.83
CA ILE A 263 29.57 -5.94 8.38
C ILE A 263 28.72 -7.13 7.97
N ASN A 264 28.95 -8.27 8.62
CA ASN A 264 28.28 -9.51 8.27
C ASN A 264 26.77 -9.51 8.52
N SER A 265 26.30 -8.57 9.33
CA SER A 265 24.88 -8.52 9.66
C SER A 265 24.04 -7.93 8.53
N GLN A 266 24.66 -7.10 7.69
CA GLN A 266 23.97 -6.45 6.58
C GLN A 266 23.96 -7.34 5.34
N LEU A 267 24.55 -8.53 5.45
CA LEU A 267 24.66 -9.44 4.33
C LEU A 267 23.78 -10.68 4.48
N PRO A 268 23.29 -11.23 3.36
CA PRO A 268 22.50 -12.46 3.41
C PRO A 268 23.46 -13.63 3.52
N PRO A 269 23.08 -14.67 4.27
CA PRO A 269 23.93 -15.86 4.32
C PRO A 269 24.06 -16.50 2.93
N VAL A 270 25.29 -16.73 2.49
CA VAL A 270 25.52 -17.33 1.18
C VAL A 270 26.21 -18.68 1.33
N SER A 271 26.58 -19.27 0.20
CA SER A 271 27.19 -20.59 0.20
C SER A 271 28.66 -20.55 -0.19
N TYR A 272 29.19 -19.35 -0.41
CA TYR A 272 30.56 -19.18 -0.83
C TYR A 272 31.37 -18.29 0.11
N ILE A 273 32.69 -18.31 -0.05
CA ILE A 273 33.53 -17.45 0.78
C ILE A 273 33.80 -16.11 0.11
N LYS A 274 33.39 -15.03 0.76
CA LYS A 274 33.56 -13.70 0.22
C LYS A 274 34.98 -13.19 0.49
N ALA A 275 35.44 -12.25 -0.33
CA ALA A 275 36.76 -11.66 -0.15
C ALA A 275 36.84 -10.91 1.18
N ILE A 276 35.69 -10.44 1.64
CA ILE A 276 35.59 -9.79 2.94
C ILE A 276 35.95 -10.78 4.04
N ASP A 277 35.60 -12.05 3.83
CA ASP A 277 35.88 -13.10 4.80
C ASP A 277 37.39 -13.38 4.90
N VAL A 278 38.05 -13.43 3.75
CA VAL A 278 39.48 -13.65 3.69
C VAL A 278 40.23 -12.55 4.44
N TRP A 279 39.69 -11.33 4.39
CA TRP A 279 40.38 -10.20 5.01
C TRP A 279 40.17 -10.11 6.51
N ILE A 280 38.94 -10.33 6.96
CA ILE A 280 38.66 -10.38 8.40
C ILE A 280 39.41 -11.56 9.01
N GLY A 281 39.33 -12.71 8.36
CA GLY A 281 39.96 -13.92 8.85
C GLY A 281 41.46 -13.78 9.03
N ALA A 282 42.11 -13.11 8.09
CA ALA A 282 43.55 -12.93 8.16
C ALA A 282 43.95 -12.05 9.34
N CYS A 283 43.33 -10.88 9.43
CA CYS A 283 43.60 -9.95 10.51
C CYS A 283 43.37 -10.64 11.85
N MET A 284 42.32 -11.45 11.89
CA MET A 284 41.98 -12.22 13.06
C MET A 284 43.17 -13.08 13.50
N THR A 285 43.85 -13.67 12.51
CA THR A 285 44.99 -14.54 12.77
C THR A 285 46.20 -13.78 13.30
N PHE A 286 46.50 -12.65 12.68
CA PHE A 286 47.62 -11.82 13.12
C PHE A 286 47.48 -11.43 14.59
N ILE A 287 46.25 -11.21 15.03
CA ILE A 287 46.01 -10.86 16.42
C ILE A 287 46.05 -12.11 17.29
N PHE A 288 45.60 -13.23 16.73
CA PHE A 288 45.63 -14.50 17.45
C PHE A 288 47.06 -14.97 17.67
N CYS A 289 47.91 -14.76 16.68
CA CYS A 289 49.31 -15.17 16.78
C CYS A 289 50.07 -14.24 17.71
N ALA A 290 49.59 -13.01 17.86
CA ALA A 290 50.16 -12.08 18.81
C ALA A 290 50.01 -12.64 20.22
N LEU A 291 48.78 -13.02 20.57
CA LEU A 291 48.51 -13.64 21.86
C LEU A 291 49.39 -14.86 22.04
N LEU A 292 49.40 -15.74 21.02
CA LEU A 292 50.21 -16.95 21.06
C LEU A 292 51.65 -16.62 21.40
N GLU A 293 52.17 -15.57 20.77
CA GLU A 293 53.54 -15.14 21.02
C GLU A 293 53.73 -14.76 22.48
N PHE A 294 52.78 -14.01 23.05
CA PHE A 294 52.84 -13.62 24.45
C PHE A 294 53.03 -14.85 25.34
N ALA A 295 52.22 -15.87 25.11
CA ALA A 295 52.31 -17.10 25.89
C ALA A 295 53.66 -17.77 25.71
N LEU A 296 54.10 -17.91 24.47
CA LEU A 296 55.39 -18.51 24.17
C LEU A 296 56.53 -17.77 24.87
N VAL A 297 56.54 -16.45 24.73
CA VAL A 297 57.57 -15.62 25.35
C VAL A 297 57.55 -15.73 26.87
N ASN A 298 56.38 -15.52 27.46
CA ASN A 298 56.22 -15.55 28.90
C ASN A 298 56.57 -16.91 29.49
N HIS A 299 56.28 -17.97 28.73
CA HIS A 299 56.49 -19.32 29.23
C HIS A 299 57.96 -19.71 29.30
N ILE A 300 58.70 -19.44 28.22
CA ILE A 300 60.12 -19.76 28.20
C ILE A 300 60.94 -18.68 28.91
N ALA A 301 60.26 -17.66 29.42
CA ALA A 301 60.91 -16.58 30.13
C ALA A 301 61.16 -16.95 31.58
N ASN A 302 60.12 -17.43 32.27
CA ASN A 302 60.23 -17.78 33.68
C ASN A 302 61.06 -19.03 33.93
N ALA A 303 61.32 -19.81 32.88
CA ALA A 303 62.18 -20.98 33.00
C ALA A 303 63.52 -20.58 33.59
N GLY A 304 63.92 -21.26 34.66
CA GLY A 304 65.10 -20.90 35.42
C GLY A 304 66.34 -20.54 34.63
N THR A 305 66.72 -21.39 33.69
CA THR A 305 67.97 -21.22 32.96
C THR A 305 67.98 -19.98 32.07
N THR A 306 69.12 -19.31 32.01
CA THR A 306 69.27 -18.13 31.16
C THR A 306 69.32 -18.52 29.69
N GLU A 307 69.36 -19.83 29.44
CA GLU A 307 69.37 -20.35 28.09
C GLU A 307 68.08 -19.99 27.36
N TRP A 308 66.96 -20.21 28.05
CA TRP A 308 65.65 -19.90 27.49
C TRP A 308 65.35 -18.41 27.61
N ASN A 309 65.84 -17.79 28.67
CA ASN A 309 65.53 -16.38 28.93
C ASN A 309 65.89 -15.46 27.77
N ASP A 310 67.11 -15.57 27.27
CA ASP A 310 67.54 -14.73 26.16
C ASP A 310 66.87 -15.14 24.84
N ILE A 311 66.41 -16.39 24.78
CA ILE A 311 65.58 -16.83 23.64
C ILE A 311 64.25 -16.10 23.67
N SER A 312 63.67 -16.00 24.87
CA SER A 312 62.45 -15.22 25.07
C SER A 312 62.63 -13.82 24.50
N LYS A 313 63.76 -13.19 24.84
CA LYS A 313 64.07 -11.86 24.35
C LYS A 313 64.18 -11.86 22.83
N ARG A 314 64.76 -12.93 22.28
CA ARG A 314 64.99 -13.04 20.85
C ARG A 314 63.68 -13.13 20.07
N VAL A 315 62.69 -13.80 20.65
CA VAL A 315 61.38 -13.94 20.02
C VAL A 315 60.69 -12.58 19.86
N ASP A 316 60.83 -11.71 20.85
CA ASP A 316 60.27 -10.37 20.76
C ASP A 316 60.93 -9.57 19.65
N LEU A 317 62.26 -9.54 19.65
CA LEU A 317 63.00 -8.81 18.63
C LEU A 317 62.56 -9.23 17.23
N ILE A 318 62.40 -10.52 17.02
CA ILE A 318 61.97 -11.04 15.73
C ILE A 318 60.51 -10.67 15.42
N SER A 319 59.65 -10.76 16.42
CA SER A 319 58.24 -10.45 16.25
C SER A 319 58.04 -8.98 15.87
N ARG A 320 58.75 -8.08 16.54
CA ARG A 320 58.62 -6.65 16.32
C ARG A 320 58.82 -6.29 14.84
N ALA A 321 59.46 -7.17 14.09
CA ALA A 321 59.71 -6.92 12.68
C ALA A 321 58.97 -7.90 11.79
N LEU A 322 58.94 -9.18 12.18
CA LEU A 322 58.33 -10.22 11.37
C LEU A 322 56.84 -9.99 11.16
N PHE A 323 56.11 -9.66 12.23
CA PHE A 323 54.67 -9.40 12.13
C PHE A 323 54.35 -8.32 11.09
N PRO A 324 54.90 -7.10 11.29
CA PRO A 324 54.68 -6.05 10.30
C PRO A 324 55.03 -6.49 8.88
N VAL A 325 56.22 -7.02 8.68
CA VAL A 325 56.62 -7.49 7.35
C VAL A 325 55.62 -8.48 6.78
N LEU A 326 55.24 -9.48 7.57
CA LEU A 326 54.28 -10.49 7.11
C LEU A 326 52.91 -9.88 6.80
N PHE A 327 52.46 -8.95 7.64
CA PHE A 327 51.16 -8.32 7.44
C PHE A 327 51.18 -7.47 6.17
N PHE A 328 52.32 -6.84 5.91
CA PHE A 328 52.50 -6.05 4.70
C PHE A 328 52.51 -6.96 3.48
N VAL A 329 53.16 -8.11 3.61
CA VAL A 329 53.18 -9.11 2.55
C VAL A 329 51.76 -9.58 2.27
N PHE A 330 51.00 -9.80 3.33
CA PHE A 330 49.61 -10.22 3.17
C PHE A 330 48.82 -9.19 2.37
N ASN A 331 48.82 -7.95 2.83
CA ASN A 331 48.13 -6.89 2.12
C ASN A 331 48.43 -6.91 0.63
N ILE A 332 49.71 -7.01 0.29
CA ILE A 332 50.14 -7.05 -1.11
C ILE A 332 49.47 -8.19 -1.87
N LEU A 333 49.50 -9.39 -1.31
CA LEU A 333 48.83 -10.53 -1.93
C LEU A 333 47.33 -10.29 -2.00
N TYR A 334 46.75 -9.83 -0.90
CA TYR A 334 45.31 -9.65 -0.81
C TYR A 334 44.79 -8.66 -1.84
N TRP A 335 45.39 -7.49 -1.92
CA TRP A 335 44.90 -6.43 -2.79
C TRP A 335 45.13 -6.72 -4.27
N SER A 336 46.20 -7.46 -4.57
CA SER A 336 46.47 -7.84 -5.95
C SER A 336 45.49 -8.92 -6.38
N ARG A 337 44.91 -9.60 -5.40
CA ARG A 337 43.99 -10.71 -5.67
C ARG A 337 42.55 -10.26 -5.80
N PHE A 338 42.20 -9.17 -5.11
CA PHE A 338 40.80 -8.74 -5.04
C PHE A 338 40.56 -7.30 -5.50
N GLY A 339 41.62 -6.52 -5.64
CA GLY A 339 41.49 -5.15 -6.10
C GLY A 339 41.45 -5.05 -7.60
N HIS A 340 41.81 -6.15 -8.25
CA HIS A 340 41.92 -6.21 -9.70
C HIS A 340 40.74 -5.55 -10.39
N SER B 1 -12.33 -12.58 -38.12
CA SER B 1 -12.11 -14.00 -37.87
C SER B 1 -12.21 -14.33 -36.39
N ASP B 2 -11.15 -14.05 -35.64
CA ASP B 2 -11.14 -14.29 -34.19
C ASP B 2 -12.27 -13.54 -33.51
N SER B 3 -12.36 -12.24 -33.79
CA SER B 3 -13.40 -11.40 -33.22
C SER B 3 -14.80 -11.93 -33.57
N LYS B 4 -14.92 -12.54 -34.75
CA LYS B 4 -16.18 -13.11 -35.21
C LYS B 4 -16.48 -14.42 -34.48
N ILE B 5 -15.45 -15.24 -34.32
CA ILE B 5 -15.60 -16.50 -33.60
C ILE B 5 -16.03 -16.27 -32.16
N LEU B 6 -15.43 -15.28 -31.52
CA LEU B 6 -15.79 -14.91 -30.16
C LEU B 6 -17.23 -14.44 -30.12
N ALA B 7 -17.58 -13.56 -31.05
CA ALA B 7 -18.94 -13.04 -31.14
C ALA B 7 -19.96 -14.17 -31.24
N HIS B 8 -19.67 -15.17 -32.06
CA HIS B 8 -20.58 -16.30 -32.26
C HIS B 8 -20.85 -17.05 -30.96
N LEU B 9 -19.80 -17.19 -30.13
CA LEU B 9 -19.91 -17.96 -28.90
C LEU B 9 -20.78 -17.28 -27.84
N PHE B 10 -20.75 -15.96 -27.81
CA PHE B 10 -21.45 -15.21 -26.77
C PHE B 10 -22.75 -14.56 -27.25
N THR B 11 -23.00 -14.59 -28.54
CA THR B 11 -24.25 -14.06 -29.08
C THR B 11 -25.41 -14.96 -28.65
N SER B 12 -25.15 -16.25 -28.57
CA SER B 12 -26.13 -17.20 -28.05
C SER B 12 -26.25 -17.01 -26.54
N GLY B 13 -27.09 -17.82 -25.91
CA GLY B 13 -27.25 -17.74 -24.47
C GLY B 13 -26.13 -18.44 -23.72
N TYR B 14 -25.21 -17.64 -23.18
CA TYR B 14 -24.09 -18.19 -22.42
C TYR B 14 -23.97 -17.54 -21.05
N ASP B 15 -23.89 -18.35 -20.01
CA ASP B 15 -23.87 -17.83 -18.65
C ASP B 15 -22.58 -18.22 -17.94
N PHE B 16 -21.73 -17.23 -17.69
CA PHE B 16 -20.44 -17.46 -17.02
C PHE B 16 -20.62 -17.87 -15.56
N ARG B 17 -21.85 -17.79 -15.09
CA ARG B 17 -22.16 -18.15 -13.72
C ARG B 17 -22.52 -19.63 -13.64
N VAL B 18 -22.89 -20.19 -14.79
CA VAL B 18 -23.25 -21.60 -14.86
C VAL B 18 -22.03 -22.47 -15.14
N ARG B 19 -21.83 -23.47 -14.29
CA ARG B 19 -20.77 -24.44 -14.46
C ARG B 19 -20.88 -25.12 -15.83
N PRO B 20 -19.74 -25.45 -16.46
CA PRO B 20 -19.77 -26.16 -17.74
C PRO B 20 -20.45 -27.51 -17.59
N PRO B 21 -21.29 -27.89 -18.57
CA PRO B 21 -21.97 -29.18 -18.59
C PRO B 21 -21.01 -30.35 -18.75
N THR B 22 -21.43 -31.53 -18.32
CA THR B 22 -20.62 -32.73 -18.48
C THR B 22 -21.44 -33.85 -19.11
N ASP B 23 -20.75 -34.83 -19.70
CA ASP B 23 -21.42 -35.92 -20.38
C ASP B 23 -22.18 -36.85 -19.43
N ASN B 24 -21.58 -37.14 -18.28
CA ASN B 24 -22.21 -38.02 -17.30
C ASN B 24 -22.66 -37.30 -16.03
N GLY B 25 -22.68 -35.97 -16.08
CA GLY B 25 -23.04 -35.17 -14.93
C GLY B 25 -21.88 -35.06 -13.94
N GLY B 26 -20.75 -35.65 -14.31
CA GLY B 26 -19.57 -35.62 -13.49
C GLY B 26 -19.09 -34.22 -13.21
N PRO B 27 -18.02 -34.09 -12.41
CA PRO B 27 -17.49 -32.78 -12.07
C PRO B 27 -16.59 -32.24 -13.18
N VAL B 28 -16.51 -30.92 -13.29
CA VAL B 28 -15.57 -30.31 -14.21
C VAL B 28 -14.16 -30.63 -13.74
N VAL B 29 -13.37 -31.27 -14.60
CA VAL B 29 -12.00 -31.61 -14.25
C VAL B 29 -11.03 -30.50 -14.65
N VAL B 30 -10.38 -29.90 -13.66
CA VAL B 30 -9.43 -28.83 -13.91
C VAL B 30 -8.00 -29.33 -13.76
N SER B 31 -7.27 -29.38 -14.87
CA SER B 31 -5.86 -29.75 -14.83
C SER B 31 -5.02 -28.53 -14.46
N VAL B 32 -4.05 -28.73 -13.58
CA VAL B 32 -3.26 -27.61 -13.07
C VAL B 32 -1.76 -27.73 -13.33
N ASN B 33 -1.18 -26.67 -13.86
CA ASN B 33 0.26 -26.55 -13.99
C ASN B 33 0.72 -25.38 -13.15
N MET B 34 1.94 -25.44 -12.64
CA MET B 34 2.43 -24.41 -11.74
C MET B 34 3.91 -24.12 -12.00
N LEU B 35 4.24 -22.86 -12.22
CA LEU B 35 5.61 -22.47 -12.52
C LEU B 35 6.13 -21.48 -11.48
N LEU B 36 7.05 -21.93 -10.65
CA LEU B 36 7.66 -21.06 -9.64
C LEU B 36 8.71 -20.16 -10.27
N ARG B 37 8.56 -18.86 -10.08
CA ARG B 37 9.50 -17.90 -10.63
C ARG B 37 10.57 -17.54 -9.61
N THR B 38 10.13 -17.19 -8.40
CA THR B 38 11.05 -16.83 -7.33
C THR B 38 10.49 -17.20 -5.97
N ILE B 39 11.35 -17.71 -5.09
CA ILE B 39 10.99 -18.02 -3.72
C ILE B 39 11.89 -17.20 -2.80
N SER B 40 11.30 -16.23 -2.10
CA SER B 40 12.09 -15.26 -1.36
C SER B 40 11.55 -14.98 0.04
N LYS B 41 12.31 -14.20 0.80
CA LYS B 41 11.91 -13.79 2.15
C LYS B 41 11.37 -14.96 2.96
N ILE B 42 12.24 -15.92 3.27
CA ILE B 42 11.86 -17.07 4.07
C ILE B 42 11.96 -16.76 5.56
N ASP B 43 10.87 -16.25 6.12
CA ASP B 43 10.84 -15.76 7.51
C ASP B 43 10.73 -16.91 8.51
N VAL B 44 11.76 -17.06 9.35
CA VAL B 44 11.77 -18.13 10.34
C VAL B 44 11.02 -17.74 11.61
N VAL B 45 11.00 -16.45 11.90
CA VAL B 45 10.31 -15.96 13.09
C VAL B 45 8.80 -16.10 12.97
N ASN B 46 8.24 -15.60 11.87
CA ASN B 46 6.81 -15.71 11.62
C ASN B 46 6.45 -16.97 10.87
N MET B 47 7.46 -17.78 10.55
CA MET B 47 7.27 -19.03 9.83
C MET B 47 6.36 -18.88 8.62
N GLU B 48 6.87 -18.17 7.63
CA GLU B 48 6.21 -18.01 6.35
C GLU B 48 7.27 -17.70 5.31
N TYR B 49 6.89 -17.78 4.05
CA TYR B 49 7.80 -17.43 2.97
C TYR B 49 7.01 -16.81 1.84
N SER B 50 7.68 -15.97 1.04
CA SER B 50 7.04 -15.40 -0.14
C SER B 50 7.43 -16.20 -1.38
N ALA B 51 6.64 -16.07 -2.44
CA ALA B 51 6.89 -16.80 -3.67
C ALA B 51 6.02 -16.26 -4.79
N GLN B 52 6.63 -16.01 -5.95
CA GLN B 52 5.87 -15.60 -7.11
C GLN B 52 5.80 -16.73 -8.13
N LEU B 53 4.60 -17.08 -8.57
CA LEU B 53 4.40 -18.20 -9.46
C LEU B 53 3.46 -17.85 -10.60
N THR B 54 3.40 -18.73 -11.60
CA THR B 54 2.42 -18.61 -12.66
C THR B 54 1.47 -19.79 -12.56
N LEU B 55 0.20 -19.49 -12.26
CA LEU B 55 -0.82 -20.52 -12.20
C LEU B 55 -1.35 -20.79 -13.60
N ARG B 56 -1.57 -22.06 -13.91
CA ARG B 56 -2.06 -22.46 -15.23
C ARG B 56 -3.17 -23.49 -15.12
N GLU B 57 -4.40 -23.06 -15.39
CA GLU B 57 -5.55 -23.95 -15.26
C GLU B 57 -6.12 -24.30 -16.62
N SER B 58 -6.62 -25.53 -16.75
CA SER B 58 -7.14 -26.00 -18.02
C SER B 58 -8.32 -26.95 -17.82
N TRP B 59 -9.48 -26.56 -18.34
CA TRP B 59 -10.68 -27.38 -18.25
C TRP B 59 -11.41 -27.39 -19.58
N ILE B 60 -12.47 -28.20 -19.68
CA ILE B 60 -13.26 -28.25 -20.90
C ILE B 60 -14.63 -27.61 -20.71
N ASP B 61 -14.99 -26.74 -21.65
CA ASP B 61 -16.28 -26.07 -21.63
C ASP B 61 -16.90 -26.20 -23.02
N LYS B 62 -17.65 -27.28 -23.25
CA LYS B 62 -18.20 -27.57 -24.56
C LYS B 62 -18.95 -26.39 -25.16
N ARG B 63 -19.58 -25.59 -24.29
CA ARG B 63 -20.30 -24.41 -24.72
C ARG B 63 -19.42 -23.44 -25.51
N LEU B 64 -18.12 -23.51 -25.26
CA LEU B 64 -17.19 -22.56 -25.87
C LEU B 64 -16.56 -23.09 -27.15
N SER B 65 -16.84 -24.33 -27.50
CA SER B 65 -16.28 -24.92 -28.71
C SER B 65 -16.86 -24.25 -29.96
N TYR B 66 -15.98 -23.84 -30.85
CA TYR B 66 -16.38 -23.11 -32.04
C TYR B 66 -15.89 -23.86 -33.28
N GLY B 67 -14.65 -24.33 -33.21
CA GLY B 67 -14.05 -25.02 -34.33
C GLY B 67 -14.36 -26.49 -34.29
N VAL B 68 -14.66 -27.00 -33.10
CA VAL B 68 -14.90 -28.42 -32.92
C VAL B 68 -13.74 -29.20 -33.52
N LYS B 69 -14.01 -29.97 -34.57
CA LYS B 69 -12.94 -30.67 -35.28
C LYS B 69 -12.03 -29.63 -35.92
N GLY B 70 -12.64 -28.54 -36.40
CA GLY B 70 -11.92 -27.42 -36.98
C GLY B 70 -11.16 -27.80 -38.22
N ASP B 71 -9.84 -27.71 -38.14
CA ASP B 71 -8.96 -28.09 -39.25
C ASP B 71 -9.21 -27.22 -40.49
N GLY B 72 -10.14 -26.30 -40.35
CA GLY B 72 -10.33 -25.23 -41.32
C GLY B 72 -10.17 -23.89 -40.61
N GLN B 73 -10.22 -23.93 -39.28
CA GLN B 73 -10.19 -22.73 -38.45
C GLN B 73 -8.96 -22.67 -37.53
N PRO B 74 -8.76 -21.52 -36.87
CA PRO B 74 -7.63 -21.38 -35.94
C PRO B 74 -7.74 -22.36 -34.78
N ASP B 75 -6.62 -22.94 -34.36
CA ASP B 75 -6.62 -23.94 -33.31
C ASP B 75 -7.30 -23.42 -32.03
N PHE B 76 -6.88 -22.23 -31.60
CA PHE B 76 -7.48 -21.59 -30.44
C PHE B 76 -7.66 -20.10 -30.72
N VAL B 77 -8.65 -19.50 -30.08
CA VAL B 77 -8.86 -18.07 -30.21
C VAL B 77 -8.59 -17.42 -28.86
N ILE B 78 -7.77 -16.38 -28.85
CA ILE B 78 -7.48 -15.66 -27.61
C ILE B 78 -8.70 -14.90 -27.10
N LEU B 79 -9.08 -15.14 -25.86
CA LEU B 79 -10.21 -14.46 -25.27
C LEU B 79 -9.86 -13.00 -25.02
N THR B 80 -10.61 -12.09 -25.66
CA THR B 80 -10.38 -10.66 -25.51
C THR B 80 -11.19 -10.10 -24.35
N VAL B 81 -10.87 -8.88 -23.94
CA VAL B 81 -11.56 -8.23 -22.82
C VAL B 81 -13.04 -8.01 -23.13
N GLY B 82 -13.89 -8.22 -22.13
CA GLY B 82 -15.32 -7.97 -22.31
C GLY B 82 -16.12 -9.23 -22.59
N HIS B 83 -15.47 -10.38 -22.49
CA HIS B 83 -16.15 -11.66 -22.66
C HIS B 83 -16.00 -12.51 -21.41
N GLN B 84 -17.10 -12.69 -20.69
CA GLN B 84 -17.07 -13.47 -19.45
C GLN B 84 -17.05 -14.96 -19.73
N ILE B 85 -16.35 -15.70 -18.89
CA ILE B 85 -16.26 -17.16 -19.00
C ILE B 85 -16.24 -17.80 -17.62
N TRP B 86 -16.98 -18.88 -17.45
CA TRP B 86 -16.93 -19.60 -16.18
C TRP B 86 -15.49 -20.03 -15.90
N MET B 87 -15.03 -19.74 -14.69
CA MET B 87 -13.69 -20.13 -14.27
C MET B 87 -13.71 -20.72 -12.87
N PRO B 88 -12.88 -21.74 -12.63
CA PRO B 88 -12.76 -22.34 -11.30
C PRO B 88 -12.40 -21.27 -10.28
N ASP B 89 -13.21 -21.13 -9.23
CA ASP B 89 -12.95 -20.11 -8.21
C ASP B 89 -11.85 -20.57 -7.25
N THR B 90 -10.71 -20.97 -7.81
CA THR B 90 -9.59 -21.47 -7.02
C THR B 90 -9.00 -20.41 -6.09
N PHE B 91 -8.57 -20.86 -4.92
CA PHE B 91 -7.88 -19.98 -3.98
C PHE B 91 -6.76 -20.79 -3.33
N PHE B 92 -5.86 -20.10 -2.62
CA PHE B 92 -4.75 -20.76 -1.98
C PHE B 92 -4.96 -20.82 -0.46
N PRO B 93 -5.45 -21.97 0.04
CA PRO B 93 -5.81 -22.15 1.45
C PRO B 93 -4.76 -21.62 2.44
N ASN B 94 -3.48 -21.84 2.18
CA ASN B 94 -2.45 -21.41 3.12
C ASN B 94 -1.80 -20.08 2.72
N GLU B 95 -2.49 -19.31 1.90
CA GLU B 95 -2.02 -17.98 1.52
C GLU B 95 -2.43 -16.96 2.57
N LYS B 96 -1.47 -16.17 3.04
CA LYS B 96 -1.77 -15.14 4.04
C LYS B 96 -1.92 -13.78 3.35
N GLN B 97 -1.25 -13.62 2.21
CA GLN B 97 -1.33 -12.42 1.39
C GLN B 97 -1.13 -12.81 -0.06
N ALA B 98 -1.79 -12.11 -0.97
CA ALA B 98 -1.68 -12.46 -2.39
C ALA B 98 -2.01 -11.28 -3.31
N TYR B 99 -1.21 -11.13 -4.38
CA TYR B 99 -1.42 -10.04 -5.32
C TYR B 99 -1.38 -10.59 -6.74
N LYS B 100 -2.23 -10.03 -7.61
CA LYS B 100 -2.12 -10.29 -9.04
C LYS B 100 -1.30 -9.16 -9.65
N HIS B 101 -0.57 -9.44 -10.72
CA HIS B 101 0.20 -8.39 -11.40
C HIS B 101 -0.61 -7.75 -12.50
N THR B 102 -0.70 -6.42 -12.45
CA THR B 102 -1.57 -5.69 -13.36
C THR B 102 -0.85 -4.51 -14.02
N ILE B 103 0.48 -4.51 -13.95
CA ILE B 103 1.25 -3.44 -14.59
C ILE B 103 0.91 -3.37 -16.07
N ASP B 104 0.58 -2.17 -16.55
CA ASP B 104 0.06 -1.99 -17.90
C ASP B 104 -1.20 -2.84 -18.01
N LYS B 105 -1.24 -3.70 -19.01
CA LYS B 105 -2.32 -4.65 -19.11
C LYS B 105 -2.11 -5.73 -18.04
N PRO B 106 -3.21 -6.19 -17.43
CA PRO B 106 -3.17 -7.26 -16.45
C PRO B 106 -2.43 -8.48 -16.99
N ASN B 107 -1.69 -9.17 -16.13
CA ASN B 107 -0.91 -10.32 -16.56
C ASN B 107 -1.72 -11.60 -16.57
N VAL B 108 -2.64 -11.71 -17.53
CA VAL B 108 -3.42 -12.93 -17.69
C VAL B 108 -3.49 -13.33 -19.15
N LEU B 109 -3.83 -14.59 -19.38
CA LEU B 109 -4.00 -15.13 -20.71
C LEU B 109 -5.10 -16.17 -20.66
N ILE B 110 -6.07 -16.04 -21.56
CA ILE B 110 -7.11 -17.06 -21.66
C ILE B 110 -7.28 -17.50 -23.11
N ARG B 111 -7.11 -18.79 -23.36
CA ARG B 111 -7.28 -19.34 -24.70
C ARG B 111 -8.48 -20.28 -24.73
N ILE B 112 -9.27 -20.16 -25.80
CA ILE B 112 -10.43 -21.03 -25.99
C ILE B 112 -10.21 -21.89 -27.22
N HIS B 113 -9.66 -23.08 -27.01
CA HIS B 113 -9.40 -24.00 -28.12
C HIS B 113 -10.70 -24.38 -28.81
N ASN B 114 -10.61 -24.79 -30.07
CA ASN B 114 -11.77 -25.13 -30.87
C ASN B 114 -12.69 -26.18 -30.25
N ASP B 115 -12.11 -27.16 -29.57
CA ASP B 115 -12.89 -28.25 -28.98
C ASP B 115 -13.57 -27.82 -27.69
N GLY B 116 -13.26 -26.61 -27.22
CA GLY B 116 -13.86 -26.09 -26.01
C GLY B 116 -12.93 -26.12 -24.82
N THR B 117 -11.70 -26.56 -25.06
CA THR B 117 -10.69 -26.59 -24.00
C THR B 117 -10.20 -25.18 -23.72
N VAL B 118 -10.21 -24.82 -22.44
CA VAL B 118 -9.79 -23.48 -22.03
C VAL B 118 -8.44 -23.51 -21.33
N LEU B 119 -7.56 -22.58 -21.69
CA LEU B 119 -6.31 -22.40 -20.96
C LEU B 119 -6.34 -21.09 -20.20
N TYR B 120 -5.89 -21.13 -18.95
CA TYR B 120 -5.88 -19.94 -18.13
C TYR B 120 -4.51 -19.80 -17.48
N SER B 121 -3.87 -18.65 -17.69
CA SER B 121 -2.54 -18.40 -17.15
C SER B 121 -2.49 -17.05 -16.47
N VAL B 122 -1.97 -17.02 -15.24
CA VAL B 122 -1.93 -15.78 -14.47
C VAL B 122 -0.73 -15.72 -13.53
N ARG B 123 -0.09 -14.56 -13.45
CA ARG B 123 0.97 -14.35 -12.48
C ARG B 123 0.36 -14.02 -11.14
N ILE B 124 0.92 -14.59 -10.08
CA ILE B 124 0.43 -14.36 -8.74
C ILE B 124 1.60 -14.31 -7.76
N SER B 125 1.64 -13.27 -6.94
CA SER B 125 2.62 -13.20 -5.87
C SER B 125 1.92 -13.61 -4.59
N LEU B 126 2.56 -14.50 -3.83
CA LEU B 126 1.96 -15.02 -2.61
C LEU B 126 2.87 -14.86 -1.39
N VAL B 127 2.24 -14.82 -0.22
CA VAL B 127 2.94 -14.96 1.04
C VAL B 127 2.27 -16.10 1.79
N LEU B 128 2.95 -17.25 1.83
CA LEU B 128 2.36 -18.46 2.37
C LEU B 128 2.93 -18.75 3.75
N SER B 129 2.14 -19.40 4.59
CA SER B 129 2.63 -19.83 5.89
C SER B 129 3.30 -21.20 5.76
N CYS B 130 4.47 -21.32 6.38
CA CYS B 130 5.24 -22.56 6.31
C CYS B 130 5.78 -22.90 7.69
N PRO B 131 5.03 -23.71 8.44
CA PRO B 131 5.48 -24.10 9.78
C PRO B 131 6.85 -24.77 9.70
N MET B 132 7.81 -24.25 10.45
CA MET B 132 9.17 -24.74 10.42
C MET B 132 9.57 -25.41 11.72
N TYR B 133 10.51 -26.34 11.64
CA TYR B 133 10.95 -27.12 12.80
C TYR B 133 12.46 -27.03 12.96
N LEU B 134 12.89 -26.33 14.02
CA LEU B 134 14.29 -25.94 14.16
C LEU B 134 15.12 -26.85 15.07
N GLN B 135 14.68 -28.10 15.22
CA GLN B 135 15.38 -29.04 16.10
C GLN B 135 16.87 -29.15 15.79
N TYR B 136 17.20 -29.14 14.50
CA TYR B 136 18.60 -29.16 14.07
C TYR B 136 18.97 -27.84 13.40
N TYR B 137 18.47 -26.73 13.96
CA TYR B 137 18.42 -25.43 13.28
C TYR B 137 19.59 -25.08 12.34
N PRO B 138 20.82 -25.13 12.86
CA PRO B 138 21.93 -24.74 11.99
C PRO B 138 21.93 -25.57 10.71
N MET B 139 21.74 -26.88 10.87
CA MET B 139 21.73 -27.82 9.75
C MET B 139 20.37 -28.49 9.58
N ASP B 140 19.35 -27.70 9.24
CA ASP B 140 18.00 -28.25 9.11
C ASP B 140 17.51 -28.26 7.66
N VAL B 141 16.40 -28.95 7.43
CA VAL B 141 15.68 -28.84 6.17
C VAL B 141 14.22 -28.59 6.45
N GLN B 142 13.66 -27.58 5.78
CA GLN B 142 12.26 -27.26 5.92
C GLN B 142 11.52 -27.67 4.65
N GLN B 143 10.22 -27.90 4.78
CA GLN B 143 9.40 -28.20 3.62
C GLN B 143 8.23 -27.25 3.56
N CYS B 144 8.23 -26.39 2.54
CA CYS B 144 7.17 -25.41 2.38
C CYS B 144 6.26 -25.80 1.24
N SER B 145 4.98 -25.46 1.37
CA SER B 145 3.98 -25.92 0.42
C SER B 145 3.09 -24.79 -0.07
N ILE B 146 2.47 -25.02 -1.22
CA ILE B 146 1.44 -24.13 -1.73
C ILE B 146 0.20 -24.99 -1.94
N ASP B 147 -0.90 -24.62 -1.29
CA ASP B 147 -2.14 -25.38 -1.45
C ASP B 147 -3.10 -24.66 -2.37
N LEU B 148 -3.74 -25.42 -3.26
CA LEU B 148 -4.64 -24.87 -4.23
C LEU B 148 -5.93 -25.67 -4.20
N ALA B 149 -7.07 -24.98 -4.12
CA ALA B 149 -8.36 -25.65 -4.04
C ALA B 149 -9.51 -24.71 -4.36
N SER B 150 -10.67 -25.28 -4.69
CA SER B 150 -11.86 -24.50 -4.96
C SER B 150 -12.50 -24.04 -3.66
N TYR B 151 -13.16 -22.88 -3.68
CA TYR B 151 -13.76 -22.35 -2.46
C TYR B 151 -15.24 -22.69 -2.32
N ALA B 152 -15.99 -22.50 -3.39
CA ALA B 152 -17.44 -22.68 -3.34
C ALA B 152 -17.88 -24.03 -3.89
N TYR B 153 -17.19 -24.47 -4.94
CA TYR B 153 -17.55 -25.72 -5.61
C TYR B 153 -17.00 -26.93 -4.90
N THR B 154 -17.87 -27.90 -4.65
CA THR B 154 -17.51 -29.10 -3.91
C THR B 154 -16.96 -30.17 -4.85
N THR B 155 -16.90 -31.40 -4.37
CA THR B 155 -16.29 -32.48 -5.13
C THR B 155 -17.15 -32.97 -6.29
N LYS B 156 -18.40 -32.55 -6.31
CA LYS B 156 -19.33 -32.99 -7.34
C LYS B 156 -19.29 -32.07 -8.55
N ASP B 157 -18.74 -30.87 -8.37
CA ASP B 157 -18.77 -29.85 -9.41
C ASP B 157 -17.40 -29.60 -10.03
N ILE B 158 -16.35 -29.74 -9.23
CA ILE B 158 -15.01 -29.40 -9.69
C ILE B 158 -13.97 -30.28 -9.02
N GLU B 159 -13.07 -30.84 -9.82
CA GLU B 159 -12.04 -31.74 -9.31
C GLU B 159 -10.69 -31.35 -9.87
N TYR B 160 -9.71 -31.13 -9.00
CA TYR B 160 -8.38 -30.76 -9.46
C TYR B 160 -7.48 -31.97 -9.65
N LEU B 161 -6.63 -31.88 -10.66
CA LEU B 161 -5.65 -32.90 -10.95
C LEU B 161 -4.41 -32.22 -11.51
N TRP B 162 -3.26 -32.65 -11.03
CA TRP B 162 -2.00 -32.11 -11.53
C TRP B 162 -1.81 -32.56 -12.97
N LYS B 163 -1.30 -31.64 -13.81
CA LYS B 163 -1.00 -31.96 -15.19
C LYS B 163 -0.21 -33.27 -15.21
N GLU B 164 -0.41 -34.06 -16.26
CA GLU B 164 0.22 -35.37 -16.30
C GLU B 164 1.74 -35.29 -16.42
N HIS B 165 2.21 -34.39 -17.29
CA HIS B 165 3.64 -34.21 -17.50
C HIS B 165 4.14 -32.89 -16.92
N SER B 166 5.21 -32.97 -16.13
CA SER B 166 5.79 -31.81 -15.46
C SER B 166 4.75 -30.84 -14.91
N PRO B 167 4.08 -31.24 -13.82
CA PRO B 167 3.04 -30.42 -13.19
C PRO B 167 3.65 -29.20 -12.53
N LEU B 168 4.83 -29.36 -11.93
CA LEU B 168 5.52 -28.24 -11.32
C LEU B 168 6.82 -27.97 -12.07
N GLN B 169 7.02 -26.71 -12.47
CA GLN B 169 8.24 -26.31 -13.15
C GLN B 169 8.87 -25.15 -12.40
N LEU B 170 10.20 -25.04 -12.50
CA LEU B 170 10.91 -23.93 -11.88
C LEU B 170 11.57 -23.09 -12.96
N LYS B 171 11.56 -21.77 -12.78
CA LYS B 171 12.29 -20.89 -13.68
C LYS B 171 13.78 -21.07 -13.44
N VAL B 172 14.59 -20.84 -14.47
CA VAL B 172 16.01 -21.11 -14.39
C VAL B 172 16.72 -20.25 -13.35
N GLY B 173 16.29 -18.99 -13.23
CA GLY B 173 16.89 -18.08 -12.27
C GLY B 173 16.16 -18.04 -10.94
N LEU B 174 15.92 -19.21 -10.36
CA LEU B 174 15.23 -19.30 -9.08
C LEU B 174 16.24 -19.54 -7.95
N SER B 175 17.10 -20.53 -8.14
CA SER B 175 18.09 -20.87 -7.13
C SER B 175 19.09 -19.74 -6.93
N SER B 176 19.27 -18.91 -7.96
CA SER B 176 20.22 -17.80 -7.89
C SER B 176 19.64 -16.62 -7.13
N SER B 177 18.32 -16.59 -7.04
CA SER B 177 17.62 -15.54 -6.29
C SER B 177 17.33 -16.04 -4.87
N LEU B 178 17.82 -17.24 -4.58
CA LEU B 178 17.65 -17.86 -3.27
C LEU B 178 19.02 -18.23 -2.73
N PRO B 179 19.71 -17.26 -2.11
CA PRO B 179 21.11 -17.41 -1.71
C PRO B 179 21.28 -18.21 -0.42
N SER B 180 20.33 -18.10 0.50
CA SER B 180 20.48 -18.67 1.83
C SER B 180 20.14 -20.15 1.90
N PHE B 181 19.36 -20.65 0.94
CA PHE B 181 18.97 -22.04 0.93
C PHE B 181 19.30 -22.73 -0.39
N GLN B 182 19.07 -24.03 -0.42
CA GLN B 182 19.25 -24.83 -1.63
C GLN B 182 18.00 -25.68 -1.85
N LEU B 183 17.27 -25.38 -2.92
CA LEU B 183 16.00 -26.06 -3.20
C LEU B 183 16.26 -27.47 -3.71
N THR B 184 16.41 -28.42 -2.79
CA THR B 184 16.85 -29.77 -3.13
C THR B 184 15.81 -30.64 -3.83
N ASN B 185 14.59 -30.63 -3.31
CA ASN B 185 13.55 -31.51 -3.85
C ASN B 185 12.18 -30.84 -3.95
N THR B 186 11.37 -31.26 -4.90
CA THR B 186 9.97 -30.80 -4.99
C THR B 186 9.02 -31.97 -5.23
N SER B 187 7.78 -31.82 -4.77
CA SER B 187 6.78 -32.87 -4.92
C SER B 187 5.42 -32.29 -5.26
N THR B 188 4.62 -33.08 -5.95
CA THR B 188 3.29 -32.67 -6.37
C THR B 188 2.24 -33.67 -5.85
N THR B 189 1.36 -33.20 -4.95
CA THR B 189 0.47 -34.09 -4.20
C THR B 189 -0.97 -33.56 -4.11
N TYR B 190 -1.85 -34.39 -3.55
CA TYR B 190 -3.25 -34.02 -3.33
C TYR B 190 -3.57 -33.87 -1.84
N CYS B 191 -4.39 -32.89 -1.51
CA CYS B 191 -4.71 -32.59 -0.13
C CYS B 191 -6.22 -32.44 0.08
N THR B 192 -6.99 -33.07 -0.81
CA THR B 192 -8.45 -33.05 -0.69
C THR B 192 -8.86 -33.39 0.72
N SER B 193 -9.81 -32.64 1.27
CA SER B 193 -10.23 -32.86 2.64
C SER B 193 -11.75 -32.81 2.79
N VAL B 194 -12.26 -33.40 3.86
CA VAL B 194 -13.69 -33.36 4.14
C VAL B 194 -13.99 -32.38 5.26
N THR B 195 -14.69 -31.31 4.92
CA THR B 195 -15.03 -30.25 5.87
C THR B 195 -16.51 -30.28 6.25
N ASN B 196 -16.93 -29.31 7.06
CA ASN B 196 -18.32 -29.25 7.49
C ASN B 196 -19.25 -28.76 6.39
N THR B 197 -18.70 -28.05 5.41
CA THR B 197 -19.50 -27.56 4.29
C THR B 197 -19.45 -28.52 3.09
N GLY B 198 -18.64 -29.57 3.20
CA GLY B 198 -18.56 -30.58 2.16
C GLY B 198 -17.14 -31.09 1.90
N ILE B 199 -17.00 -31.91 0.86
CA ILE B 199 -15.69 -32.45 0.48
C ILE B 199 -15.07 -31.68 -0.67
N TYR B 200 -13.95 -31.01 -0.41
CA TYR B 200 -13.33 -30.14 -1.41
C TYR B 200 -12.02 -30.69 -1.98
N SER B 201 -11.91 -30.68 -3.30
CA SER B 201 -10.69 -31.16 -3.98
C SER B 201 -9.57 -30.17 -3.80
N CYS B 202 -8.35 -30.66 -3.66
CA CYS B 202 -7.23 -29.78 -3.36
C CYS B 202 -5.87 -30.36 -3.78
N LEU B 203 -5.06 -29.53 -4.42
CA LEU B 203 -3.70 -29.90 -4.81
C LEU B 203 -2.70 -29.30 -3.83
N ARG B 204 -1.50 -29.85 -3.80
CA ARG B 204 -0.44 -29.29 -2.97
C ARG B 204 0.94 -29.55 -3.53
N THR B 205 1.62 -28.49 -3.90
CA THR B 205 3.02 -28.58 -4.31
C THR B 205 3.90 -28.34 -3.09
N THR B 206 5.04 -29.02 -3.04
CA THR B 206 5.95 -28.91 -1.91
C THR B 206 7.40 -28.76 -2.34
N ILE B 207 8.07 -27.73 -1.84
CA ILE B 207 9.50 -27.57 -2.10
C ILE B 207 10.25 -27.87 -0.81
N GLN B 208 11.45 -28.44 -0.95
CA GLN B 208 12.28 -28.78 0.21
C GLN B 208 13.52 -27.90 0.26
N LEU B 209 13.65 -27.13 1.33
CA LEU B 209 14.73 -26.16 1.44
C LEU B 209 15.80 -26.61 2.43
N LYS B 210 17.02 -26.75 1.95
CA LYS B 210 18.16 -27.12 2.78
C LYS B 210 18.95 -25.86 3.12
N ARG B 211 19.16 -25.60 4.41
CA ARG B 211 19.82 -24.37 4.83
C ARG B 211 21.31 -24.40 4.53
N GLU B 212 21.81 -23.34 3.89
CA GLU B 212 23.21 -23.26 3.53
C GLU B 212 24.09 -23.17 4.78
N PHE B 213 25.18 -23.95 4.79
CA PHE B 213 26.01 -24.12 5.98
C PHE B 213 27.19 -23.15 6.06
N SER B 214 27.70 -22.74 4.90
CA SER B 214 28.89 -21.89 4.85
C SER B 214 28.79 -20.69 5.80
N PHE B 215 27.60 -20.11 5.89
CA PHE B 215 27.40 -18.97 6.78
C PHE B 215 27.60 -19.36 8.24
N TYR B 216 26.98 -20.45 8.66
CA TYR B 216 27.03 -20.86 10.06
C TYR B 216 28.40 -21.40 10.43
N LEU B 217 29.10 -21.94 9.44
CA LEU B 217 30.48 -22.36 9.65
C LEU B 217 31.33 -21.15 10.02
N LEU B 218 31.23 -20.08 9.24
CA LEU B 218 32.08 -18.91 9.41
C LEU B 218 31.64 -17.96 10.53
N GLN B 219 30.34 -17.86 10.77
CA GLN B 219 29.85 -16.87 11.73
C GLN B 219 29.54 -17.46 13.11
N LEU B 220 29.57 -18.79 13.21
CA LEU B 220 29.21 -19.44 14.46
C LEU B 220 30.24 -20.45 14.96
N TYR B 221 30.47 -21.48 14.16
CA TYR B 221 31.36 -22.58 14.57
C TYR B 221 32.83 -22.18 14.64
N ILE B 222 33.38 -21.73 13.50
CA ILE B 222 34.77 -21.29 13.46
C ILE B 222 35.09 -20.33 14.61
N PRO B 223 34.36 -19.21 14.70
CA PRO B 223 34.69 -18.20 15.71
C PRO B 223 34.56 -18.72 17.15
N SER B 224 33.72 -19.72 17.37
CA SER B 224 33.57 -20.28 18.71
C SER B 224 34.76 -21.17 19.07
N CYS B 225 35.23 -21.95 18.10
CA CYS B 225 36.43 -22.74 18.32
C CYS B 225 37.60 -21.81 18.58
N MET B 226 37.72 -20.78 17.75
CA MET B 226 38.76 -19.79 17.91
C MET B 226 38.65 -19.11 19.27
N LEU B 227 37.45 -19.12 19.82
CA LEU B 227 37.20 -18.50 21.12
C LEU B 227 37.54 -19.45 22.27
N VAL B 228 37.19 -20.72 22.11
CA VAL B 228 37.52 -21.75 23.10
C VAL B 228 39.03 -21.97 23.15
N ILE B 229 39.65 -21.98 21.98
CA ILE B 229 41.09 -22.19 21.88
C ILE B 229 41.87 -21.10 22.59
N VAL B 230 41.34 -19.86 22.55
CA VAL B 230 41.99 -18.75 23.25
C VAL B 230 41.96 -18.96 24.77
N SER B 231 40.87 -19.51 25.27
CA SER B 231 40.75 -19.75 26.71
C SER B 231 41.77 -20.79 27.18
N TRP B 232 42.39 -21.49 26.24
CA TRP B 232 43.37 -22.51 26.59
C TRP B 232 44.78 -21.94 26.71
N VAL B 233 45.05 -20.86 25.99
CA VAL B 233 46.40 -20.28 26.00
C VAL B 233 46.73 -19.69 27.36
N SER B 234 45.79 -19.77 28.29
CA SER B 234 46.03 -19.29 29.65
C SER B 234 46.54 -20.42 30.54
N PHE B 235 46.57 -21.63 29.97
CA PHE B 235 47.14 -22.78 30.68
C PHE B 235 48.65 -22.75 30.60
N TRP B 236 49.18 -21.82 29.79
CA TRP B 236 50.61 -21.74 29.56
C TRP B 236 51.22 -20.50 30.23
N PHE B 237 50.38 -19.71 30.88
CA PHE B 237 50.86 -18.61 31.69
C PHE B 237 51.16 -19.11 33.09
N ASP B 238 52.23 -18.58 33.69
CA ASP B 238 52.61 -18.95 35.04
C ASP B 238 51.45 -18.81 36.03
N ARG B 239 51.31 -19.77 36.93
CA ARG B 239 50.20 -19.79 37.88
C ARG B 239 50.23 -18.59 38.82
N THR B 240 51.30 -17.81 38.76
CA THR B 240 51.44 -16.64 39.63
C THR B 240 50.72 -15.44 39.03
N ALA B 241 50.75 -15.35 37.71
CA ALA B 241 50.06 -14.26 37.01
C ALA B 241 48.62 -14.64 36.69
N ILE B 242 47.79 -14.69 37.73
CA ILE B 242 46.37 -15.01 37.56
C ILE B 242 45.59 -13.90 36.84
N PRO B 243 45.99 -12.63 37.02
CA PRO B 243 45.29 -11.57 36.30
C PRO B 243 45.17 -11.86 34.81
N ALA B 244 46.22 -12.40 34.22
CA ALA B 244 46.22 -12.73 32.79
C ALA B 244 45.22 -13.83 32.47
N ARG B 245 45.17 -14.84 33.33
CA ARG B 245 44.26 -15.98 33.12
C ARG B 245 42.79 -15.58 33.20
N VAL B 246 42.44 -14.83 34.24
CA VAL B 246 41.08 -14.37 34.42
C VAL B 246 40.65 -13.48 33.25
N THR B 247 41.52 -12.55 32.86
CA THR B 247 41.24 -11.67 31.72
C THR B 247 40.87 -12.46 30.48
N LEU B 248 41.66 -13.49 30.17
CA LEU B 248 41.35 -14.37 29.04
C LEU B 248 40.03 -15.11 29.25
N GLY B 249 39.99 -15.98 30.26
CA GLY B 249 38.82 -16.79 30.53
C GLY B 249 37.50 -16.04 30.60
N VAL B 250 37.54 -14.82 31.12
CA VAL B 250 36.33 -14.01 31.28
C VAL B 250 35.92 -13.31 30.00
N THR B 251 36.90 -12.77 29.28
CA THR B 251 36.63 -12.09 28.02
C THR B 251 36.08 -13.05 26.97
N THR B 252 36.65 -14.26 26.91
CA THR B 252 36.19 -15.26 25.97
C THR B 252 34.80 -15.77 26.33
N LEU B 253 34.50 -15.82 27.63
CA LEU B 253 33.19 -16.25 28.09
C LEU B 253 32.14 -15.20 27.76
N LEU B 254 32.45 -13.95 28.05
CA LEU B 254 31.55 -12.84 27.77
C LEU B 254 31.27 -12.77 26.27
N THR B 255 32.33 -12.77 25.46
CA THR B 255 32.20 -12.75 24.01
C THR B 255 31.32 -13.90 23.52
N MET B 256 31.51 -15.07 24.12
CA MET B 256 30.71 -16.23 23.79
C MET B 256 29.23 -15.90 23.93
N THR B 257 28.88 -15.29 25.05
CA THR B 257 27.51 -14.86 25.31
C THR B 257 26.99 -13.95 24.20
N ALA B 258 27.71 -12.86 23.96
CA ALA B 258 27.32 -11.92 22.91
C ALA B 258 27.03 -12.64 21.60
N GLN B 259 27.99 -13.46 21.16
CA GLN B 259 27.85 -14.18 19.90
C GLN B 259 26.53 -14.95 19.84
N SER B 260 26.24 -15.70 20.90
CA SER B 260 25.02 -16.49 20.95
C SER B 260 23.79 -15.60 20.90
N ALA B 261 23.84 -14.49 21.63
CA ALA B 261 22.75 -13.52 21.63
C ALA B 261 22.43 -13.09 20.21
N GLY B 262 23.48 -12.93 19.40
CA GLY B 262 23.33 -12.58 18.00
C GLY B 262 22.51 -13.61 17.25
N ILE B 263 22.98 -14.85 17.24
CA ILE B 263 22.27 -15.92 16.53
C ILE B 263 20.85 -16.06 17.05
N ASN B 264 20.70 -16.11 18.37
CA ASN B 264 19.40 -16.36 18.99
C ASN B 264 18.38 -15.24 18.77
N SER B 265 18.85 -14.06 18.37
CA SER B 265 17.94 -12.94 18.18
C SER B 265 17.15 -13.04 16.87
N GLN B 266 17.71 -13.77 15.90
CA GLN B 266 17.07 -13.93 14.59
C GLN B 266 16.09 -15.10 14.60
N LEU B 267 15.94 -15.75 15.73
CA LEU B 267 15.10 -16.94 15.85
C LEU B 267 13.87 -16.68 16.71
N PRO B 268 12.77 -17.37 16.41
CA PRO B 268 11.56 -17.26 17.22
C PRO B 268 11.71 -18.13 18.47
N PRO B 269 11.19 -17.67 19.61
CA PRO B 269 11.23 -18.54 20.79
C PRO B 269 10.42 -19.81 20.54
N VAL B 270 11.05 -20.97 20.77
CA VAL B 270 10.37 -22.25 20.57
C VAL B 270 10.25 -23.02 21.88
N SER B 271 9.75 -24.23 21.80
CA SER B 271 9.52 -25.03 23.00
C SER B 271 10.48 -26.21 23.10
N TYR B 272 11.41 -26.29 22.15
CA TYR B 272 12.35 -27.40 22.12
C TYR B 272 13.80 -26.92 22.15
N ILE B 273 14.72 -27.86 22.38
CA ILE B 273 16.15 -27.52 22.37
C ILE B 273 16.76 -27.74 21.01
N LYS B 274 17.28 -26.67 20.41
CA LYS B 274 17.88 -26.74 19.08
C LYS B 274 19.32 -27.25 19.17
N ALA B 275 19.81 -27.84 18.09
CA ALA B 275 21.19 -28.32 18.04
C ALA B 275 22.18 -27.17 18.20
N ILE B 276 21.76 -25.99 17.80
CA ILE B 276 22.55 -24.78 17.99
C ILE B 276 22.77 -24.54 19.49
N ASP B 277 21.76 -24.87 20.29
CA ASP B 277 21.81 -24.68 21.74
C ASP B 277 22.85 -25.62 22.36
N VAL B 278 22.85 -26.87 21.89
CA VAL B 278 23.78 -27.87 22.40
C VAL B 278 25.22 -27.44 22.14
N TRP B 279 25.42 -26.75 21.03
CA TRP B 279 26.78 -26.38 20.65
C TRP B 279 27.28 -25.14 21.36
N ILE B 280 26.42 -24.13 21.49
CA ILE B 280 26.79 -22.95 22.26
C ILE B 280 27.00 -23.35 23.73
N GLY B 281 26.07 -24.13 24.24
CA GLY B 281 26.11 -24.55 25.63
C GLY B 281 27.38 -25.30 26.00
N ALA B 282 27.84 -26.15 25.08
CA ALA B 282 29.03 -26.94 25.33
C ALA B 282 30.27 -26.07 25.39
N CYS B 283 30.46 -25.25 24.36
CA CYS B 283 31.60 -24.33 24.31
C CYS B 283 31.60 -23.45 25.54
N MET B 284 30.41 -23.03 25.95
CA MET B 284 30.25 -22.22 27.14
C MET B 284 30.87 -22.93 28.35
N THR B 285 30.66 -24.24 28.43
CA THR B 285 31.16 -25.03 29.54
C THR B 285 32.68 -25.13 29.52
N PHE B 286 33.24 -25.40 28.35
CA PHE B 286 34.69 -25.52 28.21
C PHE B 286 35.40 -24.26 28.68
N ILE B 287 34.77 -23.11 28.46
CA ILE B 287 35.35 -21.86 28.91
C ILE B 287 35.09 -21.67 30.40
N PHE B 288 33.94 -22.13 30.87
CA PHE B 288 33.60 -22.04 32.28
C PHE B 288 34.52 -22.91 33.13
N CYS B 289 34.86 -24.10 32.60
CA CYS B 289 35.74 -25.01 33.32
C CYS B 289 37.18 -24.52 33.28
N ALA B 290 37.50 -23.72 32.27
CA ALA B 290 38.81 -23.09 32.22
C ALA B 290 38.99 -22.17 33.42
N LEU B 291 38.02 -21.28 33.61
CA LEU B 291 38.03 -20.38 34.77
C LEU B 291 38.11 -21.19 36.06
N LEU B 292 37.24 -22.19 36.17
CA LEU B 292 37.24 -23.06 37.33
C LEU B 292 38.63 -23.61 37.61
N GLU B 293 39.31 -24.03 36.56
CA GLU B 293 40.66 -24.56 36.68
C GLU B 293 41.61 -23.51 37.26
N PHE B 294 41.52 -22.28 36.75
CA PHE B 294 42.33 -21.18 37.24
C PHE B 294 42.20 -21.06 38.76
N ALA B 295 40.97 -21.06 39.25
CA ALA B 295 40.72 -20.95 40.67
C ALA B 295 41.32 -22.12 41.44
N LEU B 296 41.06 -23.33 40.94
CA LEU B 296 41.60 -24.53 41.57
C LEU B 296 43.12 -24.48 41.65
N VAL B 297 43.76 -24.16 40.53
CA VAL B 297 45.22 -24.09 40.47
C VAL B 297 45.77 -23.02 41.39
N ASN B 298 45.24 -21.81 41.28
CA ASN B 298 45.70 -20.69 42.08
C ASN B 298 45.49 -20.91 43.58
N HIS B 299 44.42 -21.62 43.92
CA HIS B 299 44.07 -21.84 45.32
C HIS B 299 45.01 -22.82 46.01
N ILE B 300 45.26 -23.96 45.39
CA ILE B 300 46.15 -24.96 45.96
C ILE B 300 47.62 -24.60 45.71
N ALA B 301 47.83 -23.48 45.02
CA ALA B 301 49.18 -23.03 44.72
C ALA B 301 49.78 -22.25 45.90
N ASN B 302 49.03 -21.28 46.40
CA ASN B 302 49.52 -20.44 47.49
C ASN B 302 49.60 -21.18 48.82
N ALA B 303 48.95 -22.34 48.91
CA ALA B 303 49.04 -23.16 50.11
C ALA B 303 50.51 -23.44 50.45
N GLY B 304 50.89 -23.12 51.68
CA GLY B 304 52.28 -23.20 52.11
C GLY B 304 53.06 -24.42 51.67
N THR B 305 52.52 -25.60 51.92
CA THR B 305 53.25 -26.84 51.69
C THR B 305 53.54 -27.09 50.20
N THR B 306 54.72 -27.62 49.90
CA THR B 306 55.09 -27.94 48.53
C THR B 306 54.31 -29.15 48.03
N GLU B 307 53.56 -29.78 48.94
CA GLU B 307 52.74 -30.93 48.60
C GLU B 307 51.66 -30.54 47.60
N TRP B 308 50.99 -29.42 47.88
CA TRP B 308 49.94 -28.93 47.01
C TRP B 308 50.52 -28.18 45.82
N ASN B 309 51.66 -27.51 46.04
CA ASN B 309 52.26 -26.69 45.00
C ASN B 309 52.53 -27.45 43.70
N ASP B 310 53.20 -28.59 43.81
CA ASP B 310 53.50 -29.37 42.61
C ASP B 310 52.24 -30.04 42.04
N ILE B 311 51.21 -30.20 42.88
CA ILE B 311 49.91 -30.65 42.41
C ILE B 311 49.30 -29.58 41.52
N SER B 312 49.42 -28.33 41.97
CA SER B 312 48.98 -27.20 41.18
C SER B 312 49.60 -27.26 39.79
N LYS B 313 50.91 -27.50 39.75
CA LYS B 313 51.63 -27.62 38.49
C LYS B 313 51.09 -28.79 37.66
N ARG B 314 50.74 -29.87 38.35
CA ARG B 314 50.26 -31.08 37.69
C ARG B 314 48.91 -30.86 37.01
N VAL B 315 48.07 -30.03 37.62
CA VAL B 315 46.76 -29.72 37.07
C VAL B 315 46.87 -28.98 35.74
N ASP B 316 47.84 -28.08 35.64
CA ASP B 316 48.07 -27.38 34.38
C ASP B 316 48.52 -28.33 33.28
N LEU B 317 49.54 -29.14 33.59
CA LEU B 317 50.06 -30.09 32.62
C LEU B 317 48.94 -30.96 32.05
N ILE B 318 48.06 -31.42 32.93
CA ILE B 318 46.93 -32.26 32.51
C ILE B 318 45.91 -31.46 31.69
N SER B 319 45.63 -30.24 32.12
CA SER B 319 44.66 -29.39 31.43
C SER B 319 45.11 -29.08 30.00
N ARG B 320 46.38 -28.74 29.86
CA ARG B 320 46.94 -28.37 28.56
C ARG B 320 46.67 -29.42 27.48
N ALA B 321 46.38 -30.64 27.92
CA ALA B 321 46.12 -31.74 27.00
C ALA B 321 44.68 -32.25 27.10
N LEU B 322 44.17 -32.34 28.33
CA LEU B 322 42.83 -32.87 28.55
C LEU B 322 41.74 -32.03 27.88
N PHE B 323 41.81 -30.71 28.05
CA PHE B 323 40.83 -29.82 27.43
C PHE B 323 40.74 -30.02 25.91
N PRO B 324 41.85 -29.84 25.20
CA PRO B 324 41.83 -30.06 23.75
C PRO B 324 41.26 -31.44 23.40
N VAL B 325 41.80 -32.49 24.00
CA VAL B 325 41.32 -33.85 23.73
C VAL B 325 39.81 -33.96 23.96
N LEU B 326 39.34 -33.47 25.09
CA LEU B 326 37.91 -33.53 25.40
C LEU B 326 37.06 -32.71 24.43
N PHE B 327 37.55 -31.54 24.06
CA PHE B 327 36.84 -30.68 23.11
C PHE B 327 36.77 -31.33 21.72
N PHE B 328 37.84 -32.01 21.35
CA PHE B 328 37.89 -32.76 20.10
C PHE B 328 36.91 -33.91 20.14
N VAL B 329 36.88 -34.61 21.28
CA VAL B 329 35.92 -35.69 21.48
C VAL B 329 34.50 -35.16 21.35
N PHE B 330 34.25 -34.00 21.94
CA PHE B 330 32.93 -33.38 21.85
C PHE B 330 32.54 -33.15 20.40
N ASN B 331 33.37 -32.42 19.67
CA ASN B 331 33.13 -32.17 18.26
C ASN B 331 32.71 -33.45 17.53
N ILE B 332 33.48 -34.50 17.73
CA ILE B 332 33.21 -35.78 17.08
C ILE B 332 31.79 -36.29 17.38
N LEU B 333 31.43 -36.30 18.66
CA LEU B 333 30.08 -36.68 19.06
C LEU B 333 29.04 -35.73 18.48
N TYR B 334 29.30 -34.44 18.58
CA TYR B 334 28.35 -33.42 18.13
C TYR B 334 28.04 -33.53 16.64
N TRP B 335 29.08 -33.57 15.83
CA TRP B 335 28.90 -33.57 14.37
C TRP B 335 28.31 -34.87 13.84
N SER B 336 28.61 -35.97 14.50
CA SER B 336 28.05 -37.26 14.10
C SER B 336 26.57 -37.30 14.48
N ARG B 337 26.19 -36.46 15.43
CA ARG B 337 24.82 -36.45 15.94
C ARG B 337 23.92 -35.51 15.15
N PHE B 338 24.50 -34.44 14.60
CA PHE B 338 23.70 -33.39 13.96
C PHE B 338 24.07 -33.11 12.51
N GLY B 339 25.22 -33.62 12.07
CA GLY B 339 25.66 -33.42 10.69
C GLY B 339 25.06 -34.45 9.75
N HIS B 340 24.49 -35.51 10.35
CA HIS B 340 23.94 -36.63 9.62
C HIS B 340 23.12 -36.19 8.40
N SER C 1 -31.72 -25.31 -14.41
CA SER C 1 -32.19 -25.71 -13.10
C SER C 1 -31.82 -24.67 -12.03
N ASP C 2 -30.57 -24.72 -11.57
CA ASP C 2 -30.08 -23.76 -10.58
C ASP C 2 -30.23 -22.33 -11.09
N SER C 3 -29.73 -22.09 -12.29
CA SER C 3 -29.83 -20.76 -12.90
C SER C 3 -31.28 -20.30 -13.02
N LYS C 4 -32.18 -21.27 -13.22
CA LYS C 4 -33.61 -20.97 -13.34
C LYS C 4 -34.22 -20.66 -11.98
N ILE C 5 -33.81 -21.43 -10.96
CA ILE C 5 -34.28 -21.22 -9.59
C ILE C 5 -33.87 -19.85 -9.09
N LEU C 6 -32.63 -19.46 -9.38
CA LEU C 6 -32.14 -18.14 -9.01
C LEU C 6 -32.94 -17.06 -9.73
N ALA C 7 -33.13 -17.23 -11.02
CA ALA C 7 -33.90 -16.29 -11.82
C ALA C 7 -35.30 -16.07 -11.23
N HIS C 8 -35.95 -17.15 -10.83
CA HIS C 8 -37.30 -17.07 -10.26
C HIS C 8 -37.34 -16.21 -9.00
N LEU C 9 -36.30 -16.31 -8.18
CA LEU C 9 -36.24 -15.59 -6.91
C LEU C 9 -36.09 -14.09 -7.08
N PHE C 10 -35.37 -13.67 -8.11
CA PHE C 10 -35.04 -12.26 -8.30
C PHE C 10 -35.86 -11.59 -9.40
N THR C 11 -36.62 -12.38 -10.16
CA THR C 11 -37.49 -11.80 -11.19
C THR C 11 -38.63 -11.04 -10.53
N SER C 12 -39.08 -11.54 -9.38
CA SER C 12 -40.08 -10.85 -8.58
C SER C 12 -39.44 -9.64 -7.93
N GLY C 13 -40.21 -8.91 -7.15
CA GLY C 13 -39.69 -7.74 -6.46
C GLY C 13 -38.91 -8.11 -5.21
N TYR C 14 -37.59 -8.07 -5.31
CA TYR C 14 -36.73 -8.39 -4.17
C TYR C 14 -35.73 -7.27 -3.91
N ASP C 15 -35.65 -6.83 -2.66
CA ASP C 15 -34.79 -5.71 -2.30
C ASP C 15 -33.73 -6.13 -1.28
N PHE C 16 -32.48 -6.18 -1.72
CA PHE C 16 -31.37 -6.58 -0.86
C PHE C 16 -31.10 -5.54 0.23
N ARG C 17 -31.77 -4.41 0.13
CA ARG C 17 -31.61 -3.34 1.09
C ARG C 17 -32.62 -3.50 2.22
N VAL C 18 -33.67 -4.27 1.96
CA VAL C 18 -34.71 -4.53 2.94
C VAL C 18 -34.38 -5.76 3.77
N ARG C 19 -34.39 -5.58 5.08
CA ARG C 19 -34.19 -6.66 6.02
C ARG C 19 -35.22 -7.78 5.77
N PRO C 20 -34.81 -9.04 5.95
CA PRO C 20 -35.75 -10.16 5.82
C PRO C 20 -36.89 -10.05 6.81
N PRO C 21 -38.11 -10.33 6.36
CA PRO C 21 -39.31 -10.30 7.21
C PRO C 21 -39.27 -11.38 8.29
N THR C 22 -40.03 -11.18 9.36
CA THR C 22 -40.13 -12.16 10.43
C THR C 22 -41.59 -12.44 10.76
N ASP C 23 -41.84 -13.59 11.39
CA ASP C 23 -43.20 -14.00 11.71
C ASP C 23 -43.84 -13.12 12.78
N ASN C 24 -43.07 -12.75 13.80
CA ASN C 24 -43.58 -11.93 14.89
C ASN C 24 -43.00 -10.52 14.91
N GLY C 25 -42.35 -10.14 13.82
CA GLY C 25 -41.70 -8.84 13.73
C GLY C 25 -40.37 -8.83 14.47
N GLY C 26 -40.01 -9.98 15.02
CA GLY C 26 -38.76 -10.12 15.75
C GLY C 26 -37.55 -9.77 14.90
N PRO C 27 -36.36 -9.83 15.51
CA PRO C 27 -35.13 -9.51 14.77
C PRO C 27 -34.65 -10.72 13.97
N VAL C 28 -33.95 -10.46 12.87
CA VAL C 28 -33.31 -11.52 12.11
C VAL C 28 -32.25 -12.18 12.97
N VAL C 29 -32.37 -13.48 13.20
CA VAL C 29 -31.39 -14.18 14.01
C VAL C 29 -30.26 -14.75 13.15
N VAL C 30 -29.05 -14.25 13.38
CA VAL C 30 -27.88 -14.70 12.64
C VAL C 30 -27.02 -15.64 13.46
N SER C 31 -26.98 -16.92 13.07
CA SER C 31 -26.12 -17.89 13.74
C SER C 31 -24.70 -17.78 13.18
N VAL C 32 -23.71 -17.81 14.06
CA VAL C 32 -22.34 -17.59 13.64
C VAL C 32 -21.42 -18.77 13.98
N ASN C 33 -20.65 -19.19 12.98
CA ASN C 33 -19.58 -20.14 13.17
C ASN C 33 -18.26 -19.47 12.82
N MET C 34 -17.17 -19.87 13.46
CA MET C 34 -15.89 -19.24 13.25
C MET C 34 -14.77 -20.27 13.24
N LEU C 35 -13.95 -20.24 12.20
CA LEU C 35 -12.84 -21.19 12.07
C LEU C 35 -11.51 -20.46 11.98
N LEU C 36 -10.70 -20.59 13.04
CA LEU C 36 -9.37 -19.98 13.07
C LEU C 36 -8.38 -20.82 12.27
N ARG C 37 -7.73 -20.20 11.29
CA ARG C 37 -6.77 -20.90 10.45
C ARG C 37 -5.36 -20.72 11.00
N THR C 38 -5.00 -19.47 11.29
CA THR C 38 -3.67 -19.16 11.81
C THR C 38 -3.72 -17.93 12.73
N ILE C 39 -2.98 -18.02 13.83
CA ILE C 39 -2.81 -16.89 14.75
C ILE C 39 -1.33 -16.55 14.83
N SER C 40 -0.96 -15.38 14.30
CA SER C 40 0.44 -15.04 14.13
C SER C 40 0.79 -13.62 14.54
N LYS C 41 2.08 -13.31 14.54
CA LYS C 41 2.56 -11.96 14.86
C LYS C 41 1.89 -11.39 16.11
N ILE C 42 2.15 -12.02 17.25
CA ILE C 42 1.61 -11.55 18.52
C ILE C 42 2.49 -10.46 19.13
N ASP C 43 2.19 -9.21 18.77
CA ASP C 43 2.99 -8.05 19.13
C ASP C 43 2.75 -7.60 20.58
N VAL C 44 3.77 -7.69 21.42
CA VAL C 44 3.64 -7.32 22.82
C VAL C 44 3.83 -5.82 23.03
N VAL C 45 4.63 -5.19 22.15
CA VAL C 45 4.87 -3.76 22.24
C VAL C 45 3.62 -2.95 21.91
N ASN C 46 3.00 -3.23 20.77
CA ASN C 46 1.78 -2.56 20.36
C ASN C 46 0.53 -3.26 20.85
N MET C 47 0.73 -4.37 21.57
CA MET C 47 -0.36 -5.14 22.13
C MET C 47 -1.46 -5.39 21.11
N GLU C 48 -1.13 -6.20 20.11
CA GLU C 48 -2.09 -6.65 19.13
C GLU C 48 -1.59 -7.98 18.57
N TYR C 49 -2.45 -8.67 17.84
CA TYR C 49 -2.04 -9.91 17.20
C TYR C 49 -2.78 -10.04 15.88
N SER C 50 -2.19 -10.78 14.94
CA SER C 50 -2.84 -11.05 13.67
C SER C 50 -3.50 -12.42 13.72
N ALA C 51 -4.48 -12.64 12.86
CA ALA C 51 -5.19 -13.91 12.80
C ALA C 51 -6.02 -14.01 11.53
N GLN C 52 -5.93 -15.15 10.84
CA GLN C 52 -6.77 -15.38 9.67
C GLN C 52 -7.83 -16.41 9.99
N LEU C 53 -9.09 -16.08 9.71
CA LEU C 53 -10.20 -16.95 10.08
C LEU C 53 -11.19 -17.06 8.94
N THR C 54 -12.12 -18.00 9.06
CA THR C 54 -13.23 -18.11 8.15
C THR C 54 -14.51 -17.80 8.90
N LEU C 55 -15.17 -16.71 8.52
CA LEU C 55 -16.44 -16.34 9.11
C LEU C 55 -17.56 -17.10 8.42
N ARG C 56 -18.53 -17.57 9.21
CA ARG C 56 -19.65 -18.33 8.65
C ARG C 56 -20.96 -17.87 9.26
N GLU C 57 -21.76 -17.17 8.47
CA GLU C 57 -23.02 -16.62 8.96
C GLU C 57 -24.21 -17.34 8.34
N SER C 58 -25.26 -17.51 9.13
CA SER C 58 -26.44 -18.23 8.68
C SER C 58 -27.72 -17.64 9.25
N TRP C 59 -28.59 -17.16 8.36
CA TRP C 59 -29.88 -16.59 8.75
C TRP C 59 -30.98 -17.08 7.84
N ILE C 60 -32.23 -16.75 8.18
CA ILE C 60 -33.37 -17.14 7.34
C ILE C 60 -33.96 -15.95 6.59
N ASP C 61 -34.16 -16.14 5.30
CA ASP C 61 -34.76 -15.10 4.46
C ASP C 61 -35.87 -15.75 3.64
N LYS C 62 -37.08 -15.79 4.19
CA LYS C 62 -38.20 -16.48 3.54
C LYS C 62 -38.37 -16.06 2.08
N ARG C 63 -38.05 -14.82 1.78
CA ARG C 63 -38.16 -14.30 0.42
C ARG C 63 -37.33 -15.12 -0.57
N LEU C 64 -36.31 -15.78 -0.05
CA LEU C 64 -35.38 -16.52 -0.91
C LEU C 64 -35.73 -17.99 -1.04
N SER C 65 -36.74 -18.44 -0.31
CA SER C 65 -37.14 -19.85 -0.38
C SER C 65 -37.73 -20.16 -1.74
N TYR C 66 -37.24 -21.23 -2.35
CA TYR C 66 -37.67 -21.62 -3.69
C TYR C 66 -38.22 -23.03 -3.65
N GLY C 67 -37.52 -23.91 -2.94
CA GLY C 67 -37.91 -25.31 -2.85
C GLY C 67 -38.89 -25.54 -1.73
N VAL C 68 -38.88 -24.65 -0.75
CA VAL C 68 -39.74 -24.79 0.42
C VAL C 68 -39.54 -26.20 0.99
N LYS C 69 -40.59 -27.01 0.97
CA LYS C 69 -40.47 -28.41 1.39
C LYS C 69 -39.52 -29.13 0.43
N GLY C 70 -39.61 -28.75 -0.84
CA GLY C 70 -38.74 -29.28 -1.87
C GLY C 70 -38.90 -30.77 -2.08
N ASP C 71 -37.84 -31.51 -1.78
CA ASP C 71 -37.85 -32.96 -1.87
C ASP C 71 -38.10 -33.42 -3.31
N GLY C 72 -38.25 -32.46 -4.21
CA GLY C 72 -38.24 -32.70 -5.64
C GLY C 72 -37.11 -31.90 -6.27
N GLN C 73 -36.60 -30.93 -5.51
CA GLN C 73 -35.60 -29.99 -6.00
C GLN C 73 -34.28 -30.08 -5.24
N PRO C 74 -33.24 -29.37 -5.73
CA PRO C 74 -31.93 -29.37 -5.05
C PRO C 74 -32.04 -28.75 -3.65
N ASP C 75 -31.35 -29.34 -2.69
CA ASP C 75 -31.43 -28.89 -1.30
C ASP C 75 -31.12 -27.40 -1.18
N PHE C 76 -30.02 -26.98 -1.79
CA PHE C 76 -29.63 -25.58 -1.81
C PHE C 76 -29.09 -25.21 -3.18
N VAL C 77 -29.23 -23.95 -3.56
CA VAL C 77 -28.69 -23.47 -4.81
C VAL C 77 -27.59 -22.48 -4.52
N ILE C 78 -26.42 -22.67 -5.14
CA ILE C 78 -25.31 -21.74 -4.94
C ILE C 78 -25.61 -20.39 -5.58
N LEU C 79 -25.49 -19.33 -4.78
CA LEU C 79 -25.73 -18.00 -5.28
C LEU C 79 -24.59 -17.60 -6.21
N THR C 80 -24.92 -17.30 -7.47
CA THR C 80 -23.94 -16.90 -8.46
C THR C 80 -23.76 -15.39 -8.47
N VAL C 81 -22.72 -14.92 -9.14
CA VAL C 81 -22.42 -13.50 -9.21
C VAL C 81 -23.52 -12.73 -9.93
N GLY C 82 -23.83 -11.53 -9.43
CA GLY C 82 -24.83 -10.69 -10.07
C GLY C 82 -26.20 -10.77 -9.43
N HIS C 83 -26.28 -11.46 -8.29
CA HIS C 83 -27.54 -11.54 -7.54
C HIS C 83 -27.35 -11.00 -6.12
N GLN C 84 -27.95 -9.84 -5.86
CA GLN C 84 -27.82 -9.21 -4.55
C GLN C 84 -28.71 -9.87 -3.50
N ILE C 85 -28.23 -9.92 -2.28
CA ILE C 85 -28.96 -10.52 -1.16
C ILE C 85 -28.69 -9.75 0.11
N TRP C 86 -29.73 -9.49 0.89
CA TRP C 86 -29.53 -8.83 2.18
C TRP C 86 -28.58 -9.65 3.04
N MET C 87 -27.57 -8.98 3.59
CA MET C 87 -26.61 -9.64 4.45
C MET C 87 -26.35 -8.81 5.70
N PRO C 88 -26.16 -9.47 6.85
CA PRO C 88 -25.83 -8.78 8.09
C PRO C 88 -24.57 -7.93 7.90
N ASP C 89 -24.66 -6.64 8.17
CA ASP C 89 -23.51 -5.76 7.99
C ASP C 89 -22.52 -5.88 9.15
N THR C 90 -22.13 -7.12 9.44
CA THR C 90 -21.23 -7.41 10.56
C THR C 90 -19.85 -6.80 10.36
N PHE C 91 -19.26 -6.35 11.47
CA PHE C 91 -17.89 -5.85 11.48
C PHE C 91 -17.20 -6.34 12.75
N PHE C 92 -15.89 -6.17 12.82
CA PHE C 92 -15.13 -6.61 13.98
C PHE C 92 -14.69 -5.42 14.83
N PRO C 93 -15.44 -5.11 15.90
CA PRO C 93 -15.21 -3.93 16.73
C PRO C 93 -13.74 -3.70 17.13
N ASN C 94 -13.02 -4.76 17.47
CA ASN C 94 -11.63 -4.59 17.89
C ASN C 94 -10.61 -4.87 16.78
N GLU C 95 -11.07 -4.81 15.53
CA GLU C 95 -10.18 -4.97 14.39
C GLU C 95 -9.52 -3.64 14.06
N LYS C 96 -8.19 -3.66 13.93
CA LYS C 96 -7.45 -2.46 13.59
C LYS C 96 -7.14 -2.44 12.09
N GLN C 97 -7.06 -3.63 11.51
CA GLN C 97 -6.83 -3.80 10.08
C GLN C 97 -7.50 -5.09 9.64
N ALA C 98 -8.01 -5.12 8.41
CA ALA C 98 -8.70 -6.31 7.92
C ALA C 98 -8.70 -6.42 6.39
N TYR C 99 -8.49 -7.62 5.89
CA TYR C 99 -8.49 -7.84 4.45
C TYR C 99 -9.34 -9.04 4.11
N LYS C 100 -10.03 -8.97 2.97
CA LYS C 100 -10.70 -10.14 2.42
C LYS C 100 -9.76 -10.76 1.37
N HIS C 101 -9.83 -12.07 1.19
CA HIS C 101 -8.99 -12.72 0.19
C HIS C 101 -9.70 -12.80 -1.15
N THR C 102 -9.05 -12.31 -2.19
CA THR C 102 -9.68 -12.18 -3.50
C THR C 102 -8.82 -12.75 -4.61
N ILE C 103 -7.79 -13.52 -4.25
CA ILE C 103 -6.95 -14.16 -5.26
C ILE C 103 -7.80 -14.97 -6.24
N ASP C 104 -7.62 -14.72 -7.53
CA ASP C 104 -8.45 -15.33 -8.56
C ASP C 104 -9.87 -14.90 -8.26
N LYS C 105 -10.78 -15.86 -8.14
CA LYS C 105 -12.13 -15.54 -7.71
C LYS C 105 -12.09 -15.22 -6.21
N PRO C 106 -12.88 -14.23 -5.78
CA PRO C 106 -13.01 -13.88 -4.36
C PRO C 106 -13.34 -15.10 -3.51
N ASN C 107 -12.78 -15.16 -2.31
CA ASN C 107 -12.99 -16.32 -1.44
C ASN C 107 -14.28 -16.20 -0.63
N VAL C 108 -15.40 -16.34 -1.30
CA VAL C 108 -16.69 -16.34 -0.62
C VAL C 108 -17.56 -17.47 -1.12
N LEU C 109 -18.58 -17.79 -0.33
CA LEU C 109 -19.55 -18.82 -0.68
C LEU C 109 -20.89 -18.41 -0.09
N ILE C 110 -21.92 -18.41 -0.92
CA ILE C 110 -23.27 -18.14 -0.44
C ILE C 110 -24.22 -19.21 -0.94
N ARG C 111 -24.89 -19.88 0.00
CA ARG C 111 -25.87 -20.89 -0.35
C ARG C 111 -27.26 -20.46 0.05
N ILE C 112 -28.23 -20.69 -0.82
CA ILE C 112 -29.62 -20.38 -0.53
C ILE C 112 -30.43 -21.65 -0.47
N HIS C 113 -30.56 -22.22 0.74
CA HIS C 113 -31.33 -23.44 0.92
C HIS C 113 -32.78 -23.24 0.52
N ASN C 114 -33.46 -24.34 0.18
CA ASN C 114 -34.83 -24.29 -0.30
C ASN C 114 -35.80 -23.57 0.66
N ASP C 115 -35.60 -23.77 1.96
CA ASP C 115 -36.48 -23.17 2.96
C ASP C 115 -36.21 -21.68 3.16
N GLY C 116 -35.17 -21.18 2.54
CA GLY C 116 -34.83 -19.77 2.64
C GLY C 116 -33.65 -19.52 3.55
N THR C 117 -33.08 -20.59 4.10
CA THR C 117 -31.90 -20.47 4.95
C THR C 117 -30.68 -20.14 4.11
N VAL C 118 -29.96 -19.11 4.51
CA VAL C 118 -28.77 -18.67 3.78
C VAL C 118 -27.50 -19.02 4.53
N LEU C 119 -26.52 -19.56 3.82
CA LEU C 119 -25.19 -19.78 4.38
C LEU C 119 -24.20 -18.80 3.75
N TYR C 120 -23.37 -18.19 4.58
CA TYR C 120 -22.37 -17.25 4.12
C TYR C 120 -21.01 -17.60 4.69
N SER C 121 -20.03 -17.80 3.82
CA SER C 121 -18.68 -18.17 4.25
C SER C 121 -17.65 -17.30 3.56
N VAL C 122 -16.72 -16.74 4.35
CA VAL C 122 -15.73 -15.83 3.80
C VAL C 122 -14.42 -15.89 4.58
N ARG C 123 -13.30 -15.87 3.85
CA ARG C 123 -12.00 -15.79 4.49
C ARG C 123 -11.70 -14.34 4.81
N ILE C 124 -11.15 -14.11 6.00
CA ILE C 124 -10.82 -12.76 6.44
C ILE C 124 -9.52 -12.78 7.23
N SER C 125 -8.59 -11.91 6.86
CA SER C 125 -7.38 -11.72 7.64
C SER C 125 -7.58 -10.50 8.52
N LEU C 126 -7.24 -10.62 9.80
CA LEU C 126 -7.45 -9.53 10.74
C LEU C 126 -6.18 -9.17 11.51
N VAL C 127 -6.12 -7.92 11.96
CA VAL C 127 -5.15 -7.49 12.95
C VAL C 127 -5.91 -6.88 14.12
N LEU C 128 -6.00 -7.64 15.21
CA LEU C 128 -6.85 -7.25 16.33
C LEU C 128 -6.00 -6.70 17.46
N SER C 129 -6.58 -5.80 18.25
CA SER C 129 -5.90 -5.30 19.44
C SER C 129 -6.16 -6.23 20.62
N CYS C 130 -5.11 -6.57 21.35
CA CYS C 130 -5.22 -7.47 22.48
C CYS C 130 -4.41 -6.92 23.64
N PRO C 131 -5.07 -6.16 24.54
CA PRO C 131 -4.37 -5.60 25.69
C PRO C 131 -3.75 -6.72 26.51
N MET C 132 -2.45 -6.62 26.77
CA MET C 132 -1.72 -7.65 27.47
C MET C 132 -1.24 -7.17 28.82
N TYR C 133 -1.05 -8.11 29.75
CA TYR C 133 -0.64 -7.77 31.11
C TYR C 133 0.59 -8.58 31.49
N LEU C 134 1.72 -7.88 31.64
CA LEU C 134 3.02 -8.53 31.77
C LEU C 134 3.53 -8.67 33.20
N GLN C 135 2.61 -8.66 34.17
CA GLN C 135 3.01 -8.76 35.57
C GLN C 135 3.92 -9.95 35.85
N TYR C 136 3.64 -11.07 35.20
CA TYR C 136 4.47 -12.26 35.33
C TYR C 136 5.16 -12.58 34.00
N TYR C 137 5.60 -11.52 33.30
CA TYR C 137 5.96 -11.61 31.89
C TYR C 137 6.61 -12.89 31.39
N PRO C 138 7.72 -13.30 32.01
CA PRO C 138 8.38 -14.51 31.50
C PRO C 138 7.40 -15.68 31.47
N MET C 139 6.64 -15.84 32.56
CA MET C 139 5.67 -16.91 32.68
C MET C 139 4.23 -16.39 32.77
N ASP C 140 3.76 -15.77 31.70
CA ASP C 140 2.42 -15.18 31.72
C ASP C 140 1.43 -15.93 30.81
N VAL C 141 0.16 -15.61 30.95
CA VAL C 141 -0.85 -16.03 29.99
C VAL C 141 -1.68 -14.83 29.58
N GLN C 142 -1.85 -14.65 28.27
CA GLN C 142 -2.66 -13.58 27.75
C GLN C 142 -3.95 -14.16 27.19
N GLN C 143 -4.98 -13.32 27.11
CA GLN C 143 -6.24 -13.72 26.50
C GLN C 143 -6.63 -12.74 25.42
N CYS C 144 -6.61 -13.22 24.18
CA CYS C 144 -6.93 -12.37 23.04
C CYS C 144 -8.30 -12.73 22.51
N SER C 145 -9.01 -11.72 22.00
CA SER C 145 -10.39 -11.93 21.58
C SER C 145 -10.67 -11.37 20.20
N ILE C 146 -11.73 -11.87 19.58
CA ILE C 146 -12.25 -11.35 18.33
C ILE C 146 -13.70 -10.98 18.59
N ASP C 147 -14.04 -9.71 18.39
CA ASP C 147 -15.42 -9.29 18.59
C ASP C 147 -16.14 -9.12 17.26
N LEU C 148 -17.37 -9.59 17.22
CA LEU C 148 -18.18 -9.56 16.01
C LEU C 148 -19.54 -8.97 16.34
N ALA C 149 -19.97 -7.99 15.57
CA ALA C 149 -21.26 -7.33 15.83
C ALA C 149 -21.75 -6.55 14.61
N SER C 150 -23.04 -6.24 14.60
CA SER C 150 -23.63 -5.45 13.53
C SER C 150 -23.31 -3.97 13.73
N TYR C 151 -23.19 -3.22 12.64
CA TYR C 151 -22.85 -1.81 12.75
C TYR C 151 -24.06 -0.88 12.73
N ALA C 152 -24.97 -1.11 11.80
CA ALA C 152 -26.11 -0.22 11.61
C ALA C 152 -27.38 -0.76 12.26
N TYR C 153 -27.55 -2.07 12.20
CA TYR C 153 -28.75 -2.71 12.74
C TYR C 153 -28.66 -2.91 14.25
N THR C 154 -29.72 -2.48 14.94
CA THR C 154 -29.76 -2.54 16.39
C THR C 154 -30.32 -3.88 16.85
N THR C 155 -30.72 -3.96 18.11
CA THR C 155 -31.15 -5.23 18.70
C THR C 155 -32.53 -5.67 18.22
N LYS C 156 -33.25 -4.78 17.57
CA LYS C 156 -34.61 -5.06 17.12
C LYS C 156 -34.61 -5.67 15.73
N ASP C 157 -33.49 -5.52 15.02
CA ASP C 157 -33.42 -5.94 13.62
C ASP C 157 -32.53 -7.16 13.41
N ILE C 158 -31.49 -7.28 14.24
CA ILE C 158 -30.51 -8.34 14.04
C ILE C 158 -29.92 -8.79 15.37
N GLU C 159 -29.89 -10.11 15.59
CA GLU C 159 -29.40 -10.65 16.84
C GLU C 159 -28.42 -11.78 16.56
N TYR C 160 -27.22 -11.70 17.11
CA TYR C 160 -26.24 -12.76 16.89
C TYR C 160 -26.29 -13.83 17.96
N LEU C 161 -26.03 -15.06 17.54
CA LEU C 161 -25.98 -16.19 18.44
C LEU C 161 -24.94 -17.15 17.90
N TRP C 162 -24.10 -17.65 18.79
CA TRP C 162 -23.11 -18.66 18.40
C TRP C 162 -23.80 -19.94 17.99
N LYS C 163 -23.30 -20.58 16.94
CA LYS C 163 -23.82 -21.86 16.51
C LYS C 163 -23.95 -22.76 17.72
N GLU C 164 -24.95 -23.63 17.73
CA GLU C 164 -25.20 -24.46 18.89
C GLU C 164 -24.09 -25.48 19.13
N HIS C 165 -23.64 -26.12 18.06
CA HIS C 165 -22.57 -27.11 18.16
C HIS C 165 -21.25 -26.62 17.56
N SER C 166 -20.18 -26.73 18.33
CA SER C 166 -18.86 -26.26 17.93
C SER C 166 -18.89 -24.92 17.19
N PRO C 167 -19.13 -23.83 17.95
CA PRO C 167 -19.20 -22.48 17.39
C PRO C 167 -17.83 -22.01 16.93
N LEU C 168 -16.79 -22.38 17.68
CA LEU C 168 -15.42 -22.04 17.30
C LEU C 168 -14.66 -23.31 16.99
N GLN C 169 -14.01 -23.33 15.83
CA GLN C 169 -13.18 -24.46 15.43
C GLN C 169 -11.79 -23.98 15.06
N LEU C 170 -10.80 -24.83 15.27
CA LEU C 170 -9.42 -24.50 14.90
C LEU C 170 -8.93 -25.43 13.81
N LYS C 171 -8.18 -24.89 12.85
CA LYS C 171 -7.57 -25.73 11.84
C LYS C 171 -6.46 -26.55 12.49
N VAL C 172 -6.18 -27.72 11.93
CA VAL C 172 -5.23 -28.64 12.54
C VAL C 172 -3.81 -28.07 12.60
N GLY C 173 -3.41 -27.34 11.57
CA GLY C 173 -2.08 -26.75 11.52
C GLY C 173 -2.05 -25.32 12.04
N LEU C 174 -2.61 -25.12 13.23
CA LEU C 174 -2.61 -23.79 13.86
C LEU C 174 -1.52 -23.68 14.91
N SER C 175 -1.48 -24.65 15.81
CA SER C 175 -0.50 -24.66 16.89
C SER C 175 0.93 -24.80 16.35
N SER C 176 1.06 -25.40 15.17
CA SER C 176 2.36 -25.60 14.55
C SER C 176 2.87 -24.32 13.88
N SER C 177 1.95 -23.42 13.57
CA SER C 177 2.31 -22.14 13.00
C SER C 177 2.43 -21.09 14.10
N LEU C 178 2.29 -21.54 15.34
CA LEU C 178 2.39 -20.69 16.52
C LEU C 178 3.43 -21.27 17.45
N PRO C 179 4.71 -20.97 17.18
CA PRO C 179 5.85 -21.60 17.88
C PRO C 179 6.10 -21.02 19.28
N SER C 180 5.84 -19.73 19.45
CA SER C 180 6.22 -19.05 20.69
C SER C 180 5.21 -19.24 21.82
N PHE C 181 3.98 -19.58 21.48
CA PHE C 181 2.94 -19.77 22.49
C PHE C 181 2.27 -21.14 22.39
N GLN C 182 1.40 -21.41 23.36
CA GLN C 182 0.60 -22.64 23.37
C GLN C 182 -0.86 -22.28 23.61
N LEU C 183 -1.70 -22.50 22.60
CA LEU C 183 -3.11 -22.12 22.67
C LEU C 183 -3.87 -23.09 23.56
N THR C 184 -3.88 -22.80 24.86
CA THR C 184 -4.40 -23.71 25.88
C THR C 184 -5.92 -23.84 25.91
N ASN C 185 -6.61 -22.70 25.89
CA ASN C 185 -8.06 -22.70 26.01
C ASN C 185 -8.76 -21.70 25.10
N THR C 186 -10.00 -22.01 24.70
CA THR C 186 -10.82 -21.07 23.94
C THR C 186 -12.23 -21.00 24.50
N SER C 187 -12.87 -19.84 24.34
CA SER C 187 -14.22 -19.63 24.84
C SER C 187 -15.07 -18.85 23.86
N THR C 188 -16.37 -19.09 23.90
CA THR C 188 -17.31 -18.42 23.02
C THR C 188 -18.39 -17.69 23.83
N THR C 189 -18.42 -16.37 23.74
CA THR C 189 -19.22 -15.54 24.63
C THR C 189 -19.98 -14.42 23.92
N TYR C 190 -20.82 -13.71 24.67
CA TYR C 190 -21.55 -12.57 24.13
C TYR C 190 -21.08 -11.26 24.76
N CYS C 191 -21.04 -10.20 23.96
CA CYS C 191 -20.54 -8.92 24.41
C CYS C 191 -21.49 -7.77 24.03
N THR C 192 -22.77 -8.11 23.85
CA THR C 192 -23.79 -7.11 23.55
C THR C 192 -23.67 -5.95 24.50
N SER C 193 -23.75 -4.73 23.98
CA SER C 193 -23.59 -3.54 24.81
C SER C 193 -24.63 -2.48 24.47
N VAL C 194 -24.85 -1.57 25.41
CA VAL C 194 -25.77 -0.46 25.18
C VAL C 194 -24.99 0.84 24.95
N THR C 195 -25.12 1.36 23.74
CA THR C 195 -24.40 2.57 23.34
C THR C 195 -25.35 3.76 23.21
N ASN C 196 -24.81 4.89 22.77
CA ASN C 196 -25.62 6.09 22.61
C ASN C 196 -26.52 6.03 21.38
N THR C 197 -26.15 5.20 20.41
CA THR C 197 -26.96 5.04 19.21
C THR C 197 -27.93 3.87 19.32
N GLY C 198 -27.83 3.11 20.41
CA GLY C 198 -28.74 2.00 20.65
C GLY C 198 -28.07 0.78 21.27
N ILE C 199 -28.84 -0.30 21.39
CA ILE C 199 -28.31 -1.56 21.95
C ILE C 199 -27.94 -2.54 20.83
N TYR C 200 -26.65 -2.86 20.72
CA TYR C 200 -26.16 -3.69 19.62
C TYR C 200 -25.73 -5.09 20.07
N SER C 201 -26.22 -6.11 19.37
CA SER C 201 -25.86 -7.49 19.67
C SER C 201 -24.43 -7.78 19.25
N CYS C 202 -23.72 -8.59 20.03
CA CYS C 202 -22.30 -8.80 19.79
C CYS C 202 -21.78 -10.13 20.35
N LEU C 203 -21.03 -10.86 19.52
CA LEU C 203 -20.38 -12.09 19.95
C LEU C 203 -18.91 -11.84 20.26
N ARG C 204 -18.29 -12.74 21.02
CA ARG C 204 -16.86 -12.63 21.29
C ARG C 204 -16.21 -13.98 21.53
N THR C 205 -15.31 -14.35 20.64
CA THR C 205 -14.49 -15.54 20.83
C THR C 205 -13.19 -15.15 21.53
N THR C 206 -12.69 -16.04 22.38
CA THR C 206 -11.48 -15.74 23.15
C THR C 206 -10.52 -16.92 23.17
N ILE C 207 -9.27 -16.68 22.79
CA ILE C 207 -8.24 -17.70 22.87
C ILE C 207 -7.30 -17.34 24.01
N GLN C 208 -6.77 -18.37 24.68
CA GLN C 208 -5.85 -18.16 25.79
C GLN C 208 -4.45 -18.63 25.44
N LEU C 209 -3.50 -17.70 25.43
CA LEU C 209 -2.14 -18.00 25.00
C LEU C 209 -1.17 -18.09 26.17
N LYS C 210 -0.54 -19.26 26.32
CA LYS C 210 0.46 -19.49 27.35
C LYS C 210 1.84 -19.36 26.74
N ARG C 211 2.66 -18.48 27.30
CA ARG C 211 3.99 -18.22 26.71
C ARG C 211 4.94 -19.39 26.95
N GLU C 212 5.59 -19.84 25.88
CA GLU C 212 6.53 -20.94 25.96
C GLU C 212 7.75 -20.57 26.80
N PHE C 213 8.15 -21.48 27.69
CA PHE C 213 9.18 -21.19 28.69
C PHE C 213 10.59 -21.57 28.26
N SER C 214 10.70 -22.60 27.43
CA SER C 214 12.00 -23.12 27.01
C SER C 214 12.96 -22.02 26.56
N PHE C 215 12.43 -21.03 25.85
CA PHE C 215 13.26 -19.92 25.38
C PHE C 215 13.82 -19.10 26.55
N TYR C 216 12.96 -18.76 27.50
CA TYR C 216 13.38 -17.91 28.60
C TYR C 216 14.26 -18.67 29.57
N LEU C 217 14.07 -19.98 29.65
CA LEU C 217 14.96 -20.81 30.44
C LEU C 217 16.39 -20.72 29.90
N LEU C 218 16.53 -20.89 28.59
CA LEU C 218 17.85 -20.95 27.95
C LEU C 218 18.50 -19.57 27.71
N GLN C 219 17.70 -18.55 27.43
CA GLN C 219 18.25 -17.25 27.07
C GLN C 219 18.29 -16.25 28.22
N LEU C 220 17.65 -16.60 29.34
CA LEU C 220 17.59 -15.67 30.45
C LEU C 220 18.01 -16.28 31.79
N TYR C 221 17.33 -17.33 32.22
CA TYR C 221 17.57 -17.90 33.54
C TYR C 221 18.89 -18.66 33.63
N ILE C 222 19.06 -19.66 32.76
CA ILE C 222 20.30 -20.43 32.75
C ILE C 222 21.54 -19.53 32.70
N PRO C 223 21.63 -18.67 31.68
CA PRO C 223 22.82 -17.83 31.53
C PRO C 223 23.04 -16.87 32.70
N SER C 224 21.99 -16.49 33.41
CA SER C 224 22.17 -15.62 34.56
C SER C 224 22.72 -16.37 35.76
N CYS C 225 22.27 -17.60 35.95
CA CYS C 225 22.82 -18.43 37.01
C CYS C 225 24.28 -18.70 36.71
N MET C 226 24.56 -19.05 35.46
CA MET C 226 25.91 -19.29 35.01
C MET C 226 26.76 -18.04 35.19
N LEU C 227 26.11 -16.89 35.22
CA LEU C 227 26.80 -15.61 35.39
C LEU C 227 27.03 -15.30 36.86
N VAL C 228 26.04 -15.59 37.69
CA VAL C 228 26.16 -15.38 39.14
C VAL C 228 27.18 -16.36 39.72
N ILE C 229 27.14 -17.59 39.23
CA ILE C 229 28.05 -18.64 39.71
C ILE C 229 29.50 -18.28 39.42
N VAL C 230 29.75 -17.61 38.29
CA VAL C 230 31.10 -17.16 37.96
C VAL C 230 31.61 -16.13 38.96
N SER C 231 30.72 -15.24 39.40
CA SER C 231 31.11 -14.21 40.37
C SER C 231 31.53 -14.83 41.70
N TRP C 232 31.23 -16.10 41.89
CA TRP C 232 31.55 -16.78 43.13
C TRP C 232 32.95 -17.41 43.10
N VAL C 233 33.43 -17.75 41.91
CA VAL C 233 34.71 -18.42 41.78
C VAL C 233 35.85 -17.47 42.15
N SER C 234 35.50 -16.24 42.47
CA SER C 234 36.50 -15.27 42.93
C SER C 234 36.66 -15.31 44.44
N PHE C 235 35.82 -16.09 45.10
CA PHE C 235 35.93 -16.29 46.55
C PHE C 235 37.04 -17.29 46.84
N TRP C 236 37.57 -17.91 45.80
CA TRP C 236 38.57 -18.95 45.95
C TRP C 236 39.95 -18.47 45.51
N PHE C 237 40.01 -17.24 45.03
CA PHE C 237 41.29 -16.61 44.72
C PHE C 237 41.86 -15.96 45.98
N ASP C 238 43.17 -16.03 46.15
CA ASP C 238 43.82 -15.42 47.30
C ASP C 238 43.46 -13.94 47.42
N ARG C 239 43.24 -13.49 48.66
CA ARG C 239 42.81 -12.13 48.92
C ARG C 239 43.85 -11.10 48.49
N THR C 240 45.03 -11.58 48.11
CA THR C 240 46.11 -10.70 47.70
C THR C 240 45.96 -10.31 46.23
N ALA C 241 45.47 -11.24 45.43
CA ALA C 241 45.25 -10.98 44.01
C ALA C 241 43.84 -10.42 43.77
N ILE C 242 43.63 -9.17 44.18
CA ILE C 242 42.35 -8.52 43.99
C ILE C 242 42.05 -8.20 42.52
N PRO C 243 43.08 -7.93 41.70
CA PRO C 243 42.81 -7.68 40.29
C PRO C 243 41.94 -8.76 39.66
N ALA C 244 42.18 -10.02 40.03
CA ALA C 244 41.41 -11.13 39.49
C ALA C 244 39.96 -11.07 39.96
N ARG C 245 39.75 -10.73 41.22
CA ARG C 245 38.40 -10.67 41.78
C ARG C 245 37.56 -9.57 41.14
N VAL C 246 38.12 -8.37 41.04
CA VAL C 246 37.43 -7.25 40.43
C VAL C 246 37.10 -7.57 38.97
N THR C 247 38.06 -8.10 38.23
CA THR C 247 37.83 -8.45 36.83
C THR C 247 36.62 -9.36 36.68
N LEU C 248 36.52 -10.38 37.53
CA LEU C 248 35.37 -11.27 37.52
C LEU C 248 34.10 -10.51 37.89
N GLY C 249 34.04 -10.03 39.14
CA GLY C 249 32.86 -9.36 39.65
C GLY C 249 32.31 -8.25 38.76
N VAL C 250 33.20 -7.53 38.09
CA VAL C 250 32.78 -6.41 37.25
C VAL C 250 32.31 -6.85 35.86
N THR C 251 33.01 -7.82 35.28
CA THR C 251 32.63 -8.34 33.97
C THR C 251 31.29 -9.05 34.02
N THR C 252 31.06 -9.82 35.09
CA THR C 252 29.79 -10.52 35.25
C THR C 252 28.66 -9.55 35.51
N LEU C 253 28.95 -8.45 36.19
CA LEU C 253 27.94 -7.42 36.46
C LEU C 253 27.58 -6.66 35.19
N LEU C 254 28.59 -6.27 34.43
CA LEU C 254 28.38 -5.57 33.17
C LEU C 254 27.59 -6.45 32.21
N THR C 255 28.04 -7.69 32.03
CA THR C 255 27.33 -8.65 31.17
C THR C 255 25.87 -8.80 31.60
N MET C 256 25.65 -8.85 32.91
CA MET C 256 24.31 -8.95 33.46
C MET C 256 23.44 -7.82 32.90
N THR C 257 23.99 -6.60 32.95
CA THR C 257 23.31 -5.44 32.42
C THR C 257 22.92 -5.62 30.95
N ALA C 258 23.93 -5.90 30.12
CA ALA C 258 23.69 -6.12 28.70
C ALA C 258 22.55 -7.11 28.49
N GLN C 259 22.64 -8.28 29.12
CA GLN C 259 21.63 -9.31 28.96
C GLN C 259 20.23 -8.77 29.23
N SER C 260 20.07 -8.05 30.33
CA SER C 260 18.77 -7.49 30.68
C SER C 260 18.30 -6.47 29.64
N ALA C 261 19.23 -5.63 29.17
CA ALA C 261 18.93 -4.67 28.13
C ALA C 261 18.33 -5.36 26.93
N GLY C 262 18.85 -6.55 26.62
CA GLY C 262 18.32 -7.35 25.52
C GLY C 262 16.86 -7.70 25.71
N ILE C 263 16.55 -8.38 26.81
CA ILE C 263 15.18 -8.77 27.11
C ILE C 263 14.26 -7.56 27.15
N ASN C 264 14.67 -6.54 27.89
CA ASN C 264 13.85 -5.34 28.09
C ASN C 264 13.59 -4.53 26.83
N SER C 265 14.39 -4.74 25.79
CA SER C 265 14.23 -3.98 24.55
C SER C 265 13.04 -4.46 23.72
N GLN C 266 12.67 -5.72 23.89
CA GLN C 266 11.56 -6.30 23.14
C GLN C 266 10.22 -6.04 23.83
N LEU C 267 10.26 -5.33 24.95
CA LEU C 267 9.05 -5.08 25.74
C LEU C 267 8.65 -3.61 25.71
N PRO C 268 7.33 -3.35 25.81
CA PRO C 268 6.84 -1.97 25.88
C PRO C 268 7.01 -1.45 27.29
N PRO C 269 7.34 -0.16 27.44
CA PRO C 269 7.42 0.40 28.79
C PRO C 269 6.06 0.34 29.47
N VAL C 270 6.01 -0.24 30.67
CA VAL C 270 4.76 -0.36 31.41
C VAL C 270 4.83 0.43 32.70
N SER C 271 3.77 0.32 33.50
CA SER C 271 3.70 1.07 34.75
C SER C 271 3.83 0.19 35.98
N TYR C 272 4.07 -1.11 35.76
CA TYR C 272 4.18 -2.06 36.85
C TYR C 272 5.50 -2.80 36.86
N ILE C 273 5.80 -3.50 37.94
CA ILE C 273 7.03 -4.27 38.03
C ILE C 273 6.79 -5.71 37.59
N LYS C 274 7.48 -6.14 36.55
CA LYS C 274 7.33 -7.49 36.03
C LYS C 274 8.16 -8.49 36.83
N ALA C 275 7.77 -9.75 36.80
CA ALA C 275 8.51 -10.80 37.53
C ALA C 275 9.91 -10.95 36.94
N ILE C 276 10.05 -10.60 35.67
CA ILE C 276 11.36 -10.59 35.02
C ILE C 276 12.27 -9.59 35.70
N ASP C 277 11.69 -8.49 36.17
CA ASP C 277 12.44 -7.43 36.83
C ASP C 277 12.96 -7.90 38.17
N VAL C 278 12.12 -8.60 38.92
CA VAL C 278 12.50 -9.13 40.22
C VAL C 278 13.66 -10.10 40.09
N TRP C 279 13.71 -10.83 38.97
CA TRP C 279 14.75 -11.84 38.81
C TRP C 279 16.07 -11.26 38.35
N ILE C 280 16.03 -10.33 37.39
CA ILE C 280 17.24 -9.63 36.97
C ILE C 280 17.81 -8.85 38.15
N GLY C 281 16.93 -8.12 38.84
CA GLY C 281 17.33 -7.28 39.95
C GLY C 281 18.03 -8.03 41.06
N ALA C 282 17.54 -9.24 41.34
CA ALA C 282 18.11 -10.06 42.41
C ALA C 282 19.51 -10.53 42.05
N CYS C 283 19.63 -11.13 40.87
CA CYS C 283 20.93 -11.60 40.40
C CYS C 283 21.92 -10.45 40.38
N MET C 284 21.44 -9.29 39.98
CA MET C 284 22.25 -8.07 39.96
C MET C 284 22.85 -7.82 41.34
N THR C 285 22.04 -8.03 42.38
CA THR C 285 22.46 -7.78 43.75
C THR C 285 23.51 -8.78 44.22
N PHE C 286 23.29 -10.05 43.93
CA PHE C 286 24.25 -11.11 44.30
C PHE C 286 25.64 -10.82 43.73
N ILE C 287 25.69 -10.24 42.53
CA ILE C 287 26.96 -9.89 41.92
C ILE C 287 27.50 -8.61 42.52
N PHE C 288 26.59 -7.70 42.87
CA PHE C 288 26.98 -6.43 43.49
C PHE C 288 27.55 -6.66 44.89
N CYS C 289 26.98 -7.60 45.62
CA CYS C 289 27.45 -7.93 46.96
C CYS C 289 28.75 -8.71 46.91
N ALA C 290 28.99 -9.40 45.80
CA ALA C 290 30.27 -10.07 45.59
C ALA C 290 31.39 -9.04 45.55
N LEU C 291 31.22 -8.01 44.72
CA LEU C 291 32.18 -6.92 44.65
C LEU C 291 32.36 -6.30 46.03
N LEU C 292 31.25 -5.97 46.68
CA LEU C 292 31.28 -5.39 48.00
C LEU C 292 32.15 -6.22 48.94
N GLU C 293 31.98 -7.54 48.86
CA GLU C 293 32.74 -8.46 49.69
C GLU C 293 34.24 -8.32 49.40
N PHE C 294 34.60 -8.25 48.12
CA PHE C 294 35.99 -8.09 47.73
C PHE C 294 36.60 -6.88 48.43
N ALA C 295 35.91 -5.76 48.39
CA ALA C 295 36.38 -4.54 49.04
C ALA C 295 36.52 -4.72 50.54
N LEU C 296 35.49 -5.27 51.17
CA LEU C 296 35.52 -5.53 52.61
C LEU C 296 36.70 -6.42 52.98
N VAL C 297 36.86 -7.52 52.26
CA VAL C 297 37.95 -8.46 52.53
C VAL C 297 39.32 -7.82 52.34
N ASN C 298 39.51 -7.21 51.17
CA ASN C 298 40.78 -6.58 50.84
C ASN C 298 41.13 -5.44 51.79
N HIS C 299 40.12 -4.73 52.28
CA HIS C 299 40.34 -3.57 53.15
C HIS C 299 40.82 -3.96 54.55
N ILE C 300 40.13 -4.91 55.17
CA ILE C 300 40.51 -5.38 56.50
C ILE C 300 41.68 -6.36 56.44
N ALA C 301 42.13 -6.65 55.22
CA ALA C 301 43.25 -7.57 55.03
C ALA C 301 44.59 -6.88 55.20
N ASN C 302 44.76 -5.75 54.52
CA ASN C 302 46.02 -5.01 54.59
C ASN C 302 46.25 -4.32 55.93
N ALA C 303 45.20 -4.21 56.74
CA ALA C 303 45.34 -3.65 58.09
C ALA C 303 46.42 -4.40 58.85
N GLY C 304 47.39 -3.67 59.39
CA GLY C 304 48.55 -4.25 60.02
C GLY C 304 48.31 -5.44 60.94
N THR C 305 47.40 -5.28 61.90
CA THR C 305 47.18 -6.28 62.93
C THR C 305 46.63 -7.59 62.37
N THR C 306 47.11 -8.71 62.92
CA THR C 306 46.63 -10.02 62.51
C THR C 306 45.21 -10.27 63.00
N GLU C 307 44.71 -9.34 63.82
CA GLU C 307 43.35 -9.42 64.33
C GLU C 307 42.33 -9.34 63.20
N TRP C 308 42.55 -8.38 62.30
CA TRP C 308 41.66 -8.19 61.17
C TRP C 308 41.99 -9.18 60.05
N ASN C 309 43.27 -9.53 59.93
CA ASN C 309 43.71 -10.40 58.84
C ASN C 309 42.97 -11.73 58.80
N ASP C 310 42.90 -12.43 59.93
CA ASP C 310 42.20 -13.72 59.97
C ASP C 310 40.69 -13.54 59.87
N ILE C 311 40.20 -12.35 60.21
CA ILE C 311 38.80 -12.00 59.99
C ILE C 311 38.54 -11.94 58.49
N SER C 312 39.47 -11.31 57.77
CA SER C 312 39.41 -11.25 56.32
C SER C 312 39.24 -12.66 55.76
N LYS C 313 40.07 -13.58 56.25
CA LYS C 313 40.00 -14.97 55.83
C LYS C 313 38.64 -15.58 56.17
N ARG C 314 38.12 -15.20 57.32
CA ARG C 314 36.84 -15.74 57.80
C ARG C 314 35.68 -15.33 56.90
N VAL C 315 35.75 -14.11 56.38
CA VAL C 315 34.71 -13.58 55.51
C VAL C 315 34.62 -14.38 54.22
N ASP C 316 35.76 -14.80 53.69
CA ASP C 316 35.77 -15.62 52.49
C ASP C 316 35.14 -16.98 52.75
N LEU C 317 35.60 -17.64 53.80
CA LEU C 317 35.06 -18.95 54.16
C LEU C 317 33.54 -18.92 54.25
N ILE C 318 33.01 -17.89 54.90
CA ILE C 318 31.57 -17.74 55.04
C ILE C 318 30.89 -17.43 53.71
N SER C 319 31.51 -16.58 52.90
CA SER C 319 30.95 -16.21 51.60
C SER C 319 30.84 -17.42 50.67
N ARG C 320 31.89 -18.23 50.65
CA ARG C 320 31.95 -19.39 49.77
C ARG C 320 30.75 -20.31 49.94
N ALA C 321 30.08 -20.19 51.08
CA ALA C 321 28.91 -21.02 51.37
C ALA C 321 27.63 -20.20 51.48
N LEU C 322 27.72 -19.03 52.10
CA LEU C 322 26.56 -18.20 52.33
C LEU C 322 25.90 -17.74 51.03
N PHE C 323 26.72 -17.27 50.08
CA PHE C 323 26.21 -16.81 48.79
C PHE C 323 25.39 -17.90 48.09
N PRO C 324 26.00 -19.06 47.81
CA PRO C 324 25.25 -20.15 47.19
C PRO C 324 23.97 -20.47 47.95
N VAL C 325 24.08 -20.69 49.26
CA VAL C 325 22.89 -20.99 50.06
C VAL C 325 21.81 -19.93 49.89
N LEU C 326 22.19 -18.67 50.02
CA LEU C 326 21.23 -17.57 49.88
C LEU C 326 20.62 -17.49 48.48
N PHE C 327 21.45 -17.70 47.46
CA PHE C 327 20.96 -17.67 46.08
C PHE C 327 19.99 -18.82 45.83
N PHE C 328 20.27 -19.97 46.43
CA PHE C 328 19.39 -21.12 46.33
C PHE C 328 18.08 -20.83 47.03
N VAL C 329 18.16 -20.20 48.19
CA VAL C 329 16.98 -19.79 48.94
C VAL C 329 16.14 -18.83 48.10
N PHE C 330 16.82 -17.90 47.44
CA PHE C 330 16.12 -16.95 46.58
C PHE C 330 15.34 -17.68 45.48
N ASN C 331 16.04 -18.51 44.71
CA ASN C 331 15.39 -19.28 43.66
C ASN C 331 14.12 -19.94 44.16
N ILE C 332 14.21 -20.59 45.32
CA ILE C 332 13.06 -21.29 45.90
C ILE C 332 11.90 -20.33 46.12
N LEU C 333 12.16 -19.18 46.73
CA LEU C 333 11.12 -18.19 46.93
C LEU C 333 10.60 -17.67 45.59
N TYR C 334 11.52 -17.35 44.69
CA TYR C 334 11.16 -16.76 43.40
C TYR C 334 10.24 -17.68 42.58
N TRP C 335 10.64 -18.93 42.43
CA TRP C 335 9.90 -19.85 41.57
C TRP C 335 8.55 -20.26 42.16
N SER C 336 8.48 -20.31 43.48
CA SER C 336 7.22 -20.64 44.14
C SER C 336 6.26 -19.45 44.02
N ARG C 337 6.82 -18.28 43.79
CA ARG C 337 6.04 -17.06 43.71
C ARG C 337 5.53 -16.77 42.30
N PHE C 338 6.28 -17.21 41.29
CA PHE C 338 5.98 -16.85 39.91
C PHE C 338 5.79 -18.04 38.98
N GLY C 339 6.18 -19.23 39.43
CA GLY C 339 6.02 -20.44 38.66
C GLY C 339 4.59 -20.94 38.62
N SER D 1 -42.90 -0.37 4.20
CA SER D 1 -42.91 0.71 5.19
C SER D 1 -41.65 1.56 5.06
N ASP D 2 -40.55 1.11 5.65
CA ASP D 2 -39.29 1.83 5.55
C ASP D 2 -38.86 2.04 4.10
N SER D 3 -38.86 0.95 3.33
CA SER D 3 -38.50 1.02 1.93
C SER D 3 -39.40 1.98 1.16
N LYS D 4 -40.65 2.08 1.58
CA LYS D 4 -41.63 2.97 0.96
C LYS D 4 -41.36 4.42 1.34
N ILE D 5 -41.04 4.64 2.61
CA ILE D 5 -40.72 5.98 3.12
C ILE D 5 -39.49 6.54 2.40
N LEU D 6 -38.48 5.70 2.23
CA LEU D 6 -37.28 6.09 1.51
C LEU D 6 -37.63 6.44 0.07
N ALA D 7 -38.40 5.55 -0.57
CA ALA D 7 -38.81 5.78 -1.94
C ALA D 7 -39.49 7.13 -2.12
N HIS D 8 -40.37 7.47 -1.18
CA HIS D 8 -41.12 8.73 -1.23
C HIS D 8 -40.18 9.94 -1.22
N LEU D 9 -39.12 9.86 -0.44
CA LEU D 9 -38.19 10.97 -0.27
C LEU D 9 -37.37 11.24 -1.53
N PHE D 10 -37.04 10.19 -2.27
CA PHE D 10 -36.14 10.33 -3.42
C PHE D 10 -36.86 10.26 -4.76
N THR D 11 -38.15 9.93 -4.75
CA THR D 11 -38.93 9.92 -5.98
C THR D 11 -39.13 11.34 -6.47
N SER D 12 -39.26 12.28 -5.54
CA SER D 12 -39.33 13.70 -5.86
C SER D 12 -37.95 14.16 -6.30
N GLY D 13 -37.83 15.45 -6.61
CA GLY D 13 -36.55 16.00 -7.02
C GLY D 13 -35.64 16.29 -5.84
N TYR D 14 -34.67 15.42 -5.62
CA TYR D 14 -33.71 15.60 -4.53
C TYR D 14 -32.28 15.52 -5.03
N ASP D 15 -31.48 16.52 -4.66
CA ASP D 15 -30.10 16.60 -5.15
C ASP D 15 -29.11 16.54 -3.99
N PHE D 16 -28.37 15.43 -3.90
CA PHE D 16 -27.40 15.24 -2.84
C PHE D 16 -26.22 16.19 -2.98
N ARG D 17 -26.18 16.91 -4.09
CA ARG D 17 -25.11 17.86 -4.36
C ARG D 17 -25.48 19.22 -3.82
N VAL D 18 -26.77 19.43 -3.61
CA VAL D 18 -27.28 20.69 -3.10
C VAL D 18 -27.32 20.68 -1.58
N ARG D 19 -26.70 21.69 -0.98
CA ARG D 19 -26.72 21.87 0.46
C ARG D 19 -28.16 21.96 0.95
N PRO D 20 -28.44 21.42 2.16
CA PRO D 20 -29.77 21.53 2.75
C PRO D 20 -30.17 22.98 2.96
N PRO D 21 -31.43 23.32 2.65
CA PRO D 21 -31.95 24.68 2.82
C PRO D 21 -32.05 25.08 4.29
N THR D 22 -32.07 26.37 4.56
CA THR D 22 -32.21 26.87 5.92
C THR D 22 -33.31 27.93 5.99
N ASP D 23 -33.83 28.15 7.19
CA ASP D 23 -34.93 29.09 7.38
C ASP D 23 -34.52 30.54 7.14
N ASN D 24 -33.32 30.90 7.60
CA ASN D 24 -32.84 32.27 7.45
C ASN D 24 -31.67 32.39 6.48
N GLY D 25 -31.43 31.33 5.71
CA GLY D 25 -30.31 31.29 4.79
C GLY D 25 -29.00 31.01 5.50
N GLY D 26 -29.10 30.80 6.81
CA GLY D 26 -27.94 30.50 7.63
C GLY D 26 -27.21 29.26 7.16
N PRO D 27 -26.09 28.94 7.83
CA PRO D 27 -25.30 27.77 7.46
C PRO D 27 -25.89 26.50 8.07
N VAL D 28 -25.67 25.37 7.40
CA VAL D 28 -26.07 24.08 7.95
C VAL D 28 -25.24 23.82 9.21
N VAL D 29 -25.91 23.62 10.33
CA VAL D 29 -25.19 23.37 11.58
C VAL D 29 -24.99 21.88 11.79
N VAL D 30 -23.74 21.45 11.83
CA VAL D 30 -23.39 20.05 12.03
C VAL D 30 -22.89 19.79 13.45
N SER D 31 -23.69 19.07 14.24
CA SER D 31 -23.27 18.71 15.58
C SER D 31 -22.38 17.47 15.52
N VAL D 32 -21.28 17.49 16.27
CA VAL D 32 -20.30 16.42 16.19
C VAL D 32 -20.06 15.69 17.51
N ASN D 33 -20.12 14.37 17.47
CA ASN D 33 -19.73 13.52 18.57
C ASN D 33 -18.53 12.69 18.13
N MET D 34 -17.67 12.34 19.08
CA MET D 34 -16.45 11.61 18.76
C MET D 34 -16.13 10.57 19.83
N LEU D 35 -15.95 9.33 19.41
CA LEU D 35 -15.67 8.24 20.35
C LEU D 35 -14.33 7.58 20.03
N LEU D 36 -13.35 7.82 20.89
CA LEU D 36 -12.03 7.21 20.74
C LEU D 36 -12.06 5.76 21.19
N ARG D 37 -11.64 4.86 20.29
CA ARG D 37 -11.61 3.44 20.59
C ARG D 37 -10.25 3.01 21.10
N THR D 38 -9.21 3.40 20.36
CA THR D 38 -7.83 3.06 20.73
C THR D 38 -6.86 4.13 20.27
N ILE D 39 -5.90 4.45 21.12
CA ILE D 39 -4.82 5.37 20.79
C ILE D 39 -3.50 4.64 20.91
N SER D 40 -2.83 4.41 19.79
CA SER D 40 -1.67 3.53 19.76
C SER D 40 -0.52 4.09 18.93
N LYS D 41 0.62 3.39 18.98
CA LYS D 41 1.80 3.77 18.21
C LYS D 41 2.11 5.24 18.31
N ILE D 42 2.47 5.70 19.51
CA ILE D 42 2.82 7.10 19.74
C ILE D 42 4.29 7.35 19.41
N ASP D 43 4.55 7.68 18.16
CA ASP D 43 5.91 7.84 17.64
C ASP D 43 6.54 9.17 18.05
N VAL D 44 7.62 9.10 18.83
CA VAL D 44 8.29 10.30 19.29
C VAL D 44 9.29 10.84 18.27
N VAL D 45 9.84 9.94 17.47
CA VAL D 45 10.81 10.32 16.44
C VAL D 45 10.15 11.12 15.32
N ASN D 46 9.07 10.60 14.76
CA ASN D 46 8.34 11.27 13.70
C ASN D 46 7.24 12.17 14.26
N MET D 47 7.12 12.19 15.58
CA MET D 47 6.12 13.01 16.24
C MET D 47 4.75 12.87 15.60
N GLU D 48 4.17 11.69 15.77
CA GLU D 48 2.81 11.43 15.33
C GLU D 48 2.27 10.28 16.18
N TYR D 49 0.96 10.05 16.12
CA TYR D 49 0.37 8.94 16.84
C TYR D 49 -0.80 8.40 16.03
N SER D 50 -1.12 7.12 16.22
CA SER D 50 -2.28 6.55 15.57
C SER D 50 -3.46 6.53 16.53
N ALA D 51 -4.66 6.43 15.98
CA ALA D 51 -5.88 6.41 16.79
C ALA D 51 -7.07 5.99 15.94
N GLN D 52 -7.87 5.08 16.47
CA GLN D 52 -9.10 4.69 15.80
C GLN D 52 -10.31 5.22 16.56
N LEU D 53 -11.19 5.92 15.84
CA LEU D 53 -12.32 6.57 16.47
C LEU D 53 -13.59 6.35 15.68
N THR D 54 -14.72 6.68 16.30
CA THR D 54 -16.01 6.68 15.60
C THR D 54 -16.50 8.12 15.48
N LEU D 55 -16.58 8.61 14.25
CA LEU D 55 -17.10 9.94 13.99
C LEU D 55 -18.61 9.89 13.96
N ARG D 56 -19.26 10.88 14.55
CA ARG D 56 -20.71 10.94 14.57
C ARG D 56 -21.21 12.34 14.23
N GLU D 57 -21.78 12.50 13.04
CA GLU D 57 -22.24 13.80 12.59
C GLU D 57 -23.77 13.85 12.55
N SER D 58 -24.33 15.01 12.87
CA SER D 58 -25.77 15.18 12.91
C SER D 58 -26.20 16.57 12.47
N TRP D 59 -26.96 16.63 11.38
CA TRP D 59 -27.47 17.90 10.88
C TRP D 59 -28.93 17.77 10.48
N ILE D 60 -29.56 18.88 10.12
CA ILE D 60 -30.96 18.86 9.69
C ILE D 60 -31.11 19.08 8.19
N ASP D 61 -31.89 18.21 7.55
CA ASP D 61 -32.16 18.33 6.13
C ASP D 61 -33.65 18.21 5.92
N LYS D 62 -34.35 19.34 5.97
CA LYS D 62 -35.82 19.35 5.88
C LYS D 62 -36.34 18.55 4.70
N ARG D 63 -35.58 18.54 3.61
CA ARG D 63 -35.95 17.81 2.41
C ARG D 63 -36.15 16.33 2.70
N LEU D 64 -35.51 15.84 3.75
CA LEU D 64 -35.55 14.41 4.07
C LEU D 64 -36.62 14.04 5.08
N SER D 65 -37.31 15.04 5.62
CA SER D 65 -38.36 14.78 6.59
C SER D 65 -39.54 14.07 5.94
N TYR D 66 -39.97 12.97 6.54
CA TYR D 66 -41.04 12.15 5.99
C TYR D 66 -42.18 12.05 7.00
N GLY D 67 -41.81 11.84 8.26
CA GLY D 67 -42.79 11.69 9.32
C GLY D 67 -43.18 13.02 9.89
N VAL D 68 -42.31 14.01 9.76
CA VAL D 68 -42.54 15.33 10.34
C VAL D 68 -42.87 15.16 11.82
N LYS D 69 -44.10 15.52 12.21
CA LYS D 69 -44.55 15.27 13.58
C LYS D 69 -44.61 13.76 13.82
N GLY D 70 -45.01 13.03 12.78
CA GLY D 70 -45.04 11.59 12.81
C GLY D 70 -46.01 11.05 13.85
N ASP D 71 -45.48 10.37 14.85
CA ASP D 71 -46.28 9.84 15.93
C ASP D 71 -47.29 8.81 15.43
N GLY D 72 -47.28 8.57 14.13
CA GLY D 72 -47.99 7.47 13.52
C GLY D 72 -46.99 6.59 12.78
N GLN D 73 -45.79 7.13 12.56
CA GLN D 73 -44.76 6.47 11.78
C GLN D 73 -43.50 6.16 12.59
N PRO D 74 -42.55 5.41 12.00
CA PRO D 74 -41.29 5.08 12.69
C PRO D 74 -40.48 6.36 12.97
N ASP D 75 -39.86 6.42 14.14
CA ASP D 75 -39.13 7.61 14.54
C ASP D 75 -38.07 8.00 13.51
N PHE D 76 -37.27 7.02 13.10
CA PHE D 76 -36.27 7.22 12.06
C PHE D 76 -36.24 6.04 11.12
N VAL D 77 -35.86 6.28 9.88
CA VAL D 77 -35.72 5.20 8.91
C VAL D 77 -34.24 5.07 8.56
N ILE D 78 -33.72 3.84 8.61
CA ILE D 78 -32.33 3.60 8.26
C ILE D 78 -32.11 3.77 6.77
N LEU D 79 -31.15 4.61 6.40
CA LEU D 79 -30.83 4.84 4.99
C LEU D 79 -30.17 3.61 4.42
N THR D 80 -30.79 3.01 3.40
CA THR D 80 -30.25 1.82 2.75
C THR D 80 -29.34 2.21 1.59
N VAL D 81 -28.59 1.23 1.09
CA VAL D 81 -27.66 1.47 -0.01
C VAL D 81 -28.39 1.90 -1.28
N GLY D 82 -27.81 2.84 -2.02
CA GLY D 82 -28.39 3.28 -3.27
C GLY D 82 -29.19 4.56 -3.17
N HIS D 83 -29.14 5.19 -2.00
CA HIS D 83 -29.82 6.47 -1.80
C HIS D 83 -28.80 7.54 -1.39
N GLN D 84 -28.56 8.48 -2.28
CA GLN D 84 -27.60 9.55 -2.02
C GLN D 84 -28.18 10.62 -1.11
N ILE D 85 -27.34 11.18 -0.25
CA ILE D 85 -27.74 12.24 0.67
C ILE D 85 -26.62 13.24 0.85
N TRP D 86 -26.95 14.53 0.83
CA TRP D 86 -25.93 15.55 1.09
C TRP D 86 -25.28 15.30 2.43
N MET D 87 -23.95 15.28 2.45
CA MET D 87 -23.21 15.09 3.68
C MET D 87 -22.07 16.10 3.79
N PRO D 88 -21.80 16.57 5.01
CA PRO D 88 -20.68 17.49 5.25
C PRO D 88 -19.37 16.86 4.76
N ASP D 89 -18.67 17.53 3.87
CA ASP D 89 -17.41 16.98 3.34
C ASP D 89 -16.26 17.17 4.33
N THR D 90 -16.48 16.73 5.57
CA THR D 90 -15.50 16.86 6.63
C THR D 90 -14.22 16.08 6.36
N PHE D 91 -13.09 16.65 6.78
CA PHE D 91 -11.81 15.98 6.70
C PHE D 91 -11.02 16.31 7.95
N PHE D 92 -9.92 15.59 8.17
CA PHE D 92 -9.09 15.82 9.35
C PHE D 92 -7.80 16.54 8.98
N PRO D 93 -7.77 17.87 9.16
CA PRO D 93 -6.63 18.71 8.76
C PRO D 93 -5.26 18.16 9.15
N ASN D 94 -5.11 17.61 10.35
CA ASN D 94 -3.81 17.11 10.79
C ASN D 94 -3.65 15.60 10.62
N GLU D 95 -4.47 15.01 9.76
CA GLU D 95 -4.36 13.59 9.44
C GLU D 95 -3.31 13.39 8.36
N LYS D 96 -2.37 12.48 8.61
CA LYS D 96 -1.34 12.16 7.62
C LYS D 96 -1.72 10.90 6.84
N GLN D 97 -2.51 10.05 7.48
CA GLN D 97 -3.00 8.82 6.85
C GLN D 97 -4.36 8.49 7.47
N ALA D 98 -5.25 7.92 6.68
CA ALA D 98 -6.60 7.61 7.17
C ALA D 98 -7.28 6.48 6.39
N TYR D 99 -7.95 5.59 7.12
CA TYR D 99 -8.65 4.48 6.48
C TYR D 99 -10.06 4.37 7.05
N LYS D 100 -11.01 4.01 6.19
CA LYS D 100 -12.35 3.65 6.64
C LYS D 100 -12.39 2.13 6.74
N HIS D 101 -13.18 1.59 7.66
CA HIS D 101 -13.29 0.15 7.81
C HIS D 101 -14.44 -0.38 6.96
N THR D 102 -14.13 -1.37 6.13
CA THR D 102 -15.08 -1.87 5.15
C THR D 102 -15.18 -3.39 5.18
N ILE D 103 -14.68 -4.02 6.24
CA ILE D 103 -14.78 -5.47 6.35
C ILE D 103 -16.23 -5.92 6.26
N ASP D 104 -16.50 -6.88 5.37
CA ASP D 104 -17.86 -7.27 5.07
C ASP D 104 -18.56 -6.02 4.55
N LYS D 105 -19.71 -5.70 5.15
CA LYS D 105 -20.36 -4.45 4.83
C LYS D 105 -19.55 -3.31 5.45
N PRO D 106 -19.45 -2.20 4.73
CA PRO D 106 -18.78 -0.98 5.23
C PRO D 106 -19.31 -0.59 6.60
N ASN D 107 -18.43 -0.09 7.47
CA ASN D 107 -18.82 0.29 8.82
C ASN D 107 -19.40 1.69 8.88
N VAL D 108 -20.61 1.86 8.35
CA VAL D 108 -21.29 3.14 8.43
C VAL D 108 -22.74 2.95 8.84
N LEU D 109 -23.33 4.04 9.31
CA LEU D 109 -24.74 4.04 9.70
C LEU D 109 -25.30 5.43 9.40
N ILE D 110 -26.41 5.47 8.68
CA ILE D 110 -27.09 6.74 8.43
C ILE D 110 -28.55 6.62 8.77
N ARG D 111 -29.02 7.47 9.68
CA ARG D 111 -30.42 7.50 10.06
C ARG D 111 -31.08 8.80 9.61
N ILE D 112 -32.29 8.69 9.07
CA ILE D 112 -33.04 9.86 8.66
C ILE D 112 -34.29 9.98 9.52
N HIS D 113 -34.19 10.73 10.62
CA HIS D 113 -35.32 10.93 11.52
C HIS D 113 -36.47 11.61 10.79
N ASN D 114 -37.68 11.43 11.30
CA ASN D 114 -38.88 11.96 10.68
C ASN D 114 -38.85 13.46 10.44
N ASP D 115 -38.27 14.21 11.36
CA ASP D 115 -38.22 15.66 11.25
C ASP D 115 -37.18 16.14 10.25
N GLY D 116 -36.38 15.22 9.74
CA GLY D 116 -35.36 15.54 8.77
C GLY D 116 -33.96 15.56 9.37
N THR D 117 -33.86 15.22 10.65
CA THR D 117 -32.58 15.15 11.31
C THR D 117 -31.82 13.89 10.88
N VAL D 118 -30.58 14.07 10.44
CA VAL D 118 -29.76 12.97 9.95
C VAL D 118 -28.68 12.60 10.96
N LEU D 119 -28.50 11.30 11.20
CA LEU D 119 -27.38 10.84 11.99
C LEU D 119 -26.40 10.09 11.11
N TYR D 120 -25.12 10.36 11.29
CA TYR D 120 -24.07 9.73 10.51
C TYR D 120 -22.99 9.19 11.42
N SER D 121 -22.72 7.89 11.33
CA SER D 121 -21.72 7.24 12.17
C SER D 121 -20.78 6.40 11.33
N VAL D 122 -19.48 6.57 11.56
CA VAL D 122 -18.48 5.87 10.75
C VAL D 122 -17.22 5.60 11.55
N ARG D 123 -16.65 4.40 11.39
CA ARG D 123 -15.36 4.08 11.99
C ARG D 123 -14.27 4.60 11.08
N ILE D 124 -13.25 5.17 11.69
CA ILE D 124 -12.13 5.72 10.95
C ILE D 124 -10.84 5.48 11.72
N SER D 125 -9.84 4.93 11.04
CA SER D 125 -8.51 4.82 11.62
C SER D 125 -7.66 5.97 11.11
N LEU D 126 -6.94 6.63 12.00
CA LEU D 126 -6.15 7.79 11.62
C LEU D 126 -4.70 7.67 12.06
N VAL D 127 -3.83 8.37 11.35
CA VAL D 127 -2.47 8.62 11.80
C VAL D 127 -2.25 10.13 11.80
N LEU D 128 -2.27 10.72 12.99
CA LEU D 128 -2.23 12.16 13.13
C LEU D 128 -0.84 12.63 13.52
N SER D 129 -0.49 13.86 13.13
CA SER D 129 0.77 14.45 13.57
C SER D 129 0.57 15.15 14.90
N CYS D 130 1.49 14.91 15.83
CA CYS D 130 1.41 15.49 17.17
C CYS D 130 2.78 16.00 17.57
N PRO D 131 3.05 17.29 17.30
CA PRO D 131 4.34 17.88 17.68
C PRO D 131 4.57 17.71 19.18
N MET D 132 5.70 17.12 19.54
CA MET D 132 6.01 16.83 20.93
C MET D 132 7.19 17.66 21.43
N TYR D 133 7.22 17.89 22.73
CA TYR D 133 8.24 18.73 23.35
C TYR D 133 8.91 17.97 24.49
N LEU D 134 10.18 17.61 24.29
CA LEU D 134 10.87 16.68 25.17
C LEU D 134 11.77 17.34 26.21
N GLN D 135 11.49 18.60 26.55
CA GLN D 135 12.32 19.34 27.50
C GLN D 135 12.51 18.58 28.82
N TYR D 136 11.44 17.92 29.27
CA TYR D 136 11.51 17.10 30.48
C TYR D 136 11.31 15.63 30.14
N TYR D 137 11.92 15.21 29.02
CA TYR D 137 11.56 13.96 28.36
C TYR D 137 11.18 12.77 29.24
N PRO D 138 12.05 12.39 30.19
CA PRO D 138 11.71 11.23 31.01
C PRO D 138 10.36 11.42 31.69
N MET D 139 10.15 12.61 32.26
CA MET D 139 8.90 12.94 32.95
C MET D 139 8.15 14.06 32.25
N ASP D 140 7.67 13.80 31.03
CA ASP D 140 6.96 14.84 30.27
C ASP D 140 5.47 14.55 30.11
N VAL D 141 4.74 15.55 29.63
CA VAL D 141 3.37 15.35 29.19
C VAL D 141 3.20 15.96 27.81
N GLN D 142 2.63 15.18 26.90
CA GLN D 142 2.35 15.66 25.56
C GLN D 142 0.86 15.87 25.40
N GLN D 143 0.49 16.72 24.46
CA GLN D 143 -0.92 16.93 24.14
C GLN D 143 -1.16 16.71 22.65
N CYS D 144 -1.90 15.66 22.33
CA CYS D 144 -2.16 15.33 20.95
C CYS D 144 -3.60 15.67 20.61
N SER D 145 -3.83 16.08 19.37
CA SER D 145 -5.14 16.56 18.97
C SER D 145 -5.63 15.92 17.68
N ILE D 146 -6.94 15.98 17.48
CA ILE D 146 -7.57 15.59 16.23
C ILE D 146 -8.37 16.78 15.75
N ASP D 147 -8.06 17.28 14.56
CA ASP D 147 -8.79 18.41 14.01
C ASP D 147 -9.79 17.96 12.95
N LEU D 148 -10.98 18.55 13.02
CA LEU D 148 -12.07 18.18 12.12
C LEU D 148 -12.64 19.46 11.53
N ALA D 149 -12.80 19.49 10.22
CA ALA D 149 -13.32 20.68 9.54
C ALA D 149 -13.77 20.38 8.13
N SER D 150 -14.58 21.28 7.58
CA SER D 150 -15.06 21.13 6.20
C SER D 150 -13.98 21.56 5.22
N TYR D 151 -13.96 20.95 4.04
CA TYR D 151 -12.93 21.28 3.06
C TYR D 151 -13.36 22.32 2.03
N ALA D 152 -14.56 22.13 1.48
CA ALA D 152 -15.02 22.99 0.41
C ALA D 152 -15.99 24.06 0.91
N TYR D 153 -16.82 23.70 1.88
CA TYR D 153 -17.82 24.61 2.39
C TYR D 153 -17.26 25.57 3.42
N THR D 154 -17.55 26.85 3.22
CA THR D 154 -17.02 27.90 4.08
C THR D 154 -17.94 28.13 5.29
N THR D 155 -17.75 29.26 5.96
CA THR D 155 -18.48 29.53 7.19
C THR D 155 -19.94 29.90 6.95
N LYS D 156 -20.29 30.17 5.70
CA LYS D 156 -21.65 30.60 5.37
C LYS D 156 -22.54 29.40 5.05
N ASP D 157 -21.91 28.26 4.79
CA ASP D 157 -22.64 27.07 4.36
C ASP D 157 -22.69 25.97 5.42
N ILE D 158 -21.64 25.88 6.22
CA ILE D 158 -21.53 24.79 7.18
C ILE D 158 -20.77 25.22 8.43
N GLU D 159 -21.34 24.93 9.59
CA GLU D 159 -20.73 25.34 10.85
C GLU D 159 -20.70 24.16 11.82
N TYR D 160 -19.52 23.83 12.34
CA TYR D 160 -19.41 22.71 13.27
C TYR D 160 -19.56 23.16 14.72
N LEU D 161 -20.17 22.30 15.51
CA LEU D 161 -20.35 22.53 16.94
C LEU D 161 -20.29 21.19 17.63
N TRP D 162 -19.54 21.15 18.73
CA TRP D 162 -19.48 19.93 19.52
C TRP D 162 -20.83 19.64 20.16
N LYS D 163 -21.20 18.36 20.19
CA LYS D 163 -22.45 17.96 20.83
C LYS D 163 -22.50 18.61 22.21
N GLU D 164 -23.71 18.95 22.66
CA GLU D 164 -23.84 19.67 23.92
C GLU D 164 -23.42 18.81 25.11
N HIS D 165 -23.85 17.56 25.11
CA HIS D 165 -23.53 16.65 26.22
C HIS D 165 -22.54 15.57 25.78
N SER D 166 -21.47 15.42 26.56
CA SER D 166 -20.39 14.46 26.27
C SER D 166 -20.02 14.39 24.79
N PRO D 167 -19.33 15.43 24.30
CA PRO D 167 -18.91 15.54 22.90
C PRO D 167 -17.83 14.52 22.59
N LEU D 168 -16.94 14.29 23.53
CA LEU D 168 -15.88 13.30 23.37
C LEU D 168 -16.09 12.18 24.38
N GLN D 169 -16.10 10.94 23.89
CA GLN D 169 -16.23 9.78 24.75
C GLN D 169 -15.08 8.82 24.49
N LEU D 170 -14.69 8.06 25.50
CA LEU D 170 -13.64 7.06 25.36
C LEU D 170 -14.21 5.68 25.58
N LYS D 171 -13.75 4.71 24.79
CA LYS D 171 -14.14 3.32 25.02
C LYS D 171 -13.47 2.82 26.29
N VAL D 172 -14.09 1.86 26.97
CA VAL D 172 -13.61 1.42 28.27
C VAL D 172 -12.22 0.77 28.18
N GLY D 173 -11.97 0.04 27.11
CA GLY D 173 -10.70 -0.62 26.93
C GLY D 173 -9.71 0.20 26.11
N LEU D 174 -9.53 1.47 26.48
CA LEU D 174 -8.60 2.34 25.79
C LEU D 174 -7.28 2.46 26.56
N SER D 175 -7.38 2.76 27.85
CA SER D 175 -6.20 2.92 28.69
C SER D 175 -5.43 1.61 28.82
N SER D 176 -6.13 0.49 28.66
CA SER D 176 -5.51 -0.83 28.77
C SER D 176 -4.74 -1.20 27.52
N SER D 177 -5.09 -0.56 26.41
CA SER D 177 -4.39 -0.77 25.15
C SER D 177 -3.31 0.29 24.97
N LEU D 178 -3.15 1.12 26.00
CA LEU D 178 -2.14 2.19 26.01
C LEU D 178 -1.27 2.01 27.24
N PRO D 179 -0.26 1.14 27.15
CA PRO D 179 0.54 0.72 28.30
C PRO D 179 1.61 1.75 28.70
N SER D 180 2.15 2.47 27.72
CA SER D 180 3.29 3.34 27.96
C SER D 180 2.91 4.71 28.52
N PHE D 181 1.65 5.11 28.32
CA PHE D 181 1.19 6.41 28.80
C PHE D 181 -0.06 6.30 29.66
N GLN D 182 -0.46 7.43 30.22
CA GLN D 182 -1.68 7.54 31.01
C GLN D 182 -2.48 8.73 30.52
N LEU D 183 -3.65 8.46 29.92
CA LEU D 183 -4.48 9.51 29.34
C LEU D 183 -5.19 10.30 30.43
N THR D 184 -4.51 11.32 30.94
CA THR D 184 -4.95 12.06 32.12
C THR D 184 -6.15 12.99 31.87
N ASN D 185 -6.09 13.77 30.80
CA ASN D 185 -7.12 14.77 30.55
C ASN D 185 -7.51 14.85 29.07
N THR D 186 -8.76 15.23 28.80
CA THR D 186 -9.20 15.51 27.43
C THR D 186 -10.00 16.80 27.35
N SER D 187 -9.95 17.47 26.21
CA SER D 187 -10.66 18.73 26.01
C SER D 187 -11.29 18.82 24.63
N THR D 188 -12.37 19.59 24.54
CA THR D 188 -13.09 19.73 23.29
C THR D 188 -13.20 21.22 22.93
N THR D 189 -12.58 21.60 21.82
CA THR D 189 -12.39 23.03 21.50
C THR D 189 -12.67 23.34 20.03
N TYR D 190 -12.63 24.63 19.69
CA TYR D 190 -12.82 25.09 18.32
C TYR D 190 -11.53 25.68 17.75
N CYS D 191 -11.28 25.42 16.47
CA CYS D 191 -10.05 25.86 15.81
C CYS D 191 -10.33 26.55 14.48
N THR D 192 -11.54 27.09 14.35
CA THR D 192 -11.92 27.83 13.16
C THR D 192 -10.84 28.83 12.80
N SER D 193 -10.50 28.91 11.52
CA SER D 193 -9.42 29.78 11.07
C SER D 193 -9.80 30.53 9.80
N VAL D 194 -9.12 31.65 9.57
CA VAL D 194 -9.33 32.43 8.35
C VAL D 194 -8.17 32.21 7.37
N THR D 195 -8.49 31.58 6.24
CA THR D 195 -7.50 31.25 5.22
C THR D 195 -7.64 32.13 3.98
N ASN D 196 -6.83 31.87 2.97
CA ASN D 196 -6.88 32.65 1.75
C ASN D 196 -8.10 32.30 0.89
N THR D 197 -8.65 31.11 1.07
CA THR D 197 -9.83 30.69 0.33
C THR D 197 -11.12 30.98 1.10
N GLY D 198 -10.99 31.46 2.33
CA GLY D 198 -12.15 31.82 3.14
C GLY D 198 -12.02 31.46 4.61
N ILE D 199 -13.11 31.65 5.35
CA ILE D 199 -13.13 31.31 6.77
C ILE D 199 -13.82 29.96 7.02
N TYR D 200 -13.05 28.98 7.51
CA TYR D 200 -13.57 27.62 7.67
C TYR D 200 -13.78 27.22 9.13
N SER D 201 -14.95 26.67 9.43
CA SER D 201 -15.27 26.20 10.77
C SER D 201 -14.49 24.93 11.09
N CYS D 202 -14.07 24.79 12.33
CA CYS D 202 -13.22 23.66 12.70
C CYS D 202 -13.28 23.30 14.19
N LEU D 203 -13.41 22.01 14.48
CA LEU D 203 -13.39 21.51 15.85
C LEU D 203 -12.03 20.93 16.16
N ARG D 204 -11.72 20.78 17.44
CA ARG D 204 -10.48 20.13 17.84
C ARG D 204 -10.59 19.47 19.19
N THR D 205 -10.47 18.15 19.20
CA THR D 205 -10.39 17.40 20.44
C THR D 205 -8.93 17.22 20.83
N THR D 206 -8.65 17.22 22.12
CA THR D 206 -7.28 17.11 22.62
C THR D 206 -7.16 16.14 23.78
N ILE D 207 -6.25 15.18 23.66
CA ILE D 207 -5.97 14.28 24.76
C ILE D 207 -4.61 14.62 25.35
N GLN D 208 -4.47 14.41 26.65
CA GLN D 208 -3.21 14.72 27.32
C GLN D 208 -2.56 13.45 27.83
N LEU D 209 -1.35 13.17 27.32
CA LEU D 209 -0.67 11.92 27.63
C LEU D 209 0.50 12.13 28.59
N LYS D 210 0.44 11.47 29.74
CA LYS D 210 1.49 11.52 30.74
C LYS D 210 2.35 10.27 30.62
N ARG D 211 3.65 10.44 30.43
CA ARG D 211 4.52 9.30 30.20
C ARG D 211 4.75 8.49 31.47
N GLU D 212 4.57 7.17 31.37
CA GLU D 212 4.73 6.29 32.52
C GLU D 212 6.18 6.25 32.99
N PHE D 213 6.37 6.35 34.30
CA PHE D 213 7.70 6.53 34.88
C PHE D 213 8.40 5.22 35.27
N SER D 214 7.60 4.22 35.64
CA SER D 214 8.14 2.94 36.11
C SER D 214 9.24 2.39 35.22
N PHE D 215 9.07 2.55 33.91
CA PHE D 215 10.07 2.08 32.96
C PHE D 215 11.39 2.82 33.10
N TYR D 216 11.31 4.14 33.15
CA TYR D 216 12.52 4.96 33.21
C TYR D 216 13.19 4.85 34.57
N LEU D 217 12.41 4.59 35.60
CA LEU D 217 12.97 4.33 36.92
C LEU D 217 13.86 3.09 36.88
N LEU D 218 13.34 2.01 36.30
CA LEU D 218 14.04 0.73 36.29
C LEU D 218 15.13 0.61 35.22
N GLN D 219 14.94 1.25 34.07
CA GLN D 219 15.88 1.07 32.97
C GLN D 219 16.89 2.19 32.83
N LEU D 220 16.70 3.26 33.60
CA LEU D 220 17.59 4.41 33.49
C LEU D 220 18.15 4.90 34.81
N TYR D 221 17.27 5.30 35.72
CA TYR D 221 17.71 5.90 36.98
C TYR D 221 18.34 4.89 37.93
N ILE D 222 17.60 3.84 38.29
CA ILE D 222 18.12 2.81 39.17
C ILE D 222 19.49 2.31 38.72
N PRO D 223 19.58 1.82 37.48
CA PRO D 223 20.85 1.24 37.01
C PRO D 223 22.00 2.24 36.96
N SER D 224 21.70 3.53 36.82
CA SER D 224 22.75 4.54 36.83
C SER D 224 23.27 4.81 38.23
N CYS D 225 22.37 4.83 39.21
CA CYS D 225 22.80 4.96 40.59
C CYS D 225 23.64 3.75 40.97
N MET D 226 23.14 2.57 40.60
CA MET D 226 23.86 1.33 40.85
C MET D 226 25.22 1.35 40.17
N LEU D 227 25.34 2.16 39.12
CA LEU D 227 26.58 2.27 38.36
C LEU D 227 27.54 3.28 39.00
N VAL D 228 26.98 4.39 39.48
CA VAL D 228 27.75 5.42 40.16
C VAL D 228 28.26 4.88 41.50
N ILE D 229 27.40 4.15 42.20
CA ILE D 229 27.74 3.58 43.49
C ILE D 229 28.91 2.60 43.39
N VAL D 230 28.96 1.87 42.28
CA VAL D 230 30.07 0.94 42.06
C VAL D 230 31.40 1.68 41.91
N SER D 231 31.36 2.84 41.27
CA SER D 231 32.58 3.62 41.08
C SER D 231 33.13 4.13 42.42
N TRP D 232 32.32 4.03 43.46
CA TRP D 232 32.73 4.48 44.79
C TRP D 232 33.44 3.39 45.58
N VAL D 233 33.12 2.13 45.29
CA VAL D 233 33.71 1.02 46.05
C VAL D 233 35.20 0.90 45.77
N SER D 234 35.72 1.77 44.90
CA SER D 234 37.15 1.78 44.63
C SER D 234 37.88 2.77 45.54
N PHE D 235 37.11 3.49 46.35
CA PHE D 235 37.68 4.39 47.35
C PHE D 235 38.12 3.59 48.57
N TRP D 236 37.77 2.31 48.59
CA TRP D 236 38.06 1.45 49.74
C TRP D 236 39.14 0.44 49.42
N PHE D 237 39.64 0.46 48.19
CA PHE D 237 40.79 -0.34 47.82
C PHE D 237 42.07 0.43 48.14
N ASP D 238 43.09 -0.29 48.60
CA ASP D 238 44.37 0.34 48.92
C ASP D 238 44.91 1.14 47.74
N ARG D 239 45.49 2.30 48.03
CA ARG D 239 45.98 3.21 47.00
C ARG D 239 47.11 2.59 46.19
N THR D 240 47.60 1.43 46.62
CA THR D 240 48.70 0.77 45.95
C THR D 240 48.19 -0.06 44.77
N ALA D 241 46.99 -0.64 44.93
CA ALA D 241 46.37 -1.43 43.88
C ALA D 241 45.52 -0.55 42.97
N ILE D 242 46.18 0.27 42.17
CA ILE D 242 45.46 1.16 41.25
C ILE D 242 44.80 0.38 40.10
N PRO D 243 45.40 -0.75 39.68
CA PRO D 243 44.73 -1.51 38.61
C PRO D 243 43.25 -1.78 38.90
N ALA D 244 42.94 -2.09 40.16
CA ALA D 244 41.57 -2.35 40.56
C ALA D 244 40.69 -1.10 40.43
N ARG D 245 41.22 0.04 40.84
CA ARG D 245 40.48 1.29 40.78
C ARG D 245 40.15 1.72 39.35
N VAL D 246 41.16 1.67 38.48
CA VAL D 246 40.97 2.04 37.09
C VAL D 246 39.95 1.11 36.42
N THR D 247 40.09 -0.19 36.66
CA THR D 247 39.16 -1.17 36.12
C THR D 247 37.72 -0.83 36.46
N LEU D 248 37.48 -0.49 37.73
CA LEU D 248 36.15 -0.06 38.15
C LEU D 248 35.74 1.23 37.46
N GLY D 249 36.46 2.32 37.77
CA GLY D 249 36.14 3.63 37.24
C GLY D 249 35.93 3.69 35.74
N VAL D 250 36.68 2.90 34.99
CA VAL D 250 36.60 2.91 33.54
C VAL D 250 35.44 2.08 33.01
N THR D 251 35.21 0.91 33.62
CA THR D 251 34.14 0.04 33.19
C THR D 251 32.78 0.66 33.46
N THR D 252 32.66 1.33 34.61
CA THR D 252 31.41 2.00 34.97
C THR D 252 31.16 3.21 34.07
N LEU D 253 32.24 3.88 33.66
CA LEU D 253 32.12 5.02 32.77
C LEU D 253 31.71 4.58 31.37
N LEU D 254 32.37 3.54 30.86
CA LEU D 254 32.04 3.01 29.55
C LEU D 254 30.59 2.53 29.53
N THR D 255 30.21 1.73 30.52
CA THR D 255 28.85 1.23 30.62
C THR D 255 27.85 2.38 30.64
N MET D 256 28.19 3.43 31.37
CA MET D 256 27.36 4.62 31.43
C MET D 256 27.07 5.11 30.01
N THR D 257 28.13 5.23 29.21
CA THR D 257 27.99 5.64 27.82
C THR D 257 27.00 4.76 27.07
N ALA D 258 27.26 3.46 27.06
CA ALA D 258 26.39 2.52 26.36
C ALA D 258 24.94 2.75 26.75
N GLN D 259 24.67 2.78 28.06
CA GLN D 259 23.31 2.95 28.55
C GLN D 259 22.64 4.18 27.95
N SER D 260 23.34 5.30 27.98
CA SER D 260 22.80 6.53 27.41
C SER D 260 22.55 6.41 25.91
N ALA D 261 23.49 5.77 25.20
CA ALA D 261 23.33 5.53 23.78
C ALA D 261 22.01 4.81 23.51
N GLY D 262 21.67 3.87 24.38
CA GLY D 262 20.41 3.16 24.27
C GLY D 262 19.21 4.08 24.32
N ILE D 263 19.09 4.84 25.40
CA ILE D 263 17.98 5.77 25.56
C ILE D 263 17.92 6.78 24.42
N ASN D 264 19.08 7.37 24.12
CA ASN D 264 19.16 8.41 23.10
C ASN D 264 18.87 7.95 21.67
N SER D 265 18.93 6.64 21.44
CA SER D 265 18.69 6.10 20.10
C SER D 265 17.20 6.10 19.74
N GLN D 266 16.34 6.03 20.75
CA GLN D 266 14.90 5.99 20.53
C GLN D 266 14.31 7.39 20.39
N LEU D 267 15.16 8.40 20.47
CA LEU D 267 14.72 9.79 20.44
C LEU D 267 15.15 10.51 19.17
N PRO D 268 14.34 11.47 18.71
CA PRO D 268 14.72 12.28 17.54
C PRO D 268 15.69 13.35 17.97
N PRO D 269 16.66 13.68 17.11
CA PRO D 269 17.57 14.78 17.45
C PRO D 269 16.79 16.09 17.57
N VAL D 270 16.95 16.78 18.69
CA VAL D 270 16.25 18.04 18.91
C VAL D 270 17.25 19.19 19.03
N SER D 271 16.73 20.38 19.33
CA SER D 271 17.58 21.57 19.42
C SER D 271 17.71 22.06 20.85
N TYR D 272 17.14 21.33 21.79
CA TYR D 272 17.18 21.75 23.20
C TYR D 272 17.80 20.68 24.09
N ILE D 273 18.11 21.06 25.34
CA ILE D 273 18.66 20.09 26.29
C ILE D 273 17.55 19.46 27.12
N LYS D 274 17.43 18.14 27.03
CA LYS D 274 16.40 17.41 27.76
C LYS D 274 16.85 17.16 29.19
N ALA D 275 15.88 16.96 30.10
CA ALA D 275 16.19 16.67 31.49
C ALA D 275 16.93 15.35 31.62
N ILE D 276 16.70 14.46 30.66
CA ILE D 276 17.41 13.19 30.58
C ILE D 276 18.90 13.44 30.37
N ASP D 277 19.23 14.50 29.64
CA ASP D 277 20.61 14.86 29.36
C ASP D 277 21.31 15.35 30.62
N VAL D 278 20.61 16.17 31.40
CA VAL D 278 21.16 16.68 32.65
C VAL D 278 21.48 15.54 33.60
N TRP D 279 20.68 14.48 33.56
CA TRP D 279 20.87 13.39 34.50
C TRP D 279 21.98 12.44 34.09
N ILE D 280 22.04 12.10 32.80
CA ILE D 280 23.14 11.27 32.30
C ILE D 280 24.45 12.02 32.47
N GLY D 281 24.45 13.29 32.09
CA GLY D 281 25.64 14.11 32.15
C GLY D 281 26.23 14.22 33.54
N ALA D 282 25.37 14.35 34.54
CA ALA D 282 25.81 14.49 35.93
C ALA D 282 26.46 13.20 36.42
N CYS D 283 25.75 12.09 36.28
CA CYS D 283 26.29 10.80 36.66
C CYS D 283 27.63 10.55 35.98
N MET D 284 27.71 10.94 34.70
CA MET D 284 28.93 10.83 33.93
C MET D 284 30.08 11.52 34.65
N THR D 285 29.79 12.69 35.20
CA THR D 285 30.80 13.50 35.89
C THR D 285 31.26 12.84 37.19
N PHE D 286 30.31 12.34 37.97
CA PHE D 286 30.63 11.69 39.23
C PHE D 286 31.60 10.51 39.02
N ILE D 287 31.45 9.82 37.90
CA ILE D 287 32.33 8.71 37.57
C ILE D 287 33.65 9.23 37.02
N PHE D 288 33.59 10.34 36.28
CA PHE D 288 34.78 10.97 35.73
C PHE D 288 35.67 11.53 36.84
N CYS D 289 35.05 12.09 37.86
CA CYS D 289 35.78 12.66 38.98
C CYS D 289 36.35 11.57 39.89
N ALA D 290 35.71 10.40 39.85
CA ALA D 290 36.24 9.24 40.56
C ALA D 290 37.60 8.87 39.98
N LEU D 291 37.66 8.69 38.66
CA LEU D 291 38.92 8.44 37.98
C LEU D 291 39.94 9.50 38.31
N LEU D 292 39.54 10.76 38.15
CA LEU D 292 40.41 11.88 38.46
C LEU D 292 41.00 11.73 39.85
N GLU D 293 40.16 11.34 40.80
CA GLU D 293 40.61 11.16 42.18
C GLU D 293 41.69 10.08 42.26
N PHE D 294 41.48 8.97 41.57
CA PHE D 294 42.46 7.88 41.54
C PHE D 294 43.82 8.41 41.13
N ALA D 295 43.86 9.18 40.05
CA ALA D 295 45.11 9.74 39.56
C ALA D 295 45.73 10.67 40.60
N LEU D 296 44.93 11.58 41.14
CA LEU D 296 45.41 12.50 42.16
C LEU D 296 46.00 11.76 43.35
N VAL D 297 45.25 10.77 43.86
CA VAL D 297 45.70 9.98 45.01
C VAL D 297 46.98 9.21 44.71
N ASN D 298 46.96 8.46 43.61
CA ASN D 298 48.11 7.66 43.22
C ASN D 298 49.36 8.48 42.94
N HIS D 299 49.16 9.69 42.41
CA HIS D 299 50.27 10.56 42.04
C HIS D 299 51.00 11.13 43.25
N ILE D 300 50.25 11.68 44.21
CA ILE D 300 50.85 12.26 45.40
C ILE D 300 51.19 11.17 46.41
N ALA D 301 50.89 9.93 46.07
CA ALA D 301 51.17 8.80 46.95
C ALA D 301 52.62 8.33 46.80
N ASN D 302 53.04 8.12 45.56
CA ASN D 302 54.40 7.62 45.32
C ASN D 302 55.48 8.66 45.59
N ALA D 303 55.08 9.92 45.72
CA ALA D 303 56.02 10.98 46.07
C ALA D 303 56.76 10.61 47.35
N GLY D 304 58.09 10.64 47.28
CA GLY D 304 58.92 10.18 48.38
C GLY D 304 58.52 10.60 49.79
N THR D 305 58.30 11.90 49.97
CA THR D 305 58.04 12.44 51.32
C THR D 305 56.72 11.95 51.90
N THR D 306 56.73 11.68 53.21
CA THR D 306 55.52 11.24 53.91
C THR D 306 54.54 12.40 54.05
N GLU D 307 54.97 13.60 53.66
CA GLU D 307 54.12 14.77 53.70
C GLU D 307 52.94 14.62 52.76
N TRP D 308 53.23 14.17 51.54
CA TRP D 308 52.18 13.95 50.55
C TRP D 308 51.46 12.63 50.77
N ASN D 309 52.19 11.64 51.28
CA ASN D 309 51.62 10.31 51.46
C ASN D 309 50.36 10.29 52.32
N ASP D 310 50.42 10.92 53.48
CA ASP D 310 49.25 10.95 54.36
C ASP D 310 48.16 11.88 53.81
N ILE D 311 48.55 12.81 52.94
CA ILE D 311 47.57 13.63 52.23
C ILE D 311 46.80 12.75 51.26
N SER D 312 47.53 11.87 50.57
CA SER D 312 46.92 10.88 49.69
C SER D 312 45.84 10.11 50.45
N LYS D 313 46.19 9.66 51.65
CA LYS D 313 45.25 8.93 52.50
C LYS D 313 44.05 9.81 52.85
N ARG D 314 44.31 11.09 53.08
CA ARG D 314 43.28 12.03 53.48
C ARG D 314 42.25 12.26 52.39
N VAL D 315 42.72 12.24 51.14
CA VAL D 315 41.85 12.45 49.98
C VAL D 315 40.83 11.32 49.86
N ASP D 316 41.26 10.09 50.15
CA ASP D 316 40.35 8.95 50.14
C ASP D 316 39.29 9.06 51.21
N LEU D 317 39.72 9.33 52.44
CA LEU D 317 38.78 9.47 53.55
C LEU D 317 37.70 10.49 53.22
N ILE D 318 38.11 11.62 52.64
CA ILE D 318 37.16 12.66 52.28
C ILE D 318 36.25 12.23 51.13
N SER D 319 36.82 11.56 50.13
CA SER D 319 36.05 11.10 48.99
C SER D 319 34.98 10.10 49.38
N ARG D 320 35.34 9.16 50.25
CA ARG D 320 34.42 8.12 50.69
C ARG D 320 33.11 8.69 51.23
N ALA D 321 33.14 9.96 51.62
CA ALA D 321 31.96 10.60 52.17
C ALA D 321 31.45 11.73 51.29
N LEU D 322 32.37 12.52 50.75
CA LEU D 322 32.02 13.68 49.94
C LEU D 322 31.25 13.29 48.68
N PHE D 323 31.71 12.27 47.97
CA PHE D 323 31.03 11.81 46.76
C PHE D 323 29.57 11.46 47.02
N PRO D 324 29.31 10.51 47.93
CA PRO D 324 27.93 10.16 48.27
C PRO D 324 27.11 11.39 48.65
N VAL D 325 27.60 12.19 49.60
CA VAL D 325 26.89 13.39 50.01
C VAL D 325 26.56 14.29 48.83
N LEU D 326 27.55 14.57 47.99
CA LEU D 326 27.35 15.42 46.82
C LEU D 326 26.36 14.82 45.82
N PHE D 327 26.44 13.51 45.60
CA PHE D 327 25.53 12.84 44.69
C PHE D 327 24.10 12.87 45.22
N PHE D 328 23.97 12.75 46.54
CA PHE D 328 22.67 12.84 47.18
C PHE D 328 22.13 14.26 47.05
N VAL D 329 22.99 15.25 47.24
CA VAL D 329 22.62 16.64 47.05
C VAL D 329 22.14 16.87 45.62
N PHE D 330 22.85 16.28 44.66
CA PHE D 330 22.46 16.41 43.26
C PHE D 330 21.06 15.87 43.04
N ASN D 331 20.83 14.61 43.41
CA ASN D 331 19.51 14.01 43.28
C ASN D 331 18.42 14.94 43.80
N ILE D 332 18.63 15.50 44.99
CA ILE D 332 17.65 16.39 45.59
C ILE D 332 17.35 17.58 44.69
N LEU D 333 18.41 18.24 44.19
CA LEU D 333 18.21 19.35 43.27
C LEU D 333 17.54 18.88 41.99
N TYR D 334 18.03 17.78 41.44
CA TYR D 334 17.52 17.28 40.16
C TYR D 334 16.03 16.96 40.21
N TRP D 335 15.62 16.18 41.20
CA TRP D 335 14.24 15.72 41.28
C TRP D 335 13.26 16.83 41.62
N SER D 336 13.72 17.82 42.39
CA SER D 336 12.87 18.96 42.72
C SER D 336 12.71 19.85 41.50
N ARG D 337 13.64 19.72 40.56
CA ARG D 337 13.66 20.56 39.37
C ARG D 337 12.85 19.95 38.23
N PHE D 338 12.78 18.63 38.17
CA PHE D 338 12.16 17.95 37.04
C PHE D 338 11.02 17.00 37.40
N GLY D 339 10.88 16.69 38.69
CA GLY D 339 9.81 15.81 39.14
C GLY D 339 8.53 16.57 39.40
N HIS D 340 8.65 17.90 39.44
CA HIS D 340 7.54 18.79 39.75
C HIS D 340 6.25 18.38 39.02
N SER E 1 -30.53 28.09 -7.84
CA SER E 1 -29.58 29.14 -8.20
C SER E 1 -28.26 28.53 -8.65
N ASP E 2 -27.43 28.12 -7.69
CA ASP E 2 -26.14 27.49 -8.01
C ASP E 2 -26.34 26.25 -8.87
N SER E 3 -27.22 25.36 -8.41
CA SER E 3 -27.52 24.14 -9.15
C SER E 3 -28.01 24.45 -10.56
N LYS E 4 -28.72 25.55 -10.71
CA LYS E 4 -29.24 25.98 -12.02
C LYS E 4 -28.12 26.54 -12.89
N ILE E 5 -27.24 27.32 -12.28
CA ILE E 5 -26.10 27.89 -13.00
C ILE E 5 -25.19 26.80 -13.54
N LEU E 6 -24.93 25.79 -12.71
CA LEU E 6 -24.15 24.63 -13.12
C LEU E 6 -24.84 23.91 -14.27
N ALA E 7 -26.14 23.66 -14.11
CA ALA E 7 -26.92 23.00 -15.15
C ALA E 7 -26.79 23.72 -16.49
N HIS E 8 -26.87 25.05 -16.47
CA HIS E 8 -26.79 25.83 -17.69
C HIS E 8 -25.46 25.63 -18.41
N LEU E 9 -24.39 25.50 -17.65
CA LEU E 9 -23.04 25.39 -18.22
C LEU E 9 -22.81 24.06 -18.92
N PHE E 10 -23.42 23.00 -18.41
CA PHE E 10 -23.18 21.66 -18.93
C PHE E 10 -24.32 21.12 -19.81
N THR E 11 -25.44 21.83 -19.85
CA THR E 11 -26.54 21.42 -20.70
C THR E 11 -26.15 21.62 -22.17
N SER E 12 -25.38 22.67 -22.43
CA SER E 12 -24.82 22.91 -23.76
C SER E 12 -23.74 21.88 -24.04
N GLY E 13 -23.11 21.96 -25.20
CA GLY E 13 -22.05 21.04 -25.55
C GLY E 13 -20.74 21.41 -24.91
N TYR E 14 -20.37 20.70 -23.84
CA TYR E 14 -19.10 20.95 -23.15
C TYR E 14 -18.28 19.67 -23.01
N ASP E 15 -17.02 19.75 -23.41
CA ASP E 15 -16.16 18.58 -23.41
C ASP E 15 -14.97 18.77 -22.48
N PHE E 16 -14.95 18.02 -21.37
CA PHE E 16 -13.87 18.14 -20.39
C PHE E 16 -12.56 17.59 -20.94
N ARG E 17 -12.63 16.99 -22.11
CA ARG E 17 -11.45 16.41 -22.75
C ARG E 17 -10.79 17.45 -23.64
N VAL E 18 -11.57 18.47 -24.00
CA VAL E 18 -11.07 19.53 -24.84
C VAL E 18 -10.47 20.66 -24.02
N ARG E 19 -9.23 21.01 -24.33
CA ARG E 19 -8.54 22.12 -23.70
C ARG E 19 -9.36 23.41 -23.85
N PRO E 20 -9.33 24.28 -22.83
CA PRO E 20 -10.02 25.57 -22.92
C PRO E 20 -9.47 26.41 -24.06
N PRO E 21 -10.36 27.06 -24.82
CA PRO E 21 -9.97 27.94 -25.93
C PRO E 21 -9.22 29.16 -25.46
N THR E 22 -8.46 29.78 -26.36
CA THR E 22 -7.72 31.00 -26.04
C THR E 22 -7.96 32.05 -27.11
N ASP E 23 -7.73 33.32 -26.76
CA ASP E 23 -7.98 34.41 -27.67
C ASP E 23 -7.01 34.43 -28.86
N ASN E 24 -5.75 34.14 -28.60
CA ASN E 24 -4.74 34.14 -29.66
C ASN E 24 -4.22 32.75 -29.99
N GLY E 25 -4.91 31.72 -29.51
CA GLY E 25 -4.49 30.35 -29.72
C GLY E 25 -3.36 29.97 -28.78
N GLY E 26 -3.00 30.90 -27.91
CA GLY E 26 -1.94 30.67 -26.95
C GLY E 26 -2.23 29.50 -26.04
N PRO E 27 -1.29 29.18 -25.14
CA PRO E 27 -1.47 28.08 -24.20
C PRO E 27 -2.32 28.49 -23.01
N VAL E 28 -3.02 27.53 -22.42
CA VAL E 28 -3.74 27.78 -21.17
C VAL E 28 -2.73 28.10 -20.08
N VAL E 29 -2.85 29.26 -19.47
CA VAL E 29 -1.93 29.65 -18.41
C VAL E 29 -2.48 29.22 -17.05
N VAL E 30 -1.74 28.33 -16.37
CA VAL E 30 -2.15 27.85 -15.06
C VAL E 30 -1.31 28.47 -13.96
N SER E 31 -1.93 29.32 -13.15
CA SER E 31 -1.24 29.92 -12.01
C SER E 31 -1.25 28.94 -10.85
N VAL E 32 -0.11 28.80 -10.17
CA VAL E 32 0.01 27.80 -9.12
C VAL E 32 0.38 28.39 -7.75
N ASN E 33 -0.38 27.99 -6.73
CA ASN E 33 -0.06 28.29 -5.36
C ASN E 33 0.21 26.99 -4.63
N MET E 34 1.07 27.03 -3.62
CA MET E 34 1.46 25.81 -2.91
C MET E 34 1.60 26.08 -1.43
N LEU E 35 0.92 25.26 -0.62
CA LEU E 35 0.96 25.44 0.83
C LEU E 35 1.49 24.18 1.52
N LEU E 36 2.70 24.26 2.06
CA LEU E 36 3.30 23.15 2.78
C LEU E 36 2.71 23.04 4.17
N ARG E 37 2.17 21.87 4.50
CA ARG E 37 1.59 21.63 5.81
C ARG E 37 2.60 21.00 6.76
N THR E 38 3.26 19.95 6.31
CA THR E 38 4.26 19.26 7.10
C THR E 38 5.35 18.65 6.24
N ILE E 39 6.59 18.75 6.70
CA ILE E 39 7.73 18.13 6.04
C ILE E 39 8.36 17.17 7.02
N SER E 40 8.27 15.88 6.74
CA SER E 40 8.66 14.86 7.71
C SER E 40 9.47 13.72 7.10
N LYS E 41 9.98 12.84 7.96
CA LYS E 41 10.74 11.66 7.54
C LYS E 41 11.78 11.99 6.47
N ILE E 42 12.77 12.78 6.87
CA ILE E 42 13.86 13.15 5.96
C ILE E 42 14.95 12.08 5.96
N ASP E 43 14.79 11.10 5.06
CA ASP E 43 15.65 9.94 5.00
C ASP E 43 16.99 10.24 4.31
N VAL E 44 18.09 10.12 5.05
CA VAL E 44 19.41 10.41 4.51
C VAL E 44 19.99 9.20 3.77
N VAL E 45 19.58 8.01 4.19
CA VAL E 45 20.07 6.79 3.56
C VAL E 45 19.53 6.63 2.15
N ASN E 46 18.22 6.74 2.00
CA ASN E 46 17.58 6.64 0.68
C ASN E 46 17.47 8.00 0.00
N MET E 47 17.94 9.03 0.69
CA MET E 47 17.92 10.39 0.14
C MET E 47 16.56 10.73 -0.44
N GLU E 48 15.58 10.85 0.46
CA GLU E 48 14.25 11.30 0.09
C GLU E 48 13.62 11.90 1.33
N TYR E 49 12.50 12.59 1.16
CA TYR E 49 11.77 13.14 2.30
C TYR E 49 10.30 13.12 1.99
N SER E 50 9.48 13.07 3.04
CA SER E 50 8.03 13.14 2.86
C SER E 50 7.56 14.56 3.11
N ALA E 51 6.38 14.89 2.59
CA ALA E 51 5.79 16.22 2.75
C ALA E 51 4.33 16.22 2.32
N GLN E 52 3.48 16.81 3.14
CA GLN E 52 2.08 16.99 2.79
C GLN E 52 1.79 18.44 2.48
N LEU E 53 1.20 18.68 1.32
CA LEU E 53 0.96 20.05 0.86
C LEU E 53 -0.44 20.20 0.29
N THR E 54 -0.85 21.44 0.09
CA THR E 54 -2.09 21.74 -0.61
C THR E 54 -1.76 22.40 -1.94
N LEU E 55 -2.08 21.71 -3.03
CA LEU E 55 -1.89 22.26 -4.37
C LEU E 55 -3.07 23.15 -4.72
N ARG E 56 -2.79 24.27 -5.35
CA ARG E 56 -3.82 25.22 -5.74
C ARG E 56 -3.61 25.73 -7.16
N GLU E 57 -4.44 25.27 -8.08
CA GLU E 57 -4.29 25.63 -9.49
C GLU E 57 -5.42 26.55 -9.93
N SER E 58 -5.10 27.49 -10.82
CA SER E 58 -6.06 28.47 -11.28
C SER E 58 -5.85 28.83 -12.74
N TRP E 59 -6.84 28.55 -13.57
CA TRP E 59 -6.78 28.88 -14.99
C TRP E 59 -8.10 29.47 -15.46
N ILE E 60 -8.14 29.94 -16.70
CA ILE E 60 -9.37 30.49 -17.26
C ILE E 60 -10.00 29.57 -18.30
N ASP E 61 -11.29 29.33 -18.16
CA ASP E 61 -12.03 28.50 -19.09
C ASP E 61 -13.30 29.25 -19.49
N LYS E 62 -13.21 30.07 -20.54
CA LYS E 62 -14.33 30.92 -20.94
C LYS E 62 -15.63 30.14 -21.09
N ARG E 63 -15.54 28.89 -21.51
CA ARG E 63 -16.71 28.03 -21.67
C ARG E 63 -17.49 27.91 -20.37
N LEU E 64 -16.83 28.12 -19.24
CA LEU E 64 -17.46 27.93 -17.94
C LEU E 64 -18.03 29.21 -17.35
N SER E 65 -17.79 30.34 -18.02
CA SER E 65 -18.30 31.62 -17.55
C SER E 65 -19.82 31.67 -17.63
N TYR E 66 -20.45 32.04 -16.52
CA TYR E 66 -21.90 32.06 -16.43
C TYR E 66 -22.38 33.46 -16.07
N GLY E 67 -21.69 34.07 -15.11
CA GLY E 67 -22.04 35.40 -14.65
C GLY E 67 -21.40 36.47 -15.49
N VAL E 68 -20.29 36.11 -16.15
CA VAL E 68 -19.54 37.09 -16.94
C VAL E 68 -19.26 38.32 -16.06
N LYS E 69 -19.82 39.46 -16.44
CA LYS E 69 -19.70 40.65 -15.61
C LYS E 69 -20.42 40.41 -14.28
N GLY E 70 -21.54 39.68 -14.37
CA GLY E 70 -22.31 39.29 -13.20
C GLY E 70 -22.87 40.47 -12.46
N ASP E 71 -22.40 40.65 -11.23
CA ASP E 71 -22.81 41.78 -10.40
C ASP E 71 -24.32 41.74 -10.11
N GLY E 72 -24.98 40.71 -10.64
CA GLY E 72 -26.34 40.38 -10.26
C GLY E 72 -26.36 38.96 -9.71
N GLN E 73 -25.28 38.22 -9.97
CA GLN E 73 -25.18 36.80 -9.63
C GLN E 73 -24.05 36.51 -8.63
N PRO E 74 -24.01 35.26 -8.11
CA PRO E 74 -22.95 34.89 -7.17
C PRO E 74 -21.56 34.97 -7.82
N ASP E 75 -20.57 35.44 -7.08
CA ASP E 75 -19.24 35.64 -7.64
C ASP E 75 -18.68 34.36 -8.24
N PHE E 76 -18.78 33.27 -7.50
CA PHE E 76 -18.36 31.96 -7.98
C PHE E 76 -19.36 30.90 -7.54
N VAL E 77 -19.46 29.84 -8.33
CA VAL E 77 -20.32 28.73 -7.97
C VAL E 77 -19.46 27.51 -7.69
N ILE E 78 -19.68 26.86 -6.54
CA ILE E 78 -18.93 25.65 -6.21
C ILE E 78 -19.31 24.49 -7.12
N LEU E 79 -18.31 23.89 -7.75
CA LEU E 79 -18.55 22.76 -8.63
C LEU E 79 -18.94 21.54 -7.80
N THR E 80 -20.14 21.02 -8.04
CA THR E 80 -20.62 19.86 -7.31
C THR E 80 -20.23 18.57 -8.04
N VAL E 81 -20.39 17.45 -7.34
CA VAL E 81 -20.05 16.14 -7.91
C VAL E 81 -20.89 15.81 -9.13
N GLY E 82 -20.29 15.20 -10.14
CA GLY E 82 -21.01 14.80 -11.32
C GLY E 82 -20.90 15.76 -12.49
N HIS E 83 -20.04 16.76 -12.34
CA HIS E 83 -19.80 17.72 -13.41
C HIS E 83 -18.32 17.72 -13.79
N GLN E 84 -18.02 17.20 -14.98
CA GLN E 84 -16.63 17.12 -15.44
C GLN E 84 -16.13 18.46 -15.94
N ILE E 85 -14.85 18.72 -15.70
CA ILE E 85 -14.22 19.96 -16.14
C ILE E 85 -12.79 19.68 -16.58
N TRP E 86 -12.37 20.27 -17.69
CA TRP E 86 -10.98 20.14 -18.11
C TRP E 86 -10.06 20.64 -17.00
N MET E 87 -9.07 19.82 -16.65
CA MET E 87 -8.09 20.19 -15.65
C MET E 87 -6.67 19.86 -16.11
N PRO E 88 -5.71 20.74 -15.75
CA PRO E 88 -4.30 20.48 -16.08
C PRO E 88 -3.86 19.13 -15.52
N ASP E 89 -3.37 18.25 -16.37
CA ASP E 89 -2.95 16.93 -15.92
C ASP E 89 -1.59 16.97 -15.24
N THR E 90 -1.46 17.87 -14.26
CA THR E 90 -0.20 18.07 -13.54
C THR E 90 0.22 16.84 -12.75
N PHE E 91 1.53 16.62 -12.71
CA PHE E 91 2.11 15.56 -11.89
C PHE E 91 3.40 16.08 -11.26
N PHE E 92 3.94 15.33 -10.31
CA PHE E 92 5.16 15.73 -9.64
C PHE E 92 6.34 14.88 -10.10
N PRO E 93 7.14 15.40 -11.04
CA PRO E 93 8.24 14.66 -11.66
C PRO E 93 9.15 13.91 -10.67
N ASN E 94 9.48 14.53 -9.54
CA ASN E 94 10.36 13.88 -8.58
C ASN E 94 9.63 13.19 -7.42
N GLU E 95 8.35 12.90 -7.64
CA GLU E 95 7.56 12.17 -6.65
C GLU E 95 7.77 10.67 -6.81
N LYS E 96 8.10 9.99 -5.72
CA LYS E 96 8.30 8.55 -5.76
C LYS E 96 7.03 7.83 -5.28
N GLN E 97 6.27 8.52 -4.44
CA GLN E 97 5.00 8.01 -3.94
C GLN E 97 4.09 9.19 -3.66
N ALA E 98 2.79 9.01 -3.87
CA ALA E 98 1.84 10.10 -3.67
C ALA E 98 0.42 9.61 -3.37
N TYR E 99 -0.24 10.28 -2.43
CA TYR E 99 -1.60 9.93 -2.06
C TYR E 99 -2.47 11.18 -2.00
N LYS E 100 -3.72 11.05 -2.43
CA LYS E 100 -4.72 12.09 -2.21
C LYS E 100 -5.49 11.71 -0.95
N HIS E 101 -5.98 12.71 -0.22
CA HIS E 101 -6.76 12.45 0.98
C HIS E 101 -8.25 12.38 0.67
N THR E 102 -8.88 11.28 1.08
CA THR E 102 -10.25 11.02 0.70
C THR E 102 -11.11 10.62 1.89
N ILE E 103 -10.60 10.88 3.10
CA ILE E 103 -11.38 10.59 4.30
C ILE E 103 -12.73 11.28 4.25
N ASP E 104 -13.80 10.51 4.45
CA ASP E 104 -15.15 11.02 4.30
C ASP E 104 -15.25 11.49 2.86
N LYS E 105 -15.67 12.74 2.65
CA LYS E 105 -15.65 13.29 1.31
C LYS E 105 -14.20 13.58 0.93
N PRO E 106 -13.85 13.35 -0.35
CA PRO E 106 -12.51 13.66 -0.87
C PRO E 106 -12.12 15.10 -0.57
N ASN E 107 -10.85 15.33 -0.27
CA ASN E 107 -10.38 16.65 0.07
C ASN E 107 -10.05 17.48 -1.15
N VAL E 108 -11.07 17.90 -1.89
CA VAL E 108 -10.88 18.78 -3.03
C VAL E 108 -11.89 19.91 -3.02
N LEU E 109 -11.56 20.96 -3.77
CA LEU E 109 -12.43 22.10 -3.91
C LEU E 109 -12.27 22.66 -5.32
N ILE E 110 -13.38 22.86 -6.02
CA ILE E 110 -13.32 23.48 -7.34
C ILE E 110 -14.33 24.61 -7.43
N ARG E 111 -13.84 25.80 -7.71
CA ARG E 111 -14.72 26.97 -7.87
C ARG E 111 -14.72 27.45 -9.31
N ILE E 112 -15.89 27.77 -9.82
CA ILE E 112 -16.02 28.31 -11.16
C ILE E 112 -16.53 29.74 -11.10
N HIS E 113 -15.60 30.69 -11.05
CA HIS E 113 -15.96 32.10 -11.01
C HIS E 113 -16.78 32.51 -12.24
N ASN E 114 -17.55 33.57 -12.09
CA ASN E 114 -18.44 34.02 -13.16
C ASN E 114 -17.72 34.30 -14.49
N ASP E 115 -16.51 34.84 -14.43
CA ASP E 115 -15.77 35.16 -15.64
C ASP E 115 -15.17 33.93 -16.33
N GLY E 116 -15.28 32.78 -15.68
CA GLY E 116 -14.75 31.54 -16.21
C GLY E 116 -13.46 31.11 -15.53
N THR E 117 -13.01 31.88 -14.55
CA THR E 117 -11.82 31.53 -13.80
C THR E 117 -12.10 30.36 -12.87
N VAL E 118 -11.26 29.34 -12.94
CA VAL E 118 -11.42 28.14 -12.13
C VAL E 118 -10.39 28.07 -11.01
N LEU E 119 -10.83 27.75 -9.81
CA LEU E 119 -9.91 27.49 -8.71
C LEU E 119 -9.94 26.01 -8.35
N TYR E 120 -8.76 25.43 -8.16
CA TYR E 120 -8.66 24.02 -7.83
C TYR E 120 -7.75 23.85 -6.63
N SER E 121 -8.26 23.21 -5.59
CA SER E 121 -7.49 23.00 -4.36
C SER E 121 -7.58 21.55 -3.91
N VAL E 122 -6.44 20.95 -3.61
CA VAL E 122 -6.39 19.54 -3.24
C VAL E 122 -5.26 19.25 -2.27
N ARG E 123 -5.54 18.41 -1.27
CA ARG E 123 -4.50 17.95 -0.37
C ARG E 123 -3.78 16.79 -1.01
N ILE E 124 -2.46 16.77 -0.89
CA ILE E 124 -1.65 15.70 -1.46
C ILE E 124 -0.50 15.37 -0.51
N SER E 125 -0.34 14.08 -0.21
CA SER E 125 0.83 13.65 0.53
C SER E 125 1.84 13.09 -0.46
N LEU E 126 3.10 13.49 -0.32
CA LEU E 126 4.13 13.08 -1.26
C LEU E 126 5.33 12.47 -0.57
N VAL E 127 6.05 11.62 -1.31
CA VAL E 127 7.38 11.18 -0.92
C VAL E 127 8.33 11.50 -2.07
N LEU E 128 9.13 12.54 -1.89
CA LEU E 128 9.96 13.07 -2.96
C LEU E 128 11.41 12.63 -2.77
N SER E 129 12.14 12.50 -3.86
CA SER E 129 13.56 12.21 -3.79
C SER E 129 14.34 13.51 -3.65
N CYS E 130 15.29 13.53 -2.74
CA CYS E 130 16.08 14.72 -2.49
C CYS E 130 17.55 14.32 -2.34
N PRO E 131 18.30 14.37 -3.45
CA PRO E 131 19.72 14.03 -3.39
C PRO E 131 20.44 14.91 -2.38
N MET E 132 21.12 14.28 -1.43
CA MET E 132 21.79 15.01 -0.35
C MET E 132 23.30 14.88 -0.45
N TYR E 133 24.00 15.86 0.09
CA TYR E 133 25.45 15.92 0.01
C TYR E 133 26.05 16.09 1.40
N LEU E 134 26.72 15.06 1.89
CA LEU E 134 27.12 14.97 3.29
C LEU E 134 28.57 15.37 3.55
N GLN E 135 29.15 16.16 2.66
CA GLN E 135 30.55 16.56 2.81
C GLN E 135 30.84 17.17 4.18
N TYR E 136 29.92 17.96 4.70
CA TYR E 136 30.04 18.54 6.03
C TYR E 136 28.99 17.97 6.97
N TYR E 137 28.76 16.66 6.85
CA TYR E 137 27.55 16.02 7.40
C TYR E 137 27.03 16.53 8.74
N PRO E 138 27.88 16.54 9.77
CA PRO E 138 27.36 16.99 11.07
C PRO E 138 26.74 18.38 10.94
N MET E 139 27.44 19.28 10.26
CA MET E 139 26.98 20.66 10.07
C MET E 139 26.71 20.97 8.59
N ASP E 140 25.70 20.31 8.02
CA ASP E 140 25.40 20.51 6.61
C ASP E 140 24.08 21.24 6.39
N VAL E 141 23.85 21.66 5.15
CA VAL E 141 22.54 22.14 4.73
C VAL E 141 22.14 21.44 3.44
N GLN E 142 20.94 20.89 3.42
CA GLN E 142 20.42 20.25 2.22
C GLN E 142 19.35 21.13 1.60
N GLN E 143 19.13 20.96 0.30
CA GLN E 143 18.05 21.65 -0.38
C GLN E 143 17.14 20.66 -1.08
N CYS E 144 15.91 20.56 -0.59
CA CYS E 144 14.95 19.64 -1.17
C CYS E 144 13.90 20.40 -1.98
N SER E 145 13.42 19.77 -3.04
CA SER E 145 12.53 20.44 -3.98
C SER E 145 11.30 19.62 -4.30
N ILE E 146 10.27 20.32 -4.76
CA ILE E 146 9.08 19.67 -5.30
C ILE E 146 8.90 20.19 -6.71
N ASP E 147 8.88 19.28 -7.69
CA ASP E 147 8.70 19.70 -9.07
C ASP E 147 7.28 19.42 -9.53
N LEU E 148 6.73 20.38 -10.26
CA LEU E 148 5.35 20.30 -10.72
C LEU E 148 5.34 20.62 -12.21
N ALA E 149 4.69 19.77 -13.00
CA ALA E 149 4.65 19.97 -14.44
C ALA E 149 3.54 19.14 -15.10
N SER E 150 3.17 19.52 -16.32
CA SER E 150 2.16 18.79 -17.07
C SER E 150 2.77 17.53 -17.69
N TYR E 151 1.97 16.48 -17.84
CA TYR E 151 2.50 15.24 -18.39
C TYR E 151 2.27 15.08 -19.90
N ALA E 152 1.06 15.37 -20.34
CA ALA E 152 0.71 15.16 -21.74
C ALA E 152 0.77 16.44 -22.55
N TYR E 153 0.37 17.54 -21.93
CA TYR E 153 0.32 18.82 -22.63
C TYR E 153 1.67 19.49 -22.68
N THR E 154 2.05 19.91 -23.88
CA THR E 154 3.34 20.54 -24.12
C THR E 154 3.29 22.04 -23.87
N THR E 155 4.29 22.77 -24.35
CA THR E 155 4.41 24.19 -24.09
C THR E 155 3.41 25.03 -24.87
N LYS E 156 2.76 24.42 -25.86
CA LYS E 156 1.83 25.15 -26.71
C LYS E 156 0.42 25.12 -26.15
N ASP E 157 0.18 24.20 -25.20
CA ASP E 157 -1.16 23.99 -24.69
C ASP E 157 -1.32 24.45 -23.25
N ILE E 158 -0.26 24.34 -22.48
CA ILE E 158 -0.34 24.62 -21.05
C ILE E 158 0.99 25.18 -20.52
N GLU E 159 0.90 26.29 -19.78
CA GLU E 159 2.08 26.95 -19.27
C GLU E 159 1.90 27.28 -17.79
N TYR E 160 2.83 26.82 -16.95
CA TYR E 160 2.72 27.09 -15.52
C TYR E 160 3.45 28.35 -15.14
N LEU E 161 2.89 29.04 -14.17
CA LEU E 161 3.47 30.25 -13.61
C LEU E 161 3.13 30.30 -12.14
N TRP E 162 4.11 30.64 -11.32
CA TRP E 162 3.86 30.79 -9.89
C TRP E 162 2.97 31.99 -9.64
N LYS E 163 2.03 31.85 -8.72
CA LYS E 163 1.17 32.97 -8.34
C LYS E 163 2.05 34.18 -8.11
N GLU E 164 1.53 35.37 -8.42
CA GLU E 164 2.33 36.58 -8.33
C GLU E 164 2.71 36.92 -6.89
N HIS E 165 1.73 36.81 -5.99
CA HIS E 165 1.96 37.12 -4.58
C HIS E 165 1.96 35.85 -3.71
N SER E 166 3.00 35.71 -2.90
CA SER E 166 3.18 34.54 -2.04
C SER E 166 2.79 33.23 -2.72
N PRO E 167 3.63 32.76 -3.65
CA PRO E 167 3.41 31.52 -4.39
C PRO E 167 3.55 30.32 -3.48
N LEU E 168 4.50 30.37 -2.55
CA LEU E 168 4.68 29.30 -1.58
C LEU E 168 4.38 29.81 -0.19
N GLN E 169 3.51 29.09 0.53
CA GLN E 169 3.19 29.43 1.90
C GLN E 169 3.44 28.23 2.80
N LEU E 170 3.76 28.50 4.06
CA LEU E 170 3.97 27.44 5.04
C LEU E 170 2.92 27.53 6.13
N LYS E 171 2.42 26.39 6.58
CA LYS E 171 1.52 26.37 7.72
C LYS E 171 2.31 26.72 8.98
N VAL E 172 1.63 27.30 9.96
CA VAL E 172 2.31 27.79 11.14
C VAL E 172 2.96 26.67 11.95
N GLY E 173 2.30 25.51 12.02
CA GLY E 173 2.83 24.38 12.75
C GLY E 173 3.65 23.43 11.90
N LEU E 174 4.59 23.97 11.14
CA LEU E 174 5.45 23.16 10.28
C LEU E 174 6.81 22.93 10.94
N SER E 175 7.43 24.02 11.38
CA SER E 175 8.76 23.93 12.00
C SER E 175 8.70 23.15 13.32
N SER E 176 7.53 23.13 13.95
CA SER E 176 7.37 22.43 15.21
C SER E 176 7.22 20.93 15.00
N SER E 177 6.81 20.54 13.80
CA SER E 177 6.69 19.14 13.44
C SER E 177 7.97 18.65 12.77
N LEU E 178 8.96 19.55 12.71
CA LEU E 178 10.26 19.26 12.12
C LEU E 178 11.35 19.55 13.15
N PRO E 179 11.59 18.59 14.05
CA PRO E 179 12.47 18.79 15.21
C PRO E 179 13.96 18.73 14.87
N SER E 180 14.32 17.91 13.89
CA SER E 180 15.72 17.64 13.60
C SER E 180 16.39 18.69 12.72
N PHE E 181 15.58 19.45 11.98
CA PHE E 181 16.12 20.48 11.10
C PHE E 181 15.49 21.85 11.35
N GLN E 182 16.02 22.84 10.66
CA GLN E 182 15.49 24.20 10.71
C GLN E 182 15.30 24.71 9.29
N LEU E 183 14.05 24.93 8.90
CA LEU E 183 13.73 25.34 7.53
C LEU E 183 14.08 26.81 7.33
N THR E 184 15.33 27.07 6.95
CA THR E 184 15.87 28.43 6.90
C THR E 184 15.36 29.27 5.73
N ASN E 185 15.37 28.71 4.53
CA ASN E 185 15.05 29.47 3.32
C ASN E 185 14.17 28.68 2.36
N THR E 186 13.30 29.37 1.61
CA THR E 186 12.54 28.73 0.53
C THR E 186 12.59 29.57 -0.74
N SER E 187 12.48 28.92 -1.89
CA SER E 187 12.54 29.60 -3.18
C SER E 187 11.52 29.03 -4.16
N THR E 188 11.07 29.87 -5.08
CA THR E 188 10.09 29.48 -6.08
C THR E 188 10.63 29.75 -7.49
N THR E 189 10.83 28.67 -8.26
CA THR E 189 11.56 28.75 -9.52
C THR E 189 10.91 27.96 -10.65
N TYR E 190 11.45 28.10 -11.86
CA TYR E 190 10.98 27.35 -13.03
C TYR E 190 12.01 26.31 -13.49
N CYS E 191 11.52 25.15 -13.93
CA CYS E 191 12.39 24.05 -14.33
C CYS E 191 11.99 23.48 -15.68
N THR E 192 11.31 24.30 -16.49
CA THR E 192 10.90 23.90 -17.82
C THR E 192 12.08 23.26 -18.55
N SER E 193 11.83 22.14 -19.22
CA SER E 193 12.90 21.44 -19.90
C SER E 193 12.49 20.98 -21.29
N VAL E 194 13.47 20.73 -22.15
CA VAL E 194 13.19 20.21 -23.48
C VAL E 194 13.53 18.72 -23.56
N THR E 195 12.50 17.91 -23.77
CA THR E 195 12.63 16.46 -23.81
C THR E 195 12.46 15.93 -25.23
N ASN E 196 12.48 14.61 -25.38
CA ASN E 196 12.34 13.99 -26.69
C ASN E 196 10.91 14.02 -27.18
N THR E 197 9.96 14.14 -26.27
CA THR E 197 8.55 14.22 -26.63
C THR E 197 8.07 15.66 -26.76
N GLY E 198 8.93 16.62 -26.44
CA GLY E 198 8.60 18.03 -26.57
C GLY E 198 9.11 18.89 -25.43
N ILE E 199 8.73 20.17 -25.44
CA ILE E 199 9.13 21.11 -24.39
C ILE E 199 8.02 21.29 -23.36
N TYR E 200 8.28 20.87 -22.12
CA TYR E 200 7.27 20.90 -21.07
C TYR E 200 7.52 21.95 -19.99
N SER E 201 6.48 22.73 -19.68
CA SER E 201 6.57 23.77 -18.66
C SER E 201 6.60 23.12 -17.29
N CYS E 202 7.37 23.71 -16.37
CA CYS E 202 7.59 23.10 -15.07
C CYS E 202 7.98 24.11 -13.98
N LEU E 203 7.32 24.00 -12.82
CA LEU E 203 7.66 24.83 -11.67
C LEU E 203 8.50 24.03 -10.69
N ARG E 204 9.20 24.73 -9.80
CA ARG E 204 9.94 24.04 -8.75
C ARG E 204 10.08 24.88 -7.49
N THR E 205 9.48 24.41 -6.41
CA THR E 205 9.68 25.02 -5.11
C THR E 205 10.84 24.34 -4.40
N THR E 206 11.59 25.11 -3.62
CA THR E 206 12.77 24.58 -2.93
C THR E 206 12.83 25.03 -1.47
N ILE E 207 12.97 24.08 -0.56
CA ILE E 207 13.17 24.42 0.84
C ILE E 207 14.60 24.11 1.22
N GLN E 208 15.17 24.89 2.13
CA GLN E 208 16.54 24.70 2.57
C GLN E 208 16.58 24.26 4.02
N LEU E 209 17.12 23.07 4.27
CA LEU E 209 17.09 22.49 5.60
C LEU E 209 18.47 22.51 6.25
N LYS E 210 18.56 23.17 7.40
CA LYS E 210 19.79 23.26 8.17
C LYS E 210 19.73 22.25 9.31
N ARG E 211 20.71 21.36 9.38
CA ARG E 211 20.68 20.30 10.39
C ARG E 211 20.95 20.84 11.79
N GLU E 212 20.09 20.48 12.74
CA GLU E 212 20.25 20.93 14.12
C GLU E 212 21.50 20.35 14.77
N PHE E 213 22.25 21.19 15.45
CA PHE E 213 23.57 20.84 15.96
C PHE E 213 23.58 20.30 17.38
N SER E 214 22.63 20.75 18.19
CA SER E 214 22.57 20.38 19.61
C SER E 214 22.72 18.87 19.82
N PHE E 215 22.10 18.08 18.95
CA PHE E 215 22.20 16.63 19.05
C PHE E 215 23.63 16.14 18.85
N TYR E 216 24.29 16.63 17.80
CA TYR E 216 25.63 16.17 17.48
C TYR E 216 26.66 16.71 18.47
N LEU E 217 26.36 17.86 19.07
CA LEU E 217 27.21 18.38 20.14
C LEU E 217 27.21 17.42 21.32
N LEU E 218 26.01 16.99 21.73
CA LEU E 218 25.88 16.15 22.92
C LEU E 218 26.18 14.67 22.70
N GLN E 219 25.87 14.15 21.52
CA GLN E 219 26.00 12.72 21.29
C GLN E 219 27.29 12.33 20.57
N LEU E 220 28.02 13.33 20.08
CA LEU E 220 29.24 13.05 19.32
C LEU E 220 30.47 13.80 19.79
N TYR E 221 30.41 15.13 19.75
CA TYR E 221 31.57 15.95 20.08
C TYR E 221 31.93 15.93 21.56
N ILE E 222 30.98 16.34 22.41
CA ILE E 222 31.21 16.34 23.85
C ILE E 222 31.77 15.00 24.34
N PRO E 223 31.06 13.89 24.06
CA PRO E 223 31.49 12.59 24.58
C PRO E 223 32.86 12.15 24.04
N SER E 224 33.24 12.61 22.85
CA SER E 224 34.55 12.27 22.32
C SER E 224 35.67 13.04 23.00
N CYS E 225 35.43 14.32 23.30
CA CYS E 225 36.39 15.09 24.07
C CYS E 225 36.55 14.47 25.44
N MET E 226 35.42 14.17 26.06
CA MET E 226 35.40 13.53 27.36
C MET E 226 36.15 12.19 27.30
N LEU E 227 36.21 11.61 26.11
CA LEU E 227 36.87 10.33 25.91
C LEU E 227 38.37 10.50 25.70
N VAL E 228 38.73 11.53 24.92
CA VAL E 228 40.13 11.84 24.69
C VAL E 228 40.80 12.33 25.97
N ILE E 229 40.06 13.15 26.72
CA ILE E 229 40.57 13.70 27.97
C ILE E 229 40.88 12.59 28.98
N VAL E 230 40.08 11.53 28.97
CA VAL E 230 40.31 10.39 29.86
C VAL E 230 41.62 9.70 29.52
N SER E 231 41.94 9.61 28.23
CA SER E 231 43.17 8.95 27.81
C SER E 231 44.40 9.72 28.28
N TRP E 232 44.19 10.96 28.73
CA TRP E 232 45.29 11.79 29.19
C TRP E 232 45.59 11.59 30.68
N VAL E 233 44.58 11.19 31.44
CA VAL E 233 44.76 11.04 32.89
C VAL E 233 45.69 9.89 33.20
N SER E 234 46.16 9.20 32.17
CA SER E 234 47.10 8.10 32.35
C SER E 234 48.53 8.62 32.26
N PHE E 235 48.68 9.89 31.91
CA PHE E 235 50.00 10.54 31.89
C PHE E 235 50.42 10.90 33.32
N TRP E 236 49.50 10.73 34.26
CA TRP E 236 49.75 11.13 35.64
C TRP E 236 49.90 9.91 36.55
N PHE E 237 49.76 8.73 35.97
CA PHE E 237 50.05 7.50 36.68
C PHE E 237 51.54 7.17 36.57
N ASP E 238 52.13 6.66 37.65
CA ASP E 238 53.53 6.27 37.65
C ASP E 238 53.85 5.33 36.48
N ARG E 239 55.00 5.54 35.86
CA ARG E 239 55.40 4.76 34.69
C ARG E 239 55.58 3.29 35.01
N THR E 240 55.53 2.95 36.29
CA THR E 240 55.71 1.57 36.73
C THR E 240 54.41 0.79 36.62
N ALA E 241 53.29 1.46 36.88
CA ALA E 241 51.98 0.86 36.78
C ALA E 241 51.42 1.00 35.37
N ILE E 242 52.00 0.26 34.42
CA ILE E 242 51.54 0.31 33.04
C ILE E 242 50.15 -0.34 32.85
N PRO E 243 49.81 -1.36 33.66
CA PRO E 243 48.49 -1.95 33.52
C PRO E 243 47.38 -0.89 33.54
N ALA E 244 47.52 0.11 34.40
CA ALA E 244 46.53 1.18 34.49
C ALA E 244 46.47 2.01 33.22
N ARG E 245 47.63 2.31 32.66
CA ARG E 245 47.71 3.12 31.43
C ARG E 245 47.08 2.42 30.23
N VAL E 246 47.44 1.15 30.04
CA VAL E 246 46.89 0.38 28.93
C VAL E 246 45.39 0.25 29.06
N THR E 247 44.91 -0.06 30.26
CA THR E 247 43.48 -0.19 30.51
C THR E 247 42.73 1.07 30.07
N LEU E 248 43.26 2.23 30.44
CA LEU E 248 42.67 3.50 30.01
C LEU E 248 42.74 3.66 28.49
N GLY E 249 43.96 3.77 27.98
CA GLY E 249 44.19 4.00 26.56
C GLY E 249 43.44 3.06 25.63
N VAL E 250 43.27 1.81 26.03
CA VAL E 250 42.60 0.81 25.20
C VAL E 250 41.09 0.89 25.31
N THR E 251 40.57 1.10 26.51
CA THR E 251 39.14 1.21 26.72
C THR E 251 38.57 2.44 26.02
N THR E 252 39.30 3.54 26.10
CA THR E 252 38.88 4.78 25.45
C THR E 252 38.94 4.66 23.93
N LEU E 253 39.91 3.91 23.44
CA LEU E 253 40.04 3.69 22.00
C LEU E 253 38.93 2.80 21.47
N LEU E 254 38.66 1.71 22.19
CA LEU E 254 37.59 0.79 21.82
C LEU E 254 36.25 1.51 21.84
N THR E 255 35.96 2.22 22.93
CA THR E 255 34.74 3.00 23.05
C THR E 255 34.60 3.99 21.89
N MET E 256 35.71 4.63 21.54
CA MET E 256 35.74 5.55 20.42
C MET E 256 35.18 4.87 19.18
N THR E 257 35.69 3.67 18.89
CA THR E 257 35.22 2.87 17.76
C THR E 257 33.71 2.68 17.81
N ALA E 258 33.22 2.11 18.90
CA ALA E 258 31.80 1.86 19.07
C ALA E 258 30.99 3.12 18.75
N GLN E 259 31.36 4.23 19.38
CA GLN E 259 30.64 5.48 19.18
C GLN E 259 30.52 5.84 17.70
N SER E 260 31.64 5.77 16.99
CA SER E 260 31.64 6.08 15.56
C SER E 260 30.75 5.11 14.77
N ALA E 261 30.83 3.82 15.12
CA ALA E 261 29.99 2.82 14.48
C ALA E 261 28.52 3.21 14.59
N GLY E 262 28.15 3.78 15.73
CA GLY E 262 26.80 4.28 15.93
C GLY E 262 26.42 5.33 14.92
N ILE E 263 27.17 6.43 14.89
CA ILE E 263 26.89 7.51 13.96
C ILE E 263 26.89 7.02 12.52
N ASN E 264 27.92 6.27 12.16
CA ASN E 264 28.10 5.81 10.79
C ASN E 264 27.05 4.82 10.30
N SER E 265 26.30 4.23 11.23
CA SER E 265 25.29 3.24 10.86
C SER E 265 24.02 3.89 10.31
N GLN E 266 23.78 5.14 10.70
CA GLN E 266 22.59 5.86 10.26
C GLN E 266 22.83 6.57 8.93
N LEU E 267 24.03 6.40 8.37
CA LEU E 267 24.41 7.08 7.13
C LEU E 267 24.57 6.11 5.96
N PRO E 268 24.28 6.58 4.74
CA PRO E 268 24.47 5.75 3.55
C PRO E 268 25.94 5.78 3.17
N PRO E 269 26.46 4.65 2.68
CA PRO E 269 27.85 4.67 2.21
C PRO E 269 28.00 5.64 1.05
N VAL E 270 28.95 6.57 1.15
CA VAL E 270 29.19 7.54 0.09
C VAL E 270 30.57 7.37 -0.51
N SER E 271 30.93 8.26 -1.42
CA SER E 271 32.21 8.15 -2.12
C SER E 271 33.19 9.24 -1.69
N TYR E 272 32.77 10.05 -0.73
CA TYR E 272 33.60 11.17 -0.28
C TYR E 272 33.88 11.11 1.22
N ILE E 273 34.83 11.92 1.68
CA ILE E 273 35.14 11.98 3.10
C ILE E 273 34.34 13.08 3.79
N LYS E 274 33.52 12.69 4.76
CA LYS E 274 32.69 13.63 5.50
C LYS E 274 33.49 14.31 6.61
N ALA E 275 33.06 15.49 7.01
CA ALA E 275 33.73 16.21 8.09
C ALA E 275 33.64 15.44 9.40
N ILE E 276 32.60 14.62 9.52
CA ILE E 276 32.44 13.75 10.67
C ILE E 276 33.60 12.75 10.72
N ASP E 277 34.09 12.35 9.55
CA ASP E 277 35.17 11.39 9.45
C ASP E 277 36.48 12.01 9.93
N VAL E 278 36.71 13.26 9.53
CA VAL E 278 37.91 13.97 9.94
C VAL E 278 37.97 14.10 11.46
N TRP E 279 36.80 14.26 12.09
CA TRP E 279 36.79 14.48 13.52
C TRP E 279 36.93 13.20 14.32
N ILE E 280 36.25 12.14 13.91
CA ILE E 280 36.43 10.84 14.56
C ILE E 280 37.86 10.37 14.37
N GLY E 281 38.36 10.49 13.14
CA GLY E 281 39.70 10.04 12.82
C GLY E 281 40.78 10.71 13.62
N ALA E 282 40.62 12.01 13.87
CA ALA E 282 41.61 12.77 14.63
C ALA E 282 41.64 12.33 16.09
N CYS E 283 40.47 12.31 16.73
CA CYS E 283 40.37 11.87 18.11
C CYS E 283 40.94 10.47 18.25
N MET E 284 40.67 9.63 17.27
CA MET E 284 41.18 8.28 17.23
C MET E 284 42.70 8.29 17.35
N THR E 285 43.34 9.23 16.66
CA THR E 285 44.79 9.34 16.64
C THR E 285 45.34 9.78 17.99
N PHE E 286 44.71 10.80 18.58
CA PHE E 286 45.14 11.30 19.88
C PHE E 286 45.16 10.19 20.92
N ILE E 287 44.21 9.27 20.84
CA ILE E 287 44.15 8.14 21.76
C ILE E 287 45.18 7.08 21.36
N PHE E 288 45.39 6.93 20.06
CA PHE E 288 46.37 5.97 19.55
C PHE E 288 47.78 6.39 19.92
N CYS E 289 48.04 7.70 19.88
CA CYS E 289 49.37 8.21 20.23
C CYS E 289 49.59 8.18 21.73
N ALA E 290 48.50 8.19 22.50
CA ALA E 290 48.58 8.02 23.94
C ALA E 290 49.16 6.65 24.26
N LEU E 291 48.57 5.61 23.67
CA LEU E 291 49.07 4.25 23.83
C LEU E 291 50.53 4.18 23.41
N LEU E 292 50.82 4.70 22.21
CA LEU E 292 52.18 4.72 21.70
C LEU E 292 53.13 5.31 22.73
N GLU E 293 52.71 6.40 23.36
CA GLU E 293 53.53 7.06 24.37
C GLU E 293 53.80 6.11 25.54
N PHE E 294 52.76 5.41 25.99
CA PHE E 294 52.91 4.44 27.08
C PHE E 294 54.04 3.47 26.77
N ALA E 295 54.00 2.90 25.57
CA ALA E 295 55.02 1.94 25.16
C ALA E 295 56.41 2.58 25.15
N LEU E 296 56.51 3.75 24.53
CA LEU E 296 57.79 4.46 24.47
C LEU E 296 58.33 4.73 25.86
N VAL E 297 57.49 5.26 26.75
CA VAL E 297 57.89 5.57 28.11
C VAL E 297 58.31 4.32 28.88
N ASN E 298 57.45 3.32 28.87
CA ASN E 298 57.71 2.08 29.58
C ASN E 298 58.95 1.35 29.07
N HIS E 299 59.20 1.47 27.78
CA HIS E 299 60.33 0.76 27.15
C HIS E 299 61.69 1.36 27.53
N ILE E 300 61.82 2.68 27.43
CA ILE E 300 63.07 3.34 27.79
C ILE E 300 63.17 3.54 29.30
N ALA E 301 62.15 3.10 30.03
CA ALA E 301 62.14 3.22 31.48
C ALA E 301 62.92 2.07 32.14
N ASN E 302 62.60 0.84 31.74
CA ASN E 302 63.24 -0.33 32.32
C ASN E 302 64.70 -0.50 31.90
N ALA E 303 65.12 0.23 30.87
CA ALA E 303 66.51 0.22 30.44
C ALA E 303 67.41 0.58 31.63
N GLY E 304 68.39 -0.28 31.90
CA GLY E 304 69.23 -0.15 33.08
C GLY E 304 69.74 1.24 33.41
N THR E 305 70.34 1.90 32.43
CA THR E 305 70.99 3.19 32.68
C THR E 305 70.00 4.29 33.06
N THR E 306 70.41 5.14 33.99
CA THR E 306 69.59 6.27 34.43
C THR E 306 69.51 7.34 33.35
N GLU E 307 70.29 7.15 32.28
CA GLU E 307 70.29 8.07 31.15
C GLU E 307 68.94 8.08 30.46
N TRP E 308 68.40 6.89 30.22
CA TRP E 308 67.10 6.75 29.60
C TRP E 308 65.97 6.96 30.60
N ASN E 309 66.21 6.56 31.85
CA ASN E 309 65.17 6.64 32.86
C ASN E 309 64.59 8.04 33.03
N ASP E 310 65.44 9.03 33.20
CA ASP E 310 64.96 10.41 33.36
C ASP E 310 64.41 10.97 32.06
N ILE E 311 64.82 10.39 30.93
CA ILE E 311 64.22 10.72 29.64
C ILE E 311 62.77 10.23 29.62
N SER E 312 62.57 9.02 30.13
CA SER E 312 61.24 8.48 30.28
C SER E 312 60.35 9.45 31.05
N LYS E 313 60.87 9.96 32.16
CA LYS E 313 60.16 10.94 32.96
C LYS E 313 59.87 12.21 32.17
N ARG E 314 60.83 12.61 31.34
CA ARG E 314 60.72 13.82 30.55
C ARG E 314 59.61 13.73 29.50
N VAL E 315 59.43 12.54 28.95
CA VAL E 315 58.39 12.30 27.95
C VAL E 315 57.00 12.50 28.54
N ASP E 316 56.80 12.07 29.78
CA ASP E 316 55.52 12.28 30.45
C ASP E 316 55.25 13.75 30.69
N LEU E 317 56.22 14.45 31.26
CA LEU E 317 56.08 15.87 31.53
C LEU E 317 55.66 16.63 30.27
N ILE E 318 56.31 16.30 29.15
CA ILE E 318 55.99 16.94 27.87
C ILE E 318 54.60 16.55 27.37
N SER E 319 54.26 15.27 27.50
CA SER E 319 52.96 14.77 27.05
C SER E 319 51.81 15.44 27.80
N ARG E 320 51.96 15.54 29.11
CA ARG E 320 50.92 16.12 29.96
C ARG E 320 50.48 17.49 29.48
N ALA E 321 51.32 18.14 28.69
CA ALA E 321 51.01 19.48 28.19
C ALA E 321 50.85 19.50 26.67
N LEU E 322 51.71 18.76 25.98
CA LEU E 322 51.71 18.75 24.52
C LEU E 322 50.40 18.22 23.94
N PHE E 323 49.91 17.10 24.48
CA PHE E 323 48.65 16.51 24.02
C PHE E 323 47.49 17.51 24.08
N PRO E 324 47.20 18.03 25.29
CA PRO E 324 46.14 19.03 25.41
C PRO E 324 46.33 20.20 24.43
N VAL E 325 47.50 20.81 24.44
CA VAL E 325 47.78 21.92 23.52
C VAL E 325 47.51 21.55 22.07
N LEU E 326 48.02 20.40 21.64
CA LEU E 326 47.83 19.94 20.28
C LEU E 326 46.36 19.67 19.96
N PHE E 327 45.65 19.06 20.90
CA PHE E 327 44.24 18.76 20.71
C PHE E 327 43.42 20.04 20.62
N PHE E 328 43.81 21.04 21.42
CA PHE E 328 43.16 22.34 21.38
C PHE E 328 43.44 23.02 20.03
N VAL E 329 44.68 22.91 19.56
CA VAL E 329 45.05 23.43 18.25
C VAL E 329 44.20 22.77 17.17
N PHE E 330 44.02 21.46 17.28
CA PHE E 330 43.22 20.73 16.33
C PHE E 330 41.79 21.27 16.28
N ASN E 331 41.14 21.30 17.44
CA ASN E 331 39.79 21.85 17.52
C ASN E 331 39.68 23.18 16.79
N ILE E 332 40.62 24.08 17.05
CA ILE E 332 40.62 25.40 16.43
C ILE E 332 40.63 25.30 14.90
N LEU E 333 41.54 24.50 14.37
CA LEU E 333 41.59 24.28 12.93
C LEU E 333 40.31 23.63 12.43
N TYR E 334 39.86 22.59 13.14
CA TYR E 334 38.68 21.83 12.72
C TYR E 334 37.44 22.69 12.63
N TRP E 335 37.14 23.43 13.69
CA TRP E 335 35.90 24.21 13.75
C TRP E 335 35.90 25.40 12.81
N SER E 336 37.07 25.96 12.55
CA SER E 336 37.18 27.08 11.63
C SER E 336 37.02 26.57 10.20
N ARG E 337 37.25 25.28 10.02
CA ARG E 337 37.19 24.67 8.70
C ARG E 337 35.79 24.15 8.35
N PHE E 338 35.03 23.76 9.37
CA PHE E 338 33.74 23.12 9.14
C PHE E 338 32.55 23.82 9.81
N GLY E 339 32.83 24.73 10.74
CA GLY E 339 31.77 25.45 11.42
C GLY E 339 31.31 26.65 10.63
N HIS E 340 32.09 27.01 9.62
CA HIS E 340 31.87 28.21 8.81
C HIS E 340 30.40 28.36 8.42
N GLU F 1 -0.58 -52.07 15.78
CA GLU F 1 -1.61 -52.52 14.85
C GLU F 1 -2.92 -51.80 15.11
N VAL F 2 -3.59 -51.38 14.04
CA VAL F 2 -4.88 -50.72 14.16
C VAL F 2 -5.99 -51.76 14.22
N GLN F 3 -7.05 -51.44 14.94
CA GLN F 3 -8.20 -52.33 15.03
C GLN F 3 -9.51 -51.55 15.09
N LEU F 4 -10.50 -52.04 14.37
CA LEU F 4 -11.83 -51.49 14.46
C LEU F 4 -12.76 -52.60 14.96
N GLN F 5 -13.26 -52.45 16.19
CA GLN F 5 -14.17 -53.43 16.76
C GLN F 5 -15.58 -52.88 16.81
N GLN F 6 -16.49 -53.55 16.12
CA GLN F 6 -17.87 -53.10 16.05
C GLN F 6 -18.72 -53.82 17.08
N SER F 7 -19.88 -53.25 17.38
CA SER F 7 -20.79 -53.82 18.36
C SER F 7 -21.29 -55.20 17.93
N GLY F 8 -21.90 -55.92 18.86
CA GLY F 8 -22.39 -57.25 18.60
C GLY F 8 -23.62 -57.24 17.70
N PRO F 9 -24.14 -58.44 17.38
CA PRO F 9 -25.32 -58.58 16.52
C PRO F 9 -26.56 -58.09 17.24
N GLU F 10 -27.54 -57.60 16.49
CA GLU F 10 -28.76 -57.05 17.08
C GLU F 10 -30.00 -57.57 16.36
N LEU F 11 -31.08 -57.75 17.13
CA LEU F 11 -32.36 -58.14 16.59
C LEU F 11 -33.41 -57.13 17.03
N VAL F 12 -34.04 -56.47 16.06
CA VAL F 12 -35.00 -55.41 16.35
C VAL F 12 -36.24 -55.49 15.47
N ARG F 13 -37.38 -55.11 16.04
CA ARG F 13 -38.65 -55.10 15.31
C ARG F 13 -38.75 -53.90 14.37
N PRO F 14 -39.46 -54.08 13.25
CA PRO F 14 -39.67 -52.99 12.28
C PRO F 14 -40.24 -51.74 12.94
N GLY F 15 -39.88 -50.58 12.43
CA GLY F 15 -40.34 -49.32 12.99
C GLY F 15 -39.43 -48.77 14.05
N ALA F 16 -38.67 -49.65 14.70
CA ALA F 16 -37.73 -49.24 15.73
C ALA F 16 -36.43 -48.74 15.10
N SER F 17 -35.51 -48.31 15.94
CA SER F 17 -34.22 -47.81 15.47
C SER F 17 -33.11 -48.18 16.43
N MET F 18 -32.01 -48.71 15.91
CA MET F 18 -30.87 -49.07 16.74
C MET F 18 -29.57 -48.46 16.23
N LYS F 19 -28.56 -48.43 17.09
CA LYS F 19 -27.30 -47.77 16.79
C LYS F 19 -26.09 -48.67 17.03
N ILE F 20 -25.33 -48.94 15.97
CA ILE F 20 -24.13 -49.78 16.08
C ILE F 20 -22.86 -48.96 16.19
N SER F 21 -21.87 -49.48 16.91
CA SER F 21 -20.65 -48.74 17.18
C SER F 21 -19.44 -49.36 16.50
N CYS F 22 -18.36 -48.59 16.44
CA CYS F 22 -17.12 -49.02 15.83
C CYS F 22 -15.95 -48.42 16.59
N LYS F 23 -15.47 -49.13 17.61
CA LYS F 23 -14.41 -48.61 18.46
C LYS F 23 -13.03 -48.78 17.83
N ALA F 24 -12.39 -47.66 17.55
CA ALA F 24 -11.08 -47.66 16.90
C ALA F 24 -9.93 -47.58 17.90
N SER F 25 -8.86 -48.31 17.61
CA SER F 25 -7.69 -48.33 18.47
C SER F 25 -6.44 -48.62 17.67
N GLY F 26 -5.31 -48.12 18.15
CA GLY F 26 -4.04 -48.38 17.48
C GLY F 26 -3.61 -47.29 16.53
N TYR F 27 -4.39 -46.20 16.50
CA TYR F 27 -4.04 -45.04 15.67
C TYR F 27 -4.71 -43.79 16.21
N SER F 28 -4.19 -42.64 15.81
CA SER F 28 -4.79 -41.37 16.19
C SER F 28 -6.19 -41.27 15.59
N PHE F 29 -7.19 -41.57 16.42
CA PHE F 29 -8.57 -41.74 15.95
C PHE F 29 -9.09 -40.58 15.12
N THR F 30 -8.69 -39.36 15.49
CA THR F 30 -9.25 -38.16 14.90
C THR F 30 -8.61 -37.81 13.56
N GLY F 31 -7.63 -38.62 13.14
CA GLY F 31 -6.88 -38.32 11.93
C GLY F 31 -7.42 -38.94 10.66
N TYR F 32 -8.18 -40.02 10.80
CA TYR F 32 -8.70 -40.73 9.64
C TYR F 32 -10.22 -40.73 9.62
N THR F 33 -10.82 -40.44 8.47
CA THR F 33 -12.28 -40.42 8.37
C THR F 33 -12.84 -41.82 8.18
N MET F 34 -14.06 -42.05 8.68
CA MET F 34 -14.66 -43.38 8.69
C MET F 34 -15.76 -43.53 7.65
N ASN F 35 -15.73 -44.66 6.93
CA ASN F 35 -16.82 -45.02 6.03
C ASN F 35 -17.75 -46.04 6.67
N TRP F 36 -18.98 -46.10 6.20
CA TRP F 36 -19.90 -47.18 6.58
C TRP F 36 -20.43 -47.89 5.34
N VAL F 37 -20.23 -49.20 5.29
CA VAL F 37 -20.64 -50.00 4.14
C VAL F 37 -21.71 -51.01 4.55
N LYS F 38 -22.74 -51.14 3.72
CA LYS F 38 -23.82 -52.09 4.00
C LYS F 38 -23.79 -53.26 3.03
N GLN F 39 -23.63 -54.47 3.57
CA GLN F 39 -23.65 -55.68 2.77
C GLN F 39 -24.90 -56.48 3.06
N SER F 40 -25.83 -56.47 2.11
CA SER F 40 -27.09 -57.18 2.28
C SER F 40 -27.17 -58.38 1.34
N HIS F 41 -27.94 -59.39 1.74
CA HIS F 41 -28.09 -60.60 0.94
C HIS F 41 -28.68 -60.25 -0.42
N GLY F 42 -29.68 -59.37 -0.42
CA GLY F 42 -30.39 -59.02 -1.63
C GLY F 42 -29.58 -58.37 -2.72
N LYS F 43 -28.60 -57.55 -2.33
CA LYS F 43 -27.81 -56.78 -3.31
C LYS F 43 -26.31 -56.86 -3.02
N ASN F 44 -25.54 -55.99 -3.68
CA ASN F 44 -24.10 -55.96 -3.46
C ASN F 44 -23.77 -55.14 -2.23
N LEU F 45 -22.52 -54.66 -2.16
CA LEU F 45 -22.12 -53.71 -1.14
C LEU F 45 -22.66 -52.35 -1.49
N GLU F 46 -23.14 -51.62 -0.49
CA GLU F 46 -23.58 -50.26 -0.68
C GLU F 46 -22.80 -49.33 0.24
N TRP F 47 -22.45 -48.15 -0.28
CA TRP F 47 -21.77 -47.15 0.52
C TRP F 47 -22.80 -46.22 1.17
N ILE F 48 -22.85 -46.23 2.49
CA ILE F 48 -23.85 -45.44 3.21
C ILE F 48 -23.44 -43.97 3.34
N GLY F 49 -22.24 -43.75 3.83
CA GLY F 49 -21.73 -42.40 4.02
C GLY F 49 -20.42 -42.39 4.76
N LEU F 50 -19.91 -41.21 5.07
CA LEU F 50 -18.66 -41.11 5.80
C LEU F 50 -18.68 -39.94 6.77
N ILE F 51 -17.83 -40.02 7.79
CA ILE F 51 -17.72 -38.96 8.78
C ILE F 51 -16.27 -38.69 9.11
N ASN F 52 -15.93 -37.42 9.29
CA ASN F 52 -14.59 -37.02 9.67
C ASN F 52 -14.54 -36.77 11.17
N PRO F 53 -13.88 -37.66 11.92
CA PRO F 53 -13.86 -37.59 13.39
C PRO F 53 -13.42 -36.22 13.89
N TYR F 54 -12.33 -35.71 13.33
CA TYR F 54 -11.76 -34.43 13.78
C TYR F 54 -12.71 -33.28 13.53
N ASN F 55 -13.48 -33.40 12.46
CA ASN F 55 -14.23 -32.28 11.92
C ASN F 55 -15.69 -32.30 12.33
N GLY F 56 -16.22 -33.51 12.51
CA GLY F 56 -17.63 -33.68 12.77
C GLY F 56 -18.39 -33.80 11.47
N GLY F 57 -17.77 -33.30 10.40
CA GLY F 57 -18.39 -33.29 9.09
C GLY F 57 -18.82 -34.64 8.57
N THR F 58 -19.93 -34.65 7.84
CA THR F 58 -20.45 -35.90 7.28
C THR F 58 -20.89 -35.72 5.83
N SER F 59 -20.98 -36.84 5.12
CA SER F 59 -21.46 -36.84 3.74
C SER F 59 -22.13 -38.18 3.44
N TYR F 60 -23.43 -38.14 3.16
CA TYR F 60 -24.21 -39.37 2.99
C TYR F 60 -24.47 -39.70 1.52
N ASN F 61 -24.60 -40.99 1.24
CA ASN F 61 -25.13 -41.44 -0.04
C ASN F 61 -26.57 -40.96 -0.13
N GLN F 62 -26.95 -40.34 -1.24
CA GLN F 62 -28.31 -39.84 -1.40
C GLN F 62 -29.33 -40.88 -0.97
N LYS F 63 -29.01 -42.14 -1.21
CA LYS F 63 -29.90 -43.26 -0.92
C LYS F 63 -30.23 -43.37 0.57
N PHE F 64 -29.22 -43.16 1.42
CA PHE F 64 -29.39 -43.32 2.87
C PHE F 64 -29.60 -41.98 3.58
N LYS F 65 -29.79 -40.93 2.81
CA LYS F 65 -30.13 -39.62 3.37
C LYS F 65 -31.38 -39.71 4.22
N GLY F 66 -31.21 -39.72 5.54
CA GLY F 66 -32.35 -39.80 6.43
C GLY F 66 -32.55 -41.18 7.03
N LYS F 67 -31.86 -42.18 6.47
CA LYS F 67 -31.93 -43.54 7.01
C LYS F 67 -30.81 -43.77 8.03
N ALA F 68 -29.64 -43.22 7.76
CA ALA F 68 -28.50 -43.37 8.65
C ALA F 68 -27.99 -42.02 9.15
N THR F 69 -27.49 -42.01 10.38
CA THR F 69 -26.95 -40.80 10.98
C THR F 69 -25.59 -41.05 11.63
N LEU F 70 -24.53 -40.68 10.92
CA LEU F 70 -23.17 -40.90 11.41
C LEU F 70 -22.79 -39.88 12.47
N THR F 71 -22.21 -40.36 13.56
CA THR F 71 -21.70 -39.50 14.62
C THR F 71 -20.36 -40.04 15.10
N VAL F 72 -19.75 -39.34 16.04
CA VAL F 72 -18.44 -39.75 16.54
C VAL F 72 -18.21 -39.22 17.95
N ASP F 73 -17.62 -40.05 18.80
CA ASP F 73 -17.30 -39.66 20.17
C ASP F 73 -15.79 -39.67 20.36
N LYS F 74 -15.18 -38.49 20.23
CA LYS F 74 -13.72 -38.35 20.27
C LYS F 74 -13.09 -38.98 21.51
N SER F 75 -13.70 -38.75 22.67
CA SER F 75 -13.15 -39.22 23.93
C SER F 75 -12.88 -40.72 23.92
N SER F 76 -13.84 -41.49 23.40
CA SER F 76 -13.76 -42.94 23.44
C SER F 76 -13.28 -43.56 22.13
N SER F 77 -12.87 -42.72 21.18
CA SER F 77 -12.41 -43.19 19.88
C SER F 77 -13.40 -44.13 19.21
N THR F 78 -14.69 -43.78 19.32
CA THR F 78 -15.74 -44.62 18.76
C THR F 78 -16.54 -43.90 17.68
N ALA F 79 -16.89 -44.61 16.61
CA ALA F 79 -17.78 -44.08 15.59
C ALA F 79 -19.10 -44.81 15.68
N TYR F 80 -20.20 -44.06 15.66
CA TYR F 80 -21.53 -44.65 15.78
C TYR F 80 -22.34 -44.46 14.51
N MET F 81 -23.32 -45.33 14.29
CA MET F 81 -24.25 -45.17 13.18
C MET F 81 -25.68 -45.45 13.61
N GLU F 82 -26.53 -44.42 13.52
CA GLU F 82 -27.95 -44.58 13.80
C GLU F 82 -28.67 -45.09 12.56
N LEU F 83 -29.66 -45.96 12.76
CA LEU F 83 -30.50 -46.43 11.68
C LEU F 83 -31.97 -46.27 12.05
N LEU F 84 -32.65 -45.35 11.38
CA LEU F 84 -34.03 -45.01 11.75
C LEU F 84 -35.05 -45.78 10.91
N SER F 85 -36.29 -45.81 11.38
CA SER F 85 -37.38 -46.48 10.67
C SER F 85 -36.96 -47.82 10.06
N LEU F 86 -36.35 -48.67 10.89
CA LEU F 86 -35.87 -49.97 10.43
C LEU F 86 -36.98 -50.80 9.79
N THR F 87 -36.64 -51.49 8.70
CA THR F 87 -37.59 -52.34 8.01
C THR F 87 -36.91 -53.63 7.57
N SER F 88 -37.61 -54.44 6.77
CA SER F 88 -37.06 -55.70 6.29
C SER F 88 -35.80 -55.47 5.47
N GLU F 89 -35.81 -54.41 4.65
CA GLU F 89 -34.70 -54.13 3.74
C GLU F 89 -33.43 -53.74 4.48
N ASP F 90 -33.57 -53.36 5.74
CA ASP F 90 -32.42 -52.93 6.53
C ASP F 90 -31.67 -54.11 7.15
N SER F 91 -32.21 -55.32 6.99
CA SER F 91 -31.56 -56.52 7.49
C SER F 91 -30.30 -56.86 6.68
N ALA F 92 -29.14 -56.56 7.25
CA ALA F 92 -27.88 -56.79 6.55
C ALA F 92 -26.70 -56.83 7.51
N VAL F 93 -25.49 -56.81 6.95
CA VAL F 93 -24.28 -56.69 7.74
C VAL F 93 -23.63 -55.34 7.47
N TYR F 94 -23.42 -54.56 8.52
CA TYR F 94 -22.88 -53.22 8.38
C TYR F 94 -21.42 -53.14 8.80
N TYR F 95 -20.55 -52.84 7.86
CA TYR F 95 -19.12 -52.71 8.13
C TYR F 95 -18.76 -51.24 8.30
N CYS F 96 -17.66 -50.99 8.99
CA CYS F 96 -17.09 -49.66 9.04
C CYS F 96 -15.66 -49.74 8.50
N ALA F 97 -15.34 -48.88 7.54
CA ALA F 97 -14.03 -48.93 6.87
C ALA F 97 -13.32 -47.58 6.91
N ARG F 98 -12.11 -47.58 7.45
CA ARG F 98 -11.33 -46.35 7.61
C ARG F 98 -10.76 -45.87 6.29
N ASP F 99 -10.65 -44.55 6.12
CA ASP F 99 -10.01 -43.98 4.95
C ASP F 99 -8.50 -44.03 5.12
N GLY F 100 -7.77 -44.00 4.02
CA GLY F 100 -6.34 -44.23 4.04
C GLY F 100 -5.44 -43.10 4.52
N ASP F 101 -5.81 -41.86 4.21
CA ASP F 101 -4.91 -40.73 4.45
C ASP F 101 -4.97 -40.12 5.85
N TYR F 102 -3.87 -39.50 6.24
CA TYR F 102 -3.69 -38.90 7.57
C TYR F 102 -4.07 -37.43 7.56
N TYR F 103 -5.16 -37.11 8.26
CA TYR F 103 -5.70 -35.75 8.28
C TYR F 103 -5.92 -35.18 6.89
N ARG F 104 -6.50 -36.00 6.02
CA ARG F 104 -6.95 -35.58 4.70
C ARG F 104 -7.64 -36.75 4.02
N TYR F 105 -8.54 -36.44 3.09
CA TYR F 105 -9.35 -37.45 2.43
C TYR F 105 -8.64 -38.04 1.23
N GLY F 106 -8.35 -39.34 1.29
CA GLY F 106 -7.59 -39.99 0.24
C GLY F 106 -8.42 -40.84 -0.70
N ARG F 107 -9.69 -41.05 -0.35
CA ARG F 107 -10.58 -41.87 -1.16
C ARG F 107 -9.98 -43.26 -1.44
N TYR F 108 -9.58 -43.95 -0.38
CA TYR F 108 -9.19 -45.35 -0.50
C TYR F 108 -9.24 -46.04 0.87
N PHE F 109 -9.61 -47.32 0.88
CA PHE F 109 -9.91 -47.99 2.12
C PHE F 109 -8.72 -48.70 2.76
N ASP F 110 -8.60 -48.54 4.08
CA ASP F 110 -7.59 -49.24 4.87
C ASP F 110 -8.19 -50.47 5.49
N TYR F 111 -8.53 -50.33 6.77
CA TYR F 111 -8.99 -51.43 7.61
C TYR F 111 -10.50 -51.39 7.76
N TRP F 112 -11.12 -52.57 7.73
CA TRP F 112 -12.54 -52.70 7.98
C TRP F 112 -12.76 -53.31 9.36
N GLY F 113 -14.00 -53.27 9.83
CA GLY F 113 -14.37 -53.95 11.06
C GLY F 113 -14.79 -55.38 10.74
N GLN F 114 -15.12 -56.15 11.78
CA GLN F 114 -15.54 -57.52 11.57
C GLN F 114 -16.99 -57.56 11.08
N GLY F 115 -17.62 -56.39 11.08
CA GLY F 115 -19.00 -56.26 10.65
C GLY F 115 -19.99 -56.47 11.78
N THR F 116 -21.16 -55.85 11.64
CA THR F 116 -22.25 -56.02 12.60
C THR F 116 -23.48 -56.53 11.89
N THR F 117 -24.00 -57.67 12.33
CA THR F 117 -25.18 -58.24 11.68
C THR F 117 -26.47 -57.72 12.33
N LEU F 118 -27.27 -57.02 11.54
CA LEU F 118 -28.53 -56.48 12.03
C LEU F 118 -29.71 -57.24 11.42
N THR F 119 -30.55 -57.79 12.29
CA THR F 119 -31.72 -58.54 11.84
C THR F 119 -33.01 -57.81 12.21
N VAL F 120 -33.74 -57.36 11.20
CA VAL F 120 -35.01 -56.68 11.42
C VAL F 120 -36.14 -57.60 11.01
N SER F 121 -36.68 -58.31 12.00
CA SER F 121 -37.75 -59.29 11.80
C SER F 121 -38.73 -59.18 12.96
N SER F 122 -39.97 -59.59 12.73
CA SER F 122 -40.98 -59.54 13.77
C SER F 122 -41.27 -60.90 14.39
N ALA F 123 -40.44 -61.89 14.04
CA ALA F 123 -40.56 -63.24 14.59
C ALA F 123 -40.18 -63.28 16.06
N LYS F 124 -40.89 -64.12 16.83
CA LYS F 124 -40.62 -64.28 18.26
C LYS F 124 -39.67 -65.44 18.52
N THR F 125 -39.08 -65.46 19.71
CA THR F 125 -38.14 -66.52 20.08
C THR F 125 -38.82 -67.89 20.09
N THR F 126 -38.56 -68.69 19.07
CA THR F 126 -39.17 -70.00 18.93
C THR F 126 -38.15 -71.13 19.13
N PRO F 127 -38.42 -72.04 20.07
CA PRO F 127 -37.53 -73.18 20.33
C PRO F 127 -37.54 -74.19 19.17
N PRO F 128 -36.39 -74.83 18.91
CA PRO F 128 -36.18 -75.74 17.78
C PRO F 128 -36.85 -77.09 17.97
N SER F 129 -37.65 -77.50 16.99
CA SER F 129 -38.28 -78.81 16.99
C SER F 129 -37.39 -79.82 16.25
N VAL F 130 -36.82 -80.75 16.98
CA VAL F 130 -35.86 -81.71 16.41
C VAL F 130 -36.52 -83.00 15.93
N TYR F 131 -36.21 -83.38 14.69
CA TYR F 131 -36.74 -84.62 14.11
C TYR F 131 -35.59 -85.53 13.66
N PRO F 132 -35.67 -86.83 13.99
CA PRO F 132 -34.63 -87.79 13.64
C PRO F 132 -34.63 -88.16 12.16
N LEU F 133 -33.45 -88.12 11.53
CA LEU F 133 -33.31 -88.51 10.13
C LEU F 133 -32.54 -89.81 10.00
N CYS F 149 -30.16 -85.51 11.54
CA CYS F 149 -30.73 -84.80 12.68
C CYS F 149 -31.24 -83.43 12.25
N LEU F 150 -32.55 -83.33 12.04
CA LEU F 150 -33.17 -82.12 11.50
C LEU F 150 -33.64 -81.16 12.60
N VAL F 151 -32.98 -80.00 12.69
CA VAL F 151 -33.38 -78.97 13.65
C VAL F 151 -34.26 -77.92 12.95
N LYS F 152 -35.56 -78.08 13.09
CA LYS F 152 -36.53 -77.30 12.31
C LYS F 152 -37.27 -76.25 13.14
N GLY F 153 -37.62 -75.14 12.49
CA GLY F 153 -38.41 -74.10 13.11
C GLY F 153 -37.87 -73.56 14.42
N TYR F 154 -36.75 -72.84 14.35
CA TYR F 154 -36.15 -72.23 15.53
C TYR F 154 -35.72 -70.80 15.27
N PHE F 155 -35.71 -69.99 16.33
CA PHE F 155 -35.35 -68.59 16.22
C PHE F 155 -35.11 -68.00 17.61
N PRO F 156 -34.12 -67.11 17.72
CA PRO F 156 -33.24 -66.71 16.63
C PRO F 156 -31.95 -67.52 16.68
N GLU F 157 -31.13 -67.44 15.63
CA GLU F 157 -29.86 -68.14 15.61
C GLU F 157 -28.98 -67.74 16.80
N PRO F 158 -27.98 -68.57 17.14
CA PRO F 158 -27.60 -69.81 16.48
C PRO F 158 -28.09 -71.05 17.22
N VAL F 159 -27.75 -72.23 16.70
CA VAL F 159 -28.00 -73.48 17.40
C VAL F 159 -26.77 -74.38 17.31
N THR F 160 -26.37 -74.94 18.44
CA THR F 160 -25.20 -75.81 18.50
C THR F 160 -25.58 -77.29 18.50
N VAL F 161 -25.00 -78.04 17.56
CA VAL F 161 -25.33 -79.46 17.42
C VAL F 161 -24.14 -80.39 17.64
N THR F 162 -24.32 -81.38 18.50
CA THR F 162 -23.26 -82.36 18.80
C THR F 162 -23.77 -83.78 18.62
N TRP F 163 -22.92 -84.76 18.90
CA TRP F 163 -23.28 -86.17 18.81
C TRP F 163 -22.71 -86.98 19.97
N ASN F 164 -23.59 -87.69 20.68
CA ASN F 164 -23.20 -88.46 21.86
C ASN F 164 -22.61 -87.58 22.96
N SER F 165 -23.14 -86.36 23.09
CA SER F 165 -22.69 -85.42 24.10
C SER F 165 -21.28 -84.90 23.83
N GLY F 166 -20.74 -85.25 22.68
CA GLY F 166 -19.41 -84.80 22.29
C GLY F 166 -18.52 -85.92 21.78
N SER F 167 -18.90 -87.15 22.05
CA SER F 167 -18.12 -88.33 21.65
C SER F 167 -17.75 -88.29 20.17
N LEU F 168 -18.73 -88.54 19.30
CA LEU F 168 -18.50 -88.54 17.86
C LEU F 168 -18.03 -87.16 17.38
N SER F 169 -16.72 -87.02 17.19
CA SER F 169 -16.15 -85.77 16.72
C SER F 169 -15.80 -85.85 15.24
N SER F 170 -15.42 -87.04 14.80
CA SER F 170 -15.04 -87.28 13.41
C SER F 170 -16.25 -87.71 12.57
N GLY F 171 -16.35 -87.14 11.37
CA GLY F 171 -17.43 -87.49 10.46
C GLY F 171 -18.68 -86.66 10.66
N VAL F 172 -18.58 -85.63 11.50
CA VAL F 172 -19.72 -84.77 11.80
C VAL F 172 -19.84 -83.63 10.79
N HIS F 173 -21.08 -83.30 10.43
CA HIS F 173 -21.35 -82.22 9.47
C HIS F 173 -22.60 -81.43 9.83
N THR F 174 -22.41 -80.18 10.25
CA THR F 174 -23.53 -79.28 10.55
C THR F 174 -23.70 -78.25 9.45
N PHE F 175 -24.78 -78.39 8.69
CA PHE F 175 -25.02 -77.54 7.52
C PHE F 175 -25.54 -76.15 7.90
N PRO F 176 -25.39 -75.17 6.99
CA PRO F 176 -25.90 -73.80 7.18
C PRO F 176 -27.42 -73.78 7.28
N ALA F 177 -27.98 -72.80 7.99
CA ALA F 177 -29.42 -72.74 8.20
C ALA F 177 -30.12 -71.86 7.17
N VAL F 178 -31.24 -72.36 6.63
CA VAL F 178 -32.04 -71.61 5.67
C VAL F 178 -33.04 -70.71 6.39
N LEU F 179 -34.13 -70.37 5.69
CA LEU F 179 -35.18 -69.55 6.28
C LEU F 179 -36.54 -69.99 5.75
N GLN F 180 -37.12 -70.99 6.39
CA GLN F 180 -38.43 -71.50 6.00
C GLN F 180 -39.53 -70.85 6.82
N SER F 181 -40.23 -69.90 6.22
CA SER F 181 -41.36 -69.23 6.86
C SER F 181 -40.99 -68.52 8.16
N ASP F 182 -40.14 -67.50 8.05
CA ASP F 182 -39.79 -66.65 9.19
C ASP F 182 -39.04 -67.36 10.31
N LEU F 183 -38.71 -68.63 10.09
CA LEU F 183 -37.94 -69.39 11.07
C LEU F 183 -36.77 -70.12 10.40
N TYR F 184 -35.76 -70.48 11.19
CA TYR F 184 -34.56 -71.13 10.66
C TYR F 184 -34.67 -72.65 10.70
N THR F 185 -33.91 -73.32 9.84
CA THR F 185 -33.93 -74.77 9.77
C THR F 185 -32.62 -75.30 9.21
N LEU F 186 -31.93 -76.13 10.00
CA LEU F 186 -30.67 -76.74 9.56
C LEU F 186 -30.62 -78.23 9.89
N SER F 187 -29.63 -78.92 9.36
CA SER F 187 -29.50 -80.36 9.57
C SER F 187 -28.08 -80.76 9.98
N THR F 203 -27.33 -90.52 19.24
CA THR F 203 -28.21 -89.39 19.50
C THR F 203 -27.49 -88.09 19.18
N CYS F 204 -28.24 -86.98 19.16
CA CYS F 204 -27.65 -85.67 18.95
C CYS F 204 -28.23 -84.65 19.93
N ASN F 205 -27.37 -83.81 20.49
CA ASN F 205 -27.80 -82.78 21.42
C ASN F 205 -28.02 -81.45 20.72
N VAL F 206 -29.29 -81.08 20.57
CA VAL F 206 -29.64 -79.80 19.97
C VAL F 206 -29.95 -78.79 21.07
N ALA F 207 -29.13 -77.75 21.14
CA ALA F 207 -29.32 -76.70 22.14
C ALA F 207 -29.52 -75.34 21.49
N HIS F 208 -30.43 -74.55 22.05
CA HIS F 208 -30.72 -73.21 21.59
C HIS F 208 -30.57 -72.25 22.76
N PRO F 209 -29.62 -71.30 22.66
CA PRO F 209 -29.33 -70.34 23.73
C PRO F 209 -30.54 -69.50 24.16
N ALA F 210 -31.22 -68.88 23.22
CA ALA F 210 -32.35 -68.01 23.57
C ALA F 210 -33.53 -68.79 24.15
N SER F 211 -33.83 -69.92 23.53
CA SER F 211 -34.92 -70.78 24.00
C SER F 211 -34.58 -71.40 25.35
N SER F 212 -33.29 -71.62 25.57
CA SER F 212 -32.83 -72.33 26.75
C SER F 212 -33.41 -73.73 26.74
N THR F 213 -33.65 -74.26 25.54
CA THR F 213 -34.21 -75.59 25.37
C THR F 213 -33.19 -76.53 24.77
N LYS F 214 -33.04 -77.71 25.38
CA LYS F 214 -32.14 -78.73 24.88
C LYS F 214 -32.87 -80.06 24.71
N VAL F 215 -32.84 -80.62 23.51
CA VAL F 215 -33.59 -81.83 23.20
C VAL F 215 -32.67 -82.98 22.82
N ASP F 216 -33.18 -84.20 22.93
CA ASP F 216 -32.45 -85.41 22.51
C ASP F 216 -33.33 -86.31 21.65
N LYS F 217 -32.80 -86.75 20.52
CA LYS F 217 -33.53 -87.66 19.64
C LYS F 217 -32.58 -88.70 19.06
N LYS F 218 -32.58 -89.90 19.62
CA LYS F 218 -31.68 -90.96 19.17
C LYS F 218 -32.17 -91.56 17.85
N ILE F 219 -31.22 -91.94 17.00
CA ILE F 219 -31.54 -92.46 15.68
C ILE F 219 -31.92 -93.94 15.72
N VAL F 220 -33.20 -94.22 15.55
CA VAL F 220 -33.70 -95.60 15.52
C VAL F 220 -33.98 -96.04 14.08
N PRO F 221 -33.47 -97.22 13.70
CA PRO F 221 -33.62 -97.73 12.33
C PRO F 221 -35.06 -98.06 11.97
N GLU G 1 -20.44 -6.60 49.79
CA GLU G 1 -21.84 -6.71 49.39
C GLU G 1 -22.30 -5.46 48.64
N VAL G 2 -23.04 -5.67 47.56
CA VAL G 2 -23.56 -4.54 46.80
C VAL G 2 -24.88 -4.08 47.40
N GLN G 3 -25.16 -2.79 47.29
CA GLN G 3 -26.42 -2.24 47.77
C GLN G 3 -26.91 -1.13 46.87
N LEU G 4 -28.22 -1.13 46.63
CA LEU G 4 -28.86 -0.04 45.92
C LEU G 4 -29.88 0.60 46.85
N GLN G 5 -29.61 1.82 47.29
CA GLN G 5 -30.53 2.51 48.18
C GLN G 5 -31.24 3.63 47.43
N GLN G 6 -32.56 3.54 47.37
CA GLN G 6 -33.35 4.52 46.64
C GLN G 6 -33.89 5.58 47.59
N SER G 7 -34.28 6.72 47.03
CA SER G 7 -34.81 7.83 47.81
C SER G 7 -36.09 7.44 48.56
N GLY G 8 -36.49 8.28 49.51
CA GLY G 8 -37.67 8.02 50.30
C GLY G 8 -38.95 8.19 49.50
N PRO G 9 -40.10 7.95 50.15
CA PRO G 9 -41.42 8.07 49.51
C PRO G 9 -41.74 9.53 49.22
N GLU G 10 -42.52 9.78 48.17
CA GLU G 10 -42.85 11.14 47.78
C GLU G 10 -44.33 11.31 47.50
N LEU G 11 -44.85 12.49 47.81
CA LEU G 11 -46.24 12.83 47.51
C LEU G 11 -46.26 14.12 46.70
N VAL G 12 -46.79 14.04 45.48
CA VAL G 12 -46.80 15.19 44.58
C VAL G 12 -48.13 15.35 43.86
N ARG G 13 -48.49 16.61 43.57
CA ARG G 13 -49.74 16.91 42.89
C ARG G 13 -49.60 16.68 41.38
N PRO G 14 -50.70 16.30 40.72
CA PRO G 14 -50.72 16.08 39.27
C PRO G 14 -50.17 17.28 38.53
N GLY G 15 -49.52 17.04 37.39
CA GLY G 15 -48.95 18.12 36.59
C GLY G 15 -47.52 18.42 36.96
N ALA G 16 -47.15 18.12 38.20
CA ALA G 16 -45.79 18.35 38.67
C ALA G 16 -44.87 17.22 38.23
N SER G 17 -43.59 17.33 38.57
CA SER G 17 -42.62 16.30 38.21
C SER G 17 -41.57 16.15 39.32
N MET G 18 -41.30 14.91 39.70
CA MET G 18 -40.30 14.65 40.74
C MET G 18 -39.27 13.63 40.26
N LYS G 19 -38.14 13.58 40.97
CA LYS G 19 -37.01 12.73 40.57
C LYS G 19 -36.51 11.85 41.70
N ILE G 20 -36.57 10.54 41.52
CA ILE G 20 -36.11 9.59 42.54
C ILE G 20 -34.70 9.08 42.24
N SER G 21 -33.94 8.79 43.30
CA SER G 21 -32.54 8.41 43.15
C SER G 21 -32.29 6.96 43.55
N CYS G 22 -31.14 6.44 43.15
CA CYS G 22 -30.74 5.07 43.46
C CYS G 22 -29.24 5.03 43.68
N LYS G 23 -28.82 5.23 44.92
CA LYS G 23 -27.40 5.28 45.24
C LYS G 23 -26.78 3.90 45.36
N ALA G 24 -25.85 3.61 44.46
CA ALA G 24 -25.20 2.30 44.41
C ALA G 24 -23.88 2.28 45.17
N SER G 25 -23.62 1.18 45.86
CA SER G 25 -22.40 1.01 46.63
C SER G 25 -22.01 -0.46 46.70
N GLY G 26 -20.72 -0.71 46.86
CA GLY G 26 -20.23 -2.08 46.99
C GLY G 26 -19.77 -2.69 45.68
N TYR G 27 -19.77 -1.89 44.62
CA TYR G 27 -19.29 -2.34 43.32
C TYR G 27 -18.86 -1.17 42.46
N SER G 28 -18.05 -1.45 41.44
CA SER G 28 -17.63 -0.41 40.50
C SER G 28 -18.88 0.11 39.77
N PHE G 29 -19.38 1.25 40.23
CA PHE G 29 -20.68 1.77 39.77
C PHE G 29 -20.80 1.86 38.26
N THR G 30 -19.71 2.23 37.60
CA THR G 30 -19.75 2.53 36.18
C THR G 30 -19.70 1.27 35.30
N GLY G 31 -19.61 0.11 35.94
CA GLY G 31 -19.45 -1.14 35.20
C GLY G 31 -20.74 -1.85 34.85
N TYR G 32 -21.79 -1.58 35.61
CA TYR G 32 -23.07 -2.27 35.42
C TYR G 32 -24.17 -1.28 35.04
N THR G 33 -24.98 -1.62 34.04
CA THR G 33 -26.05 -0.74 33.61
C THR G 33 -27.28 -0.92 34.49
N MET G 34 -28.05 0.15 34.67
CA MET G 34 -29.18 0.15 35.58
C MET G 34 -30.53 0.10 34.87
N ASN G 35 -31.43 -0.75 35.36
CA ASN G 35 -32.80 -0.78 34.88
C ASN G 35 -33.72 -0.04 35.85
N TRP G 36 -34.87 0.40 35.34
CA TRP G 36 -35.91 0.95 36.19
C TRP G 36 -37.22 0.22 35.94
N VAL G 37 -37.80 -0.33 37.00
CA VAL G 37 -39.03 -1.10 36.90
C VAL G 37 -40.15 -0.42 37.67
N LYS G 38 -41.34 -0.37 37.08
CA LYS G 38 -42.50 0.24 37.72
C LYS G 38 -43.53 -0.81 38.13
N GLN G 39 -43.80 -0.87 39.43
CA GLN G 39 -44.82 -1.79 39.95
C GLN G 39 -46.02 -1.01 40.45
N SER G 40 -47.11 -1.05 39.68
CA SER G 40 -48.33 -0.33 40.04
C SER G 40 -49.42 -1.29 40.47
N HIS G 41 -50.34 -0.81 41.31
CA HIS G 41 -51.44 -1.63 41.78
C HIS G 41 -52.29 -2.11 40.62
N GLY G 42 -52.55 -1.20 39.67
CA GLY G 42 -53.43 -1.48 38.55
C GLY G 42 -52.98 -2.58 37.61
N LYS G 43 -51.67 -2.70 37.41
CA LYS G 43 -51.12 -3.66 36.45
C LYS G 43 -49.96 -4.46 37.03
N ASN G 44 -49.24 -5.16 36.16
CA ASN G 44 -48.09 -5.94 36.59
C ASN G 44 -46.87 -5.04 36.70
N LEU G 45 -45.71 -5.67 36.66
CA LEU G 45 -44.45 -4.96 36.58
C LEU G 45 -44.26 -4.44 35.16
N GLU G 46 -43.77 -3.21 35.04
CA GLU G 46 -43.45 -2.66 33.73
C GLU G 46 -41.98 -2.24 33.68
N TRP G 47 -41.34 -2.48 32.54
CA TRP G 47 -39.97 -2.07 32.35
C TRP G 47 -39.92 -0.67 31.72
N ILE G 48 -39.36 0.29 32.45
CA ILE G 48 -39.36 1.67 31.99
C ILE G 48 -38.24 1.92 30.98
N GLY G 49 -37.02 1.53 31.35
CA GLY G 49 -35.86 1.76 30.50
C GLY G 49 -34.58 1.42 31.24
N LEU G 50 -33.45 1.67 30.60
CA LEU G 50 -32.17 1.39 31.23
C LEU G 50 -31.13 2.43 30.82
N ILE G 51 -30.10 2.57 31.66
CA ILE G 51 -29.03 3.51 31.38
C ILE G 51 -27.69 2.89 31.71
N ASN G 52 -26.70 3.16 30.87
CA ASN G 52 -25.34 2.68 31.07
C ASN G 52 -24.50 3.77 31.73
N PRO G 53 -24.17 3.60 33.01
CA PRO G 53 -23.45 4.63 33.77
C PRO G 53 -22.18 5.10 33.07
N TYR G 54 -21.38 4.16 32.60
CA TYR G 54 -20.10 4.48 31.97
C TYR G 54 -20.29 5.26 30.69
N ASN G 55 -21.39 4.98 30.00
CA ASN G 55 -21.58 5.41 28.64
C ASN G 55 -22.46 6.65 28.53
N GLY G 56 -23.38 6.78 29.48
CA GLY G 56 -24.40 7.82 29.43
C GLY G 56 -25.59 7.33 28.63
N GLY G 57 -25.35 6.33 27.79
CA GLY G 57 -26.38 5.83 26.90
C GLY G 57 -27.64 5.36 27.59
N THR G 58 -28.78 5.56 26.93
CA THR G 58 -30.06 5.15 27.47
C THR G 58 -30.93 4.46 26.42
N SER G 59 -31.91 3.71 26.88
CA SER G 59 -32.87 3.03 26.01
C SER G 59 -34.19 2.87 26.75
N TYR G 60 -35.23 3.53 26.25
CA TYR G 60 -36.52 3.54 26.95
C TYR G 60 -37.53 2.59 26.33
N ASN G 61 -38.43 2.09 27.17
CA ASN G 61 -39.62 1.42 26.69
C ASN G 61 -40.46 2.44 25.92
N GLN G 62 -40.90 2.08 24.73
CA GLN G 62 -41.68 3.01 23.91
C GLN G 62 -42.79 3.66 24.73
N LYS G 63 -43.33 2.90 25.67
CA LYS G 63 -44.42 3.36 26.52
C LYS G 63 -44.05 4.59 27.35
N PHE G 64 -42.83 4.59 27.90
CA PHE G 64 -42.40 5.66 28.79
C PHE G 64 -41.53 6.69 28.08
N LYS G 65 -41.45 6.59 26.75
CA LYS G 65 -40.75 7.58 25.95
C LYS G 65 -41.33 8.96 26.20
N GLY G 66 -40.63 9.78 26.97
CA GLY G 66 -41.08 11.12 27.27
C GLY G 66 -41.68 11.26 28.66
N LYS G 67 -41.96 10.13 29.30
CA LYS G 67 -42.48 10.15 30.67
C LYS G 67 -41.36 10.06 31.70
N ALA G 68 -40.34 9.27 31.37
CA ALA G 68 -39.19 9.12 32.26
C ALA G 68 -37.89 9.54 31.58
N THR G 69 -36.96 10.07 32.37
CA THR G 69 -35.67 10.50 31.86
C THR G 69 -34.53 10.00 32.75
N LEU G 70 -33.89 8.93 32.32
CA LEU G 70 -32.81 8.32 33.10
C LEU G 70 -31.51 9.11 32.96
N THR G 71 -30.86 9.37 34.10
CA THR G 71 -29.57 10.03 34.12
C THR G 71 -28.69 9.34 35.14
N VAL G 72 -27.44 9.80 35.24
CA VAL G 72 -26.49 9.18 36.16
C VAL G 72 -25.41 10.17 36.58
N ASP G 73 -25.06 10.14 37.86
CA ASP G 73 -24.00 11.00 38.39
C ASP G 73 -22.83 10.15 38.85
N LYS G 74 -21.82 10.02 37.99
CA LYS G 74 -20.68 9.15 38.26
C LYS G 74 -20.01 9.42 39.59
N SER G 75 -19.80 10.70 39.91
CA SER G 75 -19.08 11.08 41.12
C SER G 75 -19.69 10.45 42.37
N SER G 76 -21.01 10.48 42.46
CA SER G 76 -21.72 10.02 43.66
C SER G 76 -22.27 8.60 43.53
N SER G 77 -21.96 7.94 42.43
CA SER G 77 -22.46 6.59 42.20
C SER G 77 -23.98 6.49 42.33
N THR G 78 -24.68 7.49 41.80
CA THR G 78 -26.13 7.54 41.91
C THR G 78 -26.81 7.51 40.55
N ALA G 79 -27.90 6.77 40.45
CA ALA G 79 -28.73 6.79 39.25
C ALA G 79 -30.03 7.51 39.56
N TYR G 80 -30.43 8.43 38.68
CA TYR G 80 -31.64 9.21 38.90
C TYR G 80 -32.69 8.90 37.84
N MET G 81 -33.96 9.11 38.19
CA MET G 81 -35.05 8.99 37.22
C MET G 81 -36.04 10.15 37.34
N GLU G 82 -36.14 10.93 36.27
CA GLU G 82 -37.12 12.01 36.21
C GLU G 82 -38.47 11.46 35.77
N LEU G 83 -39.54 11.98 36.34
CA LEU G 83 -40.90 11.63 35.90
C LEU G 83 -41.70 12.90 35.64
N LEU G 84 -42.01 13.15 34.37
CA LEU G 84 -42.67 14.39 33.96
C LEU G 84 -44.18 14.24 33.87
N SER G 85 -44.88 15.38 33.86
CA SER G 85 -46.35 15.38 33.74
C SER G 85 -47.01 14.29 34.58
N LEU G 86 -46.66 14.23 35.86
CA LEU G 86 -47.20 13.21 36.74
C LEU G 86 -48.72 13.24 36.78
N THR G 87 -49.33 12.05 36.81
CA THR G 87 -50.78 11.92 36.88
C THR G 87 -51.17 10.81 37.83
N SER G 88 -52.45 10.45 37.85
CA SER G 88 -52.94 9.39 38.72
C SER G 88 -52.27 8.07 38.38
N GLU G 89 -52.10 7.81 37.09
CA GLU G 89 -51.55 6.54 36.62
C GLU G 89 -50.08 6.34 37.02
N ASP G 90 -49.42 7.43 37.38
CA ASP G 90 -48.01 7.36 37.76
C ASP G 90 -47.82 6.95 39.23
N SER G 91 -48.92 6.83 39.95
CA SER G 91 -48.86 6.42 41.35
C SER G 91 -48.49 4.95 41.47
N ALA G 92 -47.25 4.67 41.81
CA ALA G 92 -46.76 3.30 41.90
C ALA G 92 -45.50 3.19 42.75
N VAL G 93 -44.88 2.02 42.73
CA VAL G 93 -43.59 1.81 43.37
C VAL G 93 -42.52 1.59 42.30
N TYR G 94 -41.50 2.42 42.32
CA TYR G 94 -40.46 2.37 41.30
C TYR G 94 -39.17 1.74 41.82
N TYR G 95 -38.81 0.59 41.25
CA TYR G 95 -37.59 -0.09 41.63
C TYR G 95 -36.47 0.21 40.64
N CYS G 96 -35.24 0.06 41.08
CA CYS G 96 -34.10 0.11 40.20
C CYS G 96 -33.35 -1.21 40.30
N ALA G 97 -33.10 -1.84 39.15
CA ALA G 97 -32.48 -3.17 39.14
C ALA G 97 -31.24 -3.20 38.25
N ARG G 98 -30.12 -3.62 38.84
CA ARG G 98 -28.84 -3.64 38.13
C ARG G 98 -28.77 -4.80 37.15
N ASP G 99 -28.05 -4.60 36.05
CA ASP G 99 -27.80 -5.66 35.09
C ASP G 99 -26.66 -6.54 35.58
N GLY G 100 -26.62 -7.78 35.11
CA GLY G 100 -25.71 -8.76 35.65
C GLY G 100 -24.25 -8.67 35.22
N ASP G 101 -24.00 -8.27 33.98
CA ASP G 101 -22.64 -8.35 33.44
C ASP G 101 -21.75 -7.15 33.71
N TYR G 102 -20.44 -7.42 33.70
CA TYR G 102 -19.40 -6.43 34.00
C TYR G 102 -18.90 -5.75 32.74
N TYR G 103 -19.21 -4.46 32.61
CA TYR G 103 -18.87 -3.70 31.41
C TYR G 103 -19.35 -4.36 30.12
N ARG G 104 -20.59 -4.83 30.16
CA ARG G 104 -21.28 -5.34 28.99
C ARG G 104 -22.70 -5.72 29.37
N TYR G 105 -23.60 -5.69 28.39
CA TYR G 105 -25.03 -5.92 28.64
C TYR G 105 -25.34 -7.41 28.61
N GLY G 106 -25.80 -7.93 29.75
CA GLY G 106 -26.07 -9.36 29.86
C GLY G 106 -27.54 -9.73 29.80
N ARG G 107 -28.41 -8.72 29.87
CA ARG G 107 -29.84 -8.96 29.87
C ARG G 107 -30.27 -9.95 30.96
N TYR G 108 -29.89 -9.66 32.20
CA TYR G 108 -30.39 -10.42 33.35
C TYR G 108 -30.18 -9.63 34.64
N PHE G 109 -31.11 -9.76 35.57
CA PHE G 109 -31.13 -8.89 36.74
C PHE G 109 -30.35 -9.43 37.93
N ASP G 110 -29.61 -8.53 38.57
CA ASP G 110 -28.88 -8.84 39.80
C ASP G 110 -29.70 -8.39 40.99
N TYR G 111 -29.29 -7.23 41.50
CA TYR G 111 -29.84 -6.68 42.73
C TYR G 111 -30.84 -5.58 42.43
N TRP G 112 -31.90 -5.54 43.22
CA TRP G 112 -32.90 -4.48 43.12
C TRP G 112 -32.76 -3.56 44.31
N GLY G 113 -33.43 -2.41 44.25
CA GLY G 113 -33.50 -1.50 45.39
C GLY G 113 -34.70 -1.87 46.24
N GLN G 114 -34.88 -1.16 47.36
CA GLN G 114 -36.01 -1.43 48.24
C GLN G 114 -37.28 -0.85 47.65
N GLY G 115 -37.13 -0.10 46.56
CA GLY G 115 -38.25 0.53 45.90
C GLY G 115 -38.58 1.91 46.44
N THR G 116 -39.16 2.76 45.60
CA THR G 116 -39.59 4.09 46.01
C THR G 116 -41.07 4.25 45.73
N THR G 117 -41.85 4.55 46.75
CA THR G 117 -43.29 4.70 46.57
C THR G 117 -43.65 6.14 46.22
N LEU G 118 -44.21 6.32 45.03
CA LEU G 118 -44.62 7.64 44.56
C LEU G 118 -46.14 7.76 44.56
N THR G 119 -46.66 8.74 45.27
CA THR G 119 -48.10 8.98 45.34
C THR G 119 -48.48 10.29 44.66
N VAL G 120 -49.22 10.20 43.57
CA VAL G 120 -49.67 11.37 42.85
C VAL G 120 -51.16 11.58 43.04
N SER G 121 -51.51 12.55 43.87
CA SER G 121 -52.90 12.84 44.18
C SER G 121 -53.09 14.33 44.46
N SER G 122 -54.01 14.97 43.75
CA SER G 122 -54.33 16.36 44.00
C SER G 122 -55.24 16.47 45.23
N ALA G 123 -55.34 15.38 45.97
CA ALA G 123 -56.24 15.29 47.12
C ALA G 123 -55.86 16.24 48.26
N LYS G 124 -56.87 16.62 49.04
CA LYS G 124 -56.68 17.47 50.21
C LYS G 124 -56.57 16.61 51.47
N THR G 125 -55.81 17.07 52.45
CA THR G 125 -55.72 16.36 53.72
C THR G 125 -57.13 16.14 54.27
N THR G 126 -57.58 14.90 54.26
CA THR G 126 -58.95 14.59 54.65
C THR G 126 -59.01 13.57 55.78
N PRO G 127 -59.84 13.86 56.80
CA PRO G 127 -60.09 12.91 57.89
C PRO G 127 -60.95 11.74 57.42
N PRO G 128 -60.92 10.63 58.16
CA PRO G 128 -61.69 9.42 57.80
C PRO G 128 -63.13 9.47 58.27
N SER G 129 -64.06 9.12 57.39
CA SER G 129 -65.46 8.98 57.76
C SER G 129 -65.75 7.51 58.08
N VAL G 130 -65.91 7.20 59.36
CA VAL G 130 -66.07 5.82 59.81
C VAL G 130 -67.53 5.37 59.85
N TYR G 131 -67.83 4.29 59.15
CA TYR G 131 -69.16 3.70 59.18
C TYR G 131 -69.08 2.33 59.82
N PRO G 132 -70.11 1.96 60.60
CA PRO G 132 -70.17 0.67 61.29
C PRO G 132 -70.55 -0.49 60.36
N LEU G 133 -69.89 -1.64 60.55
CA LEU G 133 -70.17 -2.82 59.74
C LEU G 133 -70.72 -3.95 60.60
N ALA G 134 -72.04 -4.07 60.63
CA ALA G 134 -72.70 -5.11 61.40
C ALA G 134 -73.40 -6.13 60.49
N PRO G 135 -73.63 -7.35 61.00
CA PRO G 135 -74.30 -8.41 60.23
C PRO G 135 -75.81 -8.18 60.12
N GLY G 148 -67.13 -5.40 62.30
CA GLY G 148 -66.20 -4.72 61.41
C GLY G 148 -66.43 -3.23 61.31
N CYS G 149 -65.38 -2.50 60.91
CA CYS G 149 -65.47 -1.06 60.71
C CYS G 149 -65.13 -0.71 59.26
N LEU G 150 -65.30 0.56 58.88
CA LEU G 150 -65.06 0.97 57.51
C LEU G 150 -64.50 2.39 57.42
N VAL G 151 -63.20 2.53 57.66
CA VAL G 151 -62.54 3.81 57.48
C VAL G 151 -62.60 4.20 56.01
N LYS G 152 -63.27 5.32 55.71
CA LYS G 152 -63.58 5.68 54.32
C LYS G 152 -63.22 7.10 53.95
N GLY G 153 -62.67 7.28 52.76
CA GLY G 153 -62.32 8.59 52.24
C GLY G 153 -61.33 9.36 53.09
N TYR G 154 -60.23 8.71 53.47
CA TYR G 154 -59.21 9.33 54.29
C TYR G 154 -57.89 9.41 53.54
N PHE G 155 -57.20 10.54 53.66
CA PHE G 155 -55.93 10.76 52.97
C PHE G 155 -55.14 11.85 53.66
N PRO G 156 -53.81 11.69 53.72
CA PRO G 156 -53.10 10.52 53.19
C PRO G 156 -52.94 9.44 54.26
N GLU G 157 -52.60 8.23 53.83
CA GLU G 157 -52.31 7.15 54.76
C GLU G 157 -51.25 7.62 55.77
N PRO G 158 -51.12 6.89 56.88
CA PRO G 158 -51.91 5.70 57.16
C PRO G 158 -53.07 6.01 58.10
N VAL G 159 -53.66 4.95 58.63
CA VAL G 159 -54.69 5.05 59.65
C VAL G 159 -54.57 3.82 60.54
N THR G 160 -54.76 4.00 61.85
CA THR G 160 -54.65 2.88 62.77
C THR G 160 -55.98 2.62 63.47
N VAL G 161 -56.26 1.34 63.70
CA VAL G 161 -57.54 0.93 64.27
C VAL G 161 -57.34 -0.05 65.43
N THR G 162 -58.06 0.20 66.52
CA THR G 162 -58.07 -0.71 67.67
C THR G 162 -59.53 -1.05 68.01
N TRP G 163 -59.71 -2.06 68.85
CA TRP G 163 -61.05 -2.45 69.29
C TRP G 163 -61.22 -2.29 70.79
N ASN G 164 -62.37 -1.79 71.21
CA ASN G 164 -62.63 -1.55 72.62
C ASN G 164 -61.51 -0.76 73.29
N SER G 165 -61.00 0.24 72.57
CA SER G 165 -59.93 1.10 73.07
C SER G 165 -58.67 0.30 73.38
N GLY G 166 -58.54 -0.86 72.74
CA GLY G 166 -57.35 -1.68 72.90
C GLY G 166 -57.59 -3.03 73.56
N SER G 167 -58.67 -3.14 74.32
CA SER G 167 -58.98 -4.37 75.04
C SER G 167 -59.06 -5.58 74.12
N LEU G 168 -60.09 -5.60 73.28
CA LEU G 168 -60.32 -6.70 72.34
C LEU G 168 -59.27 -6.70 71.23
N SER G 169 -58.18 -7.45 71.43
CA SER G 169 -57.07 -7.47 70.49
C SER G 169 -56.88 -8.83 69.81
N SER G 170 -57.71 -9.80 70.19
CA SER G 170 -57.63 -11.15 69.64
C SER G 170 -58.63 -11.37 68.51
N GLY G 171 -58.12 -11.74 67.34
CA GLY G 171 -58.96 -12.01 66.19
C GLY G 171 -59.31 -10.77 65.39
N VAL G 172 -58.50 -9.73 65.55
CA VAL G 172 -58.71 -8.48 64.82
C VAL G 172 -57.89 -8.45 63.54
N HIS G 173 -58.57 -8.22 62.42
CA HIS G 173 -57.90 -8.19 61.12
C HIS G 173 -58.07 -6.83 60.45
N THR G 174 -56.96 -6.11 60.31
CA THR G 174 -56.98 -4.83 59.59
C THR G 174 -56.47 -5.00 58.16
N PHE G 175 -57.36 -4.81 57.20
CA PHE G 175 -57.04 -5.07 55.81
C PHE G 175 -56.36 -3.88 55.13
N PRO G 176 -55.49 -4.17 54.15
CA PRO G 176 -54.84 -3.16 53.32
C PRO G 176 -55.82 -2.06 52.89
N ALA G 177 -55.32 -0.85 52.70
CA ALA G 177 -56.16 0.25 52.23
C ALA G 177 -56.26 0.24 50.71
N VAL G 178 -57.28 0.88 50.18
CA VAL G 178 -57.50 0.92 48.74
C VAL G 178 -57.82 2.32 48.25
N LEU G 179 -57.51 2.60 46.99
CA LEU G 179 -57.76 3.92 46.41
C LEU G 179 -59.01 3.87 45.54
N GLN G 180 -60.16 4.09 46.16
CA GLN G 180 -61.45 3.88 45.49
C GLN G 180 -62.06 5.16 44.90
N SER G 181 -61.78 6.30 45.50
CA SER G 181 -62.32 7.57 45.02
C SER G 181 -61.23 8.63 45.00
N ASP G 182 -59.99 8.19 44.87
CA ASP G 182 -58.82 9.06 44.99
C ASP G 182 -58.53 9.29 46.46
N LEU G 183 -59.37 8.71 47.32
CA LEU G 183 -59.17 8.76 48.77
C LEU G 183 -59.09 7.33 49.32
N TYR G 184 -58.10 7.07 50.15
CA TYR G 184 -57.90 5.74 50.71
C TYR G 184 -59.11 5.27 51.53
N THR G 185 -59.24 3.97 51.69
CA THR G 185 -60.40 3.37 52.35
C THR G 185 -60.09 1.93 52.77
N LEU G 186 -60.15 1.65 54.06
CA LEU G 186 -59.90 0.29 54.55
C LEU G 186 -60.90 -0.12 55.62
N SER G 187 -60.96 -1.41 55.89
CA SER G 187 -61.83 -1.93 56.94
C SER G 187 -61.05 -2.84 57.89
N SER G 188 -61.71 -3.26 58.98
CA SER G 188 -61.07 -4.10 59.98
C SER G 188 -62.11 -4.92 60.75
N SER G 189 -62.00 -6.24 60.68
CA SER G 189 -62.99 -7.12 61.31
C SER G 189 -62.54 -7.68 62.66
N VAL G 190 -63.38 -8.52 63.26
CA VAL G 190 -63.10 -9.12 64.57
C VAL G 190 -63.97 -10.35 64.81
N THR G 191 -63.46 -11.28 65.61
CA THR G 191 -64.16 -12.54 65.89
C THR G 191 -64.68 -12.59 67.32
N THR G 201 -70.95 -5.06 74.56
CA THR G 201 -70.69 -3.96 73.63
C THR G 201 -69.39 -4.19 72.86
N VAL G 202 -69.22 -3.44 71.76
CA VAL G 202 -68.03 -3.54 70.92
C VAL G 202 -67.91 -2.30 70.03
N THR G 203 -66.81 -1.55 70.20
CA THR G 203 -66.55 -0.35 69.39
C THR G 203 -65.16 -0.37 68.77
N CYS G 204 -65.03 0.25 67.60
CA CYS G 204 -63.73 0.33 66.93
C CYS G 204 -63.18 1.76 66.94
N ASN G 205 -61.91 1.91 67.27
CA ASN G 205 -61.28 3.21 67.37
C ASN G 205 -60.33 3.50 66.22
N VAL G 206 -60.58 4.60 65.51
CA VAL G 206 -59.74 5.02 64.39
C VAL G 206 -58.93 6.26 64.78
N ALA G 207 -57.69 6.34 64.31
CA ALA G 207 -56.82 7.44 64.72
C ALA G 207 -55.95 7.99 63.59
N HIS G 208 -56.53 8.83 62.74
CA HIS G 208 -55.81 9.43 61.62
C HIS G 208 -54.87 10.53 62.09
N PRO G 209 -53.55 10.28 62.01
CA PRO G 209 -52.53 11.22 62.50
C PRO G 209 -52.29 12.41 61.58
N ALA G 210 -52.68 12.29 60.31
CA ALA G 210 -52.43 13.35 59.34
C ALA G 210 -53.37 14.54 59.50
N SER G 211 -54.45 14.33 60.25
CA SER G 211 -55.42 15.40 60.51
C SER G 211 -55.89 15.36 61.96
N SER G 212 -55.22 14.56 62.78
CA SER G 212 -55.52 14.47 64.21
C SER G 212 -56.97 14.09 64.45
N THR G 213 -57.48 13.17 63.65
CA THR G 213 -58.85 12.71 63.79
C THR G 213 -58.90 11.34 64.48
N LYS G 214 -59.43 11.31 65.69
CA LYS G 214 -59.58 10.05 66.41
C LYS G 214 -61.05 9.79 66.75
N VAL G 215 -61.82 9.39 65.74
CA VAL G 215 -63.25 9.13 65.90
C VAL G 215 -63.52 7.67 66.26
N ASP G 216 -64.53 7.45 67.09
CA ASP G 216 -64.95 6.09 67.43
C ASP G 216 -66.40 5.86 67.01
N LYS G 217 -66.70 4.66 66.55
CA LYS G 217 -68.06 4.30 66.17
C LYS G 217 -68.44 2.96 66.80
N LYS G 218 -69.53 2.97 67.58
CA LYS G 218 -70.02 1.76 68.22
C LYS G 218 -70.60 0.81 67.18
N ILE G 219 -70.61 -0.49 67.48
CA ILE G 219 -71.15 -1.47 66.55
C ILE G 219 -72.46 -2.08 67.05
N VAL G 220 -73.57 -1.52 66.58
CA VAL G 220 -74.90 -1.98 66.99
C VAL G 220 -75.55 -2.84 65.90
N PRO G 221 -76.47 -3.73 66.30
CA PRO G 221 -77.18 -4.62 65.37
C PRO G 221 -77.84 -3.88 64.21
N GLU H 1 34.84 -28.46 -27.28
CA GLU H 1 34.11 -28.44 -28.54
C GLU H 1 32.74 -29.09 -28.39
N VAL H 2 31.72 -28.47 -28.98
CA VAL H 2 30.38 -29.05 -28.93
C VAL H 2 30.20 -30.03 -30.07
N GLN H 3 29.39 -31.05 -29.84
CA GLN H 3 29.08 -32.04 -30.87
C GLN H 3 27.65 -32.51 -30.78
N LEU H 4 27.02 -32.66 -31.92
CA LEU H 4 25.69 -33.24 -32.01
C LEU H 4 25.79 -34.50 -32.87
N GLN H 5 25.64 -35.66 -32.25
CA GLN H 5 25.71 -36.92 -32.98
C GLN H 5 24.32 -37.53 -33.11
N GLN H 6 23.88 -37.71 -34.34
CA GLN H 6 22.55 -38.23 -34.60
C GLN H 6 22.60 -39.73 -34.85
N SER H 7 21.46 -40.39 -34.71
CA SER H 7 21.38 -41.83 -34.91
C SER H 7 21.74 -42.23 -36.34
N GLY H 8 21.95 -43.52 -36.55
CA GLY H 8 22.32 -44.02 -37.86
C GLY H 8 21.17 -43.97 -38.84
N PRO H 9 21.43 -44.39 -40.10
CA PRO H 9 20.41 -44.40 -41.15
C PRO H 9 19.36 -45.47 -40.87
N GLU H 10 18.14 -45.24 -41.33
CA GLU H 10 17.04 -46.16 -41.08
C GLU H 10 16.23 -46.44 -42.33
N LEU H 11 15.75 -47.67 -42.44
CA LEU H 11 14.87 -48.08 -43.53
C LEU H 11 13.57 -48.63 -42.96
N VAL H 12 12.45 -48.00 -43.29
CA VAL H 12 11.16 -48.39 -42.74
C VAL H 12 10.06 -48.38 -43.79
N ARG H 13 9.10 -49.29 -43.62
CA ARG H 13 7.97 -49.40 -44.55
C ARG H 13 6.93 -48.33 -44.27
N PRO H 14 6.21 -47.89 -45.31
CA PRO H 14 5.16 -46.89 -45.17
C PRO H 14 4.14 -47.29 -44.11
N GLY H 15 3.57 -46.30 -43.42
CA GLY H 15 2.59 -46.56 -42.39
C GLY H 15 3.20 -46.72 -41.02
N ALA H 16 4.48 -47.11 -40.99
CA ALA H 16 5.20 -47.28 -39.74
C ALA H 16 5.70 -45.93 -39.23
N SER H 17 6.34 -45.94 -38.07
CA SER H 17 6.89 -44.72 -37.49
C SER H 17 8.20 -45.00 -36.76
N MET H 18 9.21 -44.19 -37.02
CA MET H 18 10.50 -44.35 -36.35
C MET H 18 10.96 -43.05 -35.70
N LYS H 19 11.93 -43.17 -34.80
CA LYS H 19 12.39 -42.03 -34.01
C LYS H 19 13.91 -41.89 -34.06
N ILE H 20 14.39 -40.74 -34.56
CA ILE H 20 15.82 -40.49 -34.63
C ILE H 20 16.30 -39.61 -33.47
N SER H 21 17.54 -39.84 -33.05
CA SER H 21 18.09 -39.14 -31.88
C SER H 21 19.21 -38.18 -32.25
N CYS H 22 19.54 -37.29 -31.31
CA CYS H 22 20.58 -36.30 -31.51
C CYS H 22 21.27 -36.07 -30.17
N LYS H 23 22.32 -36.84 -29.91
CA LYS H 23 23.03 -36.75 -28.63
C LYS H 23 24.01 -35.58 -28.59
N ALA H 24 23.74 -34.64 -27.70
CA ALA H 24 24.55 -33.44 -27.57
C ALA H 24 25.61 -33.58 -26.49
N SER H 25 26.79 -33.03 -26.76
CA SER H 25 27.90 -33.09 -25.82
C SER H 25 28.82 -31.90 -26.01
N GLY H 26 29.49 -31.49 -24.93
CA GLY H 26 30.44 -30.39 -25.00
C GLY H 26 29.83 -29.06 -24.61
N TYR H 27 28.59 -29.09 -24.15
CA TYR H 27 27.92 -27.87 -23.66
C TYR H 27 26.80 -28.22 -22.69
N SER H 28 26.39 -27.24 -21.90
CA SER H 28 25.26 -27.43 -21.00
C SER H 28 23.99 -27.70 -21.82
N PHE H 29 23.64 -28.97 -21.94
CA PHE H 29 22.58 -29.39 -22.87
C PHE H 29 21.28 -28.63 -22.71
N THR H 30 20.94 -28.30 -21.47
CA THR H 30 19.63 -27.74 -21.16
C THR H 30 19.56 -26.23 -21.45
N GLY H 31 20.67 -25.66 -21.88
CA GLY H 31 20.76 -24.23 -22.07
C GLY H 31 20.40 -23.72 -23.46
N TYR H 32 20.53 -24.60 -24.46
CA TYR H 32 20.29 -24.23 -25.85
C TYR H 32 19.13 -25.02 -26.45
N THR H 33 18.22 -24.34 -27.14
CA THR H 33 17.08 -25.03 -27.74
C THR H 33 17.48 -25.66 -29.08
N MET H 34 16.83 -26.77 -29.42
CA MET H 34 17.19 -27.54 -30.61
C MET H 34 16.19 -27.39 -31.75
N ASN H 35 16.71 -27.18 -32.96
CA ASN H 35 15.87 -27.18 -34.15
C ASN H 35 15.97 -28.52 -34.88
N TRP H 36 14.96 -28.83 -35.68
CA TRP H 36 15.04 -29.97 -36.59
C TRP H 36 14.76 -29.52 -38.01
N VAL H 37 15.69 -29.83 -38.91
CA VAL H 37 15.57 -29.42 -40.30
C VAL H 37 15.48 -30.64 -41.21
N LYS H 38 14.58 -30.60 -42.18
CA LYS H 38 14.42 -31.71 -43.13
C LYS H 38 14.92 -31.32 -44.52
N GLN H 39 15.91 -32.08 -45.01
CA GLN H 39 16.44 -31.88 -46.35
C GLN H 39 16.06 -33.03 -47.26
N SER H 40 15.11 -32.80 -48.16
CA SER H 40 14.64 -33.82 -49.06
C SER H 40 15.09 -33.54 -50.48
N HIS H 41 15.22 -34.60 -51.27
CA HIS H 41 15.64 -34.46 -52.67
C HIS H 41 14.65 -33.60 -53.44
N GLY H 42 13.36 -33.84 -53.20
CA GLY H 42 12.30 -33.16 -53.93
C GLY H 42 12.23 -31.66 -53.77
N LYS H 43 12.57 -31.17 -52.58
CA LYS H 43 12.45 -29.73 -52.28
C LYS H 43 13.71 -29.18 -51.59
N ASN H 44 13.59 -27.98 -51.05
CA ASN H 44 14.70 -27.36 -50.33
C ASN H 44 14.74 -27.85 -48.89
N LEU H 45 15.41 -27.08 -48.04
CA LEU H 45 15.41 -27.35 -46.61
C LEU H 45 14.07 -26.90 -46.02
N GLU H 46 13.52 -27.71 -45.13
CA GLU H 46 12.31 -27.32 -44.43
C GLU H 46 12.57 -27.31 -42.93
N TRP H 47 11.99 -26.32 -42.25
CA TRP H 47 12.08 -26.25 -40.79
C TRP H 47 10.90 -26.99 -40.15
N ILE H 48 11.20 -28.05 -39.41
CA ILE H 48 10.15 -28.89 -38.82
C ILE H 48 9.60 -28.27 -37.54
N GLY H 49 10.49 -27.92 -36.62
CA GLY H 49 10.08 -27.36 -35.36
C GLY H 49 11.26 -27.23 -34.41
N LEU H 50 10.99 -26.81 -33.18
CA LEU H 50 12.06 -26.67 -32.20
C LEU H 50 11.59 -27.03 -30.81
N ILE H 51 12.52 -27.42 -29.96
CA ILE H 51 12.19 -27.77 -28.58
C ILE H 51 13.22 -27.18 -27.62
N ASN H 52 12.73 -26.70 -26.48
CA ASN H 52 13.59 -26.16 -25.44
C ASN H 52 13.85 -27.21 -24.38
N PRO H 53 15.08 -27.73 -24.34
CA PRO H 53 15.43 -28.83 -23.43
C PRO H 53 15.05 -28.53 -21.98
N TYR H 54 15.40 -27.34 -21.51
CA TYR H 54 15.17 -26.95 -20.12
C TYR H 54 13.70 -26.88 -19.80
N ASN H 55 12.92 -26.50 -20.80
CA ASN H 55 11.55 -26.11 -20.60
C ASN H 55 10.56 -27.22 -20.94
N GLY H 56 10.95 -28.03 -21.92
CA GLY H 56 10.07 -29.06 -22.44
C GLY H 56 9.26 -28.49 -23.59
N GLY H 57 9.15 -27.17 -23.61
CA GLY H 57 8.33 -26.47 -24.59
C GLY H 57 8.69 -26.76 -26.03
N THR H 58 7.69 -26.79 -26.90
CA THR H 58 7.91 -27.04 -28.31
C THR H 58 7.10 -26.09 -29.19
N SER H 59 7.53 -25.97 -30.44
CA SER H 59 6.84 -25.14 -31.42
C SER H 59 7.08 -25.73 -32.81
N TYR H 60 6.00 -26.18 -33.45
CA TYR H 60 6.12 -26.86 -34.74
C TYR H 60 5.76 -25.97 -35.92
N ASN H 61 6.37 -26.25 -37.06
CA ASN H 61 5.93 -25.69 -38.32
C ASN H 61 4.54 -26.24 -38.59
N GLN H 62 3.60 -25.36 -38.93
CA GLN H 62 2.22 -25.80 -39.20
C GLN H 62 2.20 -27.03 -40.10
N LYS H 63 3.14 -27.09 -41.03
CA LYS H 63 3.24 -28.17 -41.99
C LYS H 63 3.43 -29.54 -41.34
N PHE H 64 4.27 -29.58 -40.30
CA PHE H 64 4.60 -30.85 -39.66
C PHE H 64 3.82 -31.08 -38.37
N LYS H 65 2.83 -30.22 -38.13
CA LYS H 65 1.93 -30.39 -36.99
C LYS H 65 1.25 -31.76 -37.07
N GLY H 66 1.71 -32.68 -36.23
CA GLY H 66 1.14 -34.03 -36.22
C GLY H 66 1.99 -35.05 -36.94
N LYS H 67 2.96 -34.59 -37.72
CA LYS H 67 3.87 -35.50 -38.41
C LYS H 67 5.11 -35.78 -37.56
N ALA H 68 5.59 -34.75 -36.86
CA ALA H 68 6.76 -34.89 -36.01
C ALA H 68 6.44 -34.56 -34.56
N THR H 69 7.12 -35.24 -33.64
CA THR H 69 6.94 -35.00 -32.21
C THR H 69 8.28 -34.88 -31.49
N LEU H 70 8.67 -33.63 -31.23
CA LEU H 70 9.95 -33.36 -30.56
C LEU H 70 9.88 -33.63 -29.06
N THR H 71 10.88 -34.35 -28.56
CA THR H 71 11.02 -34.61 -27.14
C THR H 71 12.48 -34.47 -26.74
N VAL H 72 12.75 -34.61 -25.45
CA VAL H 72 14.11 -34.44 -24.95
C VAL H 72 14.32 -35.24 -23.66
N ASP H 73 15.48 -35.86 -23.53
CA ASP H 73 15.83 -36.62 -22.35
C ASP H 73 17.01 -35.97 -21.65
N LYS H 74 16.72 -35.16 -20.64
CA LYS H 74 17.74 -34.37 -19.95
C LYS H 74 18.90 -35.21 -19.44
N SER H 75 18.59 -36.34 -18.83
CA SER H 75 19.62 -37.20 -18.24
C SER H 75 20.74 -37.55 -19.22
N SER H 76 20.36 -37.92 -20.43
CA SER H 76 21.32 -38.38 -21.44
C SER H 76 21.72 -37.31 -22.45
N SER H 77 21.27 -36.07 -22.24
CA SER H 77 21.58 -34.98 -23.15
C SER H 77 21.24 -35.32 -24.59
N THR H 78 20.09 -35.96 -24.78
CA THR H 78 19.67 -36.36 -26.12
C THR H 78 18.35 -35.71 -26.53
N ALA H 79 18.27 -35.29 -27.79
CA ALA H 79 17.01 -34.80 -28.34
C ALA H 79 16.48 -35.83 -29.32
N TYR H 80 15.19 -36.15 -29.24
CA TYR H 80 14.58 -37.15 -30.09
C TYR H 80 13.53 -36.52 -31.01
N MET H 81 13.28 -37.16 -32.15
CA MET H 81 12.20 -36.74 -33.03
C MET H 81 11.40 -37.94 -33.54
N GLU H 82 10.13 -37.98 -33.19
CA GLU H 82 9.22 -39.01 -33.69
C GLU H 82 8.69 -38.61 -35.05
N LEU H 83 8.54 -39.58 -35.94
CA LEU H 83 7.90 -39.33 -37.24
C LEU H 83 6.79 -40.36 -37.47
N LEU H 84 5.54 -39.89 -37.46
CA LEU H 84 4.39 -40.78 -37.55
C LEU H 84 3.89 -40.93 -38.98
N SER H 85 3.08 -41.97 -39.23
CA SER H 85 2.50 -42.23 -40.53
C SER H 85 3.48 -41.98 -41.67
N LEU H 86 4.65 -42.60 -41.58
CA LEU H 86 5.69 -42.41 -42.58
C LEU H 86 5.20 -42.78 -43.98
N THR H 87 5.61 -42.00 -44.97
CA THR H 87 5.25 -42.24 -46.36
C THR H 87 6.44 -41.98 -47.28
N SER H 88 6.20 -42.00 -48.58
CA SER H 88 7.26 -41.76 -49.55
C SER H 88 7.86 -40.38 -49.36
N GLU H 89 7.00 -39.39 -49.11
CA GLU H 89 7.43 -38.00 -48.98
C GLU H 89 8.33 -37.75 -47.78
N ASP H 90 8.31 -38.68 -46.83
CA ASP H 90 9.12 -38.54 -45.62
C ASP H 90 10.56 -39.02 -45.81
N SER H 91 10.84 -39.59 -46.98
CA SER H 91 12.19 -40.04 -47.30
C SER H 91 13.13 -38.86 -47.52
N ALA H 92 13.96 -38.57 -46.53
CA ALA H 92 14.88 -37.44 -46.61
C ALA H 92 16.02 -37.57 -45.61
N VAL H 93 16.79 -36.49 -45.47
CA VAL H 93 17.83 -36.42 -44.45
C VAL H 93 17.44 -35.40 -43.40
N TYR H 94 17.38 -35.84 -42.14
CA TYR H 94 16.92 -34.99 -41.06
C TYR H 94 18.08 -34.51 -40.18
N TYR H 95 18.31 -33.20 -40.18
CA TYR H 95 19.37 -32.62 -39.36
C TYR H 95 18.79 -32.05 -38.09
N CYS H 96 19.64 -31.93 -37.07
CA CYS H 96 19.27 -31.21 -35.86
C CYS H 96 20.25 -30.07 -35.67
N ALA H 97 19.72 -28.85 -35.50
CA ALA H 97 20.57 -27.66 -35.41
C ALA H 97 20.29 -26.85 -34.14
N ARG H 98 21.34 -26.63 -33.34
CA ARG H 98 21.21 -25.93 -32.08
C ARG H 98 21.01 -24.43 -32.27
N ASP H 99 20.25 -23.81 -31.36
CA ASP H 99 20.09 -22.37 -31.38
C ASP H 99 21.30 -21.71 -30.73
N GLY H 100 21.54 -20.44 -31.05
CA GLY H 100 22.77 -19.78 -30.66
C GLY H 100 22.87 -19.31 -29.22
N ASP H 101 21.76 -18.87 -28.66
CA ASP H 101 21.81 -18.18 -27.36
C ASP H 101 21.73 -19.10 -26.13
N TYR H 102 22.29 -18.61 -25.03
CA TYR H 102 22.40 -19.34 -23.78
C TYR H 102 21.21 -19.04 -22.87
N TYR H 103 20.37 -20.05 -22.66
CA TYR H 103 19.15 -19.91 -21.87
C TYR H 103 18.28 -18.74 -22.36
N ARG H 104 18.13 -18.65 -23.67
CA ARG H 104 17.20 -17.72 -24.30
C ARG H 104 17.22 -17.94 -25.81
N TYR H 105 16.12 -17.61 -26.47
CA TYR H 105 15.96 -17.88 -27.90
C TYR H 105 16.57 -16.75 -28.72
N GLY H 106 17.60 -17.07 -29.50
CA GLY H 106 18.29 -16.08 -30.30
C GLY H 106 17.93 -16.08 -31.77
N ARG H 107 17.21 -17.10 -32.22
CA ARG H 107 16.84 -17.21 -33.62
C ARG H 107 18.07 -17.14 -34.54
N TYR H 108 19.06 -17.99 -34.27
CA TYR H 108 20.18 -18.16 -35.19
C TYR H 108 20.90 -19.48 -34.92
N PHE H 109 21.40 -20.10 -35.97
CA PHE H 109 21.90 -21.47 -35.86
C PHE H 109 23.38 -21.56 -35.52
N ASP H 110 23.71 -22.48 -34.62
CA ASP H 110 25.09 -22.78 -34.27
C ASP H 110 25.54 -23.99 -35.04
N TYR H 111 25.53 -25.11 -34.32
CA TYR H 111 26.07 -26.37 -34.82
C TYR H 111 24.95 -27.28 -35.30
N TRP H 112 25.22 -27.99 -36.39
CA TRP H 112 24.28 -28.99 -36.89
C TRP H 112 24.83 -30.38 -36.62
N GLY H 113 23.99 -31.39 -36.80
CA GLY H 113 24.44 -32.77 -36.73
C GLY H 113 24.90 -33.25 -38.09
N GLN H 114 25.40 -34.47 -38.16
CA GLN H 114 25.86 -35.01 -39.44
C GLN H 114 24.68 -35.40 -40.31
N GLY H 115 23.49 -35.35 -39.71
CA GLY H 115 22.27 -35.71 -40.41
C GLY H 115 21.93 -37.18 -40.30
N THR H 116 20.64 -37.48 -40.39
CA THR H 116 20.17 -38.87 -40.37
C THR H 116 19.37 -39.14 -41.64
N THR H 117 19.79 -40.14 -42.41
CA THR H 117 19.09 -40.47 -43.65
C THR H 117 17.97 -41.47 -43.40
N LEU H 118 16.74 -41.06 -43.66
CA LEU H 118 15.58 -41.92 -43.49
C LEU H 118 15.01 -42.35 -44.83
N THR H 119 14.91 -43.65 -45.05
CA THR H 119 14.39 -44.17 -46.30
C THR H 119 13.07 -44.90 -46.06
N VAL H 120 11.99 -44.37 -46.60
CA VAL H 120 10.68 -44.99 -46.48
C VAL H 120 10.22 -45.56 -47.81
N SER H 121 10.26 -46.89 -47.93
CA SER H 121 9.89 -47.52 -49.19
C SER H 121 9.15 -48.83 -48.97
N SER H 122 8.16 -49.09 -49.82
CA SER H 122 7.42 -50.34 -49.77
C SER H 122 7.97 -51.33 -50.80
N ALA H 123 9.22 -51.12 -51.20
CA ALA H 123 9.90 -52.02 -52.13
C ALA H 123 10.87 -52.91 -51.39
N LYS H 124 11.06 -54.13 -51.88
CA LYS H 124 11.88 -55.12 -51.20
C LYS H 124 13.27 -55.20 -51.78
N THR H 125 14.19 -55.82 -51.04
CA THR H 125 15.58 -55.92 -51.46
C THR H 125 15.69 -56.47 -52.88
N THR H 126 16.36 -55.70 -53.73
CA THR H 126 16.57 -56.07 -55.13
C THR H 126 18.02 -55.86 -55.55
N PRO H 127 18.65 -56.89 -56.14
CA PRO H 127 20.02 -56.79 -56.62
C PRO H 127 20.12 -56.02 -57.94
N PRO H 128 21.28 -55.42 -58.20
CA PRO H 128 21.49 -54.51 -59.34
C PRO H 128 21.68 -55.24 -60.66
N SER H 129 21.19 -54.66 -61.75
CA SER H 129 21.41 -55.21 -63.09
C SER H 129 22.52 -54.45 -63.80
N VAL H 130 23.76 -54.89 -63.60
CA VAL H 130 24.92 -54.18 -64.13
C VAL H 130 25.08 -54.33 -65.65
N TYR H 131 24.98 -53.22 -66.37
CA TYR H 131 25.09 -53.21 -67.83
C TYR H 131 26.28 -52.39 -68.29
N PRO H 132 27.09 -52.96 -69.22
CA PRO H 132 28.34 -52.35 -69.69
C PRO H 132 28.11 -51.15 -70.60
N LEU H 133 28.73 -50.02 -70.28
CA LEU H 133 28.65 -48.82 -71.12
C LEU H 133 29.78 -48.80 -72.14
N ALA H 134 29.42 -48.97 -73.41
CA ALA H 134 30.38 -49.11 -74.49
C ALA H 134 30.70 -47.77 -75.16
N PRO H 135 31.99 -47.45 -75.27
CA PRO H 135 32.46 -46.20 -75.87
C PRO H 135 32.09 -46.12 -77.35
N GLY H 136 31.85 -44.93 -77.85
CA GLY H 136 31.54 -44.75 -79.26
C GLY H 136 32.77 -45.00 -80.12
N SER H 137 32.54 -45.30 -81.39
CA SER H 137 33.64 -45.52 -82.33
C SER H 137 34.49 -44.25 -82.45
N ALA H 138 33.85 -43.10 -82.29
CA ALA H 138 34.55 -41.81 -82.34
C ALA H 138 35.40 -41.62 -81.08
N ALA H 139 34.93 -42.14 -79.96
CA ALA H 139 35.68 -42.09 -78.72
C ALA H 139 36.94 -42.95 -78.80
N GLN H 140 36.86 -44.06 -79.52
CA GLN H 140 38.01 -44.94 -79.72
C GLN H 140 39.18 -44.21 -80.38
N THR H 141 38.87 -43.15 -81.12
CA THR H 141 39.90 -42.38 -81.82
C THR H 141 40.63 -41.44 -80.86
N ASN H 142 40.29 -41.51 -79.58
CA ASN H 142 40.92 -40.65 -78.58
C ASN H 142 42.06 -41.33 -77.86
N SER H 143 43.04 -40.54 -77.42
CA SER H 143 44.20 -41.07 -76.72
C SER H 143 43.80 -41.72 -75.40
N MET H 144 42.76 -41.18 -74.77
CA MET H 144 42.12 -41.85 -73.64
C MET H 144 40.63 -41.98 -73.84
N VAL H 145 40.13 -43.18 -73.57
CA VAL H 145 38.73 -43.50 -73.73
C VAL H 145 38.09 -43.67 -72.35
N THR H 146 36.79 -43.45 -72.27
CA THR H 146 36.08 -43.59 -70.99
C THR H 146 35.00 -44.66 -71.04
N LEU H 147 35.09 -45.61 -70.12
CA LEU H 147 34.15 -46.73 -70.06
C LEU H 147 33.36 -46.66 -68.76
N GLY H 148 32.24 -47.39 -68.69
CA GLY H 148 31.44 -47.38 -67.48
C GLY H 148 30.51 -48.55 -67.28
N CYS H 149 30.19 -48.82 -66.02
CA CYS H 149 29.18 -49.80 -65.65
C CYS H 149 27.90 -49.06 -65.26
N LEU H 150 26.76 -49.52 -65.77
CA LEU H 150 25.49 -48.95 -65.37
C LEU H 150 24.78 -49.87 -64.38
N VAL H 151 24.78 -49.46 -63.12
CA VAL H 151 24.11 -50.25 -62.09
C VAL H 151 22.63 -49.84 -62.02
N LYS H 152 21.76 -50.67 -62.60
CA LYS H 152 20.37 -50.28 -62.81
C LYS H 152 19.35 -51.11 -62.01
N GLY H 153 18.45 -50.40 -61.32
CA GLY H 153 17.33 -51.01 -60.63
C GLY H 153 17.65 -51.82 -59.39
N TYR H 154 18.31 -51.20 -58.42
CA TYR H 154 18.63 -51.90 -57.17
C TYR H 154 17.96 -51.23 -55.97
N PHE H 155 18.12 -51.86 -54.80
CA PHE H 155 17.54 -51.39 -53.55
C PHE H 155 17.93 -52.35 -52.44
N PRO H 156 18.22 -51.82 -51.24
CA PRO H 156 18.35 -50.39 -50.94
C PRO H 156 19.80 -49.99 -51.04
N GLU H 157 20.10 -48.69 -50.94
CA GLU H 157 21.47 -48.25 -50.93
C GLU H 157 22.22 -48.96 -49.81
N PRO H 158 23.56 -49.02 -49.91
CA PRO H 158 24.33 -48.47 -51.02
C PRO H 158 24.85 -49.56 -51.94
N VAL H 159 25.61 -49.15 -52.94
CA VAL H 159 26.34 -50.08 -53.80
C VAL H 159 27.76 -49.56 -53.96
N THR H 160 28.74 -50.47 -53.94
CA THR H 160 30.13 -50.07 -54.07
C THR H 160 30.71 -50.53 -55.41
N VAL H 161 31.31 -49.60 -56.15
CA VAL H 161 31.85 -49.90 -57.47
C VAL H 161 33.35 -49.64 -57.54
N THR H 162 34.06 -50.60 -58.14
CA THR H 162 35.50 -50.50 -58.34
C THR H 162 35.86 -50.83 -59.79
N TRP H 163 37.14 -50.92 -60.07
CA TRP H 163 37.60 -51.28 -61.42
C TRP H 163 38.83 -52.18 -61.38
N ASN H 164 38.75 -53.30 -62.08
CA ASN H 164 39.81 -54.30 -62.06
C ASN H 164 40.11 -54.78 -60.64
N SER H 165 39.05 -54.97 -59.86
CA SER H 165 39.18 -55.43 -58.48
C SER H 165 39.93 -54.42 -57.60
N GLY H 166 40.12 -53.22 -58.13
CA GLY H 166 40.77 -52.16 -57.37
C GLY H 166 41.91 -51.48 -58.09
N SER H 167 42.50 -52.16 -59.08
CA SER H 167 43.66 -51.65 -59.80
C SER H 167 43.50 -50.19 -60.24
N LEU H 168 42.59 -49.96 -61.18
CA LEU H 168 42.33 -48.62 -61.68
C LEU H 168 41.79 -47.73 -60.56
N SER H 169 42.69 -47.03 -59.87
CA SER H 169 42.30 -46.12 -58.81
C SER H 169 42.12 -44.71 -59.34
N SER H 170 42.96 -44.35 -60.31
CA SER H 170 42.93 -43.01 -60.88
C SER H 170 42.00 -42.94 -62.07
N GLY H 171 41.28 -41.82 -62.20
CA GLY H 171 40.38 -41.62 -63.31
C GLY H 171 39.04 -42.31 -63.17
N VAL H 172 38.75 -42.76 -61.95
CA VAL H 172 37.46 -43.39 -61.66
C VAL H 172 36.45 -42.33 -61.28
N HIS H 173 35.18 -42.61 -61.51
CA HIS H 173 34.10 -41.70 -61.11
C HIS H 173 32.83 -42.49 -60.87
N THR H 174 32.39 -42.53 -59.61
CA THR H 174 31.10 -43.13 -59.28
C THR H 174 30.09 -42.03 -58.98
N PHE H 175 29.15 -41.85 -59.89
CA PHE H 175 28.19 -40.74 -59.81
C PHE H 175 27.11 -40.96 -58.74
N PRO H 176 26.33 -39.90 -58.46
CA PRO H 176 25.21 -40.02 -57.53
C PRO H 176 24.18 -41.02 -58.04
N ALA H 177 23.43 -41.62 -57.14
CA ALA H 177 22.35 -42.52 -57.53
C ALA H 177 21.08 -41.70 -57.77
N VAL H 178 20.29 -42.12 -58.74
CA VAL H 178 19.01 -41.47 -59.01
C VAL H 178 17.88 -42.37 -58.49
N LEU H 179 16.66 -41.94 -58.70
CA LEU H 179 15.51 -42.70 -58.21
C LEU H 179 14.43 -42.79 -59.26
N GLN H 180 14.07 -44.02 -59.63
CA GLN H 180 13.01 -44.25 -60.59
C GLN H 180 12.22 -45.51 -60.25
N SER H 181 10.92 -45.33 -59.97
CA SER H 181 10.06 -46.44 -59.61
C SER H 181 10.45 -47.05 -58.27
N ASP H 182 10.83 -46.21 -57.32
CA ASP H 182 11.27 -46.71 -56.01
C ASP H 182 12.39 -47.74 -56.16
N LEU H 183 13.12 -47.63 -57.26
CA LEU H 183 14.33 -48.44 -57.47
C LEU H 183 15.50 -47.54 -57.86
N TYR H 184 16.60 -47.66 -57.13
CA TYR H 184 17.76 -46.81 -57.34
C TYR H 184 18.54 -47.22 -58.58
N THR H 185 19.37 -46.31 -59.08
CA THR H 185 20.16 -46.54 -60.28
C THR H 185 21.32 -45.55 -60.34
N LEU H 186 22.53 -46.06 -60.53
CA LEU H 186 23.70 -45.21 -60.71
C LEU H 186 24.66 -45.80 -61.74
N SER H 187 25.63 -45.00 -62.15
CA SER H 187 26.68 -45.49 -63.05
C SER H 187 28.05 -44.98 -62.64
N SER H 188 29.10 -45.69 -63.06
CA SER H 188 30.46 -45.36 -62.70
C SER H 188 31.37 -45.46 -63.91
N SER H 189 31.97 -44.34 -64.31
CA SER H 189 32.87 -44.36 -65.45
C SER H 189 34.31 -44.54 -64.99
N VAL H 190 35.21 -44.70 -65.95
CA VAL H 190 36.63 -44.80 -65.68
C VAL H 190 37.40 -44.47 -66.96
N THR H 191 38.52 -43.76 -66.80
CA THR H 191 39.28 -43.33 -67.95
C THR H 191 40.60 -44.10 -68.05
N VAL H 192 40.87 -44.66 -69.22
CA VAL H 192 42.09 -45.42 -69.45
C VAL H 192 42.75 -45.01 -70.75
N PRO H 193 44.07 -45.22 -70.84
CA PRO H 193 44.86 -45.00 -72.07
C PRO H 193 44.34 -45.87 -73.21
N SER H 194 44.20 -45.27 -74.39
CA SER H 194 43.69 -45.97 -75.56
C SER H 194 44.47 -47.25 -75.87
N SER H 195 45.77 -47.20 -75.61
CA SER H 195 46.64 -48.35 -75.90
C SER H 195 46.25 -49.57 -75.09
N THR H 196 45.96 -49.35 -73.81
CA THR H 196 45.66 -50.46 -72.90
C THR H 196 44.22 -50.93 -73.00
N TRP H 197 43.57 -50.67 -74.13
CA TRP H 197 42.20 -51.12 -74.36
C TRP H 197 41.76 -50.93 -75.81
N PRO H 198 41.06 -51.93 -76.36
CA PRO H 198 40.67 -53.18 -75.68
C PRO H 198 41.79 -54.21 -75.64
N SER H 199 43.01 -53.82 -76.00
CA SER H 199 44.13 -54.76 -76.00
C SER H 199 44.20 -55.53 -74.69
N GLU H 200 43.97 -54.81 -73.59
CA GLU H 200 43.94 -55.43 -72.27
C GLU H 200 42.50 -55.66 -71.81
N THR H 201 42.27 -55.65 -70.50
CA THR H 201 40.95 -55.93 -69.96
C THR H 201 40.62 -55.08 -68.74
N VAL H 202 39.59 -54.26 -68.87
CA VAL H 202 39.10 -53.45 -67.74
C VAL H 202 37.66 -53.82 -67.38
N THR H 203 37.51 -54.61 -66.33
CA THR H 203 36.20 -55.03 -65.85
C THR H 203 35.80 -54.26 -64.60
N CYS H 204 34.50 -54.13 -64.36
CA CYS H 204 34.02 -53.45 -63.18
C CYS H 204 33.57 -54.47 -62.14
N ASN H 205 33.50 -54.03 -60.88
CA ASN H 205 33.09 -54.91 -59.80
C ASN H 205 32.01 -54.24 -58.95
N VAL H 206 30.76 -54.62 -59.20
CA VAL H 206 29.64 -54.04 -58.47
C VAL H 206 29.28 -54.89 -57.27
N ALA H 207 29.06 -54.24 -56.13
CA ALA H 207 28.75 -54.92 -54.88
C ALA H 207 27.48 -54.35 -54.26
N HIS H 208 26.67 -55.23 -53.67
CA HIS H 208 25.42 -54.82 -53.03
C HIS H 208 25.21 -55.62 -51.76
N PRO H 209 25.62 -55.06 -50.61
CA PRO H 209 25.54 -55.75 -49.32
C PRO H 209 24.12 -56.22 -49.00
N ALA H 210 23.14 -55.37 -49.30
CA ALA H 210 21.75 -55.63 -48.94
C ALA H 210 21.21 -56.97 -49.46
N SER H 211 21.75 -57.44 -50.58
CA SER H 211 21.30 -58.70 -51.15
C SER H 211 22.46 -59.68 -51.28
N SER H 212 23.59 -59.34 -50.65
CA SER H 212 24.79 -60.18 -50.71
C SER H 212 25.14 -60.53 -52.16
N THR H 213 25.28 -59.50 -52.98
CA THR H 213 25.57 -59.67 -54.40
C THR H 213 26.92 -59.06 -54.74
N LYS H 214 27.66 -59.71 -55.62
CA LYS H 214 28.89 -59.15 -56.16
C LYS H 214 29.11 -59.63 -57.58
N VAL H 215 28.49 -58.94 -58.53
CA VAL H 215 28.58 -59.31 -59.95
C VAL H 215 29.66 -58.51 -60.68
N ASP H 216 30.15 -59.07 -61.77
CA ASP H 216 31.15 -58.41 -62.60
C ASP H 216 30.60 -58.12 -63.99
N LYS H 217 31.27 -57.23 -64.70
CA LYS H 217 30.93 -56.95 -66.09
C LYS H 217 32.10 -56.26 -66.79
N LYS H 218 32.78 -57.01 -67.64
CA LYS H 218 33.92 -56.46 -68.37
C LYS H 218 33.45 -55.80 -69.66
N ILE H 219 34.02 -54.62 -69.96
CA ILE H 219 33.56 -53.83 -71.09
C ILE H 219 34.19 -54.30 -72.40
N VAL H 220 33.33 -54.74 -73.32
CA VAL H 220 33.74 -55.12 -74.66
C VAL H 220 33.15 -54.15 -75.69
N PRO H 221 34.01 -53.59 -76.54
CA PRO H 221 33.62 -52.51 -77.46
C PRO H 221 32.40 -52.84 -78.33
N GLU I 1 1.71 45.32 27.51
CA GLU I 1 0.39 45.83 27.11
C GLU I 1 0.33 45.98 25.60
N VAL I 2 -0.79 45.56 25.02
CA VAL I 2 -0.99 45.71 23.57
C VAL I 2 -1.56 47.08 23.27
N GLN I 3 -1.21 47.62 22.11
CA GLN I 3 -1.73 48.90 21.67
C GLN I 3 -1.96 48.93 20.18
N LEU I 4 -3.08 49.54 19.78
CA LEU I 4 -3.36 49.77 18.38
C LEU I 4 -3.49 51.27 18.17
N GLN I 5 -2.50 51.86 17.49
CA GLN I 5 -2.53 53.29 17.21
C GLN I 5 -2.86 53.55 15.76
N GLN I 6 -3.97 54.25 15.53
CA GLN I 6 -4.42 54.53 14.18
C GLN I 6 -3.94 55.90 13.73
N SER I 7 -3.93 56.12 12.42
CA SER I 7 -3.50 57.38 11.85
C SER I 7 -4.38 58.55 12.31
N GLY I 8 -3.90 59.77 12.07
CA GLY I 8 -4.63 60.95 12.48
C GLY I 8 -5.87 61.20 11.64
N PRO I 9 -6.62 62.26 11.96
CA PRO I 9 -7.85 62.62 11.25
C PRO I 9 -7.53 63.10 9.83
N GLU I 10 -8.45 62.90 8.91
CA GLU I 10 -8.22 63.27 7.52
C GLU I 10 -9.43 64.00 6.93
N LEU I 11 -9.14 64.95 6.05
CA LEU I 11 -10.17 65.67 5.32
C LEU I 11 -9.93 65.54 3.82
N VAL I 12 -10.88 64.95 3.11
CA VAL I 12 -10.71 64.69 1.69
C VAL I 12 -11.97 65.01 0.89
N ARG I 13 -11.78 65.46 -0.35
CA ARG I 13 -12.89 65.79 -1.23
C ARG I 13 -13.50 64.54 -1.84
N PRO I 14 -14.81 64.58 -2.13
CA PRO I 14 -15.53 63.46 -2.74
C PRO I 14 -14.84 63.00 -4.02
N GLY I 15 -14.91 61.70 -4.31
CA GLY I 15 -14.30 61.15 -5.51
C GLY I 15 -12.87 60.68 -5.26
N ALA I 16 -12.22 61.27 -4.27
CA ALA I 16 -10.86 60.88 -3.92
C ALA I 16 -10.85 59.63 -3.06
N SER I 17 -9.66 59.15 -2.71
CA SER I 17 -9.54 57.97 -1.87
C SER I 17 -8.34 58.10 -0.94
N MET I 18 -8.55 57.79 0.34
CA MET I 18 -7.47 57.85 1.32
C MET I 18 -7.34 56.54 2.10
N LYS I 19 -6.20 56.37 2.75
CA LYS I 19 -5.88 55.12 3.44
C LYS I 19 -5.45 55.34 4.88
N ILE I 20 -6.20 54.78 5.83
CA ILE I 20 -5.86 54.92 7.25
C ILE I 20 -5.12 53.70 7.79
N SER I 21 -4.24 53.92 8.75
CA SER I 21 -3.38 52.86 9.27
C SER I 21 -3.71 52.50 10.71
N CYS I 22 -3.21 51.35 11.15
CA CYS I 22 -3.43 50.87 12.50
C CYS I 22 -2.19 50.12 12.95
N LYS I 23 -1.25 50.83 13.57
CA LYS I 23 0.02 50.24 13.98
C LYS I 23 -0.11 49.48 15.29
N ALA I 24 0.11 48.17 15.23
CA ALA I 24 -0.03 47.31 16.39
C ALA I 24 1.31 47.08 17.08
N SER I 25 1.28 47.03 18.41
CA SER I 25 2.47 46.81 19.21
C SER I 25 2.11 46.13 20.53
N GLY I 26 3.06 45.38 21.08
CA GLY I 26 2.85 44.72 22.36
C GLY I 26 2.37 43.30 22.23
N TYR I 27 2.31 42.79 21.00
CA TYR I 27 1.95 41.41 20.76
C TYR I 27 2.49 40.92 19.41
N SER I 28 2.57 39.61 19.24
CA SER I 28 2.99 39.04 17.96
C SER I 28 1.98 39.42 16.88
N PHE I 29 2.31 40.45 16.11
CA PHE I 29 1.36 41.06 15.18
C PHE I 29 0.68 40.07 14.24
N THR I 30 1.43 39.06 13.81
CA THR I 30 0.95 38.16 12.78
C THR I 30 0.04 37.06 13.33
N GLY I 31 -0.16 37.07 14.64
CA GLY I 31 -0.93 36.00 15.28
C GLY I 31 -2.42 36.28 15.41
N TYR I 32 -2.80 37.54 15.39
CA TYR I 32 -4.21 37.92 15.58
C TYR I 32 -4.75 38.65 14.36
N THR I 33 -5.95 38.27 13.92
CA THR I 33 -6.55 38.90 12.75
C THR I 33 -7.24 40.21 13.14
N MET I 34 -7.27 41.16 12.21
CA MET I 34 -7.77 42.50 12.48
C MET I 34 -9.14 42.76 11.86
N ASN I 35 -10.03 43.36 12.64
CA ASN I 35 -11.32 43.81 12.12
C ASN I 35 -11.28 45.31 11.87
N TRP I 36 -12.17 45.77 10.99
CA TRP I 36 -12.38 47.20 10.80
C TRP I 36 -13.86 47.54 10.99
N VAL I 37 -14.13 48.47 11.91
CA VAL I 37 -15.50 48.86 12.23
C VAL I 37 -15.74 50.32 11.87
N LYS I 38 -16.88 50.61 11.28
CA LYS I 38 -17.22 51.98 10.89
C LYS I 38 -18.35 52.52 11.76
N GLN I 39 -18.07 53.61 12.48
CA GLN I 39 -19.09 54.26 13.30
C GLN I 39 -19.45 55.61 12.69
N SER I 40 -20.63 55.68 12.10
CA SER I 40 -21.09 56.92 11.46
C SER I 40 -22.23 57.55 12.26
N HIS I 41 -22.37 58.86 12.15
CA HIS I 41 -23.42 59.58 12.85
C HIS I 41 -24.79 59.06 12.42
N GLY I 42 -24.95 58.84 11.11
CA GLY I 42 -26.22 58.46 10.54
C GLY I 42 -26.77 57.12 11.00
N LYS I 43 -25.89 56.17 11.26
CA LYS I 43 -26.32 54.82 11.63
C LYS I 43 -25.55 54.26 12.83
N ASN I 44 -25.68 52.96 13.06
CA ASN I 44 -24.97 52.32 14.16
C ASN I 44 -23.55 51.97 13.75
N LEU I 45 -22.95 51.04 14.46
CA LEU I 45 -21.66 50.49 14.08
C LEU I 45 -21.85 49.52 12.93
N GLU I 46 -20.94 49.57 11.96
CA GLU I 46 -20.98 48.62 10.86
C GLU I 46 -19.66 47.86 10.79
N TRP I 47 -19.74 46.57 10.48
CA TRP I 47 -18.54 45.76 10.32
C TRP I 47 -18.11 45.76 8.86
N ILE I 48 -16.93 46.31 8.59
CA ILE I 48 -16.45 46.45 7.21
C ILE I 48 -15.87 45.15 6.69
N GLY I 49 -14.94 44.57 7.44
CA GLY I 49 -14.29 43.34 7.03
C GLY I 49 -13.16 42.98 7.96
N LEU I 50 -12.43 41.93 7.64
CA LEU I 50 -11.30 41.52 8.47
C LEU I 50 -10.16 40.96 7.63
N ILE I 51 -8.95 41.03 8.17
CA ILE I 51 -7.78 40.52 7.48
C ILE I 51 -6.89 39.75 8.43
N ASN I 52 -6.33 38.64 7.95
CA ASN I 52 -5.42 37.82 8.73
C ASN I 52 -3.99 38.18 8.36
N PRO I 53 -3.28 38.86 9.28
CA PRO I 53 -1.92 39.34 9.00
C PRO I 53 -1.00 38.24 8.49
N TYR I 54 -1.01 37.10 9.16
CA TYR I 54 -0.11 35.99 8.82
C TYR I 54 -0.42 35.44 7.45
N ASN I 55 -1.69 35.49 7.08
CA ASN I 55 -2.19 34.76 5.93
C ASN I 55 -2.34 35.64 4.70
N GLY I 56 -2.62 36.92 4.93
CA GLY I 56 -2.93 37.83 3.85
C GLY I 56 -4.41 37.79 3.55
N GLY I 57 -5.06 36.70 3.95
CA GLY I 57 -6.46 36.48 3.68
C GLY I 57 -7.39 37.57 4.17
N THR I 58 -8.44 37.83 3.41
CA THR I 58 -9.42 38.84 3.81
C THR I 58 -10.85 38.35 3.60
N SER I 59 -11.78 39.01 4.27
CA SER I 59 -13.20 38.71 4.12
C SER I 59 -14.00 39.98 4.40
N TYR I 60 -14.72 40.46 3.38
CA TYR I 60 -15.43 41.73 3.50
C TYR I 60 -16.93 41.56 3.72
N ASN I 61 -17.52 42.53 4.41
CA ASN I 61 -18.96 42.65 4.46
C ASN I 61 -19.44 42.94 3.04
N GLN I 62 -20.45 42.20 2.58
CA GLN I 62 -20.97 42.39 1.23
C GLN I 62 -21.18 43.88 0.94
N LYS I 63 -21.57 44.62 1.96
CA LYS I 63 -21.86 46.04 1.83
C LYS I 63 -20.65 46.86 1.36
N PHE I 64 -19.48 46.54 1.90
CA PHE I 64 -18.26 47.29 1.61
C PHE I 64 -17.39 46.62 0.55
N LYS I 65 -17.91 45.57 -0.06
CA LYS I 65 -17.23 44.91 -1.17
C LYS I 65 -16.93 45.93 -2.27
N GLY I 66 -15.68 46.35 -2.35
CA GLY I 66 -15.27 47.30 -3.38
C GLY I 66 -15.11 48.71 -2.85
N LYS I 67 -15.60 48.96 -1.65
CA LYS I 67 -15.44 50.27 -1.01
C LYS I 67 -14.18 50.31 -0.15
N ALA I 68 -13.88 49.20 0.52
CA ALA I 68 -12.70 49.11 1.37
C ALA I 68 -11.76 48.00 0.91
N THR I 69 -10.47 48.22 1.10
CA THR I 69 -9.46 47.23 0.74
C THR I 69 -8.45 47.03 1.86
N LEU I 70 -8.63 45.96 2.63
CA LEU I 70 -7.75 45.66 3.75
C LEU I 70 -6.42 45.07 3.30
N THR I 71 -5.33 45.60 3.85
CA THR I 71 -4.01 45.08 3.59
C THR I 71 -3.22 45.06 4.89
N VAL I 72 -1.99 44.55 4.83
CA VAL I 72 -1.17 44.45 6.03
C VAL I 72 0.31 44.46 5.67
N ASP I 73 1.11 45.16 6.47
CA ASP I 73 2.55 45.22 6.27
C ASP I 73 3.26 44.57 7.45
N LYS I 74 3.62 43.31 7.29
CA LYS I 74 4.21 42.51 8.37
C LYS I 74 5.41 43.19 9.02
N SER I 75 6.30 43.73 8.20
CA SER I 75 7.54 44.32 8.70
C SER I 75 7.29 45.37 9.76
N SER I 76 6.30 46.24 9.52
CA SER I 76 6.04 47.36 10.41
C SER I 76 4.88 47.12 11.38
N SER I 77 4.35 45.90 11.39
CA SER I 77 3.23 45.55 12.26
C SER I 77 2.08 46.52 12.10
N THR I 78 1.77 46.89 10.86
CA THR I 78 0.71 47.85 10.59
C THR I 78 -0.39 47.25 9.72
N ALA I 79 -1.64 47.57 10.04
CA ALA I 79 -2.77 47.19 9.20
C ALA I 79 -3.32 48.44 8.53
N TYR I 80 -3.56 48.37 7.22
CA TYR I 80 -4.04 49.52 6.46
C TYR I 80 -5.44 49.25 5.93
N MET I 81 -6.19 50.33 5.69
CA MET I 81 -7.48 50.23 5.03
C MET I 81 -7.67 51.30 3.96
N GLU I 82 -7.82 50.87 2.72
CA GLU I 82 -8.10 51.77 1.61
C GLU I 82 -9.59 52.06 1.54
N LEU I 83 -9.96 53.30 1.22
CA LEU I 83 -11.34 53.65 0.99
C LEU I 83 -11.49 54.37 -0.35
N LEU I 84 -12.13 53.72 -1.30
CA LEU I 84 -12.23 54.24 -2.66
C LEU I 84 -13.52 55.02 -2.90
N SER I 85 -13.54 55.82 -3.97
CA SER I 85 -14.72 56.60 -4.34
C SER I 85 -15.41 57.21 -3.13
N LEU I 86 -14.64 57.92 -2.30
CA LEU I 86 -15.18 58.53 -1.09
C LEU I 86 -16.33 59.48 -1.41
N THR I 87 -17.35 59.45 -0.55
CA THR I 87 -18.51 60.32 -0.71
C THR I 87 -18.96 60.85 0.65
N SER I 88 -20.11 61.50 0.69
CA SER I 88 -20.64 62.05 1.93
C SER I 88 -20.88 60.94 2.94
N GLU I 89 -21.40 59.82 2.48
CA GLU I 89 -21.77 58.71 3.36
C GLU I 89 -20.56 58.07 4.03
N ASP I 90 -19.38 58.32 3.49
CA ASP I 90 -18.15 57.73 4.04
C ASP I 90 -17.60 58.54 5.21
N SER I 91 -18.21 59.68 5.49
CA SER I 91 -17.78 60.52 6.60
C SER I 91 -18.15 59.88 7.93
N ALA I 92 -17.16 59.30 8.60
CA ALA I 92 -17.40 58.62 9.87
C ALA I 92 -16.12 58.45 10.68
N VAL I 93 -16.19 57.65 11.74
CA VAL I 93 -15.02 57.27 12.51
C VAL I 93 -14.74 55.78 12.32
N TYR I 94 -13.53 55.47 11.86
CA TYR I 94 -13.17 54.10 11.55
C TYR I 94 -12.24 53.49 12.60
N TYR I 95 -12.74 52.48 13.30
CA TYR I 95 -11.95 51.79 14.31
C TYR I 95 -11.35 50.52 13.74
N CYS I 96 -10.27 50.07 14.36
CA CYS I 96 -9.72 48.75 14.06
C CYS I 96 -9.72 47.93 15.33
N ALA I 97 -10.29 46.72 15.27
CA ALA I 97 -10.44 45.89 16.46
C ALA I 97 -9.85 44.49 16.26
N ARG I 98 -8.93 44.12 17.13
CA ARG I 98 -8.24 42.84 17.03
C ARG I 98 -9.14 41.68 17.44
N ASP I 99 -8.93 40.53 16.80
CA ASP I 99 -9.64 39.32 17.19
C ASP I 99 -8.96 38.69 18.40
N GLY I 100 -9.71 37.90 19.16
CA GLY I 100 -9.24 37.40 20.45
C GLY I 100 -8.24 36.26 20.43
N ASP I 101 -8.36 35.35 19.47
CA ASP I 101 -7.57 34.11 19.51
C ASP I 101 -6.18 34.20 18.86
N TYR I 102 -5.31 33.32 19.35
CA TYR I 102 -3.91 33.28 18.92
C TYR I 102 -3.71 32.30 17.78
N TYR I 103 -3.38 32.83 16.60
CA TYR I 103 -3.25 32.03 15.38
C TYR I 103 -4.47 31.15 15.12
N ARG I 104 -5.65 31.74 15.28
CA ARG I 104 -6.90 31.11 14.90
C ARG I 104 -8.05 32.10 15.13
N TYR I 105 -9.12 31.94 14.39
CA TYR I 105 -10.24 32.88 14.42
C TYR I 105 -11.20 32.54 15.54
N GLY I 106 -11.34 33.44 16.51
CA GLY I 106 -12.18 33.20 17.66
C GLY I 106 -13.52 33.91 17.64
N ARG I 107 -13.69 34.83 16.68
CA ARG I 107 -14.92 35.59 16.59
C ARG I 107 -15.27 36.29 17.90
N TYR I 108 -14.33 37.06 18.43
CA TYR I 108 -14.61 37.92 19.57
C TYR I 108 -13.55 39.01 19.69
N PHE I 109 -13.96 40.20 20.12
CA PHE I 109 -13.08 41.36 20.05
C PHE I 109 -12.24 41.58 21.29
N ASP I 110 -10.97 41.92 21.07
CA ASP I 110 -10.06 42.28 22.14
C ASP I 110 -9.98 43.78 22.26
N TYR I 111 -8.91 44.32 21.69
CA TYR I 111 -8.57 45.72 21.81
C TYR I 111 -8.95 46.47 20.55
N TRP I 112 -9.44 47.69 20.73
CA TRP I 112 -9.75 48.58 19.62
C TRP I 112 -8.72 49.68 19.55
N GLY I 113 -8.74 50.43 18.45
CA GLY I 113 -7.90 51.62 18.34
C GLY I 113 -8.65 52.83 18.86
N GLN I 114 -8.00 53.98 18.87
CA GLN I 114 -8.64 55.21 19.34
C GLN I 114 -9.60 55.73 18.29
N GLY I 115 -9.57 55.11 17.11
CA GLY I 115 -10.43 55.51 16.01
C GLY I 115 -9.80 56.57 15.13
N THR I 116 -10.20 56.59 13.87
CA THR I 116 -9.74 57.61 12.93
C THR I 116 -10.95 58.34 12.34
N THR I 117 -10.99 59.65 12.51
CA THR I 117 -12.11 60.43 11.98
C THR I 117 -11.85 60.88 10.55
N LEU I 118 -12.71 60.41 9.64
CA LEU I 118 -12.60 60.77 8.23
C LEU I 118 -13.72 61.71 7.82
N THR I 119 -13.36 62.88 7.31
CA THR I 119 -14.35 63.86 6.88
C THR I 119 -14.30 64.05 5.36
N VAL I 120 -15.37 63.66 4.69
CA VAL I 120 -15.47 63.82 3.24
C VAL I 120 -16.49 64.92 2.92
N SER I 121 -16.00 66.12 2.63
CA SER I 121 -16.89 67.25 2.39
C SER I 121 -16.49 68.08 1.17
N SER I 122 -17.48 68.71 0.55
CA SER I 122 -17.26 69.51 -0.65
C SER I 122 -17.87 70.90 -0.53
N ALA I 123 -17.81 71.48 0.67
CA ALA I 123 -18.37 72.80 0.92
C ALA I 123 -17.31 73.75 1.45
N LYS I 124 -17.28 74.97 0.91
CA LYS I 124 -16.31 75.97 1.33
C LYS I 124 -16.85 76.82 2.48
N THR I 125 -15.99 77.65 3.04
CA THR I 125 -16.36 78.46 4.20
C THR I 125 -17.66 79.23 3.96
N THR I 126 -18.54 79.21 4.97
CA THR I 126 -19.83 79.88 4.88
C THR I 126 -20.17 80.60 6.19
N PRO I 127 -20.58 81.87 6.09
CA PRO I 127 -20.91 82.69 7.26
C PRO I 127 -22.14 82.16 8.00
N PRO I 128 -22.11 82.19 9.35
CA PRO I 128 -23.21 81.68 10.17
C PRO I 128 -24.45 82.56 10.08
N SER I 129 -25.56 81.98 9.66
CA SER I 129 -26.83 82.69 9.54
C SER I 129 -27.60 82.63 10.87
N VAL I 130 -27.65 83.75 11.57
CA VAL I 130 -28.22 83.80 12.93
C VAL I 130 -29.67 84.27 12.97
N TYR I 131 -30.55 83.39 13.45
CA TYR I 131 -31.98 83.67 13.57
C TYR I 131 -32.41 83.58 15.02
N PRO I 132 -32.87 84.70 15.60
CA PRO I 132 -33.29 84.73 17.01
C PRO I 132 -34.55 83.90 17.29
N LEU I 133 -34.61 83.31 18.48
CA LEU I 133 -35.77 82.54 18.90
C LEU I 133 -36.36 83.12 20.19
N ALA I 134 -37.67 82.94 20.38
CA ALA I 134 -38.36 83.41 21.59
C ALA I 134 -39.74 82.79 21.70
N PRO I 135 -40.24 82.65 22.94
CA PRO I 135 -41.56 82.01 23.17
C PRO I 135 -42.64 82.60 22.29
N SER I 143 -41.97 84.65 36.41
CA SER I 143 -41.05 83.61 36.84
C SER I 143 -39.72 83.74 36.11
N MET I 144 -39.39 82.76 35.28
CA MET I 144 -38.17 82.81 34.47
C MET I 144 -38.45 82.41 33.03
N VAL I 145 -38.28 83.35 32.11
CA VAL I 145 -38.49 83.10 30.69
C VAL I 145 -37.19 82.73 29.99
N THR I 146 -37.22 81.64 29.23
CA THR I 146 -36.04 81.20 28.49
C THR I 146 -36.05 81.70 27.05
N LEU I 147 -34.92 82.25 26.62
CA LEU I 147 -34.79 82.78 25.27
C LEU I 147 -33.87 81.89 24.43
N GLY I 148 -34.13 81.83 23.13
CA GLY I 148 -33.35 81.00 22.25
C GLY I 148 -32.66 81.78 21.14
N CYS I 149 -31.50 81.30 20.73
CA CYS I 149 -30.77 81.90 19.62
C CYS I 149 -30.32 80.81 18.66
N LEU I 150 -30.61 80.98 17.37
CA LEU I 150 -30.34 79.93 16.40
C LEU I 150 -29.25 80.30 15.40
N VAL I 151 -28.17 79.52 15.37
CA VAL I 151 -27.12 79.69 14.39
C VAL I 151 -27.30 78.66 13.27
N LYS I 152 -27.30 79.11 12.02
CA LYS I 152 -27.68 78.25 10.91
C LYS I 152 -26.72 78.28 9.72
N GLY I 153 -26.45 77.10 9.16
CA GLY I 153 -25.67 76.95 7.95
C GLY I 153 -24.26 77.52 7.98
N TYR I 154 -23.47 77.10 8.97
CA TYR I 154 -22.12 77.63 9.13
C TYR I 154 -21.03 76.58 8.86
N SER I 170 -25.16 83.11 33.47
CA SER I 170 -26.06 82.14 34.08
C SER I 170 -27.04 81.57 33.05
N GLY I 171 -27.06 80.24 32.95
CA GLY I 171 -27.98 79.56 32.07
C GLY I 171 -27.50 79.52 30.63
N VAL I 172 -26.21 79.75 30.43
CA VAL I 172 -25.61 79.74 29.10
C VAL I 172 -25.47 78.30 28.59
N HIS I 173 -26.49 77.82 27.87
CA HIS I 173 -26.53 76.45 27.39
C HIS I 173 -26.44 76.31 25.89
N THR I 174 -25.22 76.09 25.38
CA THR I 174 -25.01 75.82 23.96
C THR I 174 -24.99 74.31 23.70
N PHE I 175 -25.94 73.85 22.89
CA PHE I 175 -26.13 72.42 22.63
C PHE I 175 -25.24 71.96 21.46
N PRO I 176 -25.14 70.63 21.26
CA PRO I 176 -24.32 70.10 20.17
C PRO I 176 -24.71 70.66 18.79
N ALA I 177 -23.84 70.48 17.80
CA ALA I 177 -24.10 71.00 16.46
C ALA I 177 -24.45 69.89 15.48
N VAL I 178 -25.63 70.01 14.87
CA VAL I 178 -26.09 69.00 13.89
C VAL I 178 -25.40 69.20 12.54
N LEU I 179 -25.92 68.52 11.52
CA LEU I 179 -25.43 68.71 10.16
C LEU I 179 -26.60 68.72 9.19
N GLN I 180 -27.10 69.92 8.91
CA GLN I 180 -28.25 70.10 8.05
C GLN I 180 -27.80 70.54 6.65
N SER I 181 -28.12 69.73 5.64
CA SER I 181 -27.81 70.06 4.25
C SER I 181 -26.34 70.38 4.00
N ASP I 182 -25.47 69.51 4.48
CA ASP I 182 -24.02 69.66 4.27
C ASP I 182 -23.45 70.87 4.99
N LEU I 183 -24.16 71.33 6.01
CA LEU I 183 -23.72 72.46 6.82
C LEU I 183 -24.07 72.20 8.28
N TYR I 184 -23.59 73.07 9.17
CA TYR I 184 -23.83 72.91 10.60
C TYR I 184 -24.93 73.85 11.12
N THR I 185 -25.48 73.53 12.29
CA THR I 185 -26.59 74.29 12.86
C THR I 185 -26.79 73.97 14.35
N LEU I 186 -26.62 74.97 15.21
CA LEU I 186 -26.87 74.81 16.65
C LEU I 186 -27.61 76.02 17.23
N SER I 187 -28.33 75.80 18.32
CA SER I 187 -29.04 76.89 18.99
C SER I 187 -28.38 77.22 20.32
N SER I 188 -29.02 78.09 21.10
CA SER I 188 -28.46 78.52 22.38
C SER I 188 -29.52 79.02 23.37
N SER I 189 -29.86 78.17 24.34
CA SER I 189 -30.80 78.54 25.39
C SER I 189 -30.14 79.52 26.36
N VAL I 190 -30.96 80.26 27.10
CA VAL I 190 -30.46 81.13 28.15
C VAL I 190 -31.59 81.57 29.09
N THR I 191 -31.66 80.94 30.26
CA THR I 191 -32.68 81.26 31.23
C THR I 191 -32.29 82.49 32.06
N VAL I 192 -33.22 83.43 32.21
CA VAL I 192 -32.99 84.63 33.00
C VAL I 192 -34.30 85.09 33.63
N PRO I 193 -34.21 85.78 34.78
CA PRO I 193 -35.40 86.34 35.43
C PRO I 193 -36.22 87.15 34.42
N SER I 194 -37.53 86.88 34.37
CA SER I 194 -38.40 87.53 33.41
C SER I 194 -38.38 89.06 33.55
N SER I 195 -38.02 89.53 34.74
CA SER I 195 -38.00 90.96 35.03
C SER I 195 -36.85 91.69 34.34
N THR I 196 -35.99 90.94 33.66
CA THR I 196 -34.89 91.53 32.91
C THR I 196 -35.13 91.42 31.41
N TRP I 197 -36.40 91.35 31.03
CA TRP I 197 -36.77 91.20 29.62
C TRP I 197 -38.27 91.39 29.41
N PRO I 198 -38.65 92.22 28.43
CA PRO I 198 -37.75 92.94 27.53
C PRO I 198 -37.26 94.28 28.10
N SER I 199 -37.35 94.45 29.42
CA SER I 199 -36.92 95.68 30.06
C SER I 199 -35.42 95.94 29.87
N GLU I 200 -34.69 94.89 29.51
CA GLU I 200 -33.26 95.00 29.25
C GLU I 200 -32.90 94.24 27.99
N THR I 201 -31.94 94.78 27.23
CA THR I 201 -31.59 94.21 25.93
C THR I 201 -30.83 92.89 26.02
N VAL I 202 -31.53 91.80 25.75
CA VAL I 202 -30.89 90.51 25.60
C VAL I 202 -30.42 90.35 24.16
N THR I 203 -29.16 89.98 24.00
CA THR I 203 -28.60 89.75 22.67
C THR I 203 -27.62 88.59 22.74
N CYS I 204 -27.33 87.97 21.59
CA CYS I 204 -26.37 86.87 21.56
C CYS I 204 -25.32 87.06 20.45
N ASN I 205 -24.05 87.00 20.85
CA ASN I 205 -22.92 87.15 19.92
C ASN I 205 -22.63 85.87 19.15
N VAL I 206 -22.52 85.98 17.83
CA VAL I 206 -22.24 84.82 16.99
C VAL I 206 -21.01 85.03 16.11
N ALA I 207 -19.87 84.53 16.56
CA ALA I 207 -18.61 84.67 15.82
C ALA I 207 -18.24 83.39 15.08
N HIS I 208 -17.42 83.53 14.05
CA HIS I 208 -16.99 82.39 13.24
C HIS I 208 -15.61 82.64 12.63
N PRO I 209 -14.54 82.26 13.35
CA PRO I 209 -13.15 82.52 12.96
C PRO I 209 -12.83 82.17 11.51
N ALA I 210 -13.30 81.02 11.04
CA ALA I 210 -12.99 80.55 9.70
C ALA I 210 -13.67 81.38 8.60
N SER I 211 -14.70 82.12 8.97
CA SER I 211 -15.42 82.96 8.02
C SER I 211 -15.19 84.44 8.28
N SER I 212 -14.65 84.75 9.45
CA SER I 212 -14.40 86.12 9.85
C SER I 212 -15.68 86.95 9.82
N THR I 213 -16.71 86.48 10.54
CA THR I 213 -17.97 87.19 10.61
C THR I 213 -18.63 87.04 11.98
N LYS I 214 -18.93 88.18 12.59
CA LYS I 214 -19.60 88.18 13.89
C LYS I 214 -20.90 88.98 13.80
N VAL I 215 -22.01 88.32 14.09
CA VAL I 215 -23.33 88.95 13.98
C VAL I 215 -24.05 88.97 15.33
N ASP I 216 -24.96 89.92 15.49
CA ASP I 216 -25.77 90.03 16.69
C ASP I 216 -27.25 90.01 16.36
N LYS I 217 -28.01 89.25 17.14
CA LYS I 217 -29.47 89.24 16.99
C LYS I 217 -30.14 89.57 18.32
N LYS I 218 -30.86 90.69 18.34
CA LYS I 218 -31.54 91.15 19.54
C LYS I 218 -32.83 90.35 19.74
N ILE I 219 -32.92 89.65 20.87
CA ILE I 219 -34.12 88.89 21.20
C ILE I 219 -35.24 89.84 21.63
N VAL I 220 -36.30 89.90 20.84
CA VAL I 220 -37.46 90.74 21.16
C VAL I 220 -38.72 89.90 21.34
N PRO I 221 -39.68 90.40 22.14
CA PRO I 221 -40.94 89.70 22.44
C PRO I 221 -41.99 89.84 21.34
N GLU J 1 35.97 31.68 -20.62
CA GLU J 1 35.09 32.29 -21.60
C GLU J 1 34.50 31.23 -22.52
N VAL J 2 33.21 31.34 -22.82
CA VAL J 2 32.55 30.40 -23.72
C VAL J 2 32.73 30.88 -25.16
N GLN J 3 32.81 29.93 -26.09
CA GLN J 3 32.92 30.26 -27.50
C GLN J 3 32.16 29.26 -28.35
N LEU J 4 31.48 29.79 -29.35
CA LEU J 4 30.82 28.95 -30.35
C LEU J 4 31.44 29.26 -31.70
N GLN J 5 32.20 28.33 -32.25
CA GLN J 5 32.83 28.53 -33.56
C GLN J 5 32.12 27.69 -34.61
N GLN J 6 31.57 28.36 -35.61
CA GLN J 6 30.84 27.68 -36.67
C GLN J 6 31.73 27.42 -37.88
N SER J 7 31.31 26.48 -38.72
CA SER J 7 32.08 26.13 -39.91
C SER J 7 32.21 27.31 -40.86
N GLY J 8 33.11 27.17 -41.84
CA GLY J 8 33.35 28.23 -42.80
C GLY J 8 32.21 28.40 -43.77
N PRO J 9 32.33 29.38 -44.68
CA PRO J 9 31.30 29.66 -45.69
C PRO J 9 31.24 28.54 -46.72
N GLU J 10 30.06 28.32 -47.30
CA GLU J 10 29.87 27.24 -48.25
C GLU J 10 29.12 27.69 -49.49
N LEU J 11 29.47 27.12 -50.63
CA LEU J 11 28.77 27.37 -51.88
C LEU J 11 28.28 26.05 -52.46
N VAL J 12 26.97 25.92 -52.63
CA VAL J 12 26.39 24.67 -53.09
C VAL J 12 25.29 24.90 -54.12
N ARG J 13 25.17 23.96 -55.06
CA ARG J 13 24.16 24.03 -56.10
C ARG J 13 22.80 23.61 -55.58
N PRO J 14 21.73 24.19 -56.14
CA PRO J 14 20.35 23.84 -55.75
C PRO J 14 20.12 22.33 -55.83
N GLY J 15 19.25 21.82 -54.97
CA GLY J 15 18.96 20.40 -54.96
C GLY J 15 19.88 19.62 -54.04
N ALA J 16 21.08 20.13 -53.82
CA ALA J 16 22.04 19.48 -52.94
C ALA J 16 21.72 19.80 -51.48
N SER J 17 22.51 19.23 -50.58
CA SER J 17 22.33 19.47 -49.15
C SER J 17 23.66 19.51 -48.43
N MET J 18 23.86 20.52 -47.59
CA MET J 18 25.09 20.63 -46.82
C MET J 18 24.82 20.79 -45.33
N LYS J 19 25.84 20.56 -44.52
CA LYS J 19 25.70 20.56 -43.07
C LYS J 19 26.74 21.45 -42.39
N ILE J 20 26.26 22.47 -41.66
CA ILE J 20 27.16 23.39 -40.96
C ILE J 20 27.29 23.03 -39.48
N SER J 21 28.47 23.28 -38.90
CA SER J 21 28.75 22.89 -37.53
C SER J 21 28.90 24.08 -36.60
N CYS J 22 28.84 23.80 -35.30
CA CYS J 22 28.98 24.84 -34.28
C CYS J 22 29.70 24.24 -33.08
N LYS J 23 31.03 24.33 -33.08
CA LYS J 23 31.83 23.75 -32.02
C LYS J 23 31.87 24.61 -30.76
N ALA J 24 31.32 24.07 -29.67
CA ALA J 24 31.23 24.81 -28.42
C ALA J 24 32.40 24.48 -27.49
N SER J 25 32.87 25.50 -26.78
CA SER J 25 33.99 25.34 -25.85
C SER J 25 33.88 26.36 -24.73
N GLY J 26 34.42 26.02 -23.57
CA GLY J 26 34.44 26.92 -22.44
C GLY J 26 33.28 26.73 -21.49
N TYR J 27 32.48 25.69 -21.73
CA TYR J 27 31.38 25.36 -20.85
C TYR J 27 30.99 23.89 -20.99
N SER J 28 30.29 23.36 -19.99
CA SER J 28 29.80 21.99 -20.05
C SER J 28 28.80 21.88 -21.21
N PHE J 29 29.28 21.37 -22.34
CA PHE J 29 28.51 21.39 -23.59
C PHE J 29 27.10 20.82 -23.47
N THR J 30 26.97 19.79 -22.66
CA THR J 30 25.72 19.03 -22.59
C THR J 30 24.69 19.70 -21.70
N GLY J 31 25.06 20.82 -21.10
CA GLY J 31 24.20 21.48 -20.13
C GLY J 31 23.27 22.54 -20.70
N TYR J 32 23.63 23.09 -21.85
CA TYR J 32 22.87 24.17 -22.46
C TYR J 32 22.33 23.77 -23.83
N THR J 33 21.05 24.03 -24.08
CA THR J 33 20.46 23.68 -25.38
C THR J 33 20.80 24.73 -26.44
N MET J 34 20.89 24.28 -27.69
CA MET J 34 21.33 25.15 -28.78
C MET J 34 20.18 25.57 -29.70
N ASN J 35 20.15 26.85 -30.05
CA ASN J 35 19.21 27.36 -31.04
C ASN J 35 19.91 27.54 -32.38
N TRP J 36 19.14 27.54 -33.47
CA TRP J 36 19.66 27.89 -34.77
C TRP J 36 18.80 29.01 -35.38
N VAL J 37 19.45 30.10 -35.74
CA VAL J 37 18.76 31.26 -36.28
C VAL J 37 19.21 31.52 -37.72
N LYS J 38 18.25 31.83 -38.60
CA LYS J 38 18.55 32.11 -39.99
C LYS J 38 18.35 33.59 -40.31
N GLN J 39 19.41 34.25 -40.74
CA GLN J 39 19.34 35.65 -41.14
C GLN J 39 19.52 35.78 -42.64
N SER J 40 18.43 36.05 -43.35
CA SER J 40 18.48 36.17 -44.81
C SER J 40 18.28 37.62 -45.25
N HIS J 41 18.81 37.97 -46.40
CA HIS J 41 18.68 39.31 -46.92
C HIS J 41 17.21 39.67 -47.14
N GLY J 42 16.46 38.71 -47.68
CA GLY J 42 15.06 38.94 -48.01
C GLY J 42 14.14 39.25 -46.86
N LYS J 43 14.40 38.66 -45.70
CA LYS J 43 13.51 38.83 -44.54
C LYS J 43 14.29 39.14 -43.26
N ASN J 44 13.61 39.05 -42.12
CA ASN J 44 14.25 39.29 -40.84
C ASN J 44 14.96 38.03 -40.36
N LEU J 45 15.22 37.97 -39.06
CA LEU J 45 15.74 36.76 -38.43
C LEU J 45 14.62 35.74 -38.30
N GLU J 46 14.93 34.49 -38.58
CA GLU J 46 13.96 33.42 -38.37
C GLU J 46 14.53 32.39 -37.42
N TRP J 47 13.68 31.86 -36.54
CA TRP J 47 14.08 30.81 -35.64
C TRP J 47 13.82 29.44 -36.27
N ILE J 48 14.87 28.67 -36.50
CA ILE J 48 14.75 27.38 -37.19
C ILE J 48 14.30 26.29 -36.23
N GLY J 49 15.00 26.15 -35.11
CA GLY J 49 14.69 25.12 -34.15
C GLY J 49 15.73 25.06 -33.05
N LEU J 50 15.59 24.10 -32.15
CA LEU J 50 16.56 23.96 -31.06
C LEU J 50 16.77 22.49 -30.73
N ILE J 51 17.94 22.20 -30.15
CA ILE J 51 18.27 20.83 -29.75
C ILE J 51 18.92 20.82 -28.37
N ASN J 52 18.54 19.84 -27.56
CA ASN J 52 19.12 19.67 -26.23
C ASN J 52 20.23 18.64 -26.29
N PRO J 53 21.49 19.08 -26.17
CA PRO J 53 22.66 18.20 -26.31
C PRO J 53 22.56 16.97 -25.42
N TYR J 54 22.24 17.18 -24.15
CA TYR J 54 22.18 16.09 -23.18
C TYR J 54 21.11 15.07 -23.52
N ASN J 55 20.04 15.57 -24.13
CA ASN J 55 18.83 14.79 -24.27
C ASN J 55 18.68 14.18 -25.65
N GLY J 56 19.21 14.88 -26.65
CA GLY J 56 19.04 14.49 -28.03
C GLY J 56 17.78 15.14 -28.58
N GLY J 57 16.88 15.53 -27.68
CA GLY J 57 15.59 16.08 -28.05
C GLY J 57 15.68 17.31 -28.94
N THR J 58 14.72 17.44 -29.84
CA THR J 58 14.68 18.58 -30.75
C THR J 58 13.27 19.14 -30.87
N SER J 59 13.19 20.39 -31.33
CA SER J 59 11.91 21.04 -31.57
C SER J 59 12.07 22.07 -32.69
N TYR J 60 11.38 21.84 -33.80
CA TYR J 60 11.56 22.69 -34.98
C TYR J 60 10.44 23.71 -35.16
N ASN J 61 10.78 24.84 -35.76
CA ASN J 61 9.78 25.78 -36.25
C ASN J 61 9.00 25.07 -37.35
N GLN J 62 7.67 25.11 -37.28
CA GLN J 62 6.84 24.44 -38.28
C GLN J 62 7.34 24.74 -39.69
N LYS J 63 7.84 25.94 -39.88
CA LYS J 63 8.32 26.41 -41.17
C LYS J 63 9.47 25.55 -41.72
N PHE J 64 10.40 25.18 -40.84
CA PHE J 64 11.59 24.44 -41.26
C PHE J 64 11.47 22.94 -41.00
N LYS J 65 10.27 22.50 -40.62
CA LYS J 65 10.00 21.07 -40.46
C LYS J 65 10.30 20.33 -41.75
N GLY J 66 11.43 19.63 -41.78
CA GLY J 66 11.82 18.88 -42.96
C GLY J 66 12.90 19.56 -43.78
N LYS J 67 13.14 20.83 -43.51
CA LYS J 67 14.21 21.57 -44.19
C LYS J 67 15.52 21.49 -43.42
N ALA J 68 15.43 21.52 -42.09
CA ALA J 68 16.62 21.44 -41.25
C ALA J 68 16.55 20.24 -40.31
N THR J 69 17.71 19.67 -40.01
CA THR J 69 17.80 18.53 -39.10
C THR J 69 18.90 18.72 -38.08
N LEU J 70 18.52 19.13 -36.87
CA LEU J 70 19.47 19.38 -35.81
C LEU J 70 19.98 18.09 -35.16
N THR J 71 21.29 18.00 -35.01
CA THR J 71 21.92 16.87 -34.34
C THR J 71 23.02 17.39 -33.41
N VAL J 72 23.65 16.48 -32.69
CA VAL J 72 24.70 16.86 -31.75
C VAL J 72 25.68 15.71 -31.52
N ASP J 73 26.97 16.04 -31.45
CA ASP J 73 27.99 15.04 -31.18
C ASP J 73 28.67 15.34 -29.84
N LYS J 74 28.22 14.65 -28.79
CA LYS J 74 28.67 14.92 -27.43
C LYS J 74 30.19 14.87 -27.30
N SER J 75 30.81 13.88 -27.91
CA SER J 75 32.25 13.67 -27.77
C SER J 75 33.05 14.92 -28.14
N SER J 76 32.66 15.55 -29.24
CA SER J 76 33.40 16.69 -29.77
C SER J 76 32.80 18.04 -29.42
N SER J 77 31.76 18.03 -28.58
CA SER J 77 31.09 19.27 -28.17
C SER J 77 30.66 20.10 -29.38
N THR J 78 30.13 19.43 -30.40
CA THR J 78 29.73 20.12 -31.62
C THR J 78 28.24 19.95 -31.90
N ALA J 79 27.60 21.02 -32.36
CA ALA J 79 26.22 20.96 -32.81
C ALA J 79 26.19 21.10 -34.32
N TYR J 80 25.43 20.24 -35.00
CA TYR J 80 25.37 20.25 -36.46
C TYR J 80 23.97 20.61 -36.93
N MET J 81 23.87 21.15 -38.13
CA MET J 81 22.58 21.41 -38.77
C MET J 81 22.59 21.00 -40.23
N GLU J 82 21.74 20.02 -40.57
CA GLU J 82 21.56 19.60 -41.95
C GLU J 82 20.56 20.51 -42.65
N LEU J 83 20.79 20.80 -43.92
CA LEU J 83 19.85 21.56 -44.71
C LEU J 83 19.59 20.83 -46.02
N LEU J 84 18.37 20.31 -46.18
CA LEU J 84 18.03 19.47 -47.33
C LEU J 84 17.37 20.26 -48.44
N SER J 85 17.34 19.68 -49.63
CA SER J 85 16.73 20.31 -50.80
C SER J 85 17.02 21.80 -50.89
N LEU J 86 18.30 22.16 -50.81
CA LEU J 86 18.70 23.57 -50.85
C LEU J 86 18.19 24.27 -52.10
N THR J 87 17.76 25.52 -51.93
CA THR J 87 17.28 26.32 -53.05
C THR J 87 17.78 27.76 -52.91
N SER J 88 17.27 28.64 -53.76
CA SER J 88 17.65 30.04 -53.72
C SER J 88 17.31 30.66 -52.37
N GLU J 89 16.13 30.32 -51.85
CA GLU J 89 15.65 30.91 -50.62
C GLU J 89 16.50 30.53 -49.40
N ASP J 90 17.29 29.49 -49.54
CA ASP J 90 18.12 29.02 -48.42
C ASP J 90 19.43 29.79 -48.31
N SER J 91 19.68 30.67 -49.27
CA SER J 91 20.89 31.49 -49.25
C SER J 91 20.82 32.54 -48.16
N ALA J 92 21.53 32.31 -47.06
CA ALA J 92 21.49 33.22 -45.93
C ALA J 92 22.69 33.03 -45.00
N VAL J 93 22.64 33.65 -43.84
CA VAL J 93 23.64 33.44 -42.81
C VAL J 93 23.00 32.72 -41.63
N TYR J 94 23.55 31.57 -41.26
CA TYR J 94 22.97 30.76 -40.20
C TYR J 94 23.78 30.85 -38.91
N TYR J 95 23.15 31.40 -37.86
CA TYR J 95 23.79 31.52 -36.57
C TYR J 95 23.37 30.39 -35.66
N CYS J 96 24.19 30.10 -34.66
CA CYS J 96 23.77 29.18 -33.59
C CYS J 96 23.86 29.94 -32.27
N ALA J 97 22.78 29.91 -31.49
CA ALA J 97 22.70 30.67 -30.25
C ALA J 97 22.33 29.80 -29.06
N ARG J 98 23.18 29.81 -28.04
CA ARG J 98 22.98 28.98 -26.86
C ARG J 98 21.88 29.51 -25.96
N ASP J 99 21.16 28.60 -25.30
CA ASP J 99 20.16 28.99 -24.33
C ASP J 99 20.83 29.34 -23.00
N GLY J 100 20.15 30.14 -22.19
CA GLY J 100 20.77 30.70 -21.00
C GLY J 100 20.93 29.78 -19.80
N ASP J 101 19.96 28.89 -19.59
CA ASP J 101 19.93 28.12 -18.34
C ASP J 101 20.74 26.84 -18.33
N TYR J 102 21.14 26.43 -17.13
CA TYR J 102 21.99 25.27 -16.91
C TYR J 102 21.16 24.02 -16.66
N TYR J 103 21.21 23.08 -17.59
CA TYR J 103 20.40 21.86 -17.52
C TYR J 103 18.93 22.15 -17.28
N ARG J 104 18.42 23.14 -18.02
CA ARG J 104 16.99 23.44 -18.08
C ARG J 104 16.75 24.55 -19.09
N TYR J 105 15.56 24.58 -19.65
CA TYR J 105 15.22 25.52 -20.73
C TYR J 105 14.77 26.86 -20.15
N GLY J 106 15.53 27.91 -20.44
CA GLY J 106 15.24 29.22 -19.88
C GLY J 106 14.59 30.19 -20.86
N ARG J 107 14.56 29.81 -22.13
CA ARG J 107 14.00 30.68 -23.15
C ARG J 107 14.63 32.06 -23.14
N TYR J 108 15.96 32.11 -23.22
CA TYR J 108 16.66 33.37 -23.43
C TYR J 108 18.08 33.12 -23.94
N PHE J 109 18.56 34.00 -24.80
CA PHE J 109 19.80 33.74 -25.52
C PHE J 109 21.05 34.25 -24.81
N ASP J 110 22.09 33.41 -24.83
CA ASP J 110 23.40 33.78 -24.31
C ASP J 110 24.29 34.23 -25.44
N TYR J 111 25.15 33.31 -25.86
CA TYR J 111 26.18 33.56 -26.84
C TYR J 111 25.78 33.04 -28.21
N TRP J 112 26.13 33.80 -29.24
CA TRP J 112 25.90 33.38 -30.61
C TRP J 112 27.23 33.01 -31.26
N GLY J 113 27.17 32.39 -32.42
CA GLY J 113 28.37 32.10 -33.18
C GLY J 113 28.66 33.28 -34.11
N GLN J 114 29.75 33.21 -34.85
CA GLN J 114 30.10 34.27 -35.78
C GLN J 114 29.22 34.20 -37.03
N GLY J 115 28.44 33.12 -37.12
CA GLY J 115 27.58 32.89 -38.26
C GLY J 115 28.25 32.15 -39.40
N THR J 116 27.45 31.43 -40.18
CA THR J 116 27.94 30.72 -41.35
C THR J 116 27.18 31.20 -42.58
N THR J 117 27.90 31.69 -43.57
CA THR J 117 27.25 32.18 -44.79
C THR J 117 27.11 31.06 -45.81
N LEU J 118 25.86 30.73 -46.14
CA LEU J 118 25.58 29.70 -47.12
C LEU J 118 25.06 30.32 -48.42
N THR J 119 25.73 30.02 -49.52
CA THR J 119 25.33 30.54 -50.82
C THR J 119 24.85 29.42 -51.74
N VAL J 120 23.57 29.45 -52.09
CA VAL J 120 22.99 28.44 -52.97
C VAL J 120 22.67 29.02 -54.35
N SER J 121 23.46 28.60 -55.34
CA SER J 121 23.31 29.09 -56.72
C SER J 121 23.85 28.08 -57.73
N SER J 122 23.05 27.80 -58.76
CA SER J 122 23.46 26.87 -59.81
C SER J 122 24.20 27.60 -60.93
N ALA J 123 24.96 28.61 -60.56
CA ALA J 123 25.64 29.47 -61.53
C ALA J 123 27.09 29.05 -61.75
N LYS J 124 27.54 29.16 -63.00
CA LYS J 124 28.94 29.00 -63.33
C LYS J 124 29.58 30.39 -63.30
N THR J 125 30.89 30.45 -63.22
CA THR J 125 31.58 31.74 -63.25
C THR J 125 31.14 32.50 -64.49
N THR J 126 30.48 33.64 -64.28
CA THR J 126 29.91 34.41 -65.38
C THR J 126 30.32 35.89 -65.34
N PRO J 127 31.08 36.33 -66.36
CA PRO J 127 31.52 37.72 -66.43
C PRO J 127 30.36 38.71 -66.45
N PRO J 128 30.51 39.84 -65.75
CA PRO J 128 29.47 40.87 -65.64
C PRO J 128 29.20 41.59 -66.96
N SER J 129 28.03 42.23 -67.05
CA SER J 129 27.72 43.11 -68.19
C SER J 129 27.51 44.51 -67.65
N VAL J 130 28.35 45.45 -68.07
CA VAL J 130 28.31 46.81 -67.55
C VAL J 130 27.44 47.77 -68.38
N TYR J 131 26.43 48.35 -67.74
CA TYR J 131 25.52 49.29 -68.39
C TYR J 131 25.59 50.64 -67.68
N PRO J 132 25.65 51.74 -68.45
CA PRO J 132 25.84 53.10 -67.93
C PRO J 132 24.59 53.67 -67.29
N LEU J 133 24.77 54.44 -66.22
CA LEU J 133 23.65 55.10 -65.54
C LEU J 133 23.79 56.62 -65.62
N ALA J 134 22.98 57.24 -66.46
CA ALA J 134 23.00 58.71 -66.60
C ALA J 134 21.64 59.31 -66.24
N PRO J 135 21.64 60.56 -65.76
CA PRO J 135 20.43 61.20 -65.22
C PRO J 135 19.34 61.41 -66.26
N GLY J 136 18.09 61.13 -65.89
CA GLY J 136 16.97 61.29 -66.78
C GLY J 136 16.85 62.69 -67.35
N SER J 137 16.63 62.77 -68.66
CA SER J 137 16.51 64.05 -69.34
C SER J 137 15.42 64.92 -68.72
N MET J 144 25.02 70.31 -59.76
CA MET J 144 25.47 69.00 -59.31
C MET J 144 24.75 67.88 -60.06
N VAL J 145 25.53 67.00 -60.70
CA VAL J 145 24.98 65.86 -61.42
C VAL J 145 25.58 64.56 -60.89
N THR J 146 24.77 63.51 -60.83
CA THR J 146 25.25 62.21 -60.36
C THR J 146 25.23 61.18 -61.49
N LEU J 147 26.35 60.46 -61.64
CA LEU J 147 26.46 59.42 -62.65
C LEU J 147 26.75 58.08 -61.98
N GLY J 148 26.65 56.99 -62.73
CA GLY J 148 26.90 55.68 -62.16
C GLY J 148 27.01 54.52 -63.13
N CYS J 149 27.44 53.37 -62.60
CA CYS J 149 27.55 52.14 -63.38
C CYS J 149 26.64 51.07 -62.81
N LEU J 150 26.15 50.19 -63.67
CA LEU J 150 25.38 49.04 -63.24
C LEU J 150 26.12 47.76 -63.63
N VAL J 151 26.80 47.14 -62.66
CA VAL J 151 27.49 45.88 -62.92
C VAL J 151 26.51 44.72 -62.71
N LYS J 152 25.85 44.32 -63.79
CA LYS J 152 24.67 43.44 -63.72
C LYS J 152 24.93 42.00 -64.16
N GLY J 153 24.54 41.06 -63.31
CA GLY J 153 24.60 39.63 -63.64
C GLY J 153 26.00 39.06 -63.68
N TYR J 154 26.68 39.10 -62.55
CA TYR J 154 28.02 38.53 -62.45
C TYR J 154 28.11 37.53 -61.32
N PHE J 155 29.06 36.60 -61.42
CA PHE J 155 29.24 35.56 -60.43
C PHE J 155 30.61 34.93 -60.61
N PRO J 156 31.27 34.59 -59.50
CA PRO J 156 30.83 34.93 -58.14
C PRO J 156 31.45 36.25 -57.74
N GLU J 157 31.06 36.79 -56.59
CA GLU J 157 31.68 38.01 -56.09
C GLU J 157 33.18 37.80 -55.92
N PRO J 158 33.94 38.89 -55.80
CA PRO J 158 33.43 40.27 -55.84
C PRO J 158 33.75 40.96 -57.16
N VAL J 159 33.32 42.21 -57.28
CA VAL J 159 33.73 43.08 -58.38
C VAL J 159 34.13 44.45 -57.85
N THR J 160 35.24 44.98 -58.35
CA THR J 160 35.74 46.27 -57.90
C THR J 160 35.51 47.35 -58.96
N VAL J 161 35.05 48.52 -58.52
CA VAL J 161 34.76 49.62 -59.43
C VAL J 161 35.55 50.88 -59.06
N THR J 162 36.16 51.50 -60.07
CA THR J 162 36.91 52.74 -59.88
C THR J 162 36.42 53.80 -60.87
N TRP J 163 36.89 55.02 -60.73
CA TRP J 163 36.48 56.10 -61.62
C TRP J 163 37.66 56.88 -62.20
N ASN J 164 37.87 56.72 -63.51
CA ASN J 164 38.97 57.37 -64.22
C ASN J 164 40.33 56.83 -63.79
N SER J 165 40.35 55.57 -63.37
CA SER J 165 41.57 54.92 -62.92
C SER J 165 42.06 55.49 -61.58
N GLY J 166 41.12 56.01 -60.79
CA GLY J 166 41.43 56.61 -59.50
C GLY J 166 41.51 58.12 -59.59
N SER J 167 41.23 58.67 -60.76
CA SER J 167 41.30 60.11 -60.97
C SER J 167 40.39 60.87 -60.01
N LEU J 168 39.12 60.48 -59.96
CA LEU J 168 38.19 61.08 -59.01
C LEU J 168 37.79 60.09 -57.93
N SER J 169 37.88 60.51 -56.68
CA SER J 169 37.62 59.63 -55.55
C SER J 169 36.54 60.19 -54.64
N SER J 170 36.50 61.51 -54.53
CA SER J 170 35.48 62.18 -53.72
C SER J 170 34.11 62.06 -54.40
N GLY J 171 33.14 61.55 -53.66
CA GLY J 171 31.80 61.36 -54.20
C GLY J 171 31.59 59.98 -54.80
N VAL J 172 32.61 59.13 -54.67
CA VAL J 172 32.53 57.77 -55.19
C VAL J 172 31.89 56.83 -54.17
N HIS J 173 30.83 56.15 -54.58
CA HIS J 173 30.13 55.23 -53.70
C HIS J 173 29.74 53.94 -54.41
N THR J 174 30.50 52.88 -54.13
CA THR J 174 30.19 51.57 -54.67
C THR J 174 29.26 50.81 -53.72
N PHE J 175 27.99 50.71 -54.09
CA PHE J 175 26.96 50.14 -53.22
C PHE J 175 27.07 48.63 -53.07
N PRO J 176 26.44 48.08 -52.02
CA PRO J 176 26.36 46.63 -51.82
C PRO J 176 25.70 45.95 -53.01
N ALA J 177 26.00 44.67 -53.22
CA ALA J 177 25.43 43.90 -54.31
C ALA J 177 24.21 43.11 -53.84
N VAL J 178 23.28 42.87 -54.76
CA VAL J 178 22.11 42.05 -54.47
C VAL J 178 22.22 40.75 -55.26
N LEU J 179 21.63 39.68 -54.71
CA LEU J 179 21.70 38.37 -55.35
C LEU J 179 20.36 38.00 -55.99
N GLN J 180 20.27 38.13 -57.31
CA GLN J 180 19.02 37.85 -58.01
C GLN J 180 19.29 37.05 -59.28
N SER J 181 18.47 36.01 -59.49
CA SER J 181 18.62 35.14 -60.65
C SER J 181 19.92 34.36 -60.58
N ASP J 182 20.32 33.97 -59.37
CA ASP J 182 21.57 33.25 -59.15
C ASP J 182 22.80 34.10 -59.43
N LEU J 183 22.59 35.29 -59.98
CA LEU J 183 23.69 36.17 -60.36
C LEU J 183 23.69 37.46 -59.56
N TYR J 184 24.88 37.86 -59.10
CA TYR J 184 25.04 39.09 -58.32
C TYR J 184 24.91 40.35 -59.19
N THR J 185 24.63 41.48 -58.54
CA THR J 185 24.47 42.74 -59.24
C THR J 185 24.65 43.92 -58.29
N LEU J 186 25.46 44.89 -58.69
CA LEU J 186 25.66 46.09 -57.90
C LEU J 186 25.72 47.34 -58.78
N SER J 187 26.07 48.46 -58.17
CA SER J 187 26.26 49.70 -58.91
C SER J 187 27.06 50.72 -58.09
N SER J 188 27.80 51.58 -58.80
CA SER J 188 28.65 52.56 -58.15
C SER J 188 28.40 53.94 -58.76
N SER J 189 28.09 54.91 -57.91
CA SER J 189 27.84 56.27 -58.37
C SER J 189 29.06 57.15 -58.12
N VAL J 190 29.08 58.31 -58.78
CA VAL J 190 30.14 59.30 -58.58
C VAL J 190 29.61 60.70 -58.84
N THR J 191 29.80 61.60 -57.87
CA THR J 191 29.23 62.94 -57.95
C THR J 191 30.25 63.98 -58.44
N VAL J 192 29.84 64.75 -59.45
CA VAL J 192 30.66 65.83 -60.00
C VAL J 192 29.76 67.02 -60.31
N PRO J 193 30.34 68.23 -60.42
CA PRO J 193 29.59 69.43 -60.83
C PRO J 193 28.97 69.26 -62.21
N SER J 194 27.73 69.70 -62.36
CA SER J 194 26.93 69.44 -63.55
C SER J 194 27.50 70.06 -64.82
N SER J 195 28.03 71.26 -64.70
CA SER J 195 28.51 72.00 -65.86
C SER J 195 29.66 71.29 -66.56
N THR J 196 30.51 70.62 -65.79
CA THR J 196 31.68 69.94 -66.35
C THR J 196 31.31 68.77 -67.26
N TRP J 197 30.25 68.06 -66.92
CA TRP J 197 29.86 66.89 -67.70
C TRP J 197 28.79 67.29 -68.72
N PRO J 198 28.90 66.78 -69.96
CA PRO J 198 29.93 65.84 -70.41
C PRO J 198 31.09 66.50 -71.14
N SER J 199 31.85 67.34 -70.44
CA SER J 199 33.03 67.97 -71.04
C SER J 199 34.31 67.35 -70.47
N GLU J 200 34.15 66.39 -69.56
CA GLU J 200 35.28 65.66 -68.99
C GLU J 200 35.04 64.16 -69.06
N THR J 201 36.07 63.41 -69.45
CA THR J 201 35.96 61.95 -69.57
C THR J 201 35.66 61.31 -68.23
N VAL J 202 34.51 60.63 -68.15
CA VAL J 202 34.09 59.96 -66.93
C VAL J 202 33.92 58.46 -67.14
N THR J 203 35.04 57.74 -67.14
CA THR J 203 35.03 56.30 -67.34
C THR J 203 35.02 55.55 -66.01
N CYS J 204 34.12 54.57 -65.89
CA CYS J 204 34.13 53.70 -64.72
C CYS J 204 34.87 52.42 -65.08
N ASN J 205 35.72 51.96 -64.16
CA ASN J 205 36.50 50.75 -64.37
C ASN J 205 35.93 49.58 -63.58
N VAL J 206 35.43 48.57 -64.29
CA VAL J 206 34.89 47.39 -63.62
C VAL J 206 35.86 46.22 -63.76
N ALA J 207 36.15 45.58 -62.62
CA ALA J 207 37.07 44.44 -62.60
C ALA J 207 36.44 43.24 -61.90
N HIS J 208 36.39 42.11 -62.61
CA HIS J 208 35.85 40.87 -62.05
C HIS J 208 36.92 39.79 -62.08
N PRO J 209 37.82 39.81 -61.07
CA PRO J 209 39.02 38.97 -61.02
C PRO J 209 38.72 37.48 -61.08
N ALA J 210 37.50 37.10 -60.75
CA ALA J 210 37.13 35.69 -60.73
C ALA J 210 37.07 35.08 -62.13
N SER J 211 37.07 35.94 -63.14
CA SER J 211 36.97 35.50 -64.52
C SER J 211 37.99 36.20 -65.41
N SER J 212 38.77 37.08 -64.80
CA SER J 212 39.80 37.85 -65.52
C SER J 212 39.20 38.93 -66.40
N THR J 213 38.02 39.43 -66.01
CA THR J 213 37.32 40.42 -66.81
C THR J 213 37.66 41.85 -66.41
N LYS J 214 37.95 42.68 -67.40
CA LYS J 214 38.21 44.10 -67.18
C LYS J 214 37.49 44.92 -68.25
N VAL J 215 36.56 45.77 -67.83
CA VAL J 215 35.77 46.55 -68.76
C VAL J 215 35.67 48.03 -68.36
N ASP J 216 35.72 48.91 -69.36
CA ASP J 216 35.55 50.34 -69.14
C ASP J 216 34.33 50.83 -69.89
N LYS J 217 33.55 51.71 -69.25
CA LYS J 217 32.34 52.25 -69.86
C LYS J 217 32.09 53.68 -69.40
N LYS J 218 32.59 54.66 -70.14
CA LYS J 218 32.42 56.06 -69.76
C LYS J 218 30.97 56.52 -69.87
N ILE J 219 30.55 57.32 -68.90
CA ILE J 219 29.18 57.81 -68.86
C ILE J 219 28.95 58.88 -69.92
N VAL J 220 27.78 58.83 -70.55
CA VAL J 220 27.44 59.75 -71.63
C VAL J 220 25.92 59.85 -71.75
N PRO J 221 25.41 61.06 -72.00
CA PRO J 221 23.96 61.28 -72.08
C PRO J 221 23.36 60.79 -73.40
N GLN K 1 -50.35 -5.82 22.77
CA GLN K 1 -49.27 -6.39 21.98
C GLN K 1 -48.91 -7.78 22.48
N ALA K 2 -47.65 -7.98 22.81
CA ALA K 2 -47.20 -9.28 23.33
C ALA K 2 -47.52 -9.38 24.83
N VAL K 3 -47.94 -10.56 25.27
CA VAL K 3 -48.25 -10.75 26.68
C VAL K 3 -47.63 -12.02 27.26
N VAL K 4 -47.06 -11.90 28.46
CA VAL K 4 -46.46 -13.03 29.14
C VAL K 4 -47.44 -13.65 30.13
N THR K 5 -47.47 -14.99 30.16
CA THR K 5 -48.43 -15.71 30.98
C THR K 5 -47.76 -16.68 31.94
N GLN K 6 -48.19 -16.68 33.19
CA GLN K 6 -47.67 -17.62 34.19
C GLN K 6 -48.79 -18.25 35.00
N GLU K 7 -48.46 -19.36 35.67
CA GLU K 7 -49.40 -19.97 36.60
C GLU K 7 -49.75 -18.98 37.70
N SER K 8 -51.04 -18.86 38.00
CA SER K 8 -51.49 -17.95 39.04
C SER K 8 -50.83 -18.29 40.37
N ALA K 9 -50.80 -19.57 40.70
CA ALA K 9 -50.16 -20.04 41.91
C ALA K 9 -49.82 -21.54 41.85
N LEU K 10 -48.77 -21.93 42.57
CA LEU K 10 -48.39 -23.33 42.67
C LEU K 10 -48.11 -23.72 44.12
N THR K 11 -48.18 -25.02 44.39
CA THR K 11 -47.96 -25.54 45.73
C THR K 11 -46.94 -26.66 45.70
N THR K 12 -46.10 -26.74 46.73
CA THR K 12 -45.09 -27.80 46.82
C THR K 12 -44.59 -27.96 48.25
N SER K 13 -44.20 -29.19 48.59
CA SER K 13 -43.70 -29.48 49.93
C SER K 13 -42.17 -29.47 49.98
N PRO K 14 -41.60 -29.17 51.14
CA PRO K 14 -40.14 -29.08 51.33
C PRO K 14 -39.41 -30.33 50.85
N GLY K 15 -38.55 -30.18 49.85
CA GLY K 15 -37.78 -31.30 49.35
C GLY K 15 -38.20 -31.73 47.97
N GLU K 16 -39.44 -31.43 47.60
CA GLU K 16 -39.97 -31.82 46.29
C GLU K 16 -39.38 -30.99 45.16
N THR K 17 -39.86 -31.25 43.95
CA THR K 17 -39.39 -30.52 42.77
C THR K 17 -40.56 -29.87 42.04
N VAL K 18 -40.61 -28.54 42.07
CA VAL K 18 -41.67 -27.79 41.41
C VAL K 18 -41.11 -27.10 40.17
N THR K 19 -41.98 -26.82 39.20
CA THR K 19 -41.56 -26.15 37.97
C THR K 19 -42.53 -25.07 37.54
N LEU K 20 -42.04 -23.83 37.47
CA LEU K 20 -42.84 -22.70 36.99
C LEU K 20 -42.60 -22.52 35.50
N THR K 21 -43.63 -22.10 34.78
CA THR K 21 -43.48 -21.89 33.34
C THR K 21 -43.85 -20.47 32.92
N CYS K 22 -43.21 -20.01 31.85
CA CYS K 22 -43.41 -18.67 31.34
C CYS K 22 -43.77 -18.77 29.86
N ARG K 23 -44.95 -18.29 29.50
CA ARG K 23 -45.46 -18.45 28.13
C ARG K 23 -45.55 -17.15 27.34
N SER K 24 -45.07 -17.18 26.11
CA SER K 24 -45.15 -16.04 25.20
C SER K 24 -46.39 -16.16 24.32
N SER K 25 -47.08 -15.04 24.12
CA SER K 25 -48.30 -15.03 23.33
C SER K 25 -48.02 -15.03 21.82
N THR K 26 -46.91 -14.43 21.41
CA THR K 26 -46.56 -14.33 20.00
C THR K 26 -46.08 -15.66 19.44
N GLY K 27 -45.61 -16.54 20.31
CA GLY K 27 -45.12 -17.84 19.88
C GLY K 27 -44.30 -18.55 20.94
N ALA K 28 -43.40 -19.41 20.50
CA ALA K 28 -42.54 -20.17 21.41
C ALA K 28 -41.43 -19.29 21.95
N VAL K 29 -41.10 -19.48 23.23
CA VAL K 29 -40.01 -18.74 23.85
C VAL K 29 -38.67 -19.25 23.32
N THR K 30 -37.97 -18.39 22.58
CA THR K 30 -36.68 -18.74 22.01
C THR K 30 -35.54 -18.09 22.80
N THR K 31 -34.31 -18.37 22.40
CA THR K 31 -33.15 -17.87 23.15
C THR K 31 -33.05 -16.36 23.10
N ILE K 32 -33.55 -15.74 22.03
CA ILE K 32 -33.49 -14.28 21.90
C ILE K 32 -34.56 -13.58 22.73
N ASN K 33 -35.23 -14.35 23.58
CA ASN K 33 -36.16 -13.77 24.55
C ASN K 33 -35.47 -13.53 25.89
N PHE K 34 -34.31 -14.17 26.06
CA PHE K 34 -33.51 -14.01 27.28
C PHE K 34 -34.38 -14.10 28.52
N ALA K 35 -35.15 -15.17 28.61
CA ALA K 35 -36.08 -15.36 29.72
C ALA K 35 -35.40 -15.11 31.06
N ASN K 36 -35.90 -14.11 31.78
CA ASN K 36 -35.42 -13.81 33.12
C ASN K 36 -36.39 -14.27 34.19
N TRP K 37 -35.86 -14.65 35.35
CA TRP K 37 -36.70 -14.99 36.49
C TRP K 37 -36.33 -14.15 37.70
N VAL K 38 -37.32 -13.51 38.29
CA VAL K 38 -37.12 -12.65 39.45
C VAL K 38 -37.95 -13.15 40.61
N GLN K 39 -37.39 -13.10 41.81
CA GLN K 39 -38.11 -13.52 43.01
C GLN K 39 -38.49 -12.33 43.87
N GLU K 40 -39.71 -12.34 44.41
CA GLU K 40 -40.16 -11.29 45.30
C GLU K 40 -40.60 -11.83 46.65
N LYS K 41 -39.75 -11.65 47.66
CA LYS K 41 -40.09 -12.00 49.03
C LYS K 41 -41.03 -10.93 49.59
N PRO K 42 -41.69 -11.23 50.72
CA PRO K 42 -42.61 -10.26 51.34
C PRO K 42 -41.89 -8.97 51.74
N ASP K 43 -42.60 -7.85 51.69
CA ASP K 43 -42.05 -6.54 52.00
C ASP K 43 -41.26 -5.94 50.84
N HIS K 44 -41.59 -6.36 49.63
CA HIS K 44 -41.00 -5.80 48.42
C HIS K 44 -39.51 -6.07 48.29
N LEU K 45 -39.12 -7.34 48.44
CA LEU K 45 -37.73 -7.73 48.28
C LEU K 45 -37.52 -8.47 46.95
N PHE K 46 -37.06 -7.75 45.94
CA PHE K 46 -36.79 -8.35 44.64
C PHE K 46 -35.33 -8.78 44.47
N THR K 47 -35.13 -9.93 43.82
CA THR K 47 -33.78 -10.37 43.45
C THR K 47 -33.84 -11.24 42.21
N GLY K 48 -32.82 -11.17 41.37
CA GLY K 48 -32.76 -11.97 40.16
C GLY K 48 -32.30 -13.39 40.43
N LEU K 49 -32.73 -14.31 39.57
CA LEU K 49 -32.31 -15.70 39.66
C LEU K 49 -31.53 -16.09 38.41
N ILE K 50 -32.26 -16.20 37.30
CA ILE K 50 -31.69 -16.58 36.01
C ILE K 50 -31.97 -15.51 34.98
N GLY K 51 -31.26 -15.55 33.85
CA GLY K 51 -31.49 -14.61 32.77
C GLY K 51 -30.49 -14.77 31.63
N GLY K 52 -30.42 -13.75 30.77
CA GLY K 52 -29.48 -13.74 29.67
C GLY K 52 -29.49 -15.02 28.86
N ILE K 53 -28.30 -15.49 28.50
CA ILE K 53 -28.16 -16.72 27.73
C ILE K 53 -28.34 -17.93 28.64
N ASN K 54 -27.33 -18.23 29.45
CA ASN K 54 -27.45 -19.28 30.46
C ASN K 54 -26.71 -18.90 31.73
N ASN K 55 -26.77 -17.63 32.09
CA ASN K 55 -26.12 -17.15 33.31
C ASN K 55 -27.10 -16.87 34.45
N ARG K 56 -26.56 -16.78 35.67
CA ARG K 56 -27.37 -16.59 36.86
C ARG K 56 -26.76 -15.51 37.75
N ALA K 57 -27.57 -14.98 38.66
CA ALA K 57 -27.15 -13.91 39.54
C ALA K 57 -26.18 -14.42 40.60
N PRO K 58 -25.42 -13.51 41.23
CA PRO K 58 -24.49 -13.89 42.30
C PRO K 58 -25.24 -14.47 43.49
N GLY K 59 -24.95 -15.72 43.82
CA GLY K 59 -25.50 -16.33 45.02
C GLY K 59 -26.73 -17.19 44.82
N VAL K 60 -27.31 -17.13 43.63
CA VAL K 60 -28.50 -17.93 43.34
C VAL K 60 -28.21 -19.41 43.58
N PRO K 61 -28.91 -20.01 44.55
CA PRO K 61 -28.75 -21.41 44.97
C PRO K 61 -28.70 -22.36 43.77
N ALA K 62 -28.05 -23.50 43.95
CA ALA K 62 -27.86 -24.46 42.87
C ALA K 62 -29.15 -25.19 42.50
N ARG K 63 -30.13 -25.17 43.41
CA ARG K 63 -31.39 -25.85 43.16
C ARG K 63 -32.22 -25.16 42.07
N PHE K 64 -32.01 -23.86 41.90
CA PHE K 64 -32.68 -23.12 40.84
C PHE K 64 -32.02 -23.41 39.49
N SER K 65 -32.83 -23.57 38.44
CA SER K 65 -32.30 -23.85 37.12
C SER K 65 -33.28 -23.45 36.02
N GLY K 66 -32.74 -22.96 34.91
CA GLY K 66 -33.56 -22.54 33.79
C GLY K 66 -33.49 -23.50 32.63
N SER K 67 -34.53 -23.49 31.80
CA SER K 67 -34.61 -24.35 30.63
C SER K 67 -35.72 -23.89 29.69
N LEU K 68 -35.77 -24.47 28.50
CA LEU K 68 -36.84 -24.18 27.55
C LEU K 68 -37.66 -25.44 27.27
N ILE K 69 -38.30 -25.95 28.31
CA ILE K 69 -39.17 -27.11 28.20
C ILE K 69 -40.35 -26.81 27.29
N GLY K 70 -40.59 -27.70 26.34
CA GLY K 70 -41.65 -27.49 25.38
C GLY K 70 -41.40 -26.27 24.52
N ASP K 71 -42.31 -25.30 24.59
CA ASP K 71 -42.13 -24.05 23.84
C ASP K 71 -42.32 -22.83 24.73
N LYS K 72 -41.95 -22.98 26.00
CA LYS K 72 -41.98 -21.86 26.94
C LYS K 72 -40.84 -21.96 27.96
N ALA K 73 -40.49 -20.83 28.56
CA ALA K 73 -39.39 -20.79 29.53
C ALA K 73 -39.79 -21.42 30.84
N ALA K 74 -38.87 -22.19 31.45
CA ALA K 74 -39.16 -22.87 32.70
C ALA K 74 -38.17 -22.50 33.79
N LEU K 75 -38.60 -22.65 35.04
CA LEU K 75 -37.77 -22.40 36.19
C LEU K 75 -38.00 -23.55 37.17
N THR K 76 -37.01 -24.43 37.30
CA THR K 76 -37.17 -25.63 38.11
C THR K 76 -36.38 -25.58 39.43
N ILE K 77 -37.10 -25.70 40.53
CA ILE K 77 -36.48 -25.73 41.86
C ILE K 77 -36.36 -27.17 42.35
N THR K 78 -35.17 -27.75 42.20
CA THR K 78 -34.95 -29.13 42.61
C THR K 78 -34.56 -29.22 44.08
N GLY K 79 -35.53 -29.59 44.91
CA GLY K 79 -35.32 -29.68 46.34
C GLY K 79 -35.79 -28.42 47.04
N ALA K 80 -37.06 -28.07 46.83
CA ALA K 80 -37.63 -26.84 47.37
C ALA K 80 -37.34 -26.66 48.85
N GLN K 81 -37.18 -25.41 49.27
CA GLN K 81 -36.91 -25.09 50.66
C GLN K 81 -38.01 -24.21 51.21
N THR K 82 -38.04 -24.05 52.54
CA THR K 82 -39.03 -23.22 53.19
C THR K 82 -38.95 -21.78 52.69
N GLU K 83 -37.74 -21.23 52.69
CA GLU K 83 -37.53 -19.85 52.29
C GLU K 83 -37.83 -19.61 50.81
N ASP K 84 -37.92 -20.69 50.04
CA ASP K 84 -38.19 -20.57 48.61
C ASP K 84 -39.61 -20.09 48.33
N GLU K 85 -40.42 -19.96 49.37
CA GLU K 85 -41.79 -19.49 49.21
C GLU K 85 -41.83 -18.00 48.94
N ALA K 86 -42.18 -17.63 47.72
CA ALA K 86 -42.27 -16.23 47.32
C ALA K 86 -43.07 -16.09 46.03
N ILE K 87 -43.03 -14.89 45.45
CA ILE K 87 -43.65 -14.67 44.16
C ILE K 87 -42.59 -14.60 43.07
N TYR K 88 -42.78 -15.38 42.01
CA TYR K 88 -41.78 -15.45 40.95
C TYR K 88 -42.29 -14.83 39.66
N PHE K 89 -41.62 -13.76 39.22
CA PHE K 89 -41.93 -13.14 37.95
C PHE K 89 -40.93 -13.58 36.90
N CYS K 90 -41.42 -13.90 35.71
CA CYS K 90 -40.54 -14.15 34.58
C CYS K 90 -40.71 -13.00 33.61
N ALA K 91 -39.61 -12.60 32.98
CA ALA K 91 -39.65 -11.51 32.01
C ALA K 91 -39.08 -11.96 30.69
N LEU K 92 -39.78 -11.66 29.61
CA LEU K 92 -39.30 -11.98 28.27
C LEU K 92 -38.83 -10.71 27.56
N TRP K 93 -37.84 -10.86 26.71
CA TRP K 93 -37.30 -9.73 25.96
C TRP K 93 -37.86 -9.76 24.55
N TYR K 94 -38.64 -8.73 24.21
CA TYR K 94 -39.23 -8.63 22.87
C TYR K 94 -38.59 -7.49 22.07
N SER K 95 -37.55 -7.81 21.31
CA SER K 95 -36.93 -6.86 20.40
C SER K 95 -36.11 -5.76 21.10
N ASN K 96 -36.77 -4.92 21.91
CA ASN K 96 -36.09 -3.78 22.50
C ASN K 96 -36.53 -3.44 23.92
N HIS K 97 -37.35 -4.28 24.53
CA HIS K 97 -37.87 -4.02 25.86
C HIS K 97 -38.30 -5.29 26.58
N TRP K 98 -38.43 -5.20 27.89
CA TRP K 98 -38.87 -6.33 28.69
C TRP K 98 -40.38 -6.33 28.89
N VAL K 99 -40.96 -7.52 28.95
CA VAL K 99 -42.37 -7.66 29.30
C VAL K 99 -42.48 -8.68 30.44
N PHE K 100 -43.04 -8.26 31.56
CA PHE K 100 -43.15 -9.14 32.72
C PHE K 100 -44.43 -9.99 32.67
N GLY K 101 -44.41 -11.11 33.40
CA GLY K 101 -45.58 -11.95 33.52
C GLY K 101 -46.43 -11.53 34.71
N GLY K 102 -47.50 -12.27 34.96
CA GLY K 102 -48.37 -11.98 36.08
C GLY K 102 -47.73 -12.39 37.39
N GLY K 103 -46.74 -13.28 37.32
CA GLY K 103 -46.10 -13.80 38.49
C GLY K 103 -46.79 -15.04 39.01
N THR K 104 -46.01 -15.97 39.55
CA THR K 104 -46.53 -17.20 40.12
C THR K 104 -46.28 -17.21 41.62
N LYS K 105 -47.32 -17.43 42.41
CA LYS K 105 -47.16 -17.47 43.85
C LYS K 105 -46.87 -18.88 44.35
N LEU K 106 -45.59 -19.18 44.54
CA LEU K 106 -45.17 -20.50 45.00
C LEU K 106 -45.29 -20.62 46.50
N THR K 107 -46.04 -21.63 46.94
CA THR K 107 -46.21 -21.88 48.36
C THR K 107 -45.52 -23.16 48.78
N VAL K 108 -44.62 -23.05 49.75
CA VAL K 108 -43.99 -24.22 50.33
C VAL K 108 -44.76 -24.62 51.58
N LEU K 109 -45.47 -25.74 51.48
CA LEU K 109 -46.43 -26.17 52.50
C LEU K 109 -45.78 -26.53 53.83
N GLY K 110 -46.00 -25.68 54.82
CA GLY K 110 -45.56 -25.94 56.19
C GLY K 110 -46.73 -25.79 57.13
N GLN K 111 -47.93 -26.05 56.61
CA GLN K 111 -49.17 -25.85 57.34
C GLN K 111 -50.31 -26.54 56.60
N PRO K 112 -51.29 -27.08 57.32
CA PRO K 112 -52.40 -27.79 56.65
C PRO K 112 -53.33 -26.81 55.95
N LYS K 113 -53.77 -27.17 54.74
CA LYS K 113 -54.66 -26.31 53.96
C LYS K 113 -55.81 -25.81 54.83
N SER K 114 -56.27 -24.60 54.56
CA SER K 114 -57.32 -24.00 55.38
C SER K 114 -58.29 -23.20 54.50
N SER K 115 -59.55 -23.64 54.44
CA SER K 115 -60.56 -22.97 53.62
C SER K 115 -60.91 -21.59 54.15
N PRO K 116 -61.23 -20.65 53.24
CA PRO K 116 -61.43 -19.25 53.62
C PRO K 116 -62.74 -19.03 54.36
N SER K 117 -62.72 -18.12 55.33
CA SER K 117 -63.92 -17.79 56.10
C SER K 117 -64.56 -16.50 55.59
N VAL K 118 -65.50 -16.64 54.66
CA VAL K 118 -66.06 -15.49 53.95
C VAL K 118 -67.24 -14.87 54.69
N THR K 119 -67.15 -13.57 54.94
CA THR K 119 -68.23 -12.82 55.56
C THR K 119 -68.59 -11.62 54.67
N LEU K 120 -69.86 -11.48 54.32
CA LEU K 120 -70.30 -10.35 53.50
C LEU K 120 -71.23 -9.44 54.31
N PHE K 121 -70.86 -8.16 54.39
CA PHE K 121 -71.64 -7.18 55.15
C PHE K 121 -72.54 -6.34 54.25
N PRO K 122 -73.69 -5.91 54.78
CA PRO K 122 -74.59 -5.02 54.03
C PRO K 122 -74.21 -3.56 54.27
N PRO K 123 -74.25 -2.75 53.21
CA PRO K 123 -73.90 -1.32 53.28
C PRO K 123 -74.71 -0.62 54.37
N SER K 124 -74.05 -0.27 55.47
CA SER K 124 -74.70 0.38 56.60
C SER K 124 -75.63 1.51 56.13
N SER K 125 -76.83 1.56 56.70
CA SER K 125 -77.77 2.63 56.42
C SER K 125 -77.07 3.97 56.59
N GLU K 126 -76.15 4.00 57.54
CA GLU K 126 -75.35 5.20 57.83
C GLU K 126 -74.81 5.86 56.55
N GLU K 127 -74.00 5.11 55.80
CA GLU K 127 -73.35 5.67 54.61
C GLU K 127 -74.31 5.85 53.44
N LEU K 128 -75.50 5.27 53.55
CA LEU K 128 -76.52 5.48 52.53
C LEU K 128 -77.00 6.92 52.54
N GLU K 129 -76.85 7.58 53.69
CA GLU K 129 -77.21 8.99 53.83
C GLU K 129 -76.32 9.86 52.95
N THR K 130 -75.13 9.36 52.66
CA THR K 130 -74.19 10.05 51.77
C THR K 130 -74.55 9.73 50.32
N ASN K 131 -75.69 9.05 50.14
CA ASN K 131 -76.14 8.63 48.82
C ASN K 131 -75.08 7.75 48.14
N LYS K 132 -74.48 6.86 48.93
CA LYS K 132 -73.43 5.99 48.44
C LYS K 132 -73.54 4.61 49.11
N ALA K 133 -73.22 3.55 48.36
CA ALA K 133 -73.35 2.19 48.86
C ALA K 133 -72.05 1.39 48.69
N THR K 134 -71.61 0.74 49.75
CA THR K 134 -70.35 0.01 49.76
C THR K 134 -70.45 -1.35 50.45
N LEU K 135 -70.33 -2.41 49.68
CA LEU K 135 -70.38 -3.77 50.22
C LEU K 135 -68.99 -4.28 50.59
N VAL K 136 -68.84 -4.76 51.82
CA VAL K 136 -67.58 -5.32 52.29
C VAL K 136 -67.65 -6.84 52.36
N CYS K 137 -66.60 -7.52 51.90
CA CYS K 137 -66.55 -8.97 51.95
C CYS K 137 -65.22 -9.44 52.53
N THR K 138 -65.14 -9.51 53.85
CA THR K 138 -63.90 -9.90 54.52
C THR K 138 -63.62 -11.40 54.37
N ILE K 139 -62.40 -11.72 53.98
CA ILE K 139 -61.95 -13.11 53.82
C ILE K 139 -60.77 -13.36 54.74
N THR K 140 -60.88 -14.37 55.60
CA THR K 140 -59.84 -14.63 56.59
C THR K 140 -59.53 -16.12 56.76
N ASP K 141 -58.41 -16.41 57.42
CA ASP K 141 -58.02 -17.78 57.76
C ASP K 141 -58.01 -18.73 56.56
N PHE K 142 -57.18 -18.43 55.56
CA PHE K 142 -56.99 -19.36 54.45
C PHE K 142 -55.53 -19.60 54.11
N TYR K 143 -55.28 -20.72 53.45
CA TYR K 143 -53.93 -21.16 53.12
C TYR K 143 -54.00 -22.28 52.08
N PRO K 144 -53.19 -22.18 51.02
CA PRO K 144 -52.24 -21.09 50.76
C PRO K 144 -52.94 -19.76 50.48
N GLY K 145 -52.20 -18.67 50.48
CA GLY K 145 -52.77 -17.36 50.25
C GLY K 145 -52.98 -17.01 48.80
N VAL K 146 -53.99 -17.60 48.19
CA VAL K 146 -54.30 -17.34 46.78
C VAL K 146 -55.79 -17.55 46.50
N VAL K 147 -56.58 -16.48 46.64
CA VAL K 147 -58.02 -16.59 46.43
C VAL K 147 -58.49 -15.72 45.26
N THR K 148 -59.50 -16.19 44.56
CA THR K 148 -60.11 -15.42 43.48
C THR K 148 -61.42 -14.82 43.96
N VAL K 149 -61.59 -13.51 43.78
CA VAL K 149 -62.80 -12.83 44.22
C VAL K 149 -63.67 -12.41 43.04
N ASP K 150 -64.83 -13.05 42.91
CA ASP K 150 -65.80 -12.72 41.87
C ASP K 150 -67.12 -12.28 42.49
N TRP K 151 -67.64 -11.14 42.04
CA TRP K 151 -68.91 -10.63 42.54
C TRP K 151 -70.06 -10.93 41.59
N LYS K 152 -71.28 -10.85 42.11
CA LYS K 152 -72.47 -11.06 41.30
C LYS K 152 -73.62 -10.19 41.81
N VAL K 153 -74.40 -9.66 40.86
CA VAL K 153 -75.57 -8.86 41.21
C VAL K 153 -76.81 -9.39 40.49
N ASP K 154 -77.61 -10.17 41.22
CA ASP K 154 -78.82 -10.75 40.66
C ASP K 154 -78.52 -11.76 39.55
N GLY K 155 -77.66 -12.74 39.87
CA GLY K 155 -77.31 -13.77 38.91
C GLY K 155 -76.12 -13.39 38.04
N THR K 156 -76.21 -12.23 37.41
CA THR K 156 -75.17 -11.76 36.50
C THR K 156 -73.92 -11.33 37.28
N PRO K 157 -72.73 -11.68 36.74
CA PRO K 157 -71.44 -11.37 37.37
C PRO K 157 -71.02 -9.90 37.21
N VAL K 158 -70.57 -9.29 38.30
CA VAL K 158 -70.16 -7.89 38.30
C VAL K 158 -68.91 -7.65 37.47
N THR K 159 -68.95 -6.62 36.63
CA THR K 159 -67.84 -6.33 35.72
C THR K 159 -67.18 -4.98 36.00
N GLN K 160 -67.89 -4.11 36.71
CA GLN K 160 -67.38 -2.77 37.01
C GLN K 160 -67.60 -2.39 38.47
N GLY K 161 -66.62 -1.70 39.05
CA GLY K 161 -66.75 -1.16 40.39
C GLY K 161 -66.24 -2.07 41.51
N MET K 162 -65.46 -3.08 41.15
CA MET K 162 -64.94 -4.02 42.13
C MET K 162 -63.45 -3.87 42.37
N GLU K 163 -63.04 -3.99 43.63
CA GLU K 163 -61.65 -3.86 44.03
C GLU K 163 -61.34 -4.78 45.21
N THR K 164 -60.38 -5.69 45.02
CA THR K 164 -59.98 -6.62 46.06
C THR K 164 -58.53 -6.38 46.45
N THR K 165 -58.20 -6.53 47.73
CA THR K 165 -56.84 -6.37 48.20
C THR K 165 -56.04 -7.67 47.99
N GLN K 166 -54.73 -7.55 47.86
CA GLN K 166 -53.86 -8.72 47.76
C GLN K 166 -53.82 -9.47 49.08
N PRO K 167 -53.87 -10.81 49.04
CA PRO K 167 -53.81 -11.59 50.28
C PRO K 167 -52.60 -11.21 51.12
N SER K 168 -52.78 -11.16 52.44
CA SER K 168 -51.71 -10.80 53.35
C SER K 168 -51.62 -11.77 54.52
N LYS K 169 -50.39 -12.11 54.92
CA LYS K 169 -50.18 -13.00 56.05
C LYS K 169 -50.70 -12.38 57.33
N GLN K 170 -51.62 -13.07 57.99
CA GLN K 170 -52.11 -12.61 59.29
C GLN K 170 -51.30 -13.26 60.40
N SER K 171 -51.85 -13.24 61.61
CA SER K 171 -51.15 -13.76 62.78
C SER K 171 -50.76 -15.23 62.64
N ASN K 172 -51.73 -16.08 62.32
CA ASN K 172 -51.54 -17.53 62.35
C ASN K 172 -50.98 -18.13 61.06
N ASN K 173 -50.10 -17.38 60.40
CA ASN K 173 -49.46 -17.87 59.18
C ASN K 173 -50.43 -18.16 58.03
N LYS K 174 -51.70 -17.86 58.25
CA LYS K 174 -52.71 -17.94 57.19
C LYS K 174 -52.88 -16.56 56.57
N TYR K 175 -53.50 -16.50 55.40
CA TYR K 175 -53.66 -15.22 54.70
C TYR K 175 -55.09 -14.69 54.81
N MET K 176 -55.22 -13.38 54.59
CA MET K 176 -56.52 -12.71 54.65
C MET K 176 -56.61 -11.72 53.51
N ALA K 177 -57.83 -11.31 53.18
CA ALA K 177 -58.04 -10.32 52.13
C ALA K 177 -59.42 -9.68 52.25
N SER K 178 -59.58 -8.51 51.64
CA SER K 178 -60.87 -7.85 51.60
C SER K 178 -61.24 -7.46 50.18
N SER K 179 -62.52 -7.22 49.95
CA SER K 179 -63.00 -6.87 48.62
C SER K 179 -64.19 -5.92 48.74
N TYR K 180 -64.15 -4.82 48.00
CA TYR K 180 -65.19 -3.81 48.09
C TYR K 180 -66.00 -3.71 46.80
N LEU K 181 -67.23 -3.20 46.92
CA LEU K 181 -68.07 -2.93 45.76
C LEU K 181 -68.51 -1.47 45.79
N THR K 182 -68.72 -0.87 44.62
CA THR K 182 -69.06 0.55 44.56
C THR K 182 -70.40 0.80 43.86
N LEU K 183 -71.34 1.38 44.60
CA LEU K 183 -72.67 1.70 44.06
C LEU K 183 -73.16 3.02 44.65
N THR K 184 -74.44 3.31 44.47
CA THR K 184 -75.04 4.51 45.05
C THR K 184 -76.18 4.14 46.00
N CYS K 196 -70.88 -12.61 46.71
CA CYS K 196 -69.45 -12.46 46.95
C CYS K 196 -68.78 -13.82 47.11
N GLN K 197 -68.63 -14.54 46.01
CA GLN K 197 -68.04 -15.88 46.05
C GLN K 197 -66.52 -15.84 45.94
N VAL K 198 -65.85 -16.76 46.64
CA VAL K 198 -64.40 -16.77 46.72
C VAL K 198 -63.84 -18.14 46.39
N THR K 199 -62.99 -18.20 45.36
CA THR K 199 -62.37 -19.45 44.94
C THR K 199 -61.05 -19.69 45.67
N HIS K 200 -60.86 -20.90 46.17
CA HIS K 200 -59.63 -21.24 46.89
C HIS K 200 -59.28 -22.71 46.73
N GLU K 201 -58.10 -22.96 46.19
CA GLU K 201 -57.56 -24.32 46.08
C GLU K 201 -58.44 -25.21 45.21
N GLY K 202 -59.54 -24.65 44.72
CA GLY K 202 -60.47 -25.42 43.89
C GLY K 202 -61.92 -25.17 44.25
N HIS K 203 -62.26 -25.37 45.52
CA HIS K 203 -63.64 -25.19 45.97
C HIS K 203 -63.98 -23.71 46.05
N THR K 204 -65.25 -23.41 46.32
CA THR K 204 -65.70 -22.03 46.42
C THR K 204 -66.58 -21.82 47.65
N VAL K 205 -66.60 -20.58 48.14
CA VAL K 205 -67.42 -20.21 49.29
C VAL K 205 -68.26 -19.00 48.96
N GLU K 206 -69.58 -19.14 49.05
CA GLU K 206 -70.48 -18.07 48.68
C GLU K 206 -71.22 -17.50 49.88
N LYS K 207 -71.26 -16.18 49.95
CA LYS K 207 -72.05 -15.49 50.97
C LYS K 207 -72.84 -14.35 50.33
N SER K 208 -74.16 -14.45 50.35
CA SER K 208 -75.03 -13.48 49.70
C SER K 208 -75.99 -12.83 50.68
N LEU K 209 -76.81 -11.91 50.17
CA LEU K 209 -77.78 -11.20 50.99
C LEU K 209 -78.85 -10.52 50.15
N SER K 210 -80.09 -10.55 50.62
CA SER K 210 -81.20 -9.89 49.94
C SER K 210 -81.51 -8.54 50.59
N GLN L 1 2.70 -19.96 -50.30
CA GLN L 1 2.69 -18.83 -49.38
C GLN L 1 3.89 -17.92 -49.63
N ALA L 2 4.69 -17.69 -48.59
CA ALA L 2 5.89 -16.86 -48.72
C ALA L 2 7.04 -17.69 -49.30
N VAL L 3 7.83 -17.08 -50.18
CA VAL L 3 8.96 -17.80 -50.76
C VAL L 3 10.26 -16.98 -50.73
N VAL L 4 11.34 -17.65 -50.36
CA VAL L 4 12.66 -17.00 -50.32
C VAL L 4 13.43 -17.27 -51.61
N THR L 5 14.09 -16.24 -52.12
CA THR L 5 14.79 -16.32 -53.40
C THR L 5 16.26 -15.95 -53.28
N GLN L 6 17.13 -16.76 -53.88
CA GLN L 6 18.56 -16.47 -53.89
C GLN L 6 19.16 -16.66 -55.28
N GLU L 7 20.34 -16.08 -55.49
CA GLU L 7 21.09 -16.31 -56.72
C GLU L 7 21.37 -17.79 -56.87
N SER L 8 21.12 -18.32 -58.07
CA SER L 8 21.38 -19.73 -58.33
C SER L 8 22.83 -20.08 -58.04
N ALA L 9 23.74 -19.24 -58.53
CA ALA L 9 25.16 -19.42 -58.31
C ALA L 9 25.95 -18.13 -58.52
N LEU L 10 27.07 -18.00 -57.82
CA LEU L 10 27.95 -16.85 -57.98
C LEU L 10 29.41 -17.31 -58.09
N THR L 11 30.24 -16.45 -58.67
CA THR L 11 31.65 -16.75 -58.86
C THR L 11 32.51 -15.61 -58.32
N THR L 12 33.66 -15.96 -57.74
CA THR L 12 34.58 -14.96 -57.21
C THR L 12 35.98 -15.54 -57.05
N SER L 13 36.98 -14.68 -57.17
CA SER L 13 38.37 -15.10 -57.03
C SER L 13 38.90 -14.81 -55.62
N PRO L 14 39.89 -15.60 -55.17
CA PRO L 14 40.48 -15.49 -53.83
C PRO L 14 40.95 -14.07 -53.54
N GLY L 15 40.36 -13.44 -52.53
CA GLY L 15 40.76 -12.10 -52.13
C GLY L 15 39.71 -11.05 -52.44
N GLU L 16 38.85 -11.34 -53.42
CA GLU L 16 37.83 -10.39 -53.84
C GLU L 16 36.70 -10.29 -52.82
N THR L 17 35.68 -9.50 -53.15
CA THR L 17 34.53 -9.33 -52.27
C THR L 17 33.23 -9.67 -53.00
N VAL L 18 32.60 -10.75 -52.58
CA VAL L 18 31.35 -11.19 -53.18
C VAL L 18 30.19 -10.92 -52.22
N THR L 19 28.99 -10.78 -52.76
CA THR L 19 27.81 -10.53 -51.93
C THR L 19 26.61 -11.37 -52.37
N LEU L 20 26.12 -12.19 -51.46
CA LEU L 20 24.92 -12.99 -51.71
C LEU L 20 23.70 -12.24 -51.18
N THR L 21 22.57 -12.38 -51.86
CA THR L 21 21.35 -11.71 -51.42
C THR L 21 20.20 -12.68 -51.18
N CYS L 22 19.32 -12.31 -50.26
CA CYS L 22 18.18 -13.13 -49.89
C CYS L 22 16.93 -12.28 -50.02
N ARG L 23 16.00 -12.71 -50.88
CA ARG L 23 14.81 -11.90 -51.16
C ARG L 23 13.51 -12.50 -50.66
N SER L 24 12.69 -11.68 -50.01
CA SER L 24 11.37 -12.10 -49.55
C SER L 24 10.31 -11.77 -50.58
N SER L 25 9.37 -12.69 -50.78
CA SER L 25 8.32 -12.50 -51.77
C SER L 25 7.20 -11.59 -51.27
N THR L 26 6.96 -11.60 -49.97
CA THR L 26 5.88 -10.81 -49.38
C THR L 26 6.23 -9.33 -49.31
N GLY L 27 7.52 -9.02 -49.34
CA GLY L 27 7.97 -7.65 -49.29
C GLY L 27 9.44 -7.51 -48.96
N ALA L 28 9.81 -6.38 -48.35
CA ALA L 28 11.19 -6.12 -47.98
C ALA L 28 11.58 -6.90 -46.74
N VAL L 29 12.81 -7.41 -46.72
CA VAL L 29 13.30 -8.12 -45.55
C VAL L 29 13.57 -7.14 -44.42
N THR L 30 12.79 -7.26 -43.34
CA THR L 30 12.93 -6.39 -42.19
C THR L 30 13.63 -7.11 -41.04
N THR L 31 13.86 -6.40 -39.93
CA THR L 31 14.60 -6.99 -38.81
C THR L 31 13.86 -8.16 -38.17
N ILE L 32 12.52 -8.14 -38.23
CA ILE L 32 11.73 -9.22 -37.64
C ILE L 32 11.71 -10.47 -38.51
N ASN L 33 12.54 -10.49 -39.54
CA ASN L 33 12.72 -11.68 -40.35
C ASN L 33 13.92 -12.48 -39.86
N PHE L 34 14.75 -11.83 -39.04
CA PHE L 34 15.91 -12.48 -38.45
C PHE L 34 16.67 -13.29 -39.47
N ALA L 35 17.02 -12.65 -40.59
CA ALA L 35 17.70 -13.33 -41.68
C ALA L 35 18.89 -14.15 -41.19
N ASN L 36 18.82 -15.46 -41.43
CA ASN L 36 19.91 -16.37 -41.09
C ASN L 36 20.68 -16.80 -42.33
N TRP L 37 21.97 -17.06 -42.16
CA TRP L 37 22.77 -17.59 -43.26
C TRP L 37 23.46 -18.87 -42.80
N VAL L 38 23.30 -19.92 -43.59
CA VAL L 38 23.89 -21.21 -43.28
C VAL L 38 24.79 -21.65 -44.42
N GLN L 39 25.92 -22.26 -44.09
CA GLN L 39 26.86 -22.75 -45.09
C GLN L 39 26.83 -24.27 -45.16
N GLU L 40 26.88 -24.81 -46.37
CA GLU L 40 26.93 -26.26 -46.55
C GLU L 40 28.15 -26.67 -47.37
N LYS L 41 29.15 -27.22 -46.69
CA LYS L 41 30.32 -27.78 -47.35
C LYS L 41 29.95 -29.15 -47.93
N PRO L 42 30.79 -29.69 -48.82
CA PRO L 42 30.50 -30.99 -49.43
C PRO L 42 30.43 -32.10 -48.37
N ASP L 43 29.61 -33.12 -48.63
CA ASP L 43 29.40 -34.24 -47.71
C ASP L 43 28.43 -33.89 -46.58
N HIS L 44 27.56 -32.93 -46.84
CA HIS L 44 26.49 -32.57 -45.89
C HIS L 44 27.03 -31.97 -44.59
N LEU L 45 27.89 -30.97 -44.70
CA LEU L 45 28.42 -30.28 -43.54
C LEU L 45 27.78 -28.90 -43.39
N PHE L 46 26.76 -28.80 -42.55
CA PHE L 46 26.08 -27.53 -42.31
C PHE L 46 26.66 -26.79 -41.10
N THR L 47 26.77 -25.47 -41.20
CA THR L 47 27.12 -24.62 -40.06
C THR L 47 26.52 -23.23 -40.23
N GLY L 48 26.15 -22.61 -39.11
CA GLY L 48 25.59 -21.27 -39.14
C GLY L 48 26.65 -20.20 -39.27
N LEU L 49 26.25 -19.06 -39.83
CA LEU L 49 27.15 -17.91 -39.96
C LEU L 49 26.59 -16.73 -39.20
N ILE L 50 25.49 -16.16 -39.71
CA ILE L 50 24.84 -15.01 -39.11
C ILE L 50 23.39 -15.35 -38.82
N GLY L 51 22.74 -14.53 -37.99
CA GLY L 51 21.32 -14.70 -37.71
C GLY L 51 20.81 -13.73 -36.67
N GLY L 52 19.65 -14.04 -36.09
CA GLY L 52 19.06 -13.23 -35.05
C GLY L 52 19.04 -11.75 -35.37
N ILE L 53 19.37 -10.92 -34.38
CA ILE L 53 19.40 -9.48 -34.57
C ILE L 53 20.67 -9.08 -35.32
N ASN L 54 21.80 -9.08 -34.62
CA ASN L 54 23.07 -8.85 -35.27
C ASN L 54 24.16 -9.70 -34.66
N ASN L 55 23.81 -10.95 -34.33
CA ASN L 55 24.77 -11.88 -33.76
C ASN L 55 25.23 -12.95 -34.74
N ARG L 56 26.35 -13.60 -34.40
CA ARG L 56 26.96 -14.59 -35.27
C ARG L 56 27.35 -15.83 -34.49
N ALA L 57 27.55 -16.94 -35.19
CA ALA L 57 27.88 -18.21 -34.56
C ALA L 57 29.32 -18.20 -34.04
N PRO L 58 29.63 -19.12 -33.11
CA PRO L 58 30.99 -19.24 -32.58
C PRO L 58 31.98 -19.61 -33.66
N GLY L 59 32.96 -18.75 -33.90
CA GLY L 59 34.04 -19.06 -34.82
C GLY L 59 33.89 -18.52 -36.23
N VAL L 60 32.71 -18.00 -36.55
CA VAL L 60 32.47 -17.43 -37.87
C VAL L 60 33.49 -16.34 -38.16
N PRO L 61 34.33 -16.56 -39.18
CA PRO L 61 35.39 -15.64 -39.59
C PRO L 61 34.91 -14.19 -39.69
N ALA L 62 35.83 -13.24 -39.52
CA ALA L 62 35.48 -11.82 -39.52
C ALA L 62 35.11 -11.31 -40.90
N ARG L 63 35.51 -12.03 -41.94
CA ARG L 63 35.23 -11.61 -43.31
C ARG L 63 33.74 -11.70 -43.64
N PHE L 64 33.04 -12.61 -42.98
CA PHE L 64 31.60 -12.74 -43.15
C PHE L 64 30.86 -11.61 -42.42
N SER L 65 29.82 -11.06 -43.05
CA SER L 65 29.07 -9.97 -42.43
C SER L 65 27.67 -9.87 -43.02
N GLY L 66 26.70 -9.52 -42.17
CA GLY L 66 25.33 -9.40 -42.60
C GLY L 66 24.87 -7.96 -42.68
N SER L 67 23.84 -7.71 -43.50
CA SER L 67 23.30 -6.37 -43.68
C SER L 67 21.95 -6.44 -44.39
N LEU L 68 21.26 -5.31 -44.45
CA LEU L 68 20.00 -5.22 -45.18
C LEU L 68 20.12 -4.23 -46.33
N ILE L 69 20.98 -4.55 -47.28
CA ILE L 69 21.17 -3.73 -48.47
C ILE L 69 19.89 -3.70 -49.30
N GLY L 70 19.48 -2.51 -49.70
CA GLY L 70 18.26 -2.35 -50.47
C GLY L 70 17.06 -2.79 -49.64
N ASP L 71 16.33 -3.79 -50.13
CA ASP L 71 15.19 -4.31 -49.39
C ASP L 71 15.25 -5.84 -49.28
N LYS L 72 16.47 -6.37 -49.21
CA LYS L 72 16.67 -7.78 -48.98
C LYS L 72 17.91 -8.04 -48.12
N ALA L 73 17.97 -9.21 -47.50
CA ALA L 73 19.10 -9.57 -46.63
C ALA L 73 20.33 -9.89 -47.45
N ALA L 74 21.50 -9.42 -46.99
CA ALA L 74 22.74 -9.66 -47.70
C ALA L 74 23.77 -10.38 -46.83
N LEU L 75 24.71 -11.06 -47.49
CA LEU L 75 25.80 -11.74 -46.83
C LEU L 75 27.07 -11.42 -47.60
N THR L 76 27.93 -10.59 -47.02
CA THR L 76 29.12 -10.13 -47.73
C THR L 76 30.41 -10.75 -47.20
N ILE L 77 31.12 -11.42 -48.09
CA ILE L 77 32.41 -12.02 -47.74
C ILE L 77 33.55 -11.12 -48.23
N THR L 78 34.11 -10.34 -47.31
CA THR L 78 35.20 -9.41 -47.65
C THR L 78 36.55 -10.10 -47.58
N GLY L 79 37.09 -10.47 -48.74
CA GLY L 79 38.35 -11.18 -48.80
C GLY L 79 38.14 -12.67 -48.89
N ALA L 80 37.36 -13.09 -49.89
CA ALA L 80 37.02 -14.50 -50.08
C ALA L 80 38.23 -15.42 -49.99
N GLN L 81 38.01 -16.62 -49.46
CA GLN L 81 39.07 -17.61 -49.34
C GLN L 81 38.72 -18.86 -50.13
N THR L 82 39.71 -19.73 -50.34
CA THR L 82 39.50 -20.98 -51.05
C THR L 82 38.41 -21.82 -50.37
N GLU L 83 38.56 -22.02 -49.07
CA GLU L 83 37.63 -22.85 -48.33
C GLU L 83 36.22 -22.27 -48.29
N ASP L 84 36.09 -20.99 -48.62
CA ASP L 84 34.79 -20.33 -48.59
C ASP L 84 33.85 -20.84 -49.68
N GLU L 85 34.37 -21.70 -50.54
CA GLU L 85 33.56 -22.25 -51.62
C GLU L 85 32.60 -23.30 -51.09
N ALA L 86 31.31 -22.97 -51.07
CA ALA L 86 30.28 -23.88 -50.58
C ALA L 86 28.91 -23.44 -51.06
N ILE L 87 27.87 -24.06 -50.50
CA ILE L 87 26.50 -23.64 -50.78
C ILE L 87 25.95 -22.85 -49.60
N TYR L 88 25.42 -21.66 -49.87
CA TYR L 88 24.92 -20.80 -48.80
C TYR L 88 23.41 -20.67 -48.84
N PHE L 89 22.76 -21.13 -47.79
CA PHE L 89 21.32 -20.97 -47.64
C PHE L 89 21.02 -19.82 -46.71
N CYS L 90 20.06 -19.00 -47.08
CA CYS L 90 19.55 -17.98 -46.18
C CYS L 90 18.15 -18.39 -45.76
N ALA L 91 17.81 -18.11 -44.50
CA ALA L 91 16.49 -18.44 -44.00
C ALA L 91 15.83 -17.20 -43.41
N LEU L 92 14.58 -16.97 -43.77
CA LEU L 92 13.82 -15.86 -43.22
C LEU L 92 12.79 -16.36 -42.23
N TRP L 93 12.51 -15.57 -41.21
CA TRP L 93 11.52 -15.93 -40.20
C TRP L 93 10.20 -15.22 -40.50
N TYR L 94 9.17 -16.01 -40.78
CA TYR L 94 7.84 -15.47 -41.07
C TYR L 94 6.86 -15.80 -39.95
N SER L 95 6.76 -14.89 -38.99
CA SER L 95 5.76 -15.01 -37.92
C SER L 95 6.04 -16.11 -36.89
N ASN L 96 6.08 -17.36 -37.33
CA ASN L 96 6.23 -18.47 -36.40
C ASN L 96 7.05 -19.65 -36.93
N HIS L 97 7.68 -19.48 -38.08
CA HIS L 97 8.46 -20.56 -38.68
C HIS L 97 9.52 -20.03 -39.64
N TRP L 98 10.49 -20.88 -39.95
CA TRP L 98 11.55 -20.52 -40.89
C TRP L 98 11.20 -20.95 -42.31
N VAL L 99 11.65 -20.17 -43.28
CA VAL L 99 11.53 -20.55 -44.69
C VAL L 99 12.90 -20.39 -45.33
N PHE L 100 13.42 -21.48 -45.89
CA PHE L 100 14.75 -21.45 -46.48
C PHE L 100 14.70 -21.02 -47.94
N GLY L 101 15.84 -20.53 -48.44
CA GLY L 101 15.95 -20.17 -49.85
C GLY L 101 16.43 -21.35 -50.67
N GLY L 102 16.64 -21.12 -51.97
CA GLY L 102 17.11 -22.17 -52.85
C GLY L 102 18.58 -22.46 -52.61
N GLY L 103 19.27 -21.49 -52.02
CA GLY L 103 20.70 -21.62 -51.79
C GLY L 103 21.49 -21.06 -52.96
N THR L 104 22.64 -20.47 -52.66
CA THR L 104 23.52 -19.92 -53.68
C THR L 104 24.83 -20.70 -53.70
N LYS L 105 25.23 -21.17 -54.87
CA LYS L 105 26.46 -21.94 -54.97
C LYS L 105 27.64 -21.03 -55.28
N LEU L 106 28.37 -20.64 -54.24
CA LEU L 106 29.52 -19.76 -54.39
C LEU L 106 30.76 -20.53 -54.80
N THR L 107 31.36 -20.13 -55.91
CA THR L 107 32.56 -20.79 -56.38
C THR L 107 33.75 -19.85 -56.27
N VAL L 108 34.79 -20.31 -55.57
CA VAL L 108 36.03 -19.57 -55.50
C VAL L 108 37.04 -20.13 -56.49
N LEU L 109 37.44 -19.32 -57.45
CA LEU L 109 38.44 -19.76 -58.40
C LEU L 109 39.70 -20.10 -57.62
N GLY L 110 39.85 -21.38 -57.29
CA GLY L 110 41.03 -21.87 -56.62
C GLY L 110 41.89 -22.63 -57.62
N GLN L 111 41.52 -22.46 -58.89
CA GLN L 111 42.23 -23.06 -60.00
C GLN L 111 41.56 -22.59 -61.29
N PRO L 112 42.29 -22.64 -62.41
CA PRO L 112 41.74 -22.18 -63.69
C PRO L 112 40.47 -22.93 -64.09
N LYS L 113 39.57 -22.24 -64.78
CA LYS L 113 38.28 -22.81 -65.18
C LYS L 113 38.43 -23.95 -66.19
N SER L 114 38.06 -25.15 -65.79
CA SER L 114 38.09 -26.30 -66.67
C SER L 114 36.73 -26.52 -67.34
N SER L 115 36.74 -27.15 -68.51
CA SER L 115 35.50 -27.42 -69.23
C SER L 115 35.16 -28.91 -69.26
N PRO L 116 33.86 -29.22 -69.29
CA PRO L 116 33.34 -30.58 -69.09
C PRO L 116 33.84 -31.60 -70.11
N SER L 117 34.09 -32.82 -69.65
CA SER L 117 34.46 -33.91 -70.56
C SER L 117 33.26 -34.83 -70.72
N VAL L 118 32.36 -34.45 -71.63
CA VAL L 118 31.10 -35.16 -71.79
C VAL L 118 31.20 -36.33 -72.76
N THR L 119 30.87 -37.54 -72.28
CA THR L 119 30.88 -38.74 -73.12
C THR L 119 29.55 -39.49 -73.05
N LEU L 120 28.87 -39.58 -74.19
CA LEU L 120 27.53 -40.16 -74.25
C LEU L 120 27.56 -41.65 -74.58
N PHE L 121 26.88 -42.45 -73.75
CA PHE L 121 26.78 -43.88 -73.99
C PHE L 121 25.35 -44.27 -74.39
N PRO L 122 25.23 -45.07 -75.46
CA PRO L 122 23.95 -45.57 -75.97
C PRO L 122 23.45 -46.79 -75.18
N PRO L 123 22.15 -47.12 -75.33
CA PRO L 123 21.58 -48.28 -74.66
C PRO L 123 22.40 -49.52 -75.00
N SER L 124 22.96 -50.17 -74.00
CA SER L 124 23.69 -51.41 -74.23
C SER L 124 22.78 -52.46 -74.85
N SER L 125 23.28 -53.16 -75.86
CA SER L 125 22.49 -54.18 -76.53
C SER L 125 22.09 -55.27 -75.54
N GLU L 126 22.63 -55.17 -74.33
CA GLU L 126 22.40 -56.18 -73.31
C GLU L 126 21.21 -55.85 -72.41
N GLU L 127 20.98 -54.56 -72.17
CA GLU L 127 19.82 -54.13 -71.40
C GLU L 127 18.63 -53.93 -72.32
N LEU L 128 18.85 -54.13 -73.62
CA LEU L 128 17.81 -53.92 -74.61
C LEU L 128 16.81 -55.08 -74.65
N GLU L 129 17.30 -56.28 -74.34
CA GLU L 129 16.41 -57.45 -74.29
C GLU L 129 15.47 -57.33 -73.10
N THR L 130 15.73 -56.33 -72.26
CA THR L 130 14.86 -56.01 -71.14
C THR L 130 13.67 -55.20 -71.65
N ASN L 131 13.72 -54.86 -72.93
CA ASN L 131 12.70 -54.02 -73.55
C ASN L 131 12.80 -52.58 -73.05
N LYS L 132 13.99 -52.22 -72.56
CA LYS L 132 14.23 -50.87 -72.05
C LYS L 132 15.55 -50.30 -72.57
N ALA L 133 15.65 -48.98 -72.61
CA ALA L 133 16.85 -48.31 -73.11
C ALA L 133 17.26 -47.13 -72.23
N THR L 134 18.57 -46.96 -72.05
CA THR L 134 19.10 -45.93 -71.16
C THR L 134 20.33 -45.22 -71.73
N LEU L 135 20.14 -44.00 -72.22
CA LEU L 135 21.25 -43.16 -72.66
C LEU L 135 21.93 -42.53 -71.44
N VAL L 136 23.21 -42.85 -71.23
CA VAL L 136 23.94 -42.28 -70.10
C VAL L 136 24.95 -41.24 -70.58
N CYS L 137 24.90 -40.05 -69.97
CA CYS L 137 25.77 -38.95 -70.34
C CYS L 137 26.62 -38.52 -69.15
N THR L 138 27.90 -38.90 -69.15
CA THR L 138 28.77 -38.61 -68.01
C THR L 138 29.60 -37.34 -68.22
N ILE L 139 29.46 -36.40 -67.29
CA ILE L 139 30.15 -35.12 -67.36
C ILE L 139 31.18 -35.04 -66.24
N THR L 140 32.42 -34.68 -66.58
CA THR L 140 33.48 -34.63 -65.57
C THR L 140 34.46 -33.48 -65.76
N ASP L 141 35.27 -33.27 -64.73
CA ASP L 141 36.36 -32.28 -64.75
C ASP L 141 35.97 -30.90 -65.25
N PHE L 142 34.80 -30.41 -64.83
CA PHE L 142 34.42 -29.04 -65.15
C PHE L 142 34.50 -28.14 -63.91
N TYR L 143 34.68 -26.85 -64.15
CA TYR L 143 34.87 -25.90 -63.06
C TYR L 143 34.64 -24.48 -63.55
N PRO L 144 33.77 -23.72 -62.84
CA PRO L 144 33.09 -24.08 -61.59
C PRO L 144 32.01 -25.13 -61.80
N GLY L 145 31.55 -25.72 -60.70
CA GLY L 145 30.59 -26.81 -60.75
C GLY L 145 29.15 -26.38 -61.00
N VAL L 146 28.88 -25.92 -62.21
CA VAL L 146 27.52 -25.59 -62.63
C VAL L 146 27.36 -25.88 -64.12
N VAL L 147 26.46 -26.80 -64.44
CA VAL L 147 26.24 -27.19 -65.84
C VAL L 147 24.75 -27.32 -66.15
N THR L 148 24.44 -27.20 -67.43
CA THR L 148 23.07 -27.27 -67.91
C THR L 148 22.97 -28.29 -69.03
N VAL L 149 22.61 -29.52 -68.68
CA VAL L 149 22.51 -30.59 -69.68
C VAL L 149 21.13 -30.65 -70.35
N ASP L 150 21.11 -30.51 -71.67
CA ASP L 150 19.87 -30.60 -72.43
C ASP L 150 19.91 -31.80 -73.37
N TRP L 151 18.83 -32.57 -73.38
CA TRP L 151 18.72 -33.70 -74.31
C TRP L 151 17.85 -33.32 -75.50
N LYS L 152 18.26 -33.77 -76.69
CA LYS L 152 17.49 -33.56 -77.91
C LYS L 152 17.45 -34.84 -78.73
N VAL L 153 16.25 -35.31 -79.05
CA VAL L 153 16.09 -36.49 -79.88
C VAL L 153 15.46 -36.09 -81.21
N ASP L 154 16.17 -36.30 -82.31
CA ASP L 154 15.67 -35.95 -83.63
C ASP L 154 15.40 -34.44 -83.72
N GLY L 155 16.18 -33.67 -82.98
CA GLY L 155 15.99 -32.22 -82.97
C GLY L 155 14.83 -31.80 -82.07
N THR L 156 14.04 -32.78 -81.63
CA THR L 156 12.93 -32.52 -80.71
C THR L 156 13.45 -32.52 -79.27
N PRO L 157 13.51 -31.32 -78.65
CA PRO L 157 14.03 -31.19 -77.29
C PRO L 157 13.27 -32.06 -76.29
N VAL L 158 13.92 -33.09 -75.78
CA VAL L 158 13.32 -33.98 -74.78
C VAL L 158 12.89 -33.21 -73.54
N THR L 159 11.73 -33.56 -73.00
CA THR L 159 11.21 -32.87 -71.82
C THR L 159 10.58 -33.85 -70.82
N GLN L 160 10.91 -35.12 -70.95
CA GLN L 160 10.43 -36.14 -70.01
C GLN L 160 11.26 -37.40 -70.13
N GLY L 161 11.41 -38.12 -69.02
CA GLY L 161 12.21 -39.33 -68.99
C GLY L 161 13.67 -39.03 -68.70
N MET L 162 14.00 -37.73 -68.76
CA MET L 162 15.37 -37.28 -68.52
C MET L 162 15.58 -36.97 -67.05
N GLU L 163 16.82 -37.03 -66.61
CA GLU L 163 17.16 -36.74 -65.22
C GLU L 163 18.66 -36.53 -65.05
N THR L 164 19.04 -35.53 -64.28
CA THR L 164 20.44 -35.21 -64.08
C THR L 164 20.79 -35.10 -62.61
N THR L 165 21.88 -35.73 -62.20
CA THR L 165 22.36 -35.61 -60.84
C THR L 165 23.08 -34.27 -60.69
N GLN L 166 23.14 -33.77 -59.46
CA GLN L 166 23.76 -32.49 -59.18
C GLN L 166 25.27 -32.61 -59.15
N PRO L 167 25.99 -31.54 -59.53
CA PRO L 167 27.45 -31.55 -59.53
C PRO L 167 28.05 -32.08 -58.23
N SER L 168 29.06 -32.93 -58.38
CA SER L 168 29.76 -33.54 -57.25
C SER L 168 31.22 -33.11 -57.29
N LYS L 169 31.75 -32.68 -56.15
CA LYS L 169 33.15 -32.26 -56.09
C LYS L 169 34.05 -33.48 -56.26
N GLN L 170 34.97 -33.39 -57.22
CA GLN L 170 35.88 -34.50 -57.53
C GLN L 170 37.09 -34.51 -56.61
N SER L 171 37.83 -35.61 -56.65
CA SER L 171 39.06 -35.75 -55.88
C SER L 171 40.01 -34.60 -56.20
N ASN L 172 39.93 -34.11 -57.43
CA ASN L 172 40.81 -33.04 -57.89
C ASN L 172 40.13 -31.68 -57.85
N ASN L 173 39.10 -31.55 -57.00
CA ASN L 173 38.43 -30.28 -56.78
C ASN L 173 37.80 -29.64 -58.02
N LYS L 174 37.57 -30.44 -59.05
CA LYS L 174 36.71 -30.02 -60.15
C LYS L 174 35.33 -30.65 -59.90
N TYR L 175 34.50 -30.75 -60.92
CA TYR L 175 33.15 -31.25 -60.68
C TYR L 175 32.63 -32.26 -61.71
N MET L 176 31.78 -33.18 -61.24
CA MET L 176 31.21 -34.21 -62.11
C MET L 176 29.70 -34.27 -61.97
N ALA L 177 29.04 -34.95 -62.91
CA ALA L 177 27.59 -35.12 -62.88
C ALA L 177 27.14 -36.04 -64.01
N SER L 178 26.16 -36.89 -63.73
CA SER L 178 25.61 -37.76 -64.75
C SER L 178 24.20 -37.33 -65.13
N SER L 179 23.79 -37.66 -66.35
CA SER L 179 22.44 -37.37 -66.80
C SER L 179 21.89 -38.53 -67.63
N TYR L 180 20.80 -39.12 -67.15
CA TYR L 180 20.21 -40.28 -67.80
C TYR L 180 18.99 -39.86 -68.61
N LEU L 181 18.83 -40.46 -69.79
CA LEU L 181 17.65 -40.26 -70.62
C LEU L 181 16.99 -41.62 -70.82
N THR L 182 15.86 -41.85 -70.17
CA THR L 182 15.23 -43.17 -70.19
C THR L 182 14.13 -43.29 -71.24
N LEU L 183 14.19 -44.36 -72.03
CA LEU L 183 13.21 -44.61 -73.08
C LEU L 183 12.85 -46.09 -73.11
N THR L 184 11.59 -46.38 -73.38
CA THR L 184 11.17 -47.75 -73.62
C THR L 184 11.77 -48.19 -74.94
N ALA L 185 12.21 -49.45 -75.01
CA ALA L 185 12.84 -49.98 -76.22
C ALA L 185 11.97 -49.75 -77.44
N ARG L 186 10.66 -49.99 -77.29
CA ARG L 186 9.71 -49.79 -78.38
C ARG L 186 9.71 -48.33 -78.86
N ALA L 187 10.29 -47.44 -78.07
CA ALA L 187 10.37 -46.02 -78.41
C ALA L 187 11.79 -45.64 -78.82
N TRP L 188 12.77 -46.39 -78.30
CA TRP L 188 14.16 -46.22 -78.70
C TRP L 188 14.31 -46.59 -80.17
N GLU L 189 13.60 -47.64 -80.57
CA GLU L 189 13.61 -48.12 -81.95
C GLU L 189 13.00 -47.09 -82.89
N ARG L 190 11.95 -46.42 -82.41
CA ARG L 190 11.24 -45.43 -83.20
C ARG L 190 12.18 -44.37 -83.74
N HIS L 191 12.59 -43.45 -82.87
CA HIS L 191 13.43 -42.33 -83.25
C HIS L 191 14.83 -42.77 -83.69
N SER L 192 15.61 -41.83 -84.23
CA SER L 192 16.90 -42.19 -84.85
C SER L 192 18.09 -41.36 -84.37
N SER L 193 17.84 -40.18 -83.81
CA SER L 193 18.92 -39.29 -83.38
C SER L 193 18.86 -38.99 -81.87
N TYR L 194 20.02 -39.04 -81.22
CA TYR L 194 20.08 -38.77 -79.78
C TYR L 194 21.24 -37.84 -79.40
N SER L 195 20.90 -36.70 -78.82
CA SER L 195 21.89 -35.65 -78.54
C SER L 195 21.90 -35.19 -77.09
N CYS L 196 23.04 -35.34 -76.42
CA CYS L 196 23.23 -34.81 -75.08
C CYS L 196 24.20 -33.63 -75.14
N GLN L 197 23.70 -32.43 -74.86
CA GLN L 197 24.57 -31.25 -74.87
C GLN L 197 24.63 -30.54 -73.52
N VAL L 198 25.85 -30.34 -73.05
CA VAL L 198 26.09 -29.75 -71.74
C VAL L 198 26.63 -28.34 -71.89
N THR L 199 25.86 -27.36 -71.40
CA THR L 199 26.34 -25.98 -71.37
C THR L 199 27.12 -25.76 -70.07
N HIS L 200 28.09 -24.86 -70.12
CA HIS L 200 28.94 -24.59 -68.97
C HIS L 200 29.73 -23.30 -69.15
N GLU L 201 29.28 -22.24 -68.47
CA GLU L 201 29.95 -20.95 -68.55
C GLU L 201 29.69 -20.33 -69.91
N GLY L 202 28.49 -20.56 -70.43
CA GLY L 202 28.08 -19.98 -71.71
C GLY L 202 28.42 -20.82 -72.94
N HIS L 203 29.29 -21.80 -72.77
CA HIS L 203 29.71 -22.63 -73.89
C HIS L 203 29.10 -24.03 -73.84
N THR L 204 28.74 -24.56 -75.00
CA THR L 204 28.08 -25.85 -75.06
C THR L 204 28.92 -26.92 -75.76
N VAL L 205 29.01 -28.10 -75.13
CA VAL L 205 29.64 -29.26 -75.73
C VAL L 205 28.55 -30.26 -76.06
N GLU L 206 28.53 -30.76 -77.29
CA GLU L 206 27.50 -31.71 -77.69
C GLU L 206 28.08 -33.10 -77.94
N LYS L 207 27.29 -34.13 -77.71
CA LYS L 207 27.67 -35.48 -78.06
C LYS L 207 26.42 -36.21 -78.57
N SER L 208 26.45 -36.65 -79.82
CA SER L 208 25.28 -37.24 -80.46
C SER L 208 25.58 -38.62 -81.03
N LEU L 209 24.53 -39.33 -81.46
CA LEU L 209 24.69 -40.65 -82.06
C LEU L 209 23.40 -41.15 -82.73
N SER L 210 23.49 -42.29 -83.41
CA SER L 210 22.37 -42.86 -84.14
C SER L 210 22.18 -44.36 -83.91
N GLN M 1 0.80 35.02 -40.15
CA GLN M 1 0.34 34.69 -38.80
C GLN M 1 0.63 35.83 -37.84
N ALA M 2 1.34 35.54 -36.75
CA ALA M 2 1.71 36.57 -35.79
C ALA M 2 2.93 37.35 -36.28
N VAL M 3 2.93 38.66 -36.06
CA VAL M 3 4.06 39.49 -36.48
C VAL M 3 4.56 40.42 -35.38
N VAL M 4 5.86 40.51 -35.23
CA VAL M 4 6.47 41.40 -34.24
C VAL M 4 6.89 42.72 -34.89
N THR M 5 6.63 43.82 -34.19
CA THR M 5 6.88 45.15 -34.73
C THR M 5 7.79 45.99 -33.84
N GLN M 6 8.77 46.64 -34.44
CA GLN M 6 9.67 47.52 -33.69
C GLN M 6 9.88 48.85 -34.41
N GLU M 7 10.37 49.84 -33.67
CA GLU M 7 10.75 51.12 -34.26
C GLU M 7 11.83 50.88 -35.32
N SER M 8 11.65 51.48 -36.49
CA SER M 8 12.62 51.34 -37.55
C SER M 8 14.00 51.79 -37.07
N ALA M 9 14.04 52.94 -36.40
CA ALA M 9 15.29 53.47 -35.87
C ALA M 9 15.04 54.49 -34.76
N LEU M 10 15.98 54.60 -33.84
CA LEU M 10 15.93 55.59 -32.77
C LEU M 10 17.26 56.31 -32.61
N THR M 11 17.21 57.50 -32.01
CA THR M 11 18.40 58.30 -31.80
C THR M 11 18.50 58.72 -30.34
N THR M 12 19.72 58.78 -29.82
CA THR M 12 19.93 59.21 -28.45
C THR M 12 21.39 59.64 -28.22
N SER M 13 21.59 60.57 -27.30
CA SER M 13 22.92 61.07 -26.99
C SER M 13 23.51 60.37 -25.76
N PRO M 14 24.86 60.30 -25.69
CA PRO M 14 25.56 59.61 -24.60
C PRO M 14 25.13 60.12 -23.23
N GLY M 15 24.56 59.23 -22.42
CA GLY M 15 24.14 59.59 -21.08
C GLY M 15 22.64 59.63 -20.91
N GLU M 16 21.93 59.83 -22.02
CA GLU M 16 20.47 59.92 -21.97
C GLU M 16 19.83 58.55 -21.73
N THR M 17 18.50 58.53 -21.73
CA THR M 17 17.76 57.30 -21.53
C THR M 17 16.80 57.04 -22.69
N VAL M 18 17.10 56.01 -23.48
CA VAL M 18 16.27 55.64 -24.62
C VAL M 18 15.48 54.38 -24.30
N THR M 19 14.34 54.19 -24.97
CA THR M 19 13.52 53.01 -24.76
C THR M 19 13.01 52.41 -26.06
N LEU M 20 13.37 51.15 -26.32
CA LEU M 20 12.89 50.43 -27.50
C LEU M 20 11.66 49.62 -27.12
N THR M 21 10.73 49.49 -28.05
CA THR M 21 9.51 48.73 -27.77
C THR M 21 9.30 47.60 -28.77
N CYS M 22 8.65 46.53 -28.31
CA CYS M 22 8.39 45.36 -29.11
C CYS M 22 6.89 45.07 -29.06
N ARG M 23 6.23 45.10 -30.20
CA ARG M 23 4.77 44.95 -30.25
C ARG M 23 4.30 43.65 -30.89
N SER M 24 3.35 42.99 -30.23
CA SER M 24 2.73 41.77 -30.76
C SER M 24 1.47 42.12 -31.53
N SER M 25 1.27 41.45 -32.67
CA SER M 25 0.11 41.71 -33.51
C SER M 25 -1.15 41.04 -32.99
N THR M 26 -0.99 39.89 -32.33
CA THR M 26 -2.13 39.13 -31.84
C THR M 26 -2.76 39.77 -30.61
N GLY M 27 -1.97 40.58 -29.89
CA GLY M 27 -2.46 41.25 -28.70
C GLY M 27 -1.36 41.85 -27.86
N ALA M 28 -1.61 41.95 -26.55
CA ALA M 28 -0.63 42.51 -25.63
C ALA M 28 0.45 41.49 -25.31
N VAL M 29 1.69 41.96 -25.21
CA VAL M 29 2.79 41.09 -24.84
C VAL M 29 2.69 40.68 -23.37
N THR M 30 2.45 39.40 -23.14
CA THR M 30 2.33 38.87 -21.78
C THR M 30 3.59 38.13 -21.36
N THR M 31 3.62 37.63 -20.13
CA THR M 31 4.82 36.96 -19.61
C THR M 31 5.13 35.68 -20.37
N ILE M 32 4.10 35.00 -20.88
CA ILE M 32 4.31 33.76 -21.62
C ILE M 32 4.84 34.00 -23.05
N ASN M 33 5.22 35.24 -23.34
CA ASN M 33 5.87 35.55 -24.59
C ASN M 33 7.38 35.55 -24.43
N PHE M 34 7.82 35.58 -23.17
CA PHE M 34 9.23 35.54 -22.83
C PHE M 34 10.03 36.46 -23.74
N ALA M 35 9.62 37.72 -23.79
CA ALA M 35 10.26 38.71 -24.64
C ALA M 35 11.78 38.69 -24.50
N ASN M 36 12.46 38.38 -25.59
CA ASN M 36 13.91 38.40 -25.65
C ASN M 36 14.44 39.63 -26.38
N TRP M 37 15.61 40.11 -25.98
CA TRP M 37 16.26 41.20 -26.69
C TRP M 37 17.67 40.80 -27.09
N VAL M 38 17.98 40.95 -28.37
CA VAL M 38 19.28 40.59 -28.90
C VAL M 38 19.94 41.81 -29.53
N GLN M 39 21.25 41.95 -29.33
CA GLN M 39 21.99 43.07 -29.90
C GLN M 39 22.87 42.59 -31.05
N GLU M 40 22.92 43.37 -32.14
CA GLU M 40 23.80 43.05 -33.26
C GLU M 40 24.75 44.19 -33.57
N LYS M 41 26.01 44.02 -33.18
CA LYS M 41 27.06 44.97 -33.53
C LYS M 41 27.45 44.75 -34.98
N PRO M 42 28.19 45.71 -35.58
CA PRO M 42 28.62 45.57 -36.97
C PRO M 42 29.52 44.35 -37.18
N ASP M 43 29.44 43.77 -38.37
CA ASP M 43 30.20 42.56 -38.72
C ASP M 43 29.56 41.29 -38.18
N HIS M 44 28.24 41.33 -37.97
CA HIS M 44 27.47 40.15 -37.57
C HIS M 44 27.83 39.63 -36.18
N LEU M 45 27.83 40.54 -35.20
CA LEU M 45 28.12 40.15 -33.82
C LEU M 45 26.85 40.17 -32.99
N PHE M 46 26.24 39.00 -32.81
CA PHE M 46 25.02 38.89 -32.01
C PHE M 46 25.32 38.51 -30.56
N THR M 47 24.56 39.09 -29.63
CA THR M 47 24.61 38.69 -28.22
C THR M 47 23.27 38.97 -27.54
N GLY M 48 22.91 38.11 -26.59
CA GLY M 48 21.66 38.28 -25.88
C GLY M 48 21.77 39.32 -24.78
N LEU M 49 20.64 39.94 -24.44
CA LEU M 49 20.59 40.91 -23.35
C LEU M 49 19.64 40.40 -22.26
N ILE M 50 18.35 40.42 -22.57
CA ILE M 50 17.31 39.99 -21.63
C ILE M 50 16.50 38.87 -22.26
N GLY M 51 15.72 38.16 -21.45
CA GLY M 51 14.85 37.12 -21.95
C GLY M 51 14.13 36.37 -20.85
N GLY M 52 13.58 35.20 -21.18
CA GLY M 52 12.93 34.35 -20.20
C GLY M 52 11.92 35.08 -19.34
N ILE M 53 11.93 34.77 -18.05
CA ILE M 53 11.03 35.43 -17.10
C ILE M 53 11.54 36.83 -16.75
N ASN M 54 12.57 36.90 -15.93
CA ASN M 54 13.22 38.18 -15.65
C ASN M 54 14.72 38.01 -15.50
N ASN M 55 15.30 37.13 -16.32
CA ASN M 55 16.74 36.91 -16.29
C ASN M 55 17.48 37.54 -17.46
N ARG M 56 18.79 37.66 -17.31
CA ARG M 56 19.63 38.31 -18.30
C ARG M 56 20.88 37.49 -18.59
N ALA M 57 21.52 37.77 -19.71
CA ALA M 57 22.70 37.04 -20.14
C ALA M 57 23.91 37.41 -19.28
N PRO M 58 24.94 36.56 -19.28
CA PRO M 58 26.17 36.83 -18.53
C PRO M 58 26.87 38.08 -19.04
N GLY M 59 27.02 39.07 -18.19
CA GLY M 59 27.78 40.26 -18.53
C GLY M 59 26.98 41.46 -19.02
N VAL M 60 25.69 41.24 -19.29
CA VAL M 60 24.84 42.33 -19.75
C VAL M 60 24.85 43.47 -18.74
N PRO M 61 25.36 44.64 -19.17
CA PRO M 61 25.49 45.84 -18.35
C PRO M 61 24.21 46.16 -17.57
N ALA M 62 24.38 46.85 -16.43
CA ALA M 62 23.26 47.13 -15.54
C ALA M 62 22.32 48.18 -16.10
N ARG M 63 22.78 48.94 -17.09
CA ARG M 63 21.97 49.98 -17.69
C ARG M 63 20.82 49.41 -18.52
N PHE M 64 21.02 48.20 -19.04
CA PHE M 64 19.96 47.52 -19.79
C PHE M 64 18.92 46.94 -18.84
N SER M 65 17.64 47.07 -19.20
CA SER M 65 16.57 46.56 -18.35
C SER M 65 15.30 46.29 -19.15
N GLY M 66 14.58 45.23 -18.77
CA GLY M 66 13.36 44.86 -19.46
C GLY M 66 12.13 45.18 -18.64
N SER M 67 10.99 45.33 -19.33
CA SER M 67 9.73 45.63 -18.68
C SER M 67 8.57 45.43 -19.66
N LEU M 68 7.35 45.48 -19.14
CA LEU M 68 6.17 45.39 -19.98
C LEU M 68 5.35 46.67 -19.90
N ILE M 69 5.96 47.77 -20.36
CA ILE M 69 5.29 49.06 -20.40
C ILE M 69 4.10 49.03 -21.35
N GLY M 70 2.95 49.53 -20.88
CA GLY M 70 1.75 49.51 -21.68
C GLY M 70 1.32 48.08 -21.97
N ASP M 71 1.26 47.72 -23.24
CA ASP M 71 0.91 46.36 -23.63
C ASP M 71 1.92 45.78 -24.62
N LYS M 72 3.17 46.21 -24.50
CA LYS M 72 4.25 45.66 -25.31
C LYS M 72 5.55 45.59 -24.53
N ALA M 73 6.47 44.74 -24.99
CA ALA M 73 7.75 44.55 -24.31
C ALA M 73 8.66 45.74 -24.53
N ALA M 74 9.38 46.15 -23.49
CA ALA M 74 10.27 47.30 -23.58
C ALA M 74 11.71 46.94 -23.21
N LEU M 75 12.64 47.73 -23.73
CA LEU M 75 14.06 47.57 -23.41
C LEU M 75 14.63 48.95 -23.16
N THR M 76 14.91 49.26 -21.89
CA THR M 76 15.34 50.59 -21.51
C THR M 76 16.82 50.67 -21.17
N ILE M 77 17.55 51.51 -21.90
CA ILE M 77 18.96 51.74 -21.63
C ILE M 77 19.16 53.03 -20.83
N THR M 78 19.33 52.90 -19.52
CA THR M 78 19.49 54.06 -18.65
C THR M 78 20.95 54.50 -18.60
N GLY M 79 21.28 55.55 -19.33
CA GLY M 79 22.64 56.04 -19.39
C GLY M 79 23.37 55.50 -20.60
N ALA M 80 22.79 55.71 -21.78
CA ALA M 80 23.33 55.18 -23.02
C ALA M 80 24.82 55.47 -23.18
N GLN M 81 25.52 54.54 -23.81
CA GLN M 81 26.96 54.67 -24.05
C GLN M 81 27.25 54.67 -25.53
N THR M 82 28.46 55.05 -25.90
CA THR M 82 28.88 55.07 -27.29
C THR M 82 28.75 53.68 -27.92
N GLU M 83 29.31 52.68 -27.25
CA GLU M 83 29.32 51.32 -27.76
C GLU M 83 27.91 50.73 -27.86
N ASP M 84 26.95 51.35 -27.18
CA ASP M 84 25.58 50.85 -27.19
C ASP M 84 24.91 51.02 -28.55
N GLU M 85 25.59 51.67 -29.48
CA GLU M 85 25.05 51.87 -30.81
C GLU M 85 25.10 50.58 -31.61
N ALA M 86 23.94 49.99 -31.85
CA ALA M 86 23.84 48.75 -32.62
C ALA M 86 22.42 48.53 -33.10
N ILE M 87 22.14 47.33 -33.61
CA ILE M 87 20.79 46.95 -34.00
C ILE M 87 20.21 46.01 -32.96
N TYR M 88 19.02 46.34 -32.46
CA TYR M 88 18.39 45.55 -31.41
C TYR M 88 17.16 44.80 -31.91
N PHE M 89 17.24 43.48 -31.88
CA PHE M 89 16.09 42.65 -32.24
C PHE M 89 15.41 42.16 -30.98
N CYS M 90 14.09 42.21 -30.96
CA CYS M 90 13.32 41.58 -29.90
C CYS M 90 12.62 40.36 -30.48
N ALA M 91 12.52 39.31 -29.68
CA ALA M 91 11.86 38.10 -30.13
C ALA M 91 10.76 37.71 -29.15
N LEU M 92 9.59 37.39 -29.67
CA LEU M 92 8.49 36.94 -28.83
C LEU M 92 8.27 35.44 -29.02
N TRP M 93 7.83 34.77 -27.97
CA TRP M 93 7.57 33.35 -28.02
C TRP M 93 6.08 33.11 -28.19
N TYR M 94 5.70 32.50 -29.31
CA TYR M 94 4.30 32.20 -29.59
C TYR M 94 4.04 30.69 -29.55
N SER M 95 3.66 30.19 -28.38
CA SER M 95 3.26 28.80 -28.22
C SER M 95 4.42 27.79 -28.31
N ASN M 96 5.09 27.73 -29.45
CA ASN M 96 6.12 26.72 -29.65
C ASN M 96 7.32 27.16 -30.48
N HIS M 97 7.40 28.45 -30.78
CA HIS M 97 8.48 28.95 -31.61
C HIS M 97 8.71 30.45 -31.40
N TRP M 98 9.88 30.92 -31.82
CA TRP M 98 10.19 32.33 -31.69
C TRP M 98 9.84 33.10 -32.96
N VAL M 99 9.44 34.35 -32.80
CA VAL M 99 9.23 35.25 -33.93
C VAL M 99 10.01 36.53 -33.67
N PHE M 100 10.92 36.88 -34.58
CA PHE M 100 11.74 38.07 -34.41
C PHE M 100 11.07 39.31 -34.96
N GLY M 101 11.49 40.48 -34.48
CA GLY M 101 11.01 41.74 -34.99
C GLY M 101 11.87 42.24 -36.12
N GLY M 102 11.56 43.42 -36.64
CA GLY M 102 12.32 44.00 -37.72
C GLY M 102 13.66 44.52 -37.24
N GLY M 103 13.74 44.74 -35.94
CA GLY M 103 14.95 45.29 -35.34
C GLY M 103 14.91 46.81 -35.33
N THR M 104 15.49 47.40 -34.29
CA THR M 104 15.55 48.85 -34.16
C THR M 104 17.00 49.30 -34.24
N LYS M 105 17.29 50.27 -35.11
CA LYS M 105 18.66 50.74 -35.24
C LYS M 105 18.92 51.93 -34.32
N LEU M 106 19.49 51.64 -33.15
CA LEU M 106 19.78 52.67 -32.16
C LEU M 106 21.09 53.39 -32.50
N THR M 107 21.00 54.71 -32.64
CA THR M 107 22.18 55.51 -32.92
C THR M 107 22.54 56.39 -31.72
N VAL M 108 23.77 56.25 -31.25
CA VAL M 108 24.28 57.12 -30.20
C VAL M 108 25.04 58.25 -30.90
N LEU M 109 24.40 59.41 -30.93
CA LEU M 109 24.74 60.54 -31.81
C LEU M 109 26.18 61.04 -31.69
N GLY M 110 26.87 61.12 -32.82
CA GLY M 110 28.26 61.54 -32.84
C GLY M 110 28.56 62.60 -33.89
N GLN M 111 27.53 62.96 -34.67
CA GLN M 111 27.66 64.01 -35.67
C GLN M 111 26.28 64.53 -36.05
N PRO M 112 26.22 65.74 -36.64
CA PRO M 112 24.93 66.33 -36.97
C PRO M 112 24.17 65.53 -38.02
N LYS M 113 22.84 65.52 -37.92
CA LYS M 113 22.01 64.77 -38.85
C LYS M 113 22.24 65.24 -40.28
N SER M 114 22.02 64.33 -41.23
CA SER M 114 22.18 64.64 -42.64
C SER M 114 21.11 63.95 -43.46
N SER M 115 20.30 64.73 -44.16
CA SER M 115 19.27 64.16 -45.03
C SER M 115 19.92 63.47 -46.23
N PRO M 116 19.27 62.41 -46.74
CA PRO M 116 19.78 61.58 -47.83
C PRO M 116 19.76 62.29 -49.17
N SER M 117 20.68 61.91 -50.06
CA SER M 117 20.74 62.48 -51.40
C SER M 117 20.25 61.47 -52.42
N VAL M 118 19.01 61.64 -52.86
CA VAL M 118 18.37 60.67 -53.73
C VAL M 118 18.64 60.95 -55.21
N THR M 119 18.75 59.88 -55.99
CA THR M 119 18.98 59.98 -57.43
C THR M 119 18.31 58.81 -58.14
N LEU M 120 17.54 59.10 -59.18
CA LEU M 120 16.83 58.06 -59.93
C LEU M 120 17.38 57.95 -61.35
N PHE M 121 17.74 56.74 -61.75
CA PHE M 121 18.35 56.50 -63.05
C PHE M 121 17.46 55.67 -63.96
N PRO M 122 17.06 56.26 -65.09
CA PRO M 122 16.31 55.56 -66.14
C PRO M 122 17.14 54.43 -66.74
N PRO M 123 16.47 53.40 -67.28
CA PRO M 123 17.13 52.23 -67.87
C PRO M 123 18.04 52.61 -69.04
N SER M 124 19.26 52.11 -69.04
CA SER M 124 20.19 52.37 -70.14
C SER M 124 19.67 51.75 -71.44
N SER M 125 19.84 52.46 -72.55
CA SER M 125 19.39 51.96 -73.84
C SER M 125 20.08 50.64 -74.16
N GLU M 126 21.35 50.54 -73.79
CA GLU M 126 22.14 49.33 -74.04
C GLU M 126 21.50 48.13 -73.37
N GLU M 127 20.88 48.36 -72.21
CA GLU M 127 20.23 47.29 -71.47
C GLU M 127 18.81 47.03 -71.99
N LEU M 128 18.13 48.11 -72.41
CA LEU M 128 16.80 47.98 -73.01
C LEU M 128 16.85 47.07 -74.23
N GLU M 129 18.05 46.92 -74.82
CA GLU M 129 18.25 46.10 -76.00
C GLU M 129 18.06 44.61 -75.70
N THR M 130 18.20 44.23 -74.44
CA THR M 130 18.07 42.83 -74.05
C THR M 130 16.67 42.50 -73.53
N ASN M 131 15.73 43.40 -73.76
CA ASN M 131 14.35 43.21 -73.29
C ASN M 131 14.25 43.31 -71.78
N LYS M 132 15.33 43.73 -71.14
CA LYS M 132 15.34 43.96 -69.71
C LYS M 132 15.53 45.45 -69.40
N ALA M 133 14.88 45.90 -68.32
CA ALA M 133 14.98 47.30 -67.91
C ALA M 133 15.10 47.38 -66.40
N THR M 134 16.11 48.09 -65.92
CA THR M 134 16.35 48.19 -64.49
C THR M 134 16.40 49.64 -64.03
N LEU M 135 15.41 50.02 -63.20
CA LEU M 135 15.43 51.34 -62.56
C LEU M 135 16.36 51.31 -61.36
N VAL M 136 17.39 52.16 -61.38
CA VAL M 136 18.31 52.25 -60.25
C VAL M 136 18.13 53.53 -59.46
N CYS M 137 18.02 53.40 -58.14
CA CYS M 137 17.83 54.55 -57.26
C CYS M 137 18.94 54.56 -56.22
N THR M 138 19.75 55.61 -56.24
CA THR M 138 20.91 55.69 -55.35
C THR M 138 20.74 56.75 -54.27
N ILE M 139 20.91 56.33 -53.01
CA ILE M 139 20.81 57.23 -51.87
C ILE M 139 22.16 57.32 -51.15
N THR M 140 22.65 58.53 -50.93
CA THR M 140 23.96 58.68 -50.28
C THR M 140 23.99 59.78 -49.23
N ASP M 141 25.01 59.72 -48.37
CA ASP M 141 25.27 60.76 -47.38
C ASP M 141 24.10 61.03 -46.45
N PHE M 142 23.60 60.00 -45.76
CA PHE M 142 22.56 60.22 -44.76
C PHE M 142 22.95 59.74 -43.36
N TYR M 143 22.29 60.30 -42.35
CA TYR M 143 22.60 59.99 -40.95
C TYR M 143 21.48 60.49 -40.04
N PRO M 144 21.06 59.66 -39.06
CA PRO M 144 21.52 58.28 -38.85
C PRO M 144 21.21 57.39 -40.06
N GLY M 145 21.91 56.25 -40.16
CA GLY M 145 21.82 55.42 -41.34
C GLY M 145 20.62 54.48 -41.40
N VAL M 146 19.42 55.05 -41.54
CA VAL M 146 18.21 54.26 -41.72
C VAL M 146 17.23 54.97 -42.63
N VAL M 147 16.94 54.35 -43.77
CA VAL M 147 16.01 54.93 -44.73
C VAL M 147 14.92 53.92 -45.11
N THR M 148 13.87 54.42 -45.77
CA THR M 148 12.82 53.56 -46.29
C THR M 148 12.58 53.88 -47.76
N VAL M 149 12.82 52.91 -48.62
CA VAL M 149 12.63 53.12 -50.05
C VAL M 149 11.27 52.57 -50.48
N ASP M 150 10.52 53.38 -51.23
CA ASP M 150 9.21 52.97 -51.73
C ASP M 150 9.05 53.35 -53.19
N TRP M 151 8.69 52.36 -54.01
CA TRP M 151 8.51 52.61 -55.44
C TRP M 151 7.04 52.78 -55.79
N LYS M 152 6.78 53.53 -56.86
CA LYS M 152 5.42 53.74 -57.34
C LYS M 152 5.42 53.94 -58.86
N VAL M 153 4.73 53.06 -59.56
CA VAL M 153 4.53 53.20 -61.00
C VAL M 153 3.15 53.79 -61.31
N ASP M 154 3.11 54.80 -62.17
CA ASP M 154 1.87 55.47 -62.53
C ASP M 154 0.98 55.73 -61.32
N GLY M 155 1.52 56.45 -60.34
CA GLY M 155 0.78 56.84 -59.15
C GLY M 155 0.56 55.70 -58.18
N THR M 156 0.58 54.48 -58.70
CA THR M 156 0.32 53.29 -57.88
C THR M 156 1.62 52.69 -57.35
N PRO M 157 1.67 52.39 -56.05
CA PRO M 157 2.85 51.80 -55.43
C PRO M 157 3.08 50.36 -55.89
N VAL M 158 4.35 49.97 -55.98
CA VAL M 158 4.72 48.63 -56.41
C VAL M 158 5.10 47.77 -55.21
N THR M 159 4.68 46.51 -55.23
CA THR M 159 4.98 45.59 -54.14
C THR M 159 6.14 44.65 -54.51
N GLN M 160 6.16 44.20 -55.77
CA GLN M 160 7.16 43.25 -56.23
C GLN M 160 8.13 43.88 -57.24
N GLY M 161 9.27 43.23 -57.43
CA GLY M 161 10.23 43.67 -58.42
C GLY M 161 11.28 44.63 -57.88
N MET M 162 11.10 45.06 -56.64
CA MET M 162 12.02 45.99 -56.01
C MET M 162 13.01 45.28 -55.09
N GLU M 163 14.24 45.79 -55.03
CA GLU M 163 15.27 45.25 -54.16
C GLU M 163 16.13 46.39 -53.63
N THR M 164 16.19 46.52 -52.30
CA THR M 164 16.97 47.59 -51.69
C THR M 164 18.08 47.06 -50.78
N THR M 165 19.30 47.51 -51.03
CA THR M 165 20.45 47.10 -50.22
C THR M 165 20.35 47.69 -48.81
N GLN M 166 21.10 47.12 -47.87
CA GLN M 166 21.07 47.60 -46.49
C GLN M 166 21.93 48.84 -46.33
N PRO M 167 21.54 49.74 -45.43
CA PRO M 167 22.36 50.93 -45.19
C PRO M 167 23.82 50.57 -45.00
N SER M 168 24.64 50.92 -45.99
CA SER M 168 26.07 50.68 -45.93
C SER M 168 26.79 51.93 -45.40
N LYS M 169 27.86 51.71 -44.64
CA LYS M 169 28.58 52.83 -44.03
C LYS M 169 29.67 53.37 -44.95
N GLN M 170 29.77 54.69 -45.03
CA GLN M 170 30.73 55.34 -45.93
C GLN M 170 32.05 55.62 -45.23
N SER M 171 32.95 56.30 -45.93
CA SER M 171 34.25 56.65 -45.39
C SER M 171 34.15 57.83 -44.41
N ASN M 172 33.07 58.59 -44.53
CA ASN M 172 32.86 59.75 -43.68
C ASN M 172 31.73 59.57 -42.68
N ASN M 173 31.65 58.38 -42.09
CA ASN M 173 30.69 58.09 -41.03
C ASN M 173 29.21 58.32 -41.37
N LYS M 174 28.92 58.56 -42.63
CA LYS M 174 27.53 58.66 -43.09
C LYS M 174 27.17 57.39 -43.85
N TYR M 175 25.91 57.25 -44.23
CA TYR M 175 25.45 55.99 -44.81
C TYR M 175 24.92 56.14 -46.25
N MET M 176 25.01 55.06 -47.01
CA MET M 176 24.50 55.02 -48.37
C MET M 176 23.56 53.82 -48.56
N ALA M 177 22.91 53.74 -49.72
CA ALA M 177 22.01 52.63 -50.03
C ALA M 177 21.57 52.69 -51.48
N SER M 178 21.33 51.52 -52.09
CA SER M 178 20.84 51.45 -53.46
C SER M 178 19.58 50.60 -53.56
N SER M 179 18.71 50.93 -54.51
CA SER M 179 17.46 50.20 -54.72
C SER M 179 17.19 49.98 -56.20
N TYR M 180 16.75 48.78 -56.56
CA TYR M 180 16.52 48.43 -57.96
C TYR M 180 15.10 47.91 -58.23
N LEU M 181 14.32 48.65 -59.00
CA LEU M 181 13.06 48.15 -59.53
C LEU M 181 13.31 47.47 -60.87
N THR M 182 12.78 46.27 -61.06
CA THR M 182 13.09 45.49 -62.24
C THR M 182 11.88 45.27 -63.15
N LEU M 183 12.00 45.71 -64.40
CA LEU M 183 10.92 45.58 -65.37
C LEU M 183 11.45 45.02 -66.68
N THR M 184 10.53 44.64 -67.57
CA THR M 184 10.91 44.23 -68.91
C THR M 184 10.81 45.44 -69.83
N ALA M 185 11.71 45.52 -70.81
CA ALA M 185 11.75 46.65 -71.72
C ALA M 185 10.37 47.00 -72.26
N ARG M 186 9.61 45.98 -72.67
CA ARG M 186 8.27 46.18 -73.19
C ARG M 186 7.33 46.69 -72.10
N ALA M 187 7.67 46.42 -70.84
CA ALA M 187 6.88 46.88 -69.72
C ALA M 187 7.37 48.24 -69.22
N TRP M 188 8.59 48.58 -69.61
CA TRP M 188 9.18 49.86 -69.26
C TRP M 188 8.68 50.95 -70.19
N GLU M 189 8.29 50.55 -71.40
CA GLU M 189 7.71 51.47 -72.38
C GLU M 189 6.19 51.52 -72.26
N ARG M 190 5.64 50.59 -71.48
CA ARG M 190 4.20 50.50 -71.29
C ARG M 190 3.70 51.58 -70.34
N HIS M 191 4.63 52.18 -69.60
CA HIS M 191 4.29 53.23 -68.62
C HIS M 191 5.09 54.50 -68.88
N SER M 192 4.96 55.47 -67.97
CA SER M 192 5.68 56.73 -68.10
C SER M 192 5.88 57.44 -66.75
N SER M 193 5.29 56.89 -65.70
CA SER M 193 5.43 57.46 -64.36
C SER M 193 6.16 56.52 -63.40
N TYR M 194 7.33 56.95 -62.94
CA TYR M 194 8.12 56.15 -62.00
C TYR M 194 8.60 57.00 -60.82
N SER M 195 8.31 56.53 -59.61
CA SER M 195 8.71 57.23 -58.40
C SER M 195 9.59 56.34 -57.53
N CYS M 196 10.55 56.97 -56.86
CA CYS M 196 11.43 56.26 -55.93
C CYS M 196 11.60 57.11 -54.68
N GLN M 197 10.56 57.20 -53.86
CA GLN M 197 10.56 58.10 -52.70
C GLN M 197 11.22 57.51 -51.45
N VAL M 198 12.20 58.24 -50.92
CA VAL M 198 13.05 57.77 -49.83
C VAL M 198 12.81 58.53 -48.53
N THR M 199 12.17 57.87 -47.57
CA THR M 199 11.93 58.46 -46.26
C THR M 199 13.14 58.26 -45.35
N HIS M 200 13.50 59.29 -44.59
CA HIS M 200 14.66 59.19 -43.69
C HIS M 200 14.50 60.00 -42.41
N GLU M 201 14.34 59.30 -41.29
CA GLU M 201 14.26 59.95 -39.98
C GLU M 201 13.20 61.04 -39.98
N GLY M 202 12.01 60.70 -40.44
CA GLY M 202 10.97 61.69 -40.64
C GLY M 202 11.22 62.41 -41.95
N HIS M 203 10.18 62.98 -42.55
CA HIS M 203 10.31 63.65 -43.84
C HIS M 203 10.52 62.65 -44.98
N THR M 204 10.14 63.04 -46.19
CA THR M 204 10.30 62.19 -47.36
C THR M 204 10.88 62.94 -48.56
N VAL M 205 11.80 62.28 -49.26
CA VAL M 205 12.35 62.83 -50.49
C VAL M 205 11.88 61.94 -51.64
N GLU M 206 11.39 62.55 -52.70
CA GLU M 206 10.93 61.80 -53.87
C GLU M 206 11.70 62.22 -55.12
N LYS M 207 12.05 61.25 -55.95
CA LYS M 207 12.61 61.54 -57.26
C LYS M 207 11.81 60.79 -58.32
N SER M 208 11.04 61.53 -59.10
CA SER M 208 10.16 60.93 -60.10
C SER M 208 10.93 60.60 -61.38
N LEU M 209 10.21 60.22 -62.43
CA LEU M 209 10.82 59.90 -63.71
C LEU M 209 9.76 59.78 -64.81
N SER M 210 9.99 60.46 -65.93
CA SER M 210 9.04 60.46 -67.04
C SER M 210 9.77 60.50 -68.39
N GLN N 1 -29.21 -45.85 -12.05
CA GLN N 1 -28.22 -44.83 -12.42
C GLN N 1 -26.96 -45.49 -12.96
N ALA N 2 -25.81 -45.17 -12.36
CA ALA N 2 -24.55 -45.78 -12.77
C ALA N 2 -24.39 -47.17 -12.14
N VAL N 3 -23.86 -48.12 -12.91
CA VAL N 3 -23.66 -49.46 -12.39
C VAL N 3 -22.26 -50.01 -12.67
N VAL N 4 -21.66 -50.64 -11.67
CA VAL N 4 -20.34 -51.23 -11.81
C VAL N 4 -20.45 -52.72 -12.11
N THR N 5 -19.62 -53.19 -13.03
CA THR N 5 -19.69 -54.57 -13.50
C THR N 5 -18.35 -55.30 -13.35
N GLN N 6 -18.41 -56.52 -12.82
CA GLN N 6 -17.21 -57.35 -12.68
C GLN N 6 -17.45 -58.77 -13.16
N GLU N 7 -16.37 -59.50 -13.42
CA GLU N 7 -16.46 -60.92 -13.74
C GLU N 7 -17.11 -61.65 -12.57
N SER N 8 -18.08 -62.51 -12.90
CA SER N 8 -18.77 -63.29 -11.87
C SER N 8 -17.76 -64.10 -11.06
N ALA N 9 -16.85 -64.75 -11.77
CA ALA N 9 -15.81 -65.55 -11.12
C ALA N 9 -14.63 -65.81 -12.05
N LEU N 10 -13.45 -65.99 -11.46
CA LEU N 10 -12.26 -66.31 -12.22
C LEU N 10 -11.49 -67.45 -11.55
N THR N 11 -10.65 -68.12 -12.34
CA THR N 11 -9.86 -69.24 -11.83
C THR N 11 -8.39 -69.04 -12.20
N THR N 12 -7.50 -69.47 -11.31
CA THR N 12 -6.07 -69.36 -11.56
C THR N 12 -5.28 -70.30 -10.65
N SER N 13 -4.14 -70.75 -11.13
CA SER N 13 -3.28 -71.66 -10.36
C SER N 13 -2.16 -70.90 -9.66
N PRO N 14 -1.68 -71.44 -8.53
CA PRO N 14 -0.62 -70.82 -7.73
C PRO N 14 0.62 -70.47 -8.54
N GLY N 15 0.94 -69.19 -8.63
CA GLY N 15 2.12 -68.75 -9.36
C GLY N 15 1.79 -68.00 -10.63
N GLU N 16 0.59 -68.24 -11.17
CA GLU N 16 0.17 -67.61 -12.41
C GLU N 16 -0.17 -66.14 -12.22
N THR N 17 -0.61 -65.50 -13.29
CA THR N 17 -1.00 -64.09 -13.25
C THR N 17 -2.44 -63.90 -13.72
N VAL N 18 -3.32 -63.53 -12.79
CA VAL N 18 -4.72 -63.30 -13.10
C VAL N 18 -5.01 -61.80 -13.07
N THR N 19 -6.04 -61.39 -13.81
CA THR N 19 -6.43 -59.98 -13.85
C THR N 19 -7.94 -59.78 -13.76
N LEU N 20 -8.37 -59.07 -12.72
CA LEU N 20 -9.77 -58.74 -12.55
C LEU N 20 -10.04 -57.37 -13.16
N THR N 21 -11.24 -57.18 -13.72
CA THR N 21 -11.57 -55.89 -14.31
C THR N 21 -12.84 -55.30 -13.72
N CYS N 22 -12.91 -53.97 -13.72
CA CYS N 22 -14.03 -53.22 -13.16
C CYS N 22 -14.54 -52.27 -14.23
N ARG N 23 -15.80 -52.43 -14.62
CA ARG N 23 -16.36 -51.65 -15.72
C ARG N 23 -17.43 -50.65 -15.30
N SER N 24 -17.32 -49.43 -15.80
CA SER N 24 -18.31 -48.39 -15.54
C SER N 24 -19.34 -48.35 -16.67
N SER N 25 -20.61 -48.19 -16.30
CA SER N 25 -21.69 -48.18 -17.28
C SER N 25 -21.81 -46.85 -18.01
N THR N 26 -21.46 -45.75 -17.32
CA THR N 26 -21.58 -44.42 -17.90
C THR N 26 -20.49 -44.15 -18.94
N GLY N 27 -19.39 -44.89 -18.86
CA GLY N 27 -18.30 -44.72 -19.81
C GLY N 27 -17.01 -45.38 -19.35
N ALA N 28 -15.88 -44.82 -19.80
CA ALA N 28 -14.57 -45.36 -19.44
C ALA N 28 -14.19 -44.94 -18.02
N VAL N 29 -13.56 -45.85 -17.29
CA VAL N 29 -13.09 -45.55 -15.95
C VAL N 29 -11.89 -44.61 -16.01
N THR N 30 -12.09 -43.39 -15.52
CA THR N 30 -11.03 -42.38 -15.51
C THR N 30 -10.43 -42.21 -14.11
N THR N 31 -9.43 -41.35 -14.00
CA THR N 31 -8.73 -41.19 -12.73
C THR N 31 -9.63 -40.62 -11.63
N ILE N 32 -10.62 -39.81 -12.02
CA ILE N 32 -11.54 -39.21 -11.06
C ILE N 32 -12.59 -40.20 -10.56
N ASN N 33 -12.43 -41.48 -10.91
CA ASN N 33 -13.27 -42.53 -10.37
C ASN N 33 -12.62 -43.17 -9.15
N PHE N 34 -11.32 -42.91 -8.99
CA PHE N 34 -10.57 -43.42 -7.84
C PHE N 34 -10.88 -44.88 -7.58
N ALA N 35 -10.75 -45.70 -8.63
CA ALA N 35 -11.08 -47.12 -8.54
C ALA N 35 -10.44 -47.76 -7.31
N ASN N 36 -11.30 -48.29 -6.44
CA ASN N 36 -10.84 -49.00 -5.25
C ASN N 36 -11.03 -50.50 -5.40
N TRP N 37 -10.15 -51.28 -4.78
CA TRP N 37 -10.29 -52.72 -4.75
C TRP N 37 -10.30 -53.22 -3.31
N VAL N 38 -11.31 -54.00 -2.97
CA VAL N 38 -11.46 -54.54 -1.63
C VAL N 38 -11.50 -56.06 -1.68
N GLN N 39 -10.86 -56.71 -0.72
CA GLN N 39 -10.84 -58.16 -0.65
C GLN N 39 -11.71 -58.66 0.51
N GLU N 40 -12.48 -59.71 0.26
CA GLU N 40 -13.31 -60.32 1.31
C GLU N 40 -12.97 -61.80 1.49
N LYS N 41 -12.26 -62.10 2.56
CA LYS N 41 -11.98 -63.49 2.94
C LYS N 41 -13.23 -64.07 3.58
N PRO N 42 -13.28 -65.41 3.73
CA PRO N 42 -14.44 -66.05 4.34
C PRO N 42 -14.65 -65.59 5.79
N ASP N 43 -15.91 -65.57 6.23
CA ASP N 43 -16.28 -65.11 7.57
C ASP N 43 -16.33 -63.58 7.68
N HIS N 44 -16.55 -62.93 6.55
CA HIS N 44 -16.75 -61.48 6.52
C HIS N 44 -15.50 -60.70 6.92
N LEU N 45 -14.37 -61.03 6.29
CA LEU N 45 -13.12 -60.31 6.54
C LEU N 45 -12.78 -59.38 5.38
N PHE N 46 -13.12 -58.11 5.50
CA PHE N 46 -12.83 -57.13 4.45
C PHE N 46 -11.52 -56.40 4.71
N THR N 47 -10.77 -56.13 3.64
CA THR N 47 -9.58 -55.28 3.69
C THR N 47 -9.33 -54.61 2.35
N GLY N 48 -8.83 -53.38 2.38
CA GLY N 48 -8.54 -52.65 1.18
C GLY N 48 -7.22 -53.07 0.54
N LEU N 49 -7.13 -52.91 -0.77
CA LEU N 49 -5.91 -53.22 -1.50
C LEU N 49 -5.36 -51.95 -2.15
N ILE N 50 -6.06 -51.46 -3.18
CA ILE N 50 -5.67 -50.28 -3.92
C ILE N 50 -6.79 -49.25 -3.86
N GLY N 51 -6.49 -48.01 -4.23
CA GLY N 51 -7.50 -46.97 -4.29
C GLY N 51 -6.92 -45.60 -4.61
N GLY N 52 -7.70 -44.56 -4.35
CA GLY N 52 -7.25 -43.19 -4.55
C GLY N 52 -6.61 -42.95 -5.90
N ILE N 53 -5.52 -42.20 -5.91
CA ILE N 53 -4.80 -41.93 -7.14
C ILE N 53 -3.95 -43.13 -7.55
N ASN N 54 -2.84 -43.34 -6.87
CA ASN N 54 -2.05 -44.56 -7.07
C ASN N 54 -1.45 -45.07 -5.77
N ASN N 55 -2.23 -44.98 -4.70
CA ASN N 55 -1.79 -45.46 -3.40
C ASN N 55 -2.45 -46.77 -2.98
N ARG N 56 -1.84 -47.43 -2.00
CA ARG N 56 -2.31 -48.74 -1.55
C ARG N 56 -2.36 -48.80 -0.03
N ALA N 57 -3.10 -49.76 0.49
CA ALA N 57 -3.28 -49.91 1.93
C ALA N 57 -2.00 -50.42 2.60
N PRO N 58 -1.89 -50.23 3.92
CA PRO N 58 -0.72 -50.74 4.67
C PRO N 58 -0.64 -52.25 4.61
N GLY N 59 0.44 -52.78 4.04
CA GLY N 59 0.68 -54.21 4.06
C GLY N 59 0.28 -54.95 2.81
N VAL N 60 -0.44 -54.28 1.91
CA VAL N 60 -0.87 -54.91 0.67
C VAL N 60 0.34 -55.44 -0.11
N PRO N 61 0.41 -56.76 -0.28
CA PRO N 61 1.52 -57.45 -0.96
C PRO N 61 1.90 -56.80 -2.28
N ALA N 62 3.16 -56.95 -2.68
CA ALA N 62 3.67 -56.31 -3.88
C ALA N 62 3.10 -56.91 -5.17
N ARG N 63 2.56 -58.12 -5.07
CA ARG N 63 2.01 -58.80 -6.24
C ARG N 63 0.73 -58.14 -6.74
N PHE N 64 0.01 -57.48 -5.84
CA PHE N 64 -1.19 -56.74 -6.21
C PHE N 64 -0.82 -55.42 -6.87
N SER N 65 -1.53 -55.05 -7.94
CA SER N 65 -1.25 -53.81 -8.64
C SER N 65 -2.46 -53.31 -9.42
N GLY N 66 -2.62 -52.00 -9.48
CA GLY N 66 -3.74 -51.39 -10.17
C GLY N 66 -3.33 -50.73 -11.46
N SER N 67 -4.29 -50.59 -12.38
CA SER N 67 -4.04 -49.97 -13.67
C SER N 67 -5.36 -49.65 -14.36
N LEU N 68 -5.29 -48.92 -15.47
CA LEU N 68 -6.47 -48.61 -16.27
C LEU N 68 -6.33 -49.21 -17.66
N ILE N 69 -6.26 -50.54 -17.72
CA ILE N 69 -6.18 -51.27 -18.98
C ILE N 69 -7.45 -51.06 -19.81
N GLY N 70 -7.27 -50.72 -21.08
CA GLY N 70 -8.40 -50.44 -21.94
C GLY N 70 -9.16 -49.22 -21.46
N ASP N 71 -10.45 -49.42 -21.13
CA ASP N 71 -11.25 -48.34 -20.59
C ASP N 71 -11.98 -48.74 -19.31
N LYS N 72 -11.35 -49.62 -18.55
CA LYS N 72 -11.86 -50.02 -17.25
C LYS N 72 -10.75 -50.28 -16.25
N ALA N 73 -11.07 -50.22 -14.97
CA ALA N 73 -10.08 -50.41 -13.90
C ALA N 73 -9.68 -51.87 -13.78
N ALA N 74 -8.39 -52.12 -13.58
CA ALA N 74 -7.89 -53.48 -13.48
C ALA N 74 -7.17 -53.73 -12.17
N LEU N 75 -7.13 -55.00 -11.76
CA LEU N 75 -6.42 -55.42 -10.56
C LEU N 75 -5.65 -56.68 -10.91
N THR N 76 -4.32 -56.55 -11.02
CA THR N 76 -3.49 -57.66 -11.47
C THR N 76 -2.67 -58.28 -10.34
N ILE N 77 -2.86 -59.58 -10.12
CA ILE N 77 -2.11 -60.32 -9.14
C ILE N 77 -0.99 -61.13 -9.81
N THR N 78 0.22 -60.57 -9.79
CA THR N 78 1.37 -61.23 -10.41
C THR N 78 2.02 -62.24 -9.48
N GLY N 79 1.72 -63.52 -9.69
CA GLY N 79 2.25 -64.57 -8.85
C GLY N 79 1.25 -64.96 -7.78
N ALA N 80 0.05 -65.33 -8.20
CA ALA N 80 -1.05 -65.65 -7.30
C ALA N 80 -0.62 -66.63 -6.21
N GLN N 81 -1.21 -66.48 -5.03
CA GLN N 81 -0.92 -67.36 -3.91
C GLN N 81 -2.18 -68.08 -3.45
N THR N 82 -2.01 -69.10 -2.62
CA THR N 82 -3.13 -69.86 -2.09
C THR N 82 -4.10 -68.95 -1.34
N GLU N 83 -3.55 -68.16 -0.42
CA GLU N 83 -4.37 -67.29 0.42
C GLU N 83 -5.08 -66.20 -0.38
N ASP N 84 -4.62 -65.96 -1.60
CA ASP N 84 -5.20 -64.93 -2.45
C ASP N 84 -6.61 -65.28 -2.91
N GLU N 85 -7.07 -66.48 -2.57
CA GLU N 85 -8.40 -66.91 -2.95
C GLU N 85 -9.46 -66.23 -2.08
N ALA N 86 -10.21 -65.31 -2.66
CA ALA N 86 -11.25 -64.59 -1.95
C ALA N 86 -12.22 -63.92 -2.92
N ILE N 87 -13.08 -63.06 -2.41
CA ILE N 87 -13.97 -62.28 -3.25
C ILE N 87 -13.46 -60.85 -3.33
N TYR N 88 -13.32 -60.36 -4.56
CA TYR N 88 -12.78 -59.02 -4.78
C TYR N 88 -13.83 -58.04 -5.30
N PHE N 89 -14.12 -57.03 -4.50
CA PHE N 89 -15.02 -55.97 -4.92
C PHE N 89 -14.22 -54.76 -5.38
N CYS N 90 -14.63 -54.17 -6.50
CA CYS N 90 -14.08 -52.90 -6.91
C CYS N 90 -15.14 -51.84 -6.72
N ALA N 91 -14.73 -50.64 -6.33
CA ALA N 91 -15.67 -49.54 -6.12
C ALA N 91 -15.24 -48.33 -6.94
N LEU N 92 -16.19 -47.73 -7.65
CA LEU N 92 -15.91 -46.53 -8.42
C LEU N 92 -16.54 -45.33 -7.73
N TRP N 93 -15.89 -44.18 -7.87
CA TRP N 93 -16.38 -42.95 -7.27
C TRP N 93 -17.09 -42.12 -8.33
N TYR N 94 -18.39 -41.90 -8.13
CA TYR N 94 -19.19 -41.12 -9.08
C TYR N 94 -19.63 -39.79 -8.46
N SER N 95 -18.81 -38.76 -8.64
CA SER N 95 -19.15 -37.41 -8.21
C SER N 95 -19.11 -37.19 -6.69
N ASN N 96 -19.94 -37.91 -5.95
CA ASN N 96 -20.04 -37.67 -4.51
C ASN N 96 -20.29 -38.92 -3.67
N HIS N 97 -20.21 -40.09 -4.28
CA HIS N 97 -20.48 -41.32 -3.56
C HIS N 97 -19.82 -42.52 -4.25
N TRP N 98 -19.70 -43.62 -3.50
CA TRP N 98 -19.13 -44.84 -4.04
C TRP N 98 -20.20 -45.76 -4.59
N VAL N 99 -19.85 -46.51 -5.63
CA VAL N 99 -20.71 -47.55 -6.16
C VAL N 99 -19.90 -48.83 -6.27
N PHE N 100 -20.34 -49.89 -5.60
CA PHE N 100 -19.61 -51.15 -5.61
C PHE N 100 -20.02 -52.03 -6.78
N GLY N 101 -19.14 -52.96 -7.14
CA GLY N 101 -19.45 -53.93 -8.18
C GLY N 101 -20.07 -55.17 -7.59
N GLY N 102 -20.33 -56.16 -8.44
CA GLY N 102 -20.92 -57.41 -7.99
C GLY N 102 -19.90 -58.26 -7.26
N GLY N 103 -18.62 -57.97 -7.50
CA GLY N 103 -17.55 -58.75 -6.90
C GLY N 103 -17.15 -59.91 -7.79
N THR N 104 -15.86 -60.24 -7.78
CA THR N 104 -15.35 -61.35 -8.56
C THR N 104 -14.84 -62.43 -7.61
N LYS N 105 -15.29 -63.66 -7.79
CA LYS N 105 -14.83 -64.75 -6.93
C LYS N 105 -13.60 -65.44 -7.51
N LEU N 106 -12.43 -65.02 -7.05
CA LEU N 106 -11.17 -65.59 -7.52
C LEU N 106 -10.86 -66.90 -6.81
N THR N 107 -10.67 -67.96 -7.59
CA THR N 107 -10.34 -69.26 -7.04
C THR N 107 -8.91 -69.65 -7.39
N VAL N 108 -8.11 -69.94 -6.38
CA VAL N 108 -6.76 -70.46 -6.60
C VAL N 108 -6.76 -71.98 -6.46
N LEU N 109 -6.44 -72.69 -7.53
CA LEU N 109 -6.35 -74.15 -7.48
C LEU N 109 -5.53 -74.59 -6.27
N GLY N 110 -6.09 -75.47 -5.46
CA GLY N 110 -5.44 -75.91 -4.24
C GLY N 110 -5.59 -77.37 -3.89
N GLN N 111 -6.66 -77.99 -4.39
CA GLN N 111 -6.92 -79.41 -4.10
C GLN N 111 -7.58 -80.09 -5.29
N PRO N 112 -7.27 -81.38 -5.51
CA PRO N 112 -7.87 -82.17 -6.59
C PRO N 112 -9.39 -82.25 -6.50
N LYS N 113 -10.05 -82.46 -7.64
CA LYS N 113 -11.50 -82.53 -7.69
C LYS N 113 -12.06 -83.67 -6.85
N SER N 114 -13.19 -83.44 -6.20
CA SER N 114 -13.84 -84.49 -5.42
C SER N 114 -15.31 -84.65 -5.84
N SER N 115 -15.82 -85.87 -5.71
CA SER N 115 -17.21 -86.16 -6.05
C SER N 115 -18.11 -85.97 -4.83
N PRO N 116 -19.32 -85.45 -5.06
CA PRO N 116 -20.27 -85.15 -3.97
C PRO N 116 -20.86 -86.40 -3.32
N SER N 117 -20.73 -86.50 -2.00
CA SER N 117 -21.32 -87.60 -1.26
C SER N 117 -22.73 -87.23 -0.80
N VAL N 118 -23.74 -87.74 -1.50
CA VAL N 118 -25.12 -87.40 -1.20
C VAL N 118 -25.77 -88.43 -0.29
N THR N 119 -26.76 -87.97 0.48
CA THR N 119 -27.56 -88.86 1.30
C THR N 119 -28.96 -88.27 1.46
N LEU N 120 -29.97 -89.02 1.07
CA LEU N 120 -31.35 -88.57 1.14
C LEU N 120 -32.09 -89.25 2.29
N PHE N 121 -32.83 -88.46 3.06
CA PHE N 121 -33.59 -89.00 4.18
C PHE N 121 -35.09 -88.84 3.94
N PRO N 122 -35.89 -89.78 4.45
CA PRO N 122 -37.34 -89.67 4.38
C PRO N 122 -37.86 -88.76 5.49
N PRO N 123 -39.05 -88.18 5.32
CA PRO N 123 -39.63 -87.32 6.35
C PRO N 123 -39.98 -88.10 7.62
N SER N 124 -39.41 -87.67 8.75
CA SER N 124 -39.62 -88.37 10.02
C SER N 124 -41.10 -88.46 10.40
N SER N 125 -41.47 -89.58 11.00
CA SER N 125 -42.86 -89.81 11.40
C SER N 125 -43.36 -88.71 12.34
N THR N 134 -40.72 -83.14 5.22
CA THR N 134 -39.49 -82.48 4.77
C THR N 134 -38.40 -83.49 4.41
N LEU N 135 -38.07 -83.58 3.12
CA LEU N 135 -36.99 -84.43 2.66
C LEU N 135 -35.66 -83.70 2.79
N VAL N 136 -34.64 -84.39 3.31
CA VAL N 136 -33.32 -83.79 3.48
C VAL N 136 -32.28 -84.46 2.59
N CYS N 137 -31.69 -83.67 1.69
CA CYS N 137 -30.69 -84.16 0.75
C CYS N 137 -29.33 -83.54 1.03
N THR N 138 -28.56 -84.16 1.93
CA THR N 138 -27.25 -83.64 2.32
C THR N 138 -26.18 -83.96 1.27
N ILE N 139 -25.23 -83.04 1.13
CA ILE N 139 -24.14 -83.20 0.17
C ILE N 139 -22.82 -82.87 0.85
N THR N 140 -21.89 -83.82 0.86
CA THR N 140 -20.62 -83.63 1.55
C THR N 140 -19.41 -84.10 0.74
N ASP N 141 -18.23 -83.65 1.14
CA ASP N 141 -16.97 -84.06 0.53
C ASP N 141 -16.91 -83.85 -0.99
N PHE N 142 -17.04 -82.60 -1.42
CA PHE N 142 -16.89 -82.27 -2.84
C PHE N 142 -15.99 -81.05 -3.03
N TYR N 143 -15.54 -80.84 -4.26
CA TYR N 143 -14.63 -79.75 -4.57
C TYR N 143 -14.48 -79.60 -6.08
N PRO N 144 -14.56 -78.36 -6.58
CA PRO N 144 -14.81 -77.13 -5.81
C PRO N 144 -16.23 -77.10 -5.24
N GLY N 145 -16.54 -76.06 -4.48
CA GLY N 145 -17.85 -75.95 -3.84
C GLY N 145 -18.92 -75.31 -4.71
N VAL N 146 -19.07 -75.83 -5.93
CA VAL N 146 -20.05 -75.31 -6.88
C VAL N 146 -20.97 -76.43 -7.37
N VAL N 147 -22.03 -76.71 -6.61
CA VAL N 147 -22.92 -77.82 -6.92
C VAL N 147 -24.34 -77.38 -7.33
N THR N 159 -40.62 -78.40 -9.04
CA THR N 159 -40.42 -77.05 -9.56
C THR N 159 -40.35 -76.02 -8.45
N GLN N 160 -40.96 -76.34 -7.31
CA GLN N 160 -41.02 -75.40 -6.20
C GLN N 160 -41.10 -76.12 -4.86
N GLY N 161 -41.11 -75.33 -3.77
CA GLY N 161 -41.13 -75.89 -2.44
C GLY N 161 -39.73 -76.16 -1.93
N MET N 162 -38.86 -76.61 -2.84
CA MET N 162 -37.48 -76.92 -2.47
C MET N 162 -36.71 -75.67 -2.07
N GLU N 163 -35.54 -75.88 -1.50
CA GLU N 163 -34.66 -74.80 -1.08
C GLU N 163 -33.28 -75.36 -0.74
N THR N 164 -32.28 -74.97 -1.53
CA THR N 164 -30.92 -75.47 -1.32
C THR N 164 -30.05 -74.39 -0.69
N THR N 165 -29.21 -74.80 0.26
CA THR N 165 -28.35 -73.86 0.98
C THR N 165 -27.19 -73.37 0.11
N GLN N 166 -26.10 -72.97 0.76
CA GLN N 166 -24.92 -72.51 0.05
C GLN N 166 -23.68 -73.25 0.56
N PRO N 167 -22.89 -73.81 -0.37
CA PRO N 167 -21.68 -74.57 -0.03
C PRO N 167 -20.77 -73.81 0.91
N SER N 168 -20.37 -74.43 2.01
CA SER N 168 -19.45 -73.82 2.96
C SER N 168 -18.26 -74.75 3.24
N LYS N 169 -17.12 -74.15 3.56
CA LYS N 169 -15.90 -74.93 3.83
C LYS N 169 -16.04 -75.82 5.06
N GLN N 170 -15.49 -77.03 4.97
CA GLN N 170 -15.55 -77.98 6.08
C GLN N 170 -14.14 -78.33 6.55
N SER N 171 -13.96 -78.33 7.87
CA SER N 171 -12.68 -78.67 8.50
C SER N 171 -11.54 -78.92 7.51
N ALA N 177 -22.92 -78.75 1.19
CA ALA N 177 -24.21 -78.09 1.04
C ALA N 177 -25.36 -79.05 1.28
N SER N 178 -26.53 -78.51 1.61
CA SER N 178 -27.72 -79.31 1.86
C SER N 178 -28.97 -78.68 1.24
N SER N 179 -29.92 -79.53 0.85
CA SER N 179 -31.15 -79.05 0.21
C SER N 179 -32.40 -79.53 0.94
N LEU N 183 -42.84 -80.11 1.76
CA LEU N 183 -44.12 -80.65 1.32
C LEU N 183 -45.14 -80.74 2.46
N THR N 184 -46.22 -81.46 2.22
CA THR N 184 -47.27 -81.65 3.21
C THR N 184 -47.54 -83.14 3.43
N ALA N 185 -48.23 -83.47 4.51
CA ALA N 185 -48.56 -84.87 4.82
C ALA N 185 -49.46 -85.46 3.75
N GLN O 1 -32.27 43.71 5.87
CA GLN O 1 -32.03 42.30 6.13
C GLN O 1 -32.22 41.98 7.62
N ALA O 2 -31.20 41.41 8.23
CA ALA O 2 -31.26 41.05 9.64
C ALA O 2 -30.95 42.25 10.48
N VAL O 3 -31.69 42.40 11.56
CA VAL O 3 -31.32 43.55 12.46
C VAL O 3 -31.38 43.29 13.94
N VAL O 4 -30.39 43.87 14.59
CA VAL O 4 -30.14 43.60 16.01
C VAL O 4 -30.76 44.67 16.87
N THR O 5 -31.41 44.27 17.96
CA THR O 5 -32.17 45.19 18.80
C THR O 5 -31.72 45.15 20.26
N GLN O 6 -31.53 46.34 20.85
CA GLN O 6 -31.16 46.43 22.26
C GLN O 6 -32.00 47.48 22.98
N GLU O 7 -32.01 47.40 24.31
CA GLU O 7 -32.64 48.42 25.12
C GLU O 7 -31.98 49.77 24.86
N SER O 8 -32.80 50.79 24.64
CA SER O 8 -32.28 52.12 24.39
C SER O 8 -31.38 52.57 25.52
N ALA O 9 -31.84 52.36 26.76
CA ALA O 9 -31.06 52.71 27.94
C ALA O 9 -31.54 51.96 29.17
N LEU O 10 -30.62 51.72 30.10
CA LEU O 10 -30.96 51.10 31.38
C LEU O 10 -30.34 51.85 32.55
N THR O 11 -30.90 51.66 33.72
CA THR O 11 -30.43 52.33 34.93
C THR O 11 -30.19 51.31 36.04
N THR O 12 -29.16 51.53 36.84
CA THR O 12 -28.85 50.63 37.96
C THR O 12 -27.95 51.32 38.99
N SER O 13 -28.09 50.92 40.25
CA SER O 13 -27.30 51.49 41.32
C SER O 13 -26.10 50.61 41.66
N PRO O 14 -25.02 51.23 42.18
CA PRO O 14 -23.77 50.52 42.50
C PRO O 14 -24.00 49.32 43.41
N GLY O 15 -23.68 48.13 42.93
CA GLY O 15 -23.83 46.92 43.72
C GLY O 15 -24.94 46.02 43.24
N GLU O 16 -25.90 46.60 42.52
CA GLU O 16 -27.04 45.83 42.01
C GLU O 16 -26.65 44.94 40.83
N THR O 17 -27.64 44.25 40.28
CA THR O 17 -27.42 43.37 39.14
C THR O 17 -28.32 43.77 37.97
N VAL O 18 -27.71 44.26 36.90
CA VAL O 18 -28.43 44.66 35.71
C VAL O 18 -28.18 43.66 34.59
N THR O 19 -29.12 43.56 33.66
CA THR O 19 -28.98 42.64 32.53
C THR O 19 -29.38 43.28 31.20
N LEU O 20 -28.44 43.34 30.27
CA LEU O 20 -28.71 43.86 28.93
C LEU O 20 -29.05 42.69 28.01
N THR O 21 -29.94 42.92 27.06
CA THR O 21 -30.32 41.86 26.13
C THR O 21 -30.10 42.27 24.68
N CYS O 22 -29.83 41.27 23.84
CA CYS O 22 -29.55 41.46 22.43
C CYS O 22 -30.49 40.58 21.64
N ARG O 23 -31.33 41.17 20.79
CA ARG O 23 -32.35 40.41 20.08
C ARG O 23 -32.12 40.33 18.56
N SER O 24 -32.27 39.13 18.02
CA SER O 24 -32.15 38.91 16.58
C SER O 24 -33.54 38.98 15.93
N SER O 25 -33.60 39.62 14.77
CA SER O 25 -34.87 39.78 14.06
C SER O 25 -35.28 38.52 13.30
N THR O 26 -34.29 37.76 12.82
CA THR O 26 -34.57 36.56 12.04
C THR O 26 -35.06 35.40 12.91
N GLY O 27 -34.77 35.46 14.20
CA GLY O 27 -35.20 34.43 15.12
C GLY O 27 -34.47 34.46 16.45
N ALA O 28 -34.36 33.31 17.09
CA ALA O 28 -33.69 33.20 18.38
C ALA O 28 -32.18 33.23 18.21
N VAL O 29 -31.49 33.91 19.13
CA VAL O 29 -30.04 33.96 19.10
C VAL O 29 -29.47 32.59 19.50
N THR O 30 -28.82 31.93 18.55
CA THR O 30 -28.22 30.62 18.79
C THR O 30 -26.70 30.73 18.93
N THR O 31 -26.04 29.61 19.20
CA THR O 31 -24.60 29.63 19.45
C THR O 31 -23.81 30.06 18.21
N ILE O 32 -24.33 29.77 17.03
CA ILE O 32 -23.65 30.14 15.79
C ILE O 32 -23.79 31.62 15.47
N ASN O 33 -24.33 32.39 16.40
CA ASN O 33 -24.38 33.84 16.28
C ASN O 33 -23.18 34.48 16.97
N PHE O 34 -22.51 33.70 17.81
CA PHE O 34 -21.31 34.15 18.52
C PHE O 34 -21.52 35.55 19.09
N ALA O 35 -22.59 35.72 19.85
CA ALA O 35 -22.94 37.01 20.41
C ALA O 35 -21.74 37.66 21.08
N ASN O 36 -21.37 38.83 20.58
CA ASN O 36 -20.29 39.62 21.16
C ASN O 36 -20.83 40.82 21.92
N TRP O 37 -20.11 41.22 22.96
CA TRP O 37 -20.47 42.44 23.69
C TRP O 37 -19.27 43.37 23.76
N VAL O 38 -19.50 44.61 23.35
CA VAL O 38 -18.44 45.62 23.33
C VAL O 38 -18.84 46.81 24.20
N GLN O 39 -17.88 47.36 24.94
CA GLN O 39 -18.15 48.51 25.80
C GLN O 39 -17.52 49.77 25.20
N GLU O 40 -18.25 50.88 25.26
CA GLU O 40 -17.72 52.16 24.80
C GLU O 40 -17.77 53.21 25.90
N LYS O 41 -16.61 53.51 26.47
CA LYS O 41 -16.47 54.59 27.44
C LYS O 41 -16.46 55.92 26.70
N PRO O 42 -16.63 57.03 27.42
CA PRO O 42 -16.62 58.35 26.78
C PRO O 42 -15.28 58.65 26.10
N ASP O 43 -15.33 59.43 25.02
CA ASP O 43 -14.15 59.78 24.25
C ASP O 43 -13.73 58.66 23.29
N HIS O 44 -14.69 57.83 22.90
CA HIS O 44 -14.46 56.79 21.89
C HIS O 44 -13.49 55.70 22.37
N LEU O 45 -13.73 55.15 23.54
CA LEU O 45 -12.91 54.07 24.07
C LEU O 45 -13.64 52.73 24.00
N PHE O 46 -13.36 51.96 22.96
CA PHE O 46 -13.99 50.66 22.78
C PHE O 46 -13.12 49.53 23.35
N THR O 47 -13.78 48.54 23.96
CA THR O 47 -13.11 47.31 24.39
C THR O 47 -14.09 46.15 24.40
N GLY O 48 -13.60 44.96 24.09
CA GLY O 48 -14.44 43.78 24.09
C GLY O 48 -14.66 43.21 25.48
N LEU O 49 -15.77 42.52 25.66
CA LEU O 49 -16.09 41.87 26.92
C LEU O 49 -16.20 40.37 26.72
N ILE O 50 -17.27 39.95 26.05
CA ILE O 50 -17.53 38.55 25.78
C ILE O 50 -17.66 38.33 24.27
N GLY O 51 -17.60 37.08 23.84
CA GLY O 51 -17.77 36.75 22.44
C GLY O 51 -17.55 35.28 22.15
N GLY O 52 -17.36 34.95 20.87
CA GLY O 52 -17.09 33.58 20.46
C GLY O 52 -18.03 32.57 21.05
N ILE O 53 -17.49 31.43 21.48
CA ILE O 53 -18.30 30.38 22.09
C ILE O 53 -18.64 30.75 23.53
N ASN O 54 -17.67 30.62 24.43
CA ASN O 54 -17.85 31.08 25.80
C ASN O 54 -16.57 31.68 26.35
N ASN O 55 -15.86 32.41 25.50
CA ASN O 55 -14.62 33.07 25.92
C ASN O 55 -14.78 34.58 26.12
N ARG O 56 -13.82 35.16 26.83
CA ARG O 56 -13.85 36.58 27.16
C ARG O 56 -12.49 37.23 26.90
N ALA O 57 -12.50 38.56 26.78
CA ALA O 57 -11.29 39.31 26.50
C ALA O 57 -10.35 39.34 27.70
N PRO O 58 -9.06 39.64 27.47
CA PRO O 58 -8.09 39.73 28.56
C PRO O 58 -8.45 40.86 29.52
N GLY O 59 -8.69 40.50 30.78
CA GLY O 59 -8.91 41.50 31.82
C GLY O 59 -10.36 41.79 32.15
N VAL O 60 -11.28 41.29 31.32
CA VAL O 60 -12.70 41.52 31.56
C VAL O 60 -13.09 41.03 32.95
N PRO O 61 -13.52 41.95 33.82
CA PRO O 61 -13.90 41.67 35.22
C PRO O 61 -14.82 40.46 35.34
N ALA O 62 -14.78 39.81 36.50
CA ALA O 62 -15.54 38.59 36.72
C ALA O 62 -17.04 38.85 36.83
N ARG O 63 -17.42 40.10 37.10
CA ARG O 63 -18.82 40.45 37.26
C ARG O 63 -19.59 40.38 35.94
N PHE O 64 -18.88 40.58 34.83
CA PHE O 64 -19.47 40.45 33.50
C PHE O 64 -19.66 38.99 33.13
N SER O 65 -20.79 38.66 32.53
CA SER O 65 -21.05 37.27 32.13
C SER O 65 -22.08 37.19 31.01
N GLY O 66 -21.88 36.23 30.11
CA GLY O 66 -22.77 36.04 28.99
C GLY O 66 -23.67 34.83 29.14
N SER O 67 -24.80 34.86 28.46
CA SER O 67 -25.75 33.75 28.49
C SER O 67 -26.78 33.89 27.37
N LEU O 68 -27.60 32.86 27.19
CA LEU O 68 -28.67 32.91 26.21
C LEU O 68 -30.02 32.77 26.89
N ILE O 69 -30.34 33.75 27.73
CA ILE O 69 -31.63 33.79 28.42
C ILE O 69 -32.78 33.94 27.43
N GLY O 70 -33.80 33.11 27.59
CA GLY O 70 -34.92 33.12 26.68
C GLY O 70 -34.48 32.74 25.27
N ASP O 71 -34.68 33.64 24.33
CA ASP O 71 -34.24 33.41 22.95
C ASP O 71 -33.42 34.58 22.42
N LYS O 72 -32.69 35.25 23.30
CA LYS O 72 -31.78 36.31 22.91
C LYS O 72 -30.53 36.34 23.79
N ALA O 73 -29.47 36.95 23.28
CA ALA O 73 -28.21 37.01 24.01
C ALA O 73 -28.28 37.99 25.17
N ALA O 74 -27.70 37.63 26.30
CA ALA O 74 -27.72 38.47 27.49
C ALA O 74 -26.32 38.82 27.98
N LEU O 75 -26.23 39.93 28.70
CA LEU O 75 -24.98 40.37 29.31
C LEU O 75 -25.29 40.82 30.72
N THR O 76 -24.91 40.03 31.71
CA THR O 76 -25.27 40.30 33.10
C THR O 76 -24.10 40.80 33.93
N ILE O 77 -24.25 41.99 34.49
CA ILE O 77 -23.24 42.57 35.38
C ILE O 77 -23.64 42.38 36.83
N THR O 78 -23.06 41.37 37.47
CA THR O 78 -23.38 41.06 38.86
C THR O 78 -22.53 41.87 39.82
N GLY O 79 -23.10 42.93 40.38
CA GLY O 79 -22.39 43.81 41.28
C GLY O 79 -21.84 45.02 40.53
N ALA O 80 -22.75 45.74 39.87
CA ALA O 80 -22.38 46.89 39.05
C ALA O 80 -21.46 47.86 39.78
N GLN O 81 -20.56 48.49 39.03
CA GLN O 81 -19.63 49.46 39.60
C GLN O 81 -19.83 50.81 38.95
N THR O 82 -19.23 51.84 39.55
CA THR O 82 -19.33 53.19 39.03
C THR O 82 -18.78 53.27 37.60
N GLU O 83 -17.58 52.73 37.41
CA GLU O 83 -16.92 52.79 36.12
C GLU O 83 -17.65 51.98 35.05
N ASP O 84 -18.54 51.10 35.48
CA ASP O 84 -19.29 50.25 34.54
C ASP O 84 -20.29 51.06 33.70
N GLU O 85 -20.41 52.35 34.00
CA GLU O 85 -21.32 53.20 33.25
C GLU O 85 -20.74 53.54 31.88
N ALA O 86 -21.34 52.97 30.84
CA ALA O 86 -20.90 53.21 29.47
C ALA O 86 -21.98 52.81 28.48
N ILE O 87 -21.62 52.76 27.20
CA ILE O 87 -22.52 52.28 26.18
C ILE O 87 -22.10 50.87 25.75
N TYR O 88 -23.06 49.95 25.77
CA TYR O 88 -22.77 48.55 25.45
C TYR O 88 -23.40 48.12 24.13
N PHE O 89 -22.55 47.78 23.17
CA PHE O 89 -23.02 47.25 21.90
C PHE O 89 -22.89 45.74 21.90
N CYS O 90 -23.92 45.06 21.40
CA CYS O 90 -23.81 43.64 21.16
C CYS O 90 -23.78 43.41 19.66
N ALA O 91 -23.02 42.42 19.23
CA ALA O 91 -22.92 42.13 17.81
C ALA O 91 -23.24 40.66 17.57
N LEU O 92 -24.09 40.39 16.58
CA LEU O 92 -24.41 39.02 16.21
C LEU O 92 -23.74 38.66 14.90
N TRP O 93 -23.38 37.40 14.75
CA TRP O 93 -22.75 36.92 13.54
C TRP O 93 -23.78 36.23 12.66
N TYR O 94 -24.02 36.78 11.48
CA TYR O 94 -24.97 36.20 10.54
C TYR O 94 -24.27 35.62 9.32
N SER O 95 -23.93 34.34 9.38
CA SER O 95 -23.35 33.62 8.24
C SER O 95 -21.92 34.01 7.90
N ASN O 96 -21.69 35.27 7.54
CA ASN O 96 -20.36 35.68 7.08
C ASN O 96 -19.96 37.10 7.49
N HIS O 97 -20.75 37.74 8.33
CA HIS O 97 -20.47 39.11 8.73
C HIS O 97 -21.12 39.45 10.07
N TRP O 98 -20.65 40.53 10.68
CA TRP O 98 -21.20 40.98 11.95
C TRP O 98 -22.28 42.03 11.74
N VAL O 99 -23.28 42.03 12.62
CA VAL O 99 -24.29 43.08 12.64
C VAL O 99 -24.40 43.62 14.06
N PHE O 100 -24.17 44.92 14.23
CA PHE O 100 -24.19 45.53 15.55
C PHE O 100 -25.61 45.97 15.94
N GLY O 101 -25.83 46.11 17.24
CA GLY O 101 -27.10 46.61 17.74
C GLY O 101 -27.06 48.12 17.89
N GLY O 102 -28.15 48.69 18.39
CA GLY O 102 -28.22 50.13 18.59
C GLY O 102 -27.38 50.56 19.78
N GLY O 103 -27.08 49.62 20.65
CA GLY O 103 -26.33 49.90 21.86
C GLY O 103 -27.25 50.27 22.99
N THR O 104 -26.86 49.89 24.21
CA THR O 104 -27.64 50.21 25.40
C THR O 104 -26.83 51.15 26.29
N LYS O 105 -27.42 52.26 26.70
CA LYS O 105 -26.72 53.20 27.55
C LYS O 105 -26.97 52.92 29.02
N LEU O 106 -26.04 52.19 29.63
CA LEU O 106 -26.15 51.81 31.04
C LEU O 106 -25.68 52.94 31.95
N THR O 107 -26.57 53.37 32.84
CA THR O 107 -26.23 54.43 33.78
C THR O 107 -26.15 53.87 35.20
N VAL O 108 -25.00 54.10 35.84
CA VAL O 108 -24.84 53.74 37.24
C VAL O 108 -25.09 55.00 38.08
N LEU O 109 -26.20 55.01 38.81
CA LEU O 109 -26.68 56.23 39.48
C LEU O 109 -25.65 56.91 40.37
N GLY O 110 -25.60 58.24 40.30
CA GLY O 110 -24.71 59.04 41.12
C GLY O 110 -25.39 60.27 41.70
N GLN O 111 -26.28 60.88 40.92
CA GLN O 111 -27.02 62.06 41.35
C GLN O 111 -28.53 61.78 41.25
N PRO O 112 -29.32 62.38 42.14
CA PRO O 112 -30.78 62.25 42.08
C PRO O 112 -31.34 62.55 40.70
N LYS O 113 -32.44 61.89 40.34
CA LYS O 113 -33.05 62.05 39.03
C LYS O 113 -33.63 63.44 38.83
N SER O 114 -33.75 63.86 37.56
CA SER O 114 -34.21 65.20 37.24
C SER O 114 -35.10 65.20 35.99
N SER O 115 -36.20 65.94 36.05
CA SER O 115 -37.13 66.04 34.92
C SER O 115 -36.62 67.06 33.90
N PRO O 116 -36.82 66.76 32.60
CA PRO O 116 -36.35 67.62 31.51
C PRO O 116 -37.13 68.94 31.39
N SER O 117 -36.42 70.05 31.50
CA SER O 117 -37.00 71.37 31.31
C SER O 117 -37.09 71.68 29.82
N VAL O 118 -38.29 71.54 29.26
CA VAL O 118 -38.48 71.73 27.82
C VAL O 118 -38.99 73.13 27.47
N THR O 119 -38.62 73.60 26.28
CA THR O 119 -39.10 74.87 25.75
C THR O 119 -39.11 74.82 24.23
N LEU O 120 -40.28 75.09 23.63
CA LEU O 120 -40.43 74.98 22.18
C LEU O 120 -40.48 76.36 21.52
N PHE O 121 -39.50 76.62 20.67
CA PHE O 121 -39.41 77.90 19.96
C PHE O 121 -39.94 77.77 18.53
N PRO O 122 -40.80 78.71 18.12
CA PRO O 122 -41.35 78.77 16.76
C PRO O 122 -40.31 79.27 15.76
N PRO O 123 -40.60 79.16 14.46
CA PRO O 123 -39.71 79.65 13.41
C PRO O 123 -39.78 81.17 13.22
N SER O 124 -38.67 81.84 13.48
CA SER O 124 -38.60 83.30 13.39
C SER O 124 -38.92 83.82 12.00
N SER O 125 -39.09 85.14 11.89
CA SER O 125 -39.47 85.77 10.64
C SER O 125 -38.39 85.72 9.56
N GLU O 126 -37.12 85.74 9.98
CA GLU O 126 -36.01 85.70 9.03
C GLU O 126 -36.06 84.41 8.24
N GLU O 127 -36.31 83.31 8.94
CA GLU O 127 -36.44 82.01 8.29
C GLU O 127 -37.65 81.96 7.35
N LEU O 128 -38.78 82.50 7.80
CA LEU O 128 -39.98 82.54 6.97
C LEU O 128 -39.71 83.30 5.67
N GLU O 129 -38.90 84.35 5.77
CA GLU O 129 -38.49 85.13 4.61
C GLU O 129 -37.64 84.29 3.68
N THR O 130 -36.76 83.48 4.28
CA THR O 130 -35.89 82.58 3.53
C THR O 130 -36.70 81.55 2.77
N ASN O 131 -37.92 81.31 3.24
CA ASN O 131 -38.81 80.31 2.66
C ASN O 131 -38.57 78.92 3.27
N LYS O 132 -37.70 78.86 4.28
CA LYS O 132 -37.47 77.63 5.04
C LYS O 132 -37.75 77.85 6.53
N ALA O 133 -38.66 77.05 7.09
CA ALA O 133 -39.03 77.19 8.49
C ALA O 133 -38.33 76.15 9.36
N THR O 134 -37.81 76.59 10.51
CA THR O 134 -37.12 75.68 11.43
C THR O 134 -37.69 75.80 12.84
N LEU O 135 -37.89 74.64 13.49
CA LEU O 135 -38.36 74.61 14.86
C LEU O 135 -37.25 74.15 15.80
N VAL O 136 -37.23 74.69 17.01
CA VAL O 136 -36.23 74.32 18.00
C VAL O 136 -36.88 73.97 19.34
N CYS O 137 -36.61 72.76 19.82
CA CYS O 137 -37.14 72.30 21.08
C CYS O 137 -35.98 71.99 22.03
N THR O 138 -35.53 72.99 22.77
CA THR O 138 -34.35 72.84 23.62
C THR O 138 -34.64 72.10 24.93
N ILE O 139 -33.80 71.13 25.26
CA ILE O 139 -33.94 70.33 26.48
C ILE O 139 -32.76 70.53 27.40
N THR O 140 -33.01 71.03 28.60
CA THR O 140 -31.96 71.30 29.57
C THR O 140 -32.24 70.70 30.94
N ASP O 141 -31.18 70.37 31.67
CA ASP O 141 -31.30 69.91 33.05
C ASP O 141 -32.08 68.61 33.18
N PHE O 142 -31.48 67.51 32.76
CA PHE O 142 -32.09 66.19 32.95
C PHE O 142 -31.04 65.13 33.26
N TYR O 143 -31.46 64.08 33.97
CA TYR O 143 -30.57 63.01 34.39
C TYR O 143 -31.34 61.73 34.65
N PRO O 144 -30.81 60.58 34.18
CA PRO O 144 -29.56 60.46 33.43
C PRO O 144 -29.67 60.99 31.99
N GLY O 145 -28.56 60.94 31.26
CA GLY O 145 -28.51 61.48 29.91
C GLY O 145 -29.26 60.67 28.87
N VAL O 146 -30.56 60.52 29.08
CA VAL O 146 -31.40 59.81 28.13
C VAL O 146 -32.74 60.50 27.97
N VAL O 147 -32.95 61.10 26.80
CA VAL O 147 -34.24 61.71 26.46
C VAL O 147 -34.69 61.25 25.08
N THR O 148 -36.00 61.22 24.86
CA THR O 148 -36.56 60.82 23.57
C THR O 148 -37.51 61.88 23.02
N VAL O 149 -37.06 62.57 21.98
CA VAL O 149 -37.88 63.63 21.37
C VAL O 149 -38.87 63.07 20.36
N ASP O 150 -40.10 63.57 20.42
CA ASP O 150 -41.19 63.10 19.58
C ASP O 150 -42.05 64.29 19.16
N TRP O 151 -42.15 64.54 17.86
CA TRP O 151 -42.89 65.69 17.35
C TRP O 151 -44.33 65.33 16.99
N GLY O 161 -37.94 64.73 8.73
CA GLY O 161 -37.67 66.15 8.76
C GLY O 161 -37.03 66.59 10.07
N MET O 162 -37.27 65.83 11.13
CA MET O 162 -36.73 66.13 12.45
C MET O 162 -35.30 65.60 12.60
N GLU O 163 -34.59 66.10 13.62
CA GLU O 163 -33.20 65.72 13.86
C GLU O 163 -32.72 66.20 15.22
N THR O 164 -32.76 65.32 16.21
CA THR O 164 -32.37 65.67 17.58
C THR O 164 -30.90 65.34 17.85
N THR O 165 -30.25 66.17 18.68
CA THR O 165 -28.82 66.03 18.96
C THR O 165 -28.58 65.07 20.12
N GLN O 166 -27.34 64.56 20.20
CA GLN O 166 -26.98 63.57 21.21
C GLN O 166 -26.78 64.20 22.58
N PRO O 167 -27.27 63.52 23.64
CA PRO O 167 -27.13 63.94 25.03
C PRO O 167 -25.71 64.32 25.42
N SER O 168 -25.54 65.52 25.98
CA SER O 168 -24.24 65.99 26.42
C SER O 168 -24.33 66.70 27.77
N LYS O 169 -23.60 66.18 28.75
CA LYS O 169 -23.61 66.71 30.11
C LYS O 169 -23.35 68.22 30.16
N GLN O 170 -23.69 68.83 31.29
CA GLN O 170 -23.55 70.28 31.45
C GLN O 170 -22.49 70.63 32.48
N SER O 171 -22.68 71.76 33.14
CA SER O 171 -21.79 72.19 34.22
C SER O 171 -22.29 71.64 35.55
N ASN O 172 -23.57 71.28 35.59
CA ASN O 172 -24.17 70.73 36.79
C ASN O 172 -24.42 69.22 36.68
N ASN O 173 -23.77 68.58 35.71
CA ASN O 173 -23.86 67.14 35.52
C ASN O 173 -25.26 66.63 35.16
N LYS O 174 -26.07 67.49 34.53
CA LYS O 174 -27.37 67.10 34.00
C LYS O 174 -27.40 67.25 32.48
N TYR O 175 -27.15 66.16 31.77
CA TYR O 175 -27.06 66.16 30.32
C TYR O 175 -28.12 67.04 29.66
N MET O 176 -27.78 67.64 28.52
CA MET O 176 -28.69 68.52 27.79
C MET O 176 -28.68 68.19 26.29
N ALA O 177 -29.68 68.70 25.57
CA ALA O 177 -29.78 68.46 24.13
C ALA O 177 -30.80 69.38 23.45
N SER O 178 -30.75 69.39 22.12
CA SER O 178 -31.66 70.22 21.32
C SER O 178 -32.28 69.44 20.18
N SER O 179 -33.53 69.74 19.85
CA SER O 179 -34.23 69.08 18.76
C SER O 179 -34.58 70.05 17.63
N TYR O 180 -34.45 69.57 16.38
CA TYR O 180 -34.70 70.41 15.22
C TYR O 180 -35.67 69.76 14.25
N LEU O 181 -36.87 70.34 14.14
CA LEU O 181 -37.87 69.90 13.17
C LEU O 181 -37.85 70.83 11.96
N THR O 182 -37.40 70.32 10.82
CA THR O 182 -37.24 71.17 9.63
C THR O 182 -38.43 71.07 8.68
N LEU O 183 -38.91 72.24 8.26
CA LEU O 183 -40.06 72.35 7.35
C LEU O 183 -39.79 73.38 6.27
N THR O 184 -40.81 73.66 5.47
CA THR O 184 -40.74 74.72 4.47
C THR O 184 -41.73 75.82 4.84
N ALA O 185 -41.47 77.04 4.39
CA ALA O 185 -42.31 78.18 4.75
C ALA O 185 -43.76 77.97 4.36
N ARG O 186 -44.00 77.37 3.21
CA ARG O 186 -45.35 77.09 2.75
C ARG O 186 -46.04 76.04 3.62
N ALA O 187 -45.28 75.05 4.07
CA ALA O 187 -45.80 74.01 4.94
C ALA O 187 -46.06 74.57 6.34
N TRP O 188 -45.28 75.59 6.71
CA TRP O 188 -45.45 76.29 7.99
C TRP O 188 -46.77 77.03 8.00
N GLU O 189 -47.09 77.70 6.90
CA GLU O 189 -48.36 78.38 6.75
C GLU O 189 -49.48 77.37 6.51
N TYR O 194 -48.52 72.88 16.26
CA TYR O 194 -47.19 72.33 16.48
C TYR O 194 -46.96 72.05 17.95
N SER O 195 -46.30 70.93 18.25
CA SER O 195 -46.02 70.58 19.65
C SER O 195 -44.83 69.62 19.78
N CYS O 196 -44.03 69.84 20.81
CA CYS O 196 -42.87 69.00 21.08
C CYS O 196 -43.06 68.31 22.43
N GLN O 197 -43.02 66.98 22.44
CA GLN O 197 -43.16 66.23 23.68
C GLN O 197 -41.91 65.41 24.01
N VAL O 198 -41.41 65.58 25.22
CA VAL O 198 -40.22 64.86 25.69
C VAL O 198 -40.58 63.82 26.73
N THR O 199 -40.36 62.55 26.40
CA THR O 199 -40.59 61.46 27.34
C THR O 199 -39.28 61.08 28.04
N HIS O 200 -39.22 61.32 29.35
CA HIS O 200 -38.00 61.07 30.12
C HIS O 200 -38.24 60.17 31.31
N GLU O 201 -37.92 58.88 31.14
CA GLU O 201 -37.92 57.92 32.25
C GLU O 201 -39.17 58.01 33.11
N GLY O 202 -40.33 58.03 32.47
CA GLY O 202 -41.59 58.10 33.19
C GLY O 202 -42.59 59.05 32.57
N HIS O 203 -42.91 60.13 33.27
CA HIS O 203 -43.87 61.12 32.78
C HIS O 203 -43.44 61.66 31.42
N THR O 204 -44.27 62.50 30.82
CA THR O 204 -43.98 63.07 29.51
C THR O 204 -44.30 64.55 29.46
N VAL O 205 -43.27 65.39 29.45
CA VAL O 205 -43.45 66.84 29.36
C VAL O 205 -43.73 67.25 27.92
N GLU O 206 -44.85 67.96 27.71
CA GLU O 206 -45.27 68.34 26.37
C GLU O 206 -45.71 69.79 26.30
N LYS O 207 -45.32 70.47 25.22
CA LYS O 207 -45.69 71.87 25.01
C LYS O 207 -45.99 72.19 23.54
N SER O 208 -46.98 73.05 23.32
CA SER O 208 -47.47 73.35 21.97
C SER O 208 -47.10 74.75 21.47
#